data_9QT3
#
_entry.id   9QT3
#
_cell.length_a   119.405
_cell.length_b   119.405
_cell.length_c   632.812
_cell.angle_alpha   90.000
_cell.angle_beta   90.000
_cell.angle_gamma   120.000
#
_symmetry.space_group_name_H-M   'P 32 2 1'
#
loop_
_entity.id
_entity.type
_entity.pdbx_description
1 polymer 'Envelop protein OPG153'
2 polymer 'Heavy chain of Fab 8M2110'
3 polymer 'Light chain of Fab 8M2110'
4 polymer 'Anti-Fab VHH'
5 water water
#
loop_
_entity_poly.entity_id
_entity_poly.type
_entity_poly.pdbx_seq_one_letter_code
_entity_poly.pdbx_strand_id
1 'polypeptide(L)'
;MANIINLWNGIVPTVQDVNVASITAFKSMIDETWDKKIEANTCISRKHRNIIHEVIRDFMKAYPKMDENKKSPLGAPMQW
LTQYYILKNEYHKTMLAYDNGSLNTKFKTLNIYMITNVGQYILYIVFCIISGKNHDGTPYIYDSEITSNDKNFINERIKY
ACKQILHGQLTIALRIRNKFMFIGSPMYLWFNVNGSQVYHDIYDRNAGFHNKEIGRLLYAFMYYLSISGRFLNDFALLKF
TYLGESWTFSLSVPEYILYGLGYSVFDTIEKFSNDAILVYIRTNNRNGYDYVEFNKKGIAKVTEDKPDNDKRIHAIRLIN
DSTDVQHIHFGFRNMVIIDNECANIQSSAENATDTGHHQDSKINIEVEDDVIDDDDYNPKPTPIPEPHPRPPFPRHEGSG
LVPRIGSGSAGWSHPQFEKGGGSGGGSGGGSWSHPQFEKGTGGLNDIFEAQKIEWHE
;
A,E,I,M
2 'polypeptide(L)'
;QVQLQESGPGLVKPSETLSLTCSVSGGSISTYYWSWIRQPAGKGLEWIGLMYNSGSPNYNPSLKSRVTMSGDTSKNQFSL
KLSSVTAADTAVYYCARLRYDFWSGSKGRYYMDVWGKGTTVTVSSASTKGPSVFPLAPSSKSTSGGTAALGCLVKDYFPE
PVTVSWNSGALTSGVHTFPAVLQSSGLYSLSSVVTVPSSSLGTQTYICNVNHKPSNTKVDKKVEP
;
B,F,J,N
3 'polypeptide(L)'
;DIQMTQSPSSLSASVGDRVTITCQASQDISNYLNWYQQKPGQAPKLLIHDASNLETGVPSRFSGSGSGTDFTFTVSSLQA
EDIATYYCQQYYNLPFTFGPGTKVDIKRTVAAPSVFIFPPSDEQLKSGTASVVCLLNNFYPREAKVQWKVDNALQSGNSQ
ESVTEQDSKDSTYSLSSTLTLSKADYEKHKVYACEVTHQGLSSPVTKSFNRGEC
;
C,G,K,O
4 'polypeptide(L)'
;GSQVQLQESGGGLVQPGGSLRLSCAASGRTISRYAMSWFRQAPGKEREFVAVARRSGDGAFYADSVQGRFTVSRDDAKNT
VYLQMNSLKPEDTAVYYCAIDSDTFYSGSYDYWGQGTQVTVSS
;
D,H,L,P
#
# COMPACT_ATOMS: atom_id res chain seq x y z
N VAL A 15 32.71 11.34 11.85
CA VAL A 15 32.47 12.63 12.46
C VAL A 15 31.82 12.44 13.83
N GLN A 16 31.10 11.33 13.99
CA GLN A 16 30.39 11.05 15.23
C GLN A 16 31.36 10.58 16.30
N ASP A 17 31.15 11.06 17.52
CA ASP A 17 31.99 10.71 18.66
C ASP A 17 31.49 9.40 19.26
N VAL A 18 32.22 8.32 19.02
CA VAL A 18 31.83 6.99 19.47
C VAL A 18 32.87 6.52 20.48
N ASN A 19 32.45 6.37 21.74
CA ASN A 19 33.32 5.91 22.81
C ASN A 19 33.29 4.39 22.81
N VAL A 20 34.28 3.78 22.15
CA VAL A 20 34.34 2.33 22.07
C VAL A 20 34.68 1.70 23.41
N ALA A 21 35.30 2.46 24.33
CA ALA A 21 35.69 1.89 25.62
C ALA A 21 34.48 1.42 26.41
N SER A 22 33.41 2.22 26.43
CA SER A 22 32.20 1.83 27.16
C SER A 22 31.55 0.60 26.55
N ILE A 23 31.66 0.42 25.23
CA ILE A 23 31.12 -0.78 24.59
C ILE A 23 31.90 -2.01 25.05
N THR A 24 33.23 -1.90 25.11
CA THR A 24 34.04 -3.01 25.60
C THR A 24 33.76 -3.30 27.06
N ALA A 25 33.65 -2.24 27.88
CA ALA A 25 33.34 -2.44 29.30
C ALA A 25 31.96 -3.04 29.49
N PHE A 26 30.99 -2.64 28.65
CA PHE A 26 29.66 -3.21 28.74
C PHE A 26 29.67 -4.69 28.38
N LYS A 27 30.39 -5.04 27.30
CA LYS A 27 30.45 -6.44 26.88
C LYS A 27 31.09 -7.29 27.96
N SER A 28 32.16 -6.78 28.59
CA SER A 28 32.78 -7.51 29.69
C SER A 28 31.83 -7.64 30.88
N MET A 29 31.03 -6.60 31.14
CA MET A 29 30.11 -6.63 32.27
C MET A 29 29.03 -7.68 32.07
N ILE A 30 28.56 -7.86 30.82
CA ILE A 30 27.54 -8.86 30.55
C ILE A 30 28.10 -10.27 30.75
N ASP A 31 29.32 -10.51 30.26
CA ASP A 31 29.92 -11.84 30.40
C ASP A 31 30.10 -12.21 31.87
N GLU A 32 30.66 -11.28 32.66
CA GLU A 32 30.90 -11.56 34.08
C GLU A 32 29.63 -11.73 34.88
N THR A 33 28.49 -11.24 34.38
CA THR A 33 27.24 -11.27 35.12
C THR A 33 26.15 -12.08 34.43
N TRP A 34 26.45 -12.73 33.31
CA TRP A 34 25.41 -13.44 32.56
C TRP A 34 24.86 -14.62 33.34
N ASP A 35 25.64 -15.19 34.27
CA ASP A 35 25.22 -16.35 35.03
C ASP A 35 24.97 -16.04 36.50
N LYS A 36 25.10 -14.79 36.93
CA LYS A 36 24.89 -14.43 38.33
C LYS A 36 23.39 -14.37 38.60
N LYS A 37 22.89 -15.30 39.40
CA LYS A 37 21.47 -15.32 39.73
C LYS A 37 21.10 -14.12 40.59
N ILE A 38 19.94 -13.54 40.30
CA ILE A 38 19.44 -12.39 41.06
C ILE A 38 18.80 -12.90 42.33
N GLU A 39 19.43 -12.62 43.47
CA GLU A 39 18.91 -13.05 44.76
C GLU A 39 18.01 -11.96 45.33
N ALA A 40 17.64 -12.10 46.60
CA ALA A 40 16.68 -11.17 47.20
C ALA A 40 17.24 -9.75 47.31
N ASN A 41 18.51 -9.63 47.70
CA ASN A 41 19.14 -8.33 47.91
C ASN A 41 20.12 -7.97 46.80
N THR A 42 20.16 -8.73 45.71
CA THR A 42 21.14 -8.46 44.65
C THR A 42 20.93 -7.07 44.06
N CYS A 43 22.03 -6.33 43.91
CA CYS A 43 21.98 -4.99 43.34
C CYS A 43 23.14 -4.82 42.37
N ILE A 44 22.99 -3.84 41.48
CA ILE A 44 24.01 -3.54 40.48
C ILE A 44 25.14 -2.77 41.13
N SER A 45 26.36 -3.25 40.98
CA SER A 45 27.53 -2.67 41.63
C SER A 45 27.81 -1.27 41.09
N ARG A 46 28.67 -0.53 41.81
CA ARG A 46 29.03 0.81 41.38
C ARG A 46 29.75 0.79 40.04
N LYS A 47 30.66 -0.18 39.85
CA LYS A 47 31.35 -0.31 38.56
C LYS A 47 30.36 -0.54 37.43
N HIS A 48 29.42 -1.45 37.63
CA HIS A 48 28.44 -1.75 36.59
C HIS A 48 27.49 -0.59 36.36
N ARG A 49 27.08 0.10 37.43
CA ARG A 49 26.22 1.27 37.26
C ARG A 49 26.93 2.34 36.46
N ASN A 50 28.19 2.63 36.79
CA ASN A 50 28.94 3.63 36.04
C ASN A 50 29.12 3.23 34.58
N ILE A 51 29.21 1.93 34.31
CA ILE A 51 29.25 1.47 32.92
C ILE A 51 27.92 1.72 32.25
N ILE A 52 26.82 1.24 32.85
CA ILE A 52 25.47 1.51 32.34
C ILE A 52 25.25 3.00 32.16
N HIS A 53 25.66 3.79 33.15
CA HIS A 53 25.53 5.24 33.08
C HIS A 53 26.27 5.80 31.87
N GLU A 54 27.44 5.25 31.56
CA GLU A 54 28.24 5.78 30.46
C GLU A 54 27.75 5.29 29.11
N VAL A 55 27.24 4.06 29.03
CA VAL A 55 26.71 3.55 27.76
C VAL A 55 25.57 4.43 27.25
N ILE A 56 24.63 4.78 28.14
CA ILE A 56 23.49 5.59 27.72
C ILE A 56 23.95 6.98 27.35
N ARG A 57 24.84 7.59 28.13
CA ARG A 57 25.33 8.93 27.82
C ARG A 57 26.15 8.94 26.53
N ASP A 58 26.97 7.92 26.31
CA ASP A 58 27.71 7.84 25.05
C ASP A 58 26.79 7.57 23.88
N PHE A 59 25.67 6.86 24.11
CA PHE A 59 24.70 6.63 23.05
C PHE A 59 24.07 7.94 22.59
N MET A 60 23.86 8.88 23.51
CA MET A 60 23.21 10.13 23.13
C MET A 60 24.17 11.06 22.41
N LYS A 61 25.45 11.06 22.79
CA LYS A 61 26.43 11.97 22.20
C LYS A 61 26.87 11.55 20.81
N ALA A 62 26.56 10.33 20.37
CA ALA A 62 26.92 9.91 19.02
C ALA A 62 26.12 10.69 17.99
N TYR A 63 24.81 10.86 18.20
CA TYR A 63 23.95 11.67 17.35
C TYR A 63 23.16 12.60 18.26
N PRO A 64 23.77 13.71 18.69
CA PRO A 64 23.18 14.51 19.77
C PRO A 64 21.99 15.35 19.36
N LYS A 65 21.92 15.78 18.11
CA LYS A 65 20.88 16.69 17.66
C LYS A 65 20.16 16.11 16.45
N MET A 66 18.94 16.57 16.23
CA MET A 66 18.18 16.19 15.06
C MET A 66 18.66 16.95 13.84
N ASP A 67 18.43 16.37 12.66
CA ASP A 67 18.71 17.07 11.42
C ASP A 67 17.73 18.21 11.23
N GLU A 68 18.22 19.32 10.67
CA GLU A 68 17.39 20.52 10.54
C GLU A 68 16.17 20.27 9.65
N ASN A 69 16.27 19.34 8.71
CA ASN A 69 15.19 19.04 7.78
C ASN A 69 14.28 17.93 8.28
N LYS A 70 14.45 17.48 9.52
CA LYS A 70 13.61 16.42 10.10
C LYS A 70 13.58 16.64 11.61
N LYS A 71 12.95 17.74 12.01
CA LYS A 71 12.91 18.19 13.40
C LYS A 71 11.51 18.04 13.98
N SER A 72 11.46 17.97 15.30
CA SER A 72 10.19 17.89 16.02
C SER A 72 9.72 19.30 16.34
N PRO A 73 8.56 19.74 15.80
CA PRO A 73 8.04 21.06 16.19
C PRO A 73 7.66 21.14 17.65
N LEU A 74 7.46 20.01 18.32
CA LEU A 74 7.19 20.00 19.75
C LEU A 74 8.46 20.13 20.58
N GLY A 75 9.63 19.96 19.98
CA GLY A 75 10.87 19.98 20.72
C GLY A 75 11.24 18.66 21.38
N ALA A 76 10.56 17.57 21.04
CA ALA A 76 10.85 16.29 21.64
C ALA A 76 12.15 15.72 21.07
N PRO A 77 13.02 15.15 21.91
CA PRO A 77 14.30 14.64 21.41
C PRO A 77 14.14 13.40 20.55
N MET A 78 13.63 13.58 19.33
CA MET A 78 13.36 12.45 18.46
C MET A 78 14.62 11.72 18.03
N GLN A 79 15.80 12.34 18.19
CA GLN A 79 17.04 11.71 17.77
C GLN A 79 17.44 10.54 18.66
N TRP A 80 16.81 10.39 19.83
CA TRP A 80 17.05 9.24 20.70
C TRP A 80 15.82 8.38 20.88
N LEU A 81 14.75 8.64 20.13
CA LEU A 81 13.49 7.92 20.30
C LEU A 81 13.00 7.21 19.04
N THR A 82 13.50 7.56 17.86
CA THR A 82 13.00 7.03 16.62
C THR A 82 14.06 6.17 15.94
N GLN A 83 13.59 5.21 15.14
CA GLN A 83 14.50 4.32 14.44
C GLN A 83 15.34 5.06 13.39
N TYR A 84 14.80 6.13 12.80
CA TYR A 84 15.53 6.85 11.77
C TYR A 84 16.86 7.38 12.28
N TYR A 85 16.89 7.89 13.51
CA TYR A 85 18.13 8.41 14.08
C TYR A 85 18.94 7.34 14.80
N ILE A 86 18.28 6.37 15.44
CA ILE A 86 19.00 5.36 16.19
C ILE A 86 19.75 4.42 15.25
N LEU A 87 19.15 4.11 14.09
CA LEU A 87 19.80 3.17 13.18
C LEU A 87 21.07 3.74 12.57
N LYS A 88 21.13 5.06 12.38
CA LYS A 88 22.35 5.71 11.90
C LYS A 88 23.18 6.28 13.04
N ASN A 89 22.84 5.96 14.28
CA ASN A 89 23.67 6.31 15.44
C ASN A 89 24.87 5.38 15.47
N GLU A 90 26.07 5.94 15.27
CA GLU A 90 27.26 5.10 15.14
C GLU A 90 27.59 4.35 16.42
N TYR A 91 27.21 4.89 17.59
CA TYR A 91 27.41 4.14 18.82
C TYR A 91 26.46 2.96 18.90
N HIS A 92 25.20 3.15 18.49
CA HIS A 92 24.25 2.04 18.45
C HIS A 92 24.68 0.99 17.44
N LYS A 93 25.22 1.44 16.30
CA LYS A 93 25.65 0.52 15.25
C LYS A 93 26.86 -0.29 15.71
N THR A 94 27.84 0.37 16.31
CA THR A 94 29.02 -0.33 16.82
C THR A 94 28.66 -1.25 17.97
N MET A 95 27.71 -0.84 18.81
CA MET A 95 27.35 -1.64 19.98
C MET A 95 26.69 -2.95 19.57
N LEU A 96 25.71 -2.88 18.66
CA LEU A 96 24.97 -4.08 18.28
C LEU A 96 25.80 -5.03 17.41
N ALA A 97 26.91 -4.56 16.85
CA ALA A 97 27.78 -5.39 16.04
C ALA A 97 29.07 -5.79 16.75
N TYR A 98 29.28 -5.32 17.97
CA TYR A 98 30.52 -5.61 18.68
C TYR A 98 30.66 -7.10 18.97
N ASP A 99 31.87 -7.62 18.77
CA ASP A 99 32.19 -9.04 19.00
C ASP A 99 31.23 -9.95 18.22
N ASN A 100 31.26 -9.79 16.90
CA ASN A 100 30.43 -10.57 15.98
C ASN A 100 28.94 -10.47 16.32
N GLY A 101 28.55 -9.36 16.96
CA GLY A 101 27.17 -9.21 17.39
C GLY A 101 26.74 -10.19 18.45
N SER A 102 27.65 -10.59 19.34
CA SER A 102 27.31 -11.55 20.38
C SER A 102 26.30 -10.99 21.36
N LEU A 103 26.45 -9.71 21.73
CA LEU A 103 25.49 -9.07 22.63
C LEU A 103 24.11 -8.98 21.99
N ASN A 104 24.05 -8.78 20.68
CA ASN A 104 22.75 -8.77 20.00
C ASN A 104 22.13 -10.16 19.97
N THR A 105 22.96 -11.20 19.85
CA THR A 105 22.44 -12.56 19.89
C THR A 105 21.85 -12.89 21.26
N LYS A 106 22.56 -12.52 22.33
CA LYS A 106 22.02 -12.74 23.67
C LYS A 106 20.75 -11.93 23.89
N PHE A 107 20.72 -10.69 23.40
CA PHE A 107 19.59 -9.81 23.64
C PHE A 107 18.31 -10.32 22.97
N LYS A 108 18.43 -10.88 21.77
CA LYS A 108 17.26 -11.33 21.03
C LYS A 108 16.56 -12.52 21.69
N THR A 109 17.16 -13.11 22.72
CA THR A 109 16.55 -14.24 23.42
C THR A 109 15.87 -13.82 24.72
N LEU A 110 15.94 -12.56 25.09
CA LEU A 110 15.45 -12.08 26.38
C LEU A 110 14.10 -11.40 26.26
N ASN A 111 13.31 -11.50 27.33
CA ASN A 111 12.10 -10.71 27.49
C ASN A 111 11.88 -10.51 28.99
N ILE A 112 10.88 -9.69 29.31
CA ILE A 112 10.67 -9.28 30.71
C ILE A 112 10.36 -10.48 31.59
N TYR A 113 9.61 -11.45 31.07
CA TYR A 113 9.06 -12.51 31.91
C TYR A 113 10.01 -13.68 32.13
N MET A 114 11.14 -13.75 31.42
CA MET A 114 12.08 -14.85 31.59
C MET A 114 13.39 -14.44 32.26
N ILE A 115 13.58 -13.15 32.54
CA ILE A 115 14.84 -12.68 33.11
C ILE A 115 15.01 -13.25 34.51
N THR A 116 16.19 -13.83 34.77
CA THR A 116 16.52 -14.34 36.10
C THR A 116 17.91 -13.97 36.57
N ASN A 117 18.82 -13.61 35.68
CA ASN A 117 20.21 -13.32 36.04
C ASN A 117 20.51 -11.84 35.80
N VAL A 118 21.60 -11.39 36.42
CA VAL A 118 21.99 -9.98 36.34
C VAL A 118 22.33 -9.60 34.89
N GLY A 119 23.08 -10.45 34.20
CA GLY A 119 23.45 -10.14 32.83
C GLY A 119 22.25 -10.01 31.92
N GLN A 120 21.23 -10.86 32.12
CA GLN A 120 19.99 -10.73 31.35
C GLN A 120 19.28 -9.43 31.68
N TYR A 121 19.19 -9.11 32.98
CA TYR A 121 18.51 -7.90 33.42
C TYR A 121 19.14 -6.65 32.80
N ILE A 122 20.47 -6.53 32.92
CA ILE A 122 21.16 -5.35 32.43
C ILE A 122 21.09 -5.27 30.91
N LEU A 123 21.38 -6.37 30.23
CA LEU A 123 21.44 -6.34 28.78
C LEU A 123 20.09 -5.99 28.16
N TYR A 124 19.01 -6.58 28.67
CA TYR A 124 17.70 -6.35 28.07
C TYR A 124 17.23 -4.92 28.27
N ILE A 125 17.37 -4.39 29.49
CA ILE A 125 16.89 -3.04 29.78
C ILE A 125 17.70 -2.00 29.00
N VAL A 126 19.02 -2.17 28.95
CA VAL A 126 19.85 -1.17 28.30
C VAL A 126 19.70 -1.23 26.78
N PHE A 127 19.68 -2.43 26.21
CA PHE A 127 19.55 -2.54 24.76
C PHE A 127 18.21 -2.03 24.26
N CYS A 128 17.16 -2.17 25.07
CA CYS A 128 15.87 -1.58 24.70
C CYS A 128 15.96 -0.06 24.65
N ILE A 129 16.70 0.54 25.58
CA ILE A 129 16.82 2.00 25.62
C ILE A 129 17.61 2.50 24.42
N ILE A 130 18.80 1.92 24.17
CA ILE A 130 19.64 2.39 23.08
C ILE A 130 19.15 1.91 21.71
N SER A 131 18.07 1.14 21.66
CA SER A 131 17.41 0.81 20.41
C SER A 131 16.06 1.49 20.26
N GLY A 132 15.60 2.21 21.27
CA GLY A 132 14.31 2.89 21.20
C GLY A 132 13.13 1.95 21.12
N LYS A 133 13.21 0.81 21.80
CA LYS A 133 12.17 -0.21 21.73
C LYS A 133 11.52 -0.37 23.10
N ASN A 134 10.19 -0.43 23.11
CA ASN A 134 9.47 -0.78 24.32
C ASN A 134 9.59 -2.28 24.59
N HIS A 135 9.16 -2.68 25.79
CA HIS A 135 9.27 -4.08 26.18
C HIS A 135 8.37 -4.98 25.34
N ASP A 136 7.34 -4.43 24.71
CA ASP A 136 6.46 -5.19 23.83
C ASP A 136 6.92 -5.18 22.38
N GLY A 137 8.12 -4.66 22.11
CA GLY A 137 8.66 -4.64 20.77
C GLY A 137 8.39 -3.38 19.98
N THR A 138 7.36 -2.61 20.35
CA THR A 138 7.01 -1.41 19.63
C THR A 138 8.04 -0.32 19.87
N PRO A 139 8.32 0.52 18.88
CA PRO A 139 9.27 1.62 19.08
C PRO A 139 8.66 2.72 19.95
N TYR A 140 9.55 3.52 20.53
CA TYR A 140 9.10 4.67 21.32
C TYR A 140 8.27 5.61 20.47
N ILE A 141 8.84 6.07 19.36
CA ILE A 141 8.16 6.97 18.42
C ILE A 141 8.38 6.43 17.01
N TYR A 142 7.31 6.41 16.22
CA TYR A 142 7.43 6.02 14.83
C TYR A 142 8.16 7.09 14.04
N ASP A 143 8.86 6.68 12.99
CA ASP A 143 9.60 7.63 12.15
C ASP A 143 8.68 8.68 11.55
N SER A 144 7.44 8.29 11.23
CA SER A 144 6.48 9.23 10.67
C SER A 144 6.05 10.29 11.66
N GLU A 145 6.31 10.09 12.95
CA GLU A 145 5.90 11.02 13.99
C GLU A 145 7.01 11.99 14.40
N ILE A 146 8.15 11.96 13.71
CA ILE A 146 9.26 12.84 14.07
C ILE A 146 8.83 14.30 13.99
N THR A 147 8.19 14.67 12.88
CA THR A 147 7.74 16.05 12.66
C THR A 147 6.30 16.26 13.11
N SER A 148 5.76 15.37 13.94
CA SER A 148 4.35 15.46 14.33
C SER A 148 4.10 16.70 15.18
N ASN A 149 2.94 17.32 14.96
CA ASN A 149 2.49 18.47 15.73
C ASN A 149 1.50 18.08 16.83
N ASP A 150 1.11 16.80 16.89
CA ASP A 150 0.10 16.32 17.84
C ASP A 150 0.77 16.18 19.21
N LYS A 151 0.68 17.25 20.01
CA LYS A 151 1.37 17.26 21.30
C LYS A 151 0.85 16.16 22.22
N ASN A 152 -0.48 16.04 22.35
CA ASN A 152 -1.05 15.06 23.27
C ASN A 152 -0.72 13.64 22.86
N PHE A 153 -0.75 13.35 21.56
CA PHE A 153 -0.47 11.99 21.11
C PHE A 153 0.99 11.62 21.32
N ILE A 154 1.90 12.54 20.98
CA ILE A 154 3.33 12.27 21.18
C ILE A 154 3.65 12.15 22.67
N ASN A 155 3.03 12.99 23.50
CA ASN A 155 3.27 12.93 24.93
C ASN A 155 2.88 11.57 25.50
N GLU A 156 1.75 11.00 25.04
CA GLU A 156 1.32 9.71 25.54
C GLU A 156 2.33 8.62 25.20
N ARG A 157 2.91 8.67 24.01
CA ARG A 157 3.87 7.64 23.62
C ARG A 157 5.16 7.75 24.44
N ILE A 158 5.64 8.98 24.65
CA ILE A 158 6.84 9.17 25.47
C ILE A 158 6.55 8.81 26.92
N LYS A 159 5.37 9.15 27.41
CA LYS A 159 4.99 8.77 28.77
C LYS A 159 4.92 7.27 28.92
N TYR A 160 4.40 6.57 27.92
CA TYR A 160 4.33 5.11 27.97
C TYR A 160 5.72 4.50 28.03
N ALA A 161 6.63 4.99 27.19
CA ALA A 161 7.98 4.44 27.17
C ALA A 161 8.70 4.69 28.49
N CYS A 162 8.58 5.92 29.01
CA CYS A 162 9.24 6.24 30.28
C CYS A 162 8.66 5.44 31.43
N LYS A 163 7.33 5.27 31.45
CA LYS A 163 6.68 4.54 32.53
C LYS A 163 7.00 3.05 32.46
N GLN A 164 7.05 2.50 31.25
CA GLN A 164 7.18 1.05 31.10
C GLN A 164 8.58 0.56 31.46
N ILE A 165 9.60 1.41 31.30
CA ILE A 165 10.95 1.05 31.74
C ILE A 165 10.97 0.77 33.23
N LEU A 166 10.33 1.64 34.01
CA LEU A 166 10.29 1.45 35.46
C LEU A 166 9.29 0.36 35.84
N HIS A 167 8.14 0.31 35.16
CA HIS A 167 7.13 -0.69 35.47
C HIS A 167 7.63 -2.08 35.12
N GLY A 168 8.36 -2.21 34.02
CA GLY A 168 8.88 -3.52 33.63
C GLY A 168 9.86 -4.08 34.64
N GLN A 169 10.72 -3.23 35.19
CA GLN A 169 11.67 -3.69 36.20
C GLN A 169 10.96 -4.05 37.50
N LEU A 170 9.85 -3.38 37.81
CA LEU A 170 9.08 -3.75 38.99
C LEU A 170 8.40 -5.11 38.80
N THR A 171 7.98 -5.42 37.56
CA THR A 171 7.46 -6.76 37.28
C THR A 171 8.53 -7.81 37.53
N ILE A 172 9.77 -7.54 37.13
CA ILE A 172 10.86 -8.46 37.39
C ILE A 172 11.12 -8.57 38.89
N ALA A 173 11.13 -7.43 39.59
CA ALA A 173 11.42 -7.46 41.02
C ALA A 173 10.35 -8.21 41.80
N LEU A 174 9.09 -8.17 41.33
CA LEU A 174 8.03 -8.87 42.05
C LEU A 174 8.10 -10.38 41.86
N ARG A 175 8.46 -10.83 40.65
CA ARG A 175 8.57 -12.26 40.39
C ARG A 175 9.81 -12.84 41.05
N ILE A 176 10.95 -12.16 40.93
CA ILE A 176 12.17 -12.65 41.56
C ILE A 176 12.18 -12.40 43.06
N ARG A 177 11.38 -11.44 43.53
CA ARG A 177 11.43 -10.92 44.90
C ARG A 177 12.79 -10.28 45.18
N ASN A 178 13.23 -9.44 44.25
CA ASN A 178 14.45 -8.67 44.41
C ASN A 178 14.12 -7.32 45.02
N LYS A 179 15.12 -6.71 45.66
CA LYS A 179 14.93 -5.51 46.44
C LYS A 179 15.66 -4.28 45.91
N PHE A 180 16.79 -4.46 45.21
CA PHE A 180 17.64 -3.32 44.89
C PHE A 180 18.14 -3.24 43.45
N MET A 181 17.68 -4.12 42.55
CA MET A 181 18.03 -3.96 41.14
C MET A 181 17.35 -2.72 40.59
N PHE A 182 18.12 -1.86 39.93
CA PHE A 182 17.58 -0.57 39.48
C PHE A 182 18.36 -0.05 38.29
N ILE A 183 17.63 0.24 37.21
CA ILE A 183 18.13 1.04 36.09
C ILE A 183 17.07 2.09 35.80
N GLY A 184 17.49 3.35 35.75
CA GLY A 184 16.55 4.44 35.62
C GLY A 184 16.13 4.70 34.18
N SER A 185 15.11 5.56 34.05
CA SER A 185 14.74 6.09 32.75
C SER A 185 15.56 7.34 32.49
N PRO A 186 16.34 7.40 31.41
CA PRO A 186 17.18 8.57 31.18
C PRO A 186 16.35 9.83 31.03
N MET A 187 17.01 10.97 31.24
CA MET A 187 16.30 12.24 31.41
C MET A 187 15.51 12.63 30.16
N TYR A 188 15.98 12.24 28.97
CA TYR A 188 15.30 12.68 27.75
C TYR A 188 13.94 12.01 27.57
N LEU A 189 13.73 10.84 28.18
CA LEU A 189 12.45 10.16 28.08
C LEU A 189 11.40 10.75 29.01
N TRP A 190 11.70 11.85 29.70
CA TRP A 190 10.74 12.52 30.55
C TRP A 190 10.13 13.74 29.88
N PHE A 191 10.18 13.80 28.55
CA PHE A 191 9.63 14.92 27.80
C PHE A 191 8.14 15.08 28.04
N ASN A 192 7.76 16.16 28.72
CA ASN A 192 6.39 16.47 29.11
C ASN A 192 5.78 15.41 30.04
N VAL A 193 6.60 14.52 30.59
CA VAL A 193 6.10 13.45 31.45
C VAL A 193 5.92 13.99 32.86
N ASN A 194 4.79 13.67 33.48
CA ASN A 194 4.51 14.08 34.85
C ASN A 194 4.98 12.98 35.79
N GLY A 195 6.04 13.26 36.55
CA GLY A 195 6.57 12.25 37.46
C GLY A 195 5.58 11.88 38.55
N SER A 196 4.81 12.85 39.03
CA SER A 196 3.77 12.55 40.01
C SER A 196 2.72 11.62 39.43
N GLN A 197 2.45 11.74 38.13
CA GLN A 197 1.49 10.85 37.48
C GLN A 197 2.05 9.44 37.36
N VAL A 198 3.31 9.33 36.92
CA VAL A 198 3.97 8.02 36.80
C VAL A 198 3.97 7.30 38.14
N TYR A 199 4.25 8.04 39.22
CA TYR A 199 4.27 7.44 40.55
C TYR A 199 2.93 6.82 40.92
N HIS A 200 1.84 7.59 40.75
CA HIS A 200 0.53 7.09 41.11
C HIS A 200 0.01 6.06 40.12
N ASP A 201 0.33 6.23 38.83
CA ASP A 201 -0.16 5.29 37.83
C ASP A 201 0.33 3.87 38.11
N ILE A 202 1.61 3.73 38.44
CA ILE A 202 2.18 2.40 38.63
C ILE A 202 1.72 1.80 39.96
N TYR A 203 1.84 2.57 41.05
CA TYR A 203 1.57 2.01 42.37
C TYR A 203 0.08 1.83 42.66
N ASP A 204 -0.81 2.58 41.98
CA ASP A 204 -2.24 2.34 42.15
C ASP A 204 -2.68 1.04 41.48
N ARG A 205 -1.85 0.48 40.62
CA ARG A 205 -2.27 -0.61 39.74
C ARG A 205 -1.63 -1.95 40.07
N ASN A 206 -0.73 -2.00 41.06
CA ASN A 206 -0.14 -3.26 41.47
C ASN A 206 0.26 -3.15 42.93
N ALA A 207 -0.51 -3.79 43.81
CA ALA A 207 -0.22 -3.73 45.24
C ALA A 207 1.09 -4.42 45.59
N GLY A 208 1.56 -5.35 44.76
CA GLY A 208 2.79 -6.05 45.06
C GLY A 208 4.01 -5.15 45.07
N PHE A 209 3.98 -4.07 44.28
CA PHE A 209 5.10 -3.13 44.23
C PHE A 209 5.26 -2.37 45.54
N HIS A 210 4.21 -2.29 46.35
CA HIS A 210 4.28 -1.60 47.63
C HIS A 210 5.06 -2.40 48.67
N ASN A 211 5.39 -3.65 48.39
CA ASN A 211 6.05 -4.50 49.38
C ASN A 211 7.39 -3.92 49.78
N LYS A 212 7.68 -3.99 51.07
CA LYS A 212 8.83 -3.35 51.70
C LYS A 212 10.16 -3.95 51.26
N GLU A 213 10.13 -5.11 50.61
CA GLU A 213 11.31 -5.82 50.14
C GLU A 213 11.36 -5.92 48.62
N ILE A 214 10.54 -5.13 47.92
CA ILE A 214 10.44 -5.22 46.48
C ILE A 214 10.72 -3.85 45.88
N GLY A 215 11.69 -3.79 44.96
CA GLY A 215 12.01 -2.60 44.21
C GLY A 215 12.17 -1.34 45.05
N ARG A 216 13.18 -1.34 45.94
CA ARG A 216 13.34 -0.21 46.83
C ARG A 216 14.03 0.97 46.14
N LEU A 217 15.08 0.71 45.37
CA LEU A 217 15.72 1.78 44.62
C LEU A 217 14.81 2.29 43.50
N LEU A 218 13.97 1.42 42.94
CA LEU A 218 12.95 1.89 42.01
C LEU A 218 11.95 2.81 42.72
N TYR A 219 11.59 2.49 43.95
CA TYR A 219 10.70 3.35 44.71
C TYR A 219 11.35 4.68 45.05
N ALA A 220 12.60 4.64 45.55
CA ALA A 220 13.30 5.86 45.91
C ALA A 220 13.48 6.77 44.70
N PHE A 221 13.68 6.18 43.53
CA PHE A 221 13.82 6.97 42.31
C PHE A 221 12.50 7.64 41.94
N MET A 222 11.40 6.89 41.99
CA MET A 222 10.12 7.44 41.57
C MET A 222 9.48 8.34 42.62
N TYR A 223 9.70 8.06 43.91
CA TYR A 223 9.15 8.92 44.94
C TYR A 223 9.78 10.31 44.90
N TYR A 224 11.11 10.37 44.76
CA TYR A 224 11.80 11.65 44.68
C TYR A 224 11.26 12.48 43.52
N LEU A 225 11.11 11.86 42.34
CA LEU A 225 10.61 12.57 41.18
C LEU A 225 9.13 12.92 41.31
N SER A 226 8.41 12.25 42.21
CA SER A 226 7.00 12.56 42.40
C SER A 226 6.79 13.82 43.23
N ILE A 227 7.77 14.24 44.02
CA ILE A 227 7.64 15.41 44.88
C ILE A 227 8.52 16.56 44.43
N SER A 228 9.33 16.37 43.39
CA SER A 228 10.18 17.41 42.85
C SER A 228 10.06 17.36 41.33
N GLY A 229 9.46 18.41 40.75
CA GLY A 229 9.28 18.44 39.31
C GLY A 229 10.57 18.70 38.56
N ARG A 230 10.49 18.55 37.23
CA ARG A 230 11.67 18.72 36.40
C ARG A 230 12.06 20.19 36.30
N PHE A 231 11.07 21.08 36.18
CA PHE A 231 11.31 22.51 36.06
C PHE A 231 10.65 23.21 37.24
N LEU A 232 11.48 23.67 38.19
CA LEU A 232 10.98 24.33 39.37
C LEU A 232 10.92 25.85 39.23
N ASN A 233 11.45 26.39 38.14
CA ASN A 233 11.35 27.82 37.82
C ASN A 233 11.99 28.63 38.94
N ASP A 234 11.26 29.53 39.61
CA ASP A 234 11.86 30.42 40.60
C ASP A 234 12.35 29.68 41.85
N PHE A 235 11.84 28.48 42.10
CA PHE A 235 12.24 27.71 43.28
C PHE A 235 13.43 26.79 43.02
N ALA A 236 14.03 26.87 41.83
CA ALA A 236 15.14 26.00 41.48
C ALA A 236 16.43 26.50 42.11
N LEU A 237 17.18 25.60 42.74
CA LEU A 237 18.49 25.92 43.30
C LEU A 237 19.63 25.39 42.44
N LEU A 238 19.44 24.27 41.76
CA LEU A 238 20.44 23.70 40.86
C LEU A 238 19.81 23.43 39.50
N LYS A 239 20.66 23.38 38.48
CA LYS A 239 20.19 23.07 37.12
C LYS A 239 21.25 22.26 36.41
N PHE A 240 20.94 21.01 36.09
CA PHE A 240 21.80 20.18 35.27
C PHE A 240 21.42 20.32 33.81
N THR A 241 22.41 20.27 32.93
CA THR A 241 22.18 20.30 31.49
C THR A 241 23.20 19.41 30.81
N TYR A 242 22.73 18.51 29.96
CA TYR A 242 23.60 17.61 29.20
C TYR A 242 22.99 17.41 27.83
N LEU A 243 23.73 17.82 26.80
CA LEU A 243 23.29 17.71 25.40
C LEU A 243 21.94 18.41 25.20
N GLY A 244 21.75 19.53 25.88
CA GLY A 244 20.53 20.30 25.79
C GLY A 244 19.42 19.87 26.72
N GLU A 245 19.52 18.67 27.30
CA GLU A 245 18.50 18.18 28.22
C GLU A 245 18.75 18.73 29.61
N SER A 246 17.82 19.53 30.11
CA SER A 246 17.97 20.22 31.38
C SER A 246 17.06 19.63 32.44
N TRP A 247 17.41 19.91 33.70
CA TRP A 247 16.69 19.40 34.86
C TRP A 247 17.06 20.29 36.05
N THR A 248 16.08 20.56 36.91
CA THR A 248 16.29 21.44 38.06
C THR A 248 16.02 20.70 39.36
N PHE A 249 16.67 21.16 40.43
CA PHE A 249 16.53 20.57 41.75
C PHE A 249 16.50 21.68 42.78
N SER A 250 15.80 21.42 43.89
CA SER A 250 15.79 22.34 45.03
C SER A 250 16.15 21.64 46.33
N LEU A 251 16.35 20.32 46.31
CA LEU A 251 16.79 19.56 47.47
C LEU A 251 18.15 18.93 47.14
N SER A 252 18.64 18.11 48.06
CA SER A 252 19.81 17.30 47.77
C SER A 252 19.47 16.30 46.66
N VAL A 253 20.48 15.98 45.85
CA VAL A 253 20.26 15.07 44.72
C VAL A 253 20.96 13.75 45.01
N PRO A 254 20.24 12.73 45.47
CA PRO A 254 20.89 11.45 45.75
C PRO A 254 21.48 10.82 44.50
N GLU A 255 22.37 9.84 44.72
CA GLU A 255 23.06 9.22 43.59
C GLU A 255 22.11 8.48 42.67
N TYR A 256 21.08 7.84 43.24
CA TYR A 256 20.13 7.11 42.40
C TYR A 256 19.33 8.04 41.49
N ILE A 257 19.30 9.34 41.79
CA ILE A 257 18.63 10.28 40.90
C ILE A 257 19.54 10.63 39.72
N LEU A 258 20.79 10.99 40.00
CA LEU A 258 21.73 11.33 38.92
C LEU A 258 22.07 10.11 38.09
N TYR A 259 22.20 8.94 38.73
CA TYR A 259 22.44 7.71 37.98
C TYR A 259 21.23 7.32 37.16
N GLY A 260 20.03 7.43 37.74
CA GLY A 260 18.83 7.03 37.03
C GLY A 260 18.54 7.93 35.84
N LEU A 261 18.62 9.24 36.04
CA LEU A 261 18.35 10.17 34.94
C LEU A 261 19.49 10.23 33.93
N GLY A 262 20.69 9.80 34.31
CA GLY A 262 21.81 9.82 33.40
C GLY A 262 22.64 11.09 33.42
N TYR A 263 22.59 11.85 34.50
CA TYR A 263 23.38 13.08 34.60
C TYR A 263 24.71 12.83 35.28
N SER A 264 25.69 13.66 34.94
CA SER A 264 27.03 13.58 35.52
C SER A 264 27.35 14.88 36.23
N VAL A 265 28.13 14.77 37.32
CA VAL A 265 28.60 15.95 38.02
C VAL A 265 29.60 16.76 37.21
N PHE A 266 30.05 16.23 36.07
CA PHE A 266 30.92 16.95 35.15
C PHE A 266 30.14 17.65 34.04
N ASP A 267 28.81 17.61 34.10
CA ASP A 267 28.00 18.32 33.11
C ASP A 267 27.91 19.80 33.49
N THR A 268 26.91 20.50 32.95
CA THR A 268 26.72 21.91 33.23
C THR A 268 25.85 22.04 34.47
N ILE A 269 26.48 22.29 35.61
CA ILE A 269 25.78 22.50 36.87
C ILE A 269 25.73 24.00 37.13
N GLU A 270 24.53 24.52 37.33
CA GLU A 270 24.33 25.95 37.57
C GLU A 270 23.62 26.15 38.89
N LYS A 271 24.14 27.07 39.70
CA LYS A 271 23.56 27.38 41.00
C LYS A 271 22.82 28.71 40.92
N PHE A 272 21.66 28.78 41.56
CA PHE A 272 20.85 29.99 41.59
C PHE A 272 20.74 30.57 43.00
N SER A 273 21.54 30.07 43.95
CA SER A 273 21.53 30.59 45.31
C SER A 273 22.95 30.51 45.85
N ASN A 274 23.13 31.05 47.05
CA ASN A 274 24.41 30.99 47.75
C ASN A 274 24.49 29.80 48.70
N ASP A 275 23.58 28.85 48.56
CA ASP A 275 23.62 27.65 49.38
C ASP A 275 24.85 26.81 49.05
N ALA A 276 25.39 26.17 50.08
CA ALA A 276 26.56 25.31 49.89
C ALA A 276 26.12 23.92 49.44
N ILE A 277 26.83 23.38 48.46
CA ILE A 277 26.59 22.04 47.96
C ILE A 277 27.89 21.24 48.02
N LEU A 278 27.78 19.97 48.35
CA LEU A 278 28.91 19.05 48.35
C LEU A 278 28.74 18.12 47.15
N VAL A 279 29.65 18.21 46.20
CA VAL A 279 29.57 17.46 44.94
C VAL A 279 30.50 16.26 45.07
N TYR A 280 29.95 15.12 45.47
CA TYR A 280 30.72 13.88 45.53
C TYR A 280 31.09 13.44 44.13
N ILE A 281 32.34 13.05 43.92
CA ILE A 281 32.81 12.72 42.58
C ILE A 281 33.48 11.36 42.55
N ARG A 282 34.05 10.92 43.67
CA ARG A 282 34.80 9.68 43.65
C ARG A 282 34.89 9.09 45.05
N THR A 283 35.25 7.82 45.10
CA THR A 283 35.56 7.13 46.34
C THR A 283 37.04 7.29 46.69
N ASN A 284 37.36 7.08 47.95
CA ASN A 284 38.74 7.13 48.43
C ASN A 284 39.11 5.79 49.06
N ASN A 285 40.38 5.67 49.44
CA ASN A 285 40.88 4.41 49.99
C ASN A 285 40.43 4.14 51.42
N ARG A 286 39.75 5.10 52.06
CA ARG A 286 39.30 4.95 53.44
C ARG A 286 37.80 4.70 53.54
N ASN A 287 37.22 4.05 52.53
CA ASN A 287 35.79 3.74 52.50
C ASN A 287 34.96 5.03 52.63
N GLY A 288 35.44 6.09 51.99
CA GLY A 288 34.76 7.36 52.04
C GLY A 288 34.57 7.96 50.67
N TYR A 289 34.25 9.25 50.62
CA TYR A 289 33.93 9.89 49.35
C TYR A 289 34.61 11.26 49.30
N ASP A 290 35.28 11.54 48.19
CA ASP A 290 35.87 12.85 47.95
C ASP A 290 34.84 13.73 47.27
N TYR A 291 34.72 14.98 47.75
CA TYR A 291 33.72 15.89 47.22
C TYR A 291 34.33 17.27 47.02
N VAL A 292 33.65 18.06 46.19
CA VAL A 292 34.01 19.46 45.94
C VAL A 292 32.86 20.33 46.40
N GLU A 293 33.19 21.42 47.09
CA GLU A 293 32.18 22.31 47.65
C GLU A 293 32.06 23.57 46.81
N PHE A 294 30.82 23.99 46.57
CA PHE A 294 30.52 25.23 45.86
C PHE A 294 29.59 26.09 46.70
N ASN A 295 29.75 27.40 46.57
CA ASN A 295 29.00 28.37 47.36
C ASN A 295 28.34 29.46 46.53
N LYS A 296 29.06 30.03 45.56
CA LYS A 296 28.56 31.19 44.85
C LYS A 296 27.55 30.78 43.79
N LYS A 297 26.77 31.76 43.32
CA LYS A 297 25.89 31.52 42.19
C LYS A 297 26.72 31.38 40.92
N GLY A 298 26.12 30.75 39.92
CA GLY A 298 26.76 30.60 38.62
C GLY A 298 27.09 29.17 38.29
N ILE A 299 28.03 29.02 37.35
CA ILE A 299 28.41 27.69 36.87
C ILE A 299 29.36 27.06 37.87
N ALA A 300 29.01 25.85 38.33
CA ALA A 300 29.84 25.07 39.24
C ALA A 300 30.58 24.04 38.40
N LYS A 301 31.84 24.33 38.10
CA LYS A 301 32.67 23.48 37.24
C LYS A 301 33.58 22.63 38.11
N VAL A 302 33.49 21.31 37.93
CA VAL A 302 34.37 20.36 38.62
C VAL A 302 35.61 20.20 37.76
N THR A 303 36.75 20.67 38.27
CA THR A 303 38.00 20.64 37.53
C THR A 303 38.80 19.37 37.76
N GLU A 304 38.34 18.48 38.65
CA GLU A 304 39.07 17.26 38.94
C GLU A 304 39.04 16.32 37.74
N ASP A 305 39.93 15.32 37.78
CA ASP A 305 39.93 14.30 36.75
C ASP A 305 38.70 13.42 36.85
N LYS A 306 38.18 12.98 35.72
CA LYS A 306 37.01 12.13 35.70
C LYS A 306 37.39 10.71 36.13
N PRO A 307 36.85 10.21 37.23
CA PRO A 307 37.30 8.89 37.73
C PRO A 307 36.85 7.76 36.80
N ASP A 308 37.48 6.62 36.98
CA ASP A 308 37.12 5.43 36.22
C ASP A 308 35.82 4.84 36.76
N ASN A 309 35.36 3.76 36.11
CA ASN A 309 34.09 3.16 36.50
C ASN A 309 34.10 2.59 37.91
N ASP A 310 35.28 2.24 38.43
CA ASP A 310 35.33 1.65 39.77
C ASP A 310 35.05 2.66 40.86
N LYS A 311 35.40 3.93 40.66
CA LYS A 311 35.36 4.92 41.72
C LYS A 311 34.40 6.09 41.47
N ARG A 312 33.89 6.25 40.26
CA ARG A 312 33.13 7.45 39.92
C ARG A 312 31.84 7.54 40.73
N ILE A 313 31.49 8.74 41.16
CA ILE A 313 30.29 9.00 41.96
C ILE A 313 29.62 10.25 41.41
N HIS A 314 28.28 10.21 41.37
CA HIS A 314 27.48 11.37 40.97
C HIS A 314 26.41 11.58 42.04
N ALA A 315 26.65 12.54 42.94
CA ALA A 315 25.70 12.84 44.01
C ALA A 315 26.00 14.23 44.54
N ILE A 316 24.96 14.89 45.05
CA ILE A 316 25.07 16.24 45.58
C ILE A 316 24.27 16.34 46.87
N ARG A 317 24.93 16.79 47.94
CA ARG A 317 24.26 17.10 49.19
C ARG A 317 24.08 18.60 49.27
N LEU A 318 22.83 19.03 49.44
CA LEU A 318 22.50 20.45 49.55
C LEU A 318 22.35 20.83 51.02
N ILE A 319 22.95 21.95 51.40
CA ILE A 319 22.82 22.50 52.74
C ILE A 319 21.99 23.77 52.61
N ASN A 320 20.74 23.70 53.07
CA ASN A 320 19.80 24.81 53.01
C ASN A 320 19.32 25.14 54.41
N ASP A 321 19.22 26.45 54.70
CA ASP A 321 18.85 26.95 56.02
C ASP A 321 17.88 28.12 55.85
N SER A 322 16.74 27.83 55.25
CA SER A 322 15.72 28.87 55.02
C SER A 322 14.48 28.64 55.88
N HIS A 327 12.62 15.84 54.13
CA HIS A 327 13.23 16.16 52.84
C HIS A 327 14.73 16.43 52.99
N ILE A 328 15.17 16.73 54.22
CA ILE A 328 16.59 16.86 54.48
C ILE A 328 17.28 15.49 54.46
N HIS A 329 16.53 14.42 54.70
CA HIS A 329 17.13 13.08 54.70
C HIS A 329 17.69 12.70 53.34
N PHE A 330 17.22 13.34 52.26
CA PHE A 330 17.79 13.07 50.94
C PHE A 330 19.28 13.39 50.89
N GLY A 331 19.74 14.30 51.75
CA GLY A 331 21.14 14.62 51.82
C GLY A 331 21.93 13.83 52.82
N PHE A 332 21.29 12.96 53.60
CA PHE A 332 22.02 12.15 54.56
C PHE A 332 23.03 11.26 53.84
N ARG A 333 24.21 11.14 54.45
CA ARG A 333 25.37 10.56 53.77
C ARG A 333 25.08 9.16 53.25
N ASN A 334 24.36 8.36 54.03
CA ASN A 334 24.20 6.95 53.71
C ASN A 334 23.07 6.67 52.72
N MET A 335 22.28 7.68 52.35
CA MET A 335 21.30 7.53 51.28
C MET A 335 21.60 8.37 50.06
N VAL A 336 22.23 9.55 50.23
CA VAL A 336 22.61 10.36 49.08
C VAL A 336 23.61 9.61 48.21
N ILE A 337 24.33 8.65 48.78
CA ILE A 337 25.26 7.80 48.04
C ILE A 337 24.81 6.35 48.22
N ILE A 338 24.68 5.64 47.09
CA ILE A 338 24.25 4.24 47.13
C ILE A 338 25.30 3.41 47.83
N ASP A 339 24.89 2.66 48.84
CA ASP A 339 25.82 1.83 49.59
C ASP A 339 26.37 0.73 48.69
N ASN A 340 27.65 0.41 48.87
CA ASN A 340 28.25 -0.67 48.10
C ASN A 340 27.72 -2.03 48.56
N GLU A 341 27.52 -2.20 49.86
CA GLU A 341 26.83 -3.37 50.39
C GLU A 341 25.37 -3.30 49.97
N CYS A 342 24.97 -4.19 49.05
CA CYS A 342 23.61 -4.16 48.52
C CYS A 342 22.57 -4.26 49.62
N ALA A 343 22.81 -5.10 50.63
CA ALA A 343 21.82 -5.30 51.68
C ALA A 343 21.65 -4.09 52.59
N ASN A 344 22.61 -3.16 52.59
CA ASN A 344 22.56 -1.99 53.45
C ASN A 344 22.15 -0.72 52.71
N ILE A 345 21.60 -0.85 51.50
CA ILE A 345 21.16 0.32 50.74
C ILE A 345 19.93 0.93 51.41
N GLN A 346 19.96 2.24 51.59
CA GLN A 346 18.85 2.96 52.22
C GLN A 346 17.98 3.60 51.14
N SER A 347 16.66 3.47 51.30
CA SER A 347 15.72 3.96 50.28
C SER A 347 14.56 4.75 50.88
N SER A 348 14.62 5.11 52.16
CA SER A 348 13.52 5.85 52.76
C SER A 348 14.05 6.64 53.94
N ALA A 349 13.24 7.60 54.39
CA ALA A 349 13.60 8.42 55.54
C ALA A 349 13.55 7.63 56.84
N GLU A 350 12.83 6.52 56.88
CA GLU A 350 12.72 5.75 58.11
C GLU A 350 14.07 5.15 58.51
N ASN A 351 14.81 4.62 57.54
CA ASN A 351 16.12 4.02 57.78
C ASN A 351 17.27 4.91 57.30
N ALA A 352 17.03 6.22 57.18
CA ALA A 352 18.05 7.16 56.72
C ALA A 352 19.01 7.50 57.85
N THR A 353 20.30 7.29 57.60
CA THR A 353 21.35 7.59 58.56
C THR A 353 22.36 8.54 57.94
N ASP A 354 22.98 9.36 58.78
CA ASP A 354 23.92 10.39 58.36
C ASP A 354 25.27 10.22 59.04
N THR A 355 25.71 8.98 59.22
CA THR A 355 26.93 8.68 59.95
C THR A 355 28.08 8.38 59.01
N GLY A 356 29.30 8.61 59.50
CA GLY A 356 30.51 8.28 58.77
C GLY A 356 31.17 9.42 58.02
N HIS A 357 30.90 10.68 58.39
CA HIS A 357 31.45 11.79 57.65
C HIS A 357 32.96 11.93 57.81
N HIS A 358 33.54 11.39 58.88
CA HIS A 358 34.99 11.45 59.05
C HIS A 358 35.73 10.60 58.02
N GLN A 359 35.03 9.78 57.25
CA GLN A 359 35.67 8.96 56.23
C GLN A 359 35.75 9.67 54.89
N ASP A 360 35.05 10.79 54.74
CA ASP A 360 35.05 11.57 53.51
C ASP A 360 36.16 12.62 53.55
N SER A 361 36.39 13.26 52.42
CA SER A 361 37.46 14.25 52.31
C SER A 361 37.06 15.34 51.33
N LYS A 362 37.34 16.58 51.70
CA LYS A 362 37.12 17.73 50.83
C LYS A 362 38.32 17.97 49.94
N ILE A 363 38.07 18.30 48.68
CA ILE A 363 39.15 18.42 47.70
C ILE A 363 39.68 19.85 47.59
N ASN A 364 38.82 20.85 47.75
CA ASN A 364 39.21 22.25 47.62
C ASN A 364 40.34 22.62 48.59
N GLN B 1 -5.09 -1.25 43.25
CA GLN B 1 -6.52 -1.19 43.55
C GLN B 1 -6.72 -0.63 44.96
N VAL B 2 -6.53 0.68 45.10
CA VAL B 2 -6.65 1.34 46.39
C VAL B 2 -8.12 1.42 46.78
N GLN B 3 -8.44 0.92 47.98
CA GLN B 3 -9.80 0.93 48.50
C GLN B 3 -9.76 1.25 49.98
N LEU B 4 -10.71 2.08 50.42
CA LEU B 4 -10.76 2.56 51.79
C LEU B 4 -12.09 2.17 52.43
N GLN B 5 -12.07 1.96 53.75
CA GLN B 5 -13.29 1.64 54.48
C GLN B 5 -13.20 2.19 55.89
N GLU B 6 -14.13 3.07 56.24
CA GLU B 6 -14.20 3.64 57.58
C GLU B 6 -14.82 2.66 58.56
N SER B 7 -14.51 2.86 59.84
CA SER B 7 -15.04 2.03 60.91
C SER B 7 -14.92 2.78 62.22
N GLY B 8 -15.89 2.56 63.11
CA GLY B 8 -15.88 3.19 64.41
C GLY B 8 -17.23 3.16 65.09
N PRO B 9 -17.26 3.52 66.37
CA PRO B 9 -18.53 3.53 67.10
C PRO B 9 -19.47 4.60 66.57
N GLY B 10 -20.72 4.21 66.30
CA GLY B 10 -21.70 5.14 65.79
C GLY B 10 -22.27 6.11 66.81
N LEU B 11 -21.95 5.93 68.08
CA LEU B 11 -22.48 6.76 69.15
C LEU B 11 -21.34 7.23 70.04
N VAL B 12 -21.31 8.51 70.36
CA VAL B 12 -20.30 9.10 71.24
C VAL B 12 -21.00 10.11 72.14
N LYS B 13 -20.75 10.01 73.45
CA LYS B 13 -21.36 10.93 74.39
C LYS B 13 -20.72 12.31 74.26
N PRO B 14 -21.45 13.37 74.61
CA PRO B 14 -20.88 14.71 74.53
C PRO B 14 -19.63 14.83 75.39
N SER B 15 -18.71 15.70 74.93
CA SER B 15 -17.45 15.99 75.61
C SER B 15 -16.48 14.83 75.59
N GLU B 16 -16.91 13.67 75.09
CA GLU B 16 -16.03 12.51 75.00
C GLU B 16 -15.31 12.51 73.64
N THR B 17 -14.50 11.48 73.41
CA THR B 17 -13.60 11.44 72.26
C THR B 17 -14.15 10.54 71.17
N LEU B 18 -14.26 11.10 69.97
CA LEU B 18 -14.63 10.33 68.78
C LEU B 18 -13.38 9.62 68.25
N SER B 19 -13.51 8.34 67.90
CA SER B 19 -12.39 7.56 67.40
C SER B 19 -12.84 6.77 66.18
N LEU B 20 -12.17 7.01 65.05
CA LEU B 20 -12.47 6.34 63.80
C LEU B 20 -11.20 5.75 63.21
N THR B 21 -11.37 4.74 62.36
CA THR B 21 -10.25 4.06 61.74
C THR B 21 -10.55 3.84 60.26
N CYS B 22 -9.55 4.06 59.42
CA CYS B 22 -9.66 3.87 57.98
C CYS B 22 -8.71 2.75 57.57
N SER B 23 -9.28 1.64 57.09
CA SER B 23 -8.50 0.50 56.65
C SER B 23 -8.24 0.59 55.14
N VAL B 24 -6.97 0.47 54.76
CA VAL B 24 -6.54 0.63 53.38
C VAL B 24 -6.14 -0.73 52.82
N SER B 25 -6.62 -1.05 51.63
CA SER B 25 -6.23 -2.25 50.91
C SER B 25 -5.78 -1.86 49.50
N GLY B 26 -4.96 -2.73 48.91
CA GLY B 26 -4.44 -2.49 47.58
C GLY B 26 -3.21 -1.60 47.51
N GLY B 27 -2.62 -1.27 48.66
CA GLY B 27 -1.45 -0.42 48.69
C GLY B 27 -1.09 -0.01 50.11
N SER B 28 0.15 0.43 50.32
CA SER B 28 0.58 0.82 51.64
C SER B 28 0.19 2.27 51.93
N ILE B 29 -0.11 2.54 53.20
CA ILE B 29 -0.41 3.91 53.60
C ILE B 29 0.81 4.80 53.50
N SER B 30 2.01 4.22 53.47
CA SER B 30 3.24 4.98 53.33
C SER B 30 3.50 5.43 51.90
N THR B 31 2.61 5.09 50.96
CA THR B 31 2.80 5.41 49.55
C THR B 31 2.10 6.69 49.13
N TYR B 32 1.02 7.07 49.81
CA TYR B 32 0.18 8.18 49.37
C TYR B 32 -0.05 9.14 50.53
N TYR B 33 -0.72 10.24 50.22
CA TYR B 33 -1.27 11.15 51.23
C TYR B 33 -2.74 10.81 51.45
N TRP B 34 -3.23 11.15 52.65
CA TRP B 34 -4.58 10.79 53.04
C TRP B 34 -5.27 12.00 53.69
N SER B 35 -6.58 11.92 53.82
CA SER B 35 -7.35 13.01 54.41
C SER B 35 -8.66 12.48 54.98
N TRP B 36 -9.18 13.20 55.96
CA TRP B 36 -10.50 12.93 56.54
C TRP B 36 -11.45 14.06 56.16
N ILE B 37 -12.65 13.70 55.72
CA ILE B 37 -13.69 14.65 55.35
C ILE B 37 -14.99 14.20 55.99
N ARG B 38 -15.72 15.15 56.57
CA ARG B 38 -16.99 14.87 57.20
C ARG B 38 -18.08 15.75 56.59
N GLN B 39 -19.31 15.27 56.68
CA GLN B 39 -20.46 15.96 56.10
C GLN B 39 -21.69 15.73 56.96
N PRO B 40 -22.16 16.75 57.68
CA PRO B 40 -23.39 16.61 58.46
C PRO B 40 -24.58 16.35 57.55
N ALA B 41 -25.64 15.81 58.15
CA ALA B 41 -26.82 15.42 57.39
C ALA B 41 -27.43 16.62 56.68
N GLY B 42 -27.52 16.53 55.36
CA GLY B 42 -28.11 17.59 54.57
C GLY B 42 -27.27 18.84 54.41
N LYS B 43 -26.02 18.82 54.87
CA LYS B 43 -25.13 19.97 54.74
C LYS B 43 -23.99 19.63 53.79
N GLY B 44 -22.98 20.51 53.75
CA GLY B 44 -21.85 20.37 52.86
C GLY B 44 -20.72 19.58 53.46
N LEU B 45 -19.56 19.70 52.82
CA LEU B 45 -18.37 18.93 53.18
C LEU B 45 -17.37 19.81 53.92
N GLU B 46 -16.77 19.26 54.97
CA GLU B 46 -15.77 19.95 55.77
C GLU B 46 -14.50 19.11 55.81
N TRP B 47 -13.40 19.68 55.34
CA TRP B 47 -12.11 19.01 55.36
C TRP B 47 -11.54 19.05 56.77
N ILE B 48 -11.24 17.88 57.32
CA ILE B 48 -10.79 17.78 58.71
C ILE B 48 -9.28 17.91 58.82
N GLY B 49 -8.54 17.15 58.01
CA GLY B 49 -7.09 17.21 58.05
C GLY B 49 -6.51 16.21 57.07
N LEU B 50 -5.22 16.37 56.81
CA LEU B 50 -4.50 15.48 55.92
C LEU B 50 -3.35 14.82 56.66
N MET B 51 -2.82 13.75 56.05
CA MET B 51 -1.67 13.04 56.57
C MET B 51 -0.76 12.68 55.41
N TYR B 52 0.51 13.07 55.51
CA TYR B 52 1.47 12.75 54.47
C TYR B 52 1.93 11.29 54.62
N ASN B 53 2.70 10.84 53.63
CA ASN B 53 3.18 9.46 53.65
C ASN B 53 4.14 9.21 54.82
N SER B 54 4.77 10.26 55.34
CA SER B 54 5.63 10.15 56.51
C SER B 54 4.85 10.09 57.82
N GLY B 55 3.52 10.19 57.76
CA GLY B 55 2.71 10.24 58.95
C GLY B 55 2.50 11.61 59.53
N SER B 56 3.20 12.62 59.04
CA SER B 56 3.04 13.98 59.55
C SER B 56 1.65 14.50 59.25
N PRO B 57 0.87 14.89 60.25
CA PRO B 57 -0.50 15.36 59.97
C PRO B 57 -0.61 16.87 59.93
N ASN B 58 -1.61 17.36 59.20
CA ASN B 58 -1.93 18.78 59.13
C ASN B 58 -3.43 18.92 59.27
N TYR B 59 -3.88 19.69 60.26
CA TYR B 59 -5.27 19.73 60.65
C TYR B 59 -5.92 21.04 60.22
N ASN B 60 -7.25 21.02 60.18
CA ASN B 60 -8.02 22.22 59.88
C ASN B 60 -7.95 23.17 61.07
N PRO B 61 -7.59 24.43 60.87
CA PRO B 61 -7.49 25.36 62.01
C PRO B 61 -8.78 25.52 62.80
N SER B 62 -9.93 25.18 62.22
CA SER B 62 -11.17 25.25 62.98
C SER B 62 -11.18 24.22 64.11
N LEU B 63 -10.67 23.02 63.82
CA LEU B 63 -10.55 21.94 64.79
C LEU B 63 -9.11 21.73 65.25
N LYS B 64 -8.28 22.78 65.28
CA LYS B 64 -6.85 22.57 65.38
C LYS B 64 -6.39 22.10 66.75
N SER B 65 -7.27 22.05 67.75
CA SER B 65 -6.88 21.57 69.05
C SER B 65 -7.50 20.23 69.42
N ARG B 66 -8.62 19.88 68.80
CA ARG B 66 -9.40 18.70 69.15
C ARG B 66 -9.03 17.46 68.36
N VAL B 67 -8.26 17.60 67.27
CA VAL B 67 -8.02 16.49 66.34
C VAL B 67 -6.63 15.89 66.57
N THR B 68 -6.55 14.59 66.32
CA THR B 68 -5.28 13.88 66.27
C THR B 68 -5.38 12.80 65.20
N MET B 69 -4.43 12.78 64.30
CA MET B 69 -4.38 11.79 63.22
C MET B 69 -3.04 11.08 63.26
N SER B 70 -3.06 9.76 63.17
CA SER B 70 -1.85 8.95 63.22
C SER B 70 -2.01 7.74 62.33
N GLY B 71 -0.88 7.17 61.93
CA GLY B 71 -0.86 6.01 61.04
C GLY B 71 -0.29 4.79 61.73
N ASP B 72 -0.79 3.62 61.36
CA ASP B 72 -0.33 2.34 61.86
C ASP B 72 0.15 1.53 60.66
N THR B 73 1.47 1.44 60.48
CA THR B 73 2.02 0.72 59.34
C THR B 73 1.82 -0.78 59.49
N SER B 74 1.83 -1.30 60.72
CA SER B 74 1.70 -2.74 60.92
C SER B 74 0.31 -3.24 60.53
N LYS B 75 -0.72 -2.41 60.69
CA LYS B 75 -2.08 -2.77 60.34
C LYS B 75 -2.55 -2.11 59.05
N ASN B 76 -1.73 -1.26 58.44
CA ASN B 76 -2.10 -0.52 57.24
C ASN B 76 -3.40 0.25 57.45
N GLN B 77 -3.47 0.96 58.57
CA GLN B 77 -4.62 1.79 58.92
C GLN B 77 -4.12 3.15 59.39
N PHE B 78 -5.03 4.13 59.36
CA PHE B 78 -4.81 5.41 60.02
C PHE B 78 -6.09 5.83 60.72
N SER B 79 -5.92 6.56 61.82
CA SER B 79 -7.00 6.83 62.75
C SER B 79 -7.33 8.31 62.81
N LEU B 80 -8.51 8.62 63.34
CA LEU B 80 -8.97 9.97 63.58
C LEU B 80 -9.54 10.04 64.98
N LYS B 81 -9.01 10.94 65.80
CA LYS B 81 -9.49 11.14 67.17
C LYS B 81 -9.92 12.58 67.35
N LEU B 82 -11.15 12.76 67.82
CA LEU B 82 -11.75 14.07 68.01
C LEU B 82 -12.25 14.16 69.45
N SER B 83 -11.67 15.07 70.22
CA SER B 83 -11.98 15.19 71.65
C SER B 83 -12.98 16.31 71.89
N SER B 84 -13.68 16.21 73.03
CA SER B 84 -14.63 17.22 73.48
C SER B 84 -15.70 17.48 72.41
N VAL B 85 -16.35 16.40 71.98
CA VAL B 85 -17.30 16.50 70.88
C VAL B 85 -18.60 17.15 71.36
N THR B 86 -19.27 17.84 70.42
CA THR B 86 -20.61 18.37 70.66
C THR B 86 -21.52 17.90 69.53
N ALA B 87 -22.75 18.42 69.49
CA ALA B 87 -23.67 18.05 68.42
C ALA B 87 -23.17 18.45 67.05
N ALA B 88 -22.30 19.47 66.98
CA ALA B 88 -21.73 19.91 65.71
C ALA B 88 -20.83 18.86 65.06
N ASP B 89 -20.48 17.80 65.80
CA ASP B 89 -19.65 16.73 65.27
C ASP B 89 -20.45 15.55 64.76
N THR B 90 -21.78 15.57 64.92
CA THR B 90 -22.62 14.54 64.34
C THR B 90 -22.61 14.68 62.82
N ALA B 91 -22.01 13.71 62.14
CA ALA B 91 -21.87 13.78 60.69
C ALA B 91 -21.49 12.41 60.16
N VAL B 92 -21.48 12.30 58.83
CA VAL B 92 -20.90 11.14 58.15
C VAL B 92 -19.44 11.47 57.85
N TYR B 93 -18.55 10.61 58.32
CA TYR B 93 -17.10 10.83 58.18
C TYR B 93 -16.53 9.96 57.07
N TYR B 94 -15.77 10.58 56.18
CA TYR B 94 -15.11 9.90 55.08
C TYR B 94 -13.60 10.00 55.23
N CYS B 95 -12.90 8.94 54.88
CA CYS B 95 -11.46 8.99 54.63
C CYS B 95 -11.22 8.84 53.14
N ALA B 96 -10.20 9.52 52.64
CA ALA B 96 -9.94 9.55 51.21
C ALA B 96 -8.44 9.53 50.94
N ARG B 97 -8.08 9.02 49.77
CA ARG B 97 -6.70 9.10 49.30
C ARG B 97 -6.49 10.45 48.63
N LEU B 98 -5.41 11.14 49.00
CA LEU B 98 -5.12 12.48 48.49
C LEU B 98 -3.99 12.36 47.47
N ARG B 99 -4.36 12.17 46.21
CA ARG B 99 -3.37 12.14 45.15
C ARG B 99 -2.76 13.52 44.98
N TYR B 100 -1.44 13.57 44.82
CA TYR B 100 -0.73 14.83 44.74
C TYR B 100 -0.06 15.00 43.39
N ASP B 101 0.32 16.23 43.09
CA ASP B 101 0.97 16.58 41.83
C ASP B 101 1.91 17.74 42.10
N PHE B 102 3.20 17.54 41.80
CA PHE B 102 4.22 18.56 42.02
C PHE B 102 4.96 18.92 40.73
N TRP B 103 4.34 18.71 39.57
CA TRP B 103 4.99 18.97 38.29
C TRP B 103 4.32 20.13 37.55
N SER B 104 3.71 21.05 38.28
CA SER B 104 3.10 22.24 37.69
C SER B 104 3.21 23.39 38.68
N GLY B 105 4.39 23.55 39.27
CA GLY B 105 4.62 24.55 40.28
C GLY B 105 5.03 23.94 41.61
N SER B 106 5.76 24.70 42.43
CA SER B 106 6.17 24.18 43.73
C SER B 106 4.98 24.01 44.66
N LYS B 107 3.95 24.85 44.52
CA LYS B 107 2.71 24.67 45.26
C LYS B 107 2.06 23.36 44.83
N GLY B 108 1.98 22.40 45.74
CA GLY B 108 1.44 21.11 45.40
C GLY B 108 -0.03 21.17 45.04
N ARG B 109 -0.43 20.29 44.13
CA ARG B 109 -1.82 20.13 43.74
C ARG B 109 -2.33 18.83 44.35
N TYR B 110 -3.48 18.91 45.03
CA TYR B 110 -3.99 17.80 45.82
C TYR B 110 -5.42 17.50 45.40
N TYR B 111 -5.71 16.21 45.21
CA TYR B 111 -7.03 15.76 44.79
C TYR B 111 -7.44 14.56 45.63
N MET B 112 -8.70 14.56 46.08
CA MET B 112 -9.27 13.42 46.80
C MET B 112 -10.03 12.59 45.77
N ASP B 113 -9.37 11.58 45.23
CA ASP B 113 -9.91 10.80 44.13
C ASP B 113 -10.46 9.44 44.55
N VAL B 114 -9.98 8.86 45.64
CA VAL B 114 -10.43 7.56 46.13
C VAL B 114 -11.05 7.77 47.50
N TRP B 115 -12.35 7.56 47.61
CA TRP B 115 -13.10 7.78 48.84
C TRP B 115 -13.57 6.46 49.44
N GLY B 116 -13.69 6.44 50.76
CA GLY B 116 -14.33 5.34 51.44
C GLY B 116 -15.85 5.47 51.41
N LYS B 117 -16.52 4.42 51.90
CA LYS B 117 -17.98 4.45 51.94
C LYS B 117 -18.52 5.41 52.99
N GLY B 118 -17.71 5.76 53.99
CA GLY B 118 -18.18 6.68 55.02
C GLY B 118 -18.84 5.97 56.18
N THR B 119 -18.68 6.54 57.37
CA THR B 119 -19.30 6.03 58.58
C THR B 119 -20.07 7.15 59.27
N THR B 120 -21.21 6.80 59.85
CA THR B 120 -22.08 7.76 60.51
C THR B 120 -21.82 7.76 62.01
N VAL B 121 -21.57 8.94 62.57
CA VAL B 121 -21.32 9.10 64.00
C VAL B 121 -22.29 10.13 64.55
N THR B 122 -22.98 9.78 65.63
CA THR B 122 -23.94 10.67 66.28
C THR B 122 -23.44 11.00 67.68
N VAL B 123 -23.45 12.28 68.02
CA VAL B 123 -23.05 12.75 69.34
C VAL B 123 -24.33 12.93 70.16
N SER B 124 -24.51 12.07 71.17
CA SER B 124 -25.72 12.11 71.98
C SER B 124 -25.45 11.43 73.31
N SER B 125 -26.22 11.83 74.32
CA SER B 125 -26.16 11.19 75.63
C SER B 125 -27.09 9.99 75.74
N ALA B 126 -27.98 9.80 74.76
CA ALA B 126 -28.89 8.67 74.79
C ALA B 126 -28.13 7.37 74.52
N SER B 127 -28.82 6.25 74.77
CA SER B 127 -28.28 4.92 74.56
C SER B 127 -28.80 4.33 73.26
N THR B 128 -28.06 3.37 72.72
CA THR B 128 -28.48 2.71 71.49
C THR B 128 -29.72 1.88 71.74
N LYS B 129 -30.63 1.88 70.78
CA LYS B 129 -31.86 1.09 70.87
C LYS B 129 -32.13 0.43 69.53
N GLY B 130 -32.43 -0.87 69.57
CA GLY B 130 -32.71 -1.62 68.38
C GLY B 130 -34.09 -1.30 67.81
N PRO B 131 -34.25 -1.53 66.51
CA PRO B 131 -35.52 -1.20 65.86
C PRO B 131 -36.56 -2.28 66.04
N SER B 132 -37.82 -1.89 65.87
CA SER B 132 -38.95 -2.80 65.79
C SER B 132 -39.43 -2.83 64.35
N VAL B 133 -39.47 -4.03 63.77
CA VAL B 133 -39.84 -4.20 62.37
C VAL B 133 -41.27 -4.70 62.31
N PHE B 134 -42.11 -4.02 61.52
CA PHE B 134 -43.48 -4.40 61.31
C PHE B 134 -43.76 -4.50 59.81
N PRO B 135 -44.57 -5.46 59.39
CA PRO B 135 -44.83 -5.62 57.96
C PRO B 135 -45.93 -4.68 57.47
N LEU B 136 -45.76 -4.21 56.23
CA LEU B 136 -46.77 -3.41 55.55
C LEU B 136 -47.43 -4.34 54.53
N ALA B 137 -48.49 -5.01 54.97
CA ALA B 137 -49.10 -6.06 54.16
C ALA B 137 -49.86 -5.46 52.98
N PRO B 138 -49.80 -6.11 51.82
CA PRO B 138 -50.61 -5.66 50.68
C PRO B 138 -52.07 -6.04 50.85
N SER B 139 -52.91 -5.43 50.03
CA SER B 139 -54.34 -5.70 50.07
C SER B 139 -54.85 -6.27 48.75
N GLY B 146 -53.12 -5.10 39.03
CA GLY B 146 -51.91 -5.27 38.24
C GLY B 146 -50.64 -5.23 39.05
N THR B 147 -50.44 -4.14 39.80
CA THR B 147 -49.26 -3.95 40.62
C THR B 147 -49.68 -3.69 42.06
N ALA B 148 -49.07 -4.43 42.99
CA ALA B 148 -49.34 -4.30 44.42
C ALA B 148 -48.12 -3.73 45.12
N ALA B 149 -48.36 -3.18 46.31
CA ALA B 149 -47.31 -2.57 47.11
C ALA B 149 -47.25 -3.21 48.49
N LEU B 150 -46.03 -3.48 48.95
CA LEU B 150 -45.80 -4.05 50.28
C LEU B 150 -44.49 -3.50 50.81
N GLY B 151 -44.30 -3.62 52.12
CA GLY B 151 -43.07 -3.11 52.70
C GLY B 151 -42.94 -3.46 54.17
N CYS B 152 -41.94 -2.84 54.79
CA CYS B 152 -41.64 -3.03 56.21
C CYS B 152 -41.54 -1.69 56.90
N LEU B 153 -41.91 -1.66 58.18
CA LEU B 153 -41.89 -0.46 59.00
C LEU B 153 -40.82 -0.63 60.08
N VAL B 154 -39.72 0.11 59.93
CA VAL B 154 -38.60 0.07 60.86
C VAL B 154 -38.80 1.22 61.83
N LYS B 155 -39.30 0.93 63.03
CA LYS B 155 -39.74 1.94 63.97
C LYS B 155 -38.92 1.88 65.26
N ASP B 156 -38.67 3.06 65.84
CA ASP B 156 -38.08 3.22 67.16
C ASP B 156 -36.67 2.62 67.25
N TYR B 157 -35.69 3.35 66.74
CA TYR B 157 -34.29 2.95 66.86
C TYR B 157 -33.42 4.19 66.98
N PHE B 158 -32.19 3.98 67.46
CA PHE B 158 -31.24 5.06 67.65
C PHE B 158 -29.85 4.47 67.80
N PRO B 159 -28.83 5.05 67.18
CA PRO B 159 -28.89 6.18 66.24
C PRO B 159 -28.91 5.69 64.79
N GLU B 160 -28.61 6.57 63.84
CA GLU B 160 -28.48 6.17 62.45
C GLU B 160 -27.21 5.34 62.26
N PRO B 161 -27.15 4.51 61.21
CA PRO B 161 -28.18 4.26 60.20
C PRO B 161 -28.82 2.88 60.32
N VAL B 162 -29.70 2.55 59.37
CA VAL B 162 -30.31 1.22 59.27
C VAL B 162 -30.25 0.79 57.81
N THR B 163 -29.79 -0.43 57.58
CA THR B 163 -29.69 -0.98 56.23
C THR B 163 -30.84 -1.95 56.01
N VAL B 164 -31.57 -1.76 54.91
CA VAL B 164 -32.71 -2.60 54.57
C VAL B 164 -32.51 -3.16 53.17
N SER B 165 -32.59 -4.48 53.05
CA SER B 165 -32.58 -5.17 51.76
C SER B 165 -33.80 -6.09 51.69
N TRP B 166 -34.10 -6.54 50.48
CA TRP B 166 -35.26 -7.41 50.25
C TRP B 166 -34.80 -8.71 49.63
N ASN B 167 -35.22 -9.83 50.24
CA ASN B 167 -34.87 -11.17 49.77
C ASN B 167 -33.36 -11.36 49.66
N SER B 168 -32.64 -10.85 50.66
CA SER B 168 -31.18 -10.99 50.75
C SER B 168 -30.48 -10.45 49.50
N GLY B 169 -31.02 -9.36 48.94
CA GLY B 169 -30.44 -8.73 47.78
C GLY B 169 -30.97 -9.20 46.44
N ALA B 170 -31.85 -10.20 46.42
CA ALA B 170 -32.38 -10.68 45.15
C ALA B 170 -33.36 -9.67 44.55
N LEU B 171 -34.21 -9.08 45.38
CA LEU B 171 -35.20 -8.11 44.93
C LEU B 171 -34.63 -6.70 45.11
N THR B 172 -34.34 -6.04 44.00
CA THR B 172 -33.75 -4.70 44.00
C THR B 172 -34.58 -3.67 43.26
N SER B 173 -35.11 -4.02 42.09
CA SER B 173 -35.87 -3.07 41.30
C SER B 173 -37.23 -2.80 41.93
N GLY B 174 -37.63 -1.53 41.95
CA GLY B 174 -38.89 -1.12 42.53
C GLY B 174 -38.87 -0.93 44.02
N VAL B 175 -37.71 -0.94 44.65
CA VAL B 175 -37.60 -0.79 46.10
C VAL B 175 -37.38 0.68 46.42
N HIS B 176 -38.10 1.19 47.41
CA HIS B 176 -37.94 2.55 47.91
C HIS B 176 -37.80 2.49 49.42
N THR B 177 -36.59 2.71 49.92
CA THR B 177 -36.33 2.82 51.35
C THR B 177 -36.25 4.31 51.69
N PHE B 178 -37.27 4.80 52.40
CA PHE B 178 -37.37 6.22 52.65
C PHE B 178 -36.33 6.67 53.68
N PRO B 179 -35.89 7.92 53.61
CA PRO B 179 -35.01 8.45 54.66
C PRO B 179 -35.72 8.46 56.01
N ALA B 180 -34.95 8.20 57.07
CA ALA B 180 -35.53 8.10 58.39
C ALA B 180 -36.04 9.45 58.87
N VAL B 181 -37.04 9.41 59.73
CA VAL B 181 -37.59 10.61 60.36
C VAL B 181 -37.31 10.51 61.86
N LEU B 182 -37.12 11.67 62.49
CA LEU B 182 -36.89 11.75 63.93
C LEU B 182 -38.23 12.03 64.60
N GLN B 183 -38.73 11.06 65.36
CA GLN B 183 -40.00 11.22 66.05
C GLN B 183 -39.80 12.06 67.30
N SER B 184 -40.92 12.51 67.89
CA SER B 184 -40.87 13.33 69.09
C SER B 184 -40.28 12.58 70.28
N SER B 185 -40.15 11.26 70.20
CA SER B 185 -39.55 10.47 71.27
C SER B 185 -38.03 10.42 71.20
N GLY B 186 -37.42 11.01 70.17
CA GLY B 186 -35.99 10.91 69.97
C GLY B 186 -35.54 9.64 69.29
N LEU B 187 -36.47 8.83 68.78
CA LEU B 187 -36.14 7.58 68.09
C LEU B 187 -36.43 7.72 66.61
N TYR B 188 -35.53 7.21 65.78
CA TYR B 188 -35.71 7.28 64.35
C TYR B 188 -36.75 6.27 63.89
N SER B 189 -37.25 6.47 62.67
CA SER B 189 -38.27 5.59 62.11
C SER B 189 -38.27 5.75 60.60
N LEU B 190 -38.31 4.62 59.88
CA LEU B 190 -38.34 4.64 58.42
C LEU B 190 -39.21 3.48 57.93
N SER B 191 -39.51 3.53 56.63
CA SER B 191 -40.26 2.49 55.95
C SER B 191 -39.60 2.18 54.62
N SER B 192 -39.56 0.90 54.26
CA SER B 192 -39.03 0.45 52.98
C SER B 192 -40.13 -0.29 52.24
N VAL B 193 -40.46 0.17 51.03
CA VAL B 193 -41.56 -0.39 50.27
C VAL B 193 -41.02 -0.94 48.95
N VAL B 194 -41.86 -1.76 48.30
CA VAL B 194 -41.52 -2.35 47.02
C VAL B 194 -42.82 -2.68 46.29
N THR B 195 -42.83 -2.44 44.98
CA THR B 195 -43.96 -2.74 44.13
C THR B 195 -43.70 -4.03 43.36
N VAL B 196 -44.64 -4.97 43.42
CA VAL B 196 -44.49 -6.26 42.76
C VAL B 196 -45.75 -6.53 41.93
N PRO B 197 -45.64 -7.43 40.95
CA PRO B 197 -46.84 -7.83 40.21
C PRO B 197 -47.88 -8.46 41.13
N SER B 198 -49.15 -8.21 40.82
CA SER B 198 -50.23 -8.69 41.68
C SER B 198 -50.34 -10.21 41.67
N SER B 199 -49.89 -10.85 40.59
CA SER B 199 -49.98 -12.31 40.47
C SER B 199 -48.94 -13.03 41.31
N SER B 200 -47.99 -12.33 41.93
CA SER B 200 -46.91 -12.96 42.69
C SER B 200 -47.11 -12.88 44.19
N LEU B 201 -48.24 -12.38 44.68
CA LEU B 201 -48.43 -12.26 46.12
C LEU B 201 -48.60 -13.62 46.79
N GLY B 202 -49.07 -14.62 46.04
CA GLY B 202 -49.24 -15.95 46.59
C GLY B 202 -48.19 -16.92 46.09
N THR B 203 -47.43 -16.51 45.08
CA THR B 203 -46.41 -17.35 44.47
C THR B 203 -45.00 -17.05 44.97
N GLN B 204 -44.66 -15.78 45.13
CA GLN B 204 -43.32 -15.36 45.56
C GLN B 204 -43.36 -14.94 47.02
N THR B 205 -42.30 -15.29 47.75
CA THR B 205 -42.15 -14.92 49.15
C THR B 205 -41.24 -13.70 49.26
N TYR B 206 -41.66 -12.73 50.08
CA TYR B 206 -40.96 -11.46 50.24
C TYR B 206 -40.56 -11.29 51.70
N ILE B 207 -39.27 -11.12 51.94
CA ILE B 207 -38.73 -10.91 53.28
C ILE B 207 -37.81 -9.70 53.24
N CYS B 208 -38.00 -8.78 54.19
CA CYS B 208 -37.13 -7.61 54.32
C CYS B 208 -36.05 -7.89 55.36
N ASN B 209 -34.84 -7.41 55.09
CA ASN B 209 -33.67 -7.67 55.92
C ASN B 209 -33.22 -6.36 56.54
N VAL B 210 -33.70 -6.10 57.76
CA VAL B 210 -33.35 -4.89 58.50
C VAL B 210 -32.09 -5.17 59.31
N ASN B 211 -31.18 -4.21 59.33
CA ASN B 211 -29.91 -4.36 60.01
C ASN B 211 -29.56 -3.05 60.70
N HIS B 212 -29.26 -3.12 62.00
CA HIS B 212 -28.95 -1.94 62.81
C HIS B 212 -27.62 -2.20 63.51
N LYS B 213 -26.53 -1.66 62.94
CA LYS B 213 -25.20 -1.90 63.51
C LYS B 213 -25.05 -1.42 64.94
N PRO B 214 -25.45 -0.20 65.32
CA PRO B 214 -25.17 0.28 66.68
C PRO B 214 -25.74 -0.61 67.78
N SER B 215 -26.73 -1.44 67.49
CA SER B 215 -27.32 -2.32 68.50
C SER B 215 -27.13 -3.80 68.20
N ASN B 216 -26.39 -4.14 67.13
CA ASN B 216 -26.20 -5.53 66.71
C ASN B 216 -27.54 -6.24 66.55
N THR B 217 -28.43 -5.61 65.80
CA THR B 217 -29.79 -6.12 65.59
C THR B 217 -29.99 -6.43 64.12
N LYS B 218 -30.17 -7.70 63.79
CA LYS B 218 -30.51 -8.14 62.45
C LYS B 218 -31.87 -8.84 62.50
N VAL B 219 -32.84 -8.30 61.77
CA VAL B 219 -34.20 -8.83 61.77
C VAL B 219 -34.59 -9.13 60.33
N ASP B 220 -35.10 -10.34 60.10
CA ASP B 220 -35.67 -10.73 58.82
C ASP B 220 -37.15 -10.93 59.04
N LYS B 221 -37.98 -10.09 58.42
CA LYS B 221 -39.42 -10.12 58.61
C LYS B 221 -40.09 -10.54 57.32
N LYS B 222 -41.01 -11.50 57.42
CA LYS B 222 -41.73 -12.01 56.26
C LYS B 222 -43.02 -11.22 56.10
N VAL B 223 -43.18 -10.59 54.93
CA VAL B 223 -44.39 -9.87 54.57
C VAL B 223 -45.30 -10.80 53.77
N GLU B 224 -46.54 -10.92 54.19
CA GLU B 224 -47.51 -11.78 53.55
C GLU B 224 -48.89 -11.14 53.68
N PRO B 225 -49.78 -11.34 52.69
CA PRO B 225 -51.12 -10.77 52.70
C PRO B 225 -51.94 -11.17 53.92
N ASP C 1 -9.94 31.56 56.29
CA ASP C 1 -9.59 30.74 55.15
C ASP C 1 -10.27 31.24 53.87
N ILE C 2 -9.97 30.60 52.75
CA ILE C 2 -10.54 30.99 51.47
C ILE C 2 -11.96 30.42 51.38
N GLN C 3 -12.93 31.29 51.13
CA GLN C 3 -14.33 30.92 51.13
C GLN C 3 -14.85 30.73 49.71
N MET C 4 -15.63 29.68 49.50
CA MET C 4 -16.17 29.31 48.20
C MET C 4 -17.67 29.52 48.15
N THR C 5 -18.14 30.07 47.04
CA THR C 5 -19.56 30.24 46.76
C THR C 5 -19.91 29.53 45.46
N GLN C 6 -21.15 29.04 45.37
CA GLN C 6 -21.62 28.36 44.17
C GLN C 6 -23.01 28.88 43.80
N SER C 7 -23.24 29.05 42.50
CA SER C 7 -24.52 29.51 42.00
C SER C 7 -24.92 28.68 40.79
N PRO C 8 -26.19 28.29 40.71
CA PRO C 8 -27.27 28.51 41.68
C PRO C 8 -27.20 27.51 42.82
N SER C 9 -27.98 27.69 43.89
CA SER C 9 -28.02 26.67 44.94
C SER C 9 -28.66 25.38 44.43
N SER C 10 -29.55 25.49 43.45
CA SER C 10 -30.19 24.33 42.84
C SER C 10 -30.72 24.75 41.48
N LEU C 11 -31.01 23.73 40.66
CA LEU C 11 -31.56 24.00 39.33
C LEU C 11 -32.24 22.74 38.82
N SER C 12 -33.19 22.92 37.92
CA SER C 12 -33.90 21.83 37.27
C SER C 12 -33.76 21.99 35.77
N ALA C 13 -33.34 20.92 35.10
CA ALA C 13 -33.15 20.94 33.65
C ALA C 13 -33.60 19.61 33.07
N SER C 14 -34.01 19.66 31.79
CA SER C 14 -34.46 18.48 31.09
C SER C 14 -33.27 17.71 30.52
N VAL C 15 -33.52 16.44 30.18
CA VAL C 15 -32.49 15.61 29.58
C VAL C 15 -32.10 16.21 28.22
N GLY C 16 -30.80 16.44 28.04
CA GLY C 16 -30.28 17.02 26.83
C GLY C 16 -29.92 18.49 26.93
N ASP C 17 -30.43 19.17 27.95
CA ASP C 17 -30.15 20.58 28.15
C ASP C 17 -28.68 20.80 28.50
N ARG C 18 -28.20 22.01 28.23
CA ARG C 18 -26.87 22.41 28.63
C ARG C 18 -26.96 23.09 29.99
N VAL C 19 -26.30 22.51 30.99
CA VAL C 19 -26.30 23.02 32.35
C VAL C 19 -24.92 23.60 32.64
N THR C 20 -24.89 24.72 33.37
CA THR C 20 -23.64 25.37 33.74
C THR C 20 -23.71 25.82 35.19
N ILE C 21 -22.70 25.45 35.97
CA ILE C 21 -22.58 25.83 37.38
C ILE C 21 -21.37 26.75 37.53
N THR C 22 -21.49 27.74 38.40
CA THR C 22 -20.43 28.68 38.66
C THR C 22 -19.89 28.51 40.09
N CYS C 23 -18.59 28.71 40.24
CA CYS C 23 -17.92 28.63 41.53
C CYS C 23 -16.98 29.82 41.66
N GLN C 24 -17.09 30.54 42.78
CA GLN C 24 -16.29 31.73 43.01
C GLN C 24 -15.44 31.56 44.25
N ALA C 25 -14.21 32.07 44.19
CA ALA C 25 -13.27 32.02 45.29
C ALA C 25 -13.10 33.40 45.91
N SER C 26 -12.94 33.45 47.23
CA SER C 26 -12.81 34.73 47.91
C SER C 26 -11.50 35.43 47.57
N GLN C 27 -10.53 34.72 47.01
CA GLN C 27 -9.28 35.31 46.58
C GLN C 27 -8.72 34.49 45.42
N ASP C 28 -7.64 35.00 44.83
CA ASP C 28 -7.02 34.32 43.71
C ASP C 28 -6.49 32.96 44.14
N ILE C 29 -6.94 31.91 43.46
CA ILE C 29 -6.49 30.55 43.70
C ILE C 29 -5.94 29.90 42.44
N SER C 30 -5.65 30.69 41.40
CA SER C 30 -5.12 30.20 40.12
C SER C 30 -6.11 29.18 39.57
N ASN C 31 -5.67 27.97 39.24
CA ASN C 31 -6.56 26.90 38.80
C ASN C 31 -6.57 25.74 39.79
N TYR C 32 -6.25 26.02 41.06
CA TYR C 32 -6.22 25.00 42.10
C TYR C 32 -7.63 24.73 42.60
N LEU C 33 -8.45 24.14 41.72
CA LEU C 33 -9.85 23.89 42.01
C LEU C 33 -10.23 22.49 41.54
N ASN C 34 -11.04 21.81 42.35
CA ASN C 34 -11.59 20.50 42.01
C ASN C 34 -13.11 20.58 41.93
N TRP C 35 -13.69 19.67 41.15
CA TRP C 35 -15.14 19.54 41.01
C TRP C 35 -15.54 18.14 41.40
N TYR C 36 -16.46 18.03 42.36
CA TYR C 36 -16.96 16.74 42.83
C TYR C 36 -18.43 16.57 42.48
N GLN C 37 -18.82 15.33 42.25
CA GLN C 37 -20.21 14.94 42.00
C GLN C 37 -20.61 13.92 43.06
N GLN C 38 -21.60 14.27 43.88
CA GLN C 38 -22.06 13.39 44.95
C GLN C 38 -23.49 12.97 44.64
N LYS C 39 -23.64 11.76 44.12
CA LYS C 39 -24.97 11.20 43.89
C LYS C 39 -25.59 10.83 45.22
N PRO C 40 -26.92 10.78 45.29
CA PRO C 40 -27.59 10.50 46.56
C PRO C 40 -27.13 9.17 47.16
N GLY C 41 -26.77 9.22 48.44
CA GLY C 41 -26.36 8.03 49.16
C GLY C 41 -24.94 7.58 48.93
N GLN C 42 -24.13 8.37 48.23
CA GLN C 42 -22.76 8.01 47.91
C GLN C 42 -21.79 9.06 48.40
N ALA C 43 -20.51 8.70 48.41
CA ALA C 43 -19.46 9.66 48.71
C ALA C 43 -19.24 10.58 47.51
N PRO C 44 -18.64 11.75 47.73
CA PRO C 44 -18.32 12.62 46.59
C PRO C 44 -17.39 11.94 45.61
N LYS C 45 -17.66 12.12 44.32
CA LYS C 45 -16.83 11.57 43.26
C LYS C 45 -16.13 12.72 42.54
N LEU C 46 -14.81 12.64 42.48
CA LEU C 46 -14.02 13.67 41.80
C LEU C 46 -14.16 13.53 40.29
N LEU C 47 -14.62 14.59 39.63
CA LEU C 47 -14.78 14.60 38.18
C LEU C 47 -13.70 15.39 37.46
N ILE C 48 -13.36 16.58 37.96
CA ILE C 48 -12.43 17.47 37.29
C ILE C 48 -11.42 17.97 38.31
N HIS C 49 -10.14 17.90 37.96
CA HIS C 49 -9.08 18.45 38.78
C HIS C 49 -8.36 19.55 38.02
N ASP C 50 -7.73 20.46 38.76
CA ASP C 50 -7.04 21.62 38.20
C ASP C 50 -7.96 22.41 37.28
N ALA C 51 -9.21 22.59 37.74
CA ALA C 51 -10.21 23.46 37.11
C ALA C 51 -10.75 22.93 35.78
N SER C 52 -9.92 22.24 34.99
CA SER C 52 -10.33 21.88 33.64
C SER C 52 -9.94 20.48 33.20
N ASN C 53 -9.20 19.72 34.00
CA ASN C 53 -8.71 18.41 33.60
C ASN C 53 -9.65 17.33 34.14
N LEU C 54 -10.23 16.55 33.23
CA LEU C 54 -11.15 15.49 33.63
C LEU C 54 -10.40 14.32 34.24
N GLU C 55 -11.03 13.68 35.22
CA GLU C 55 -10.52 12.43 35.75
C GLU C 55 -10.69 11.31 34.72
N THR C 56 -9.91 10.24 34.90
CA THR C 56 -9.97 9.12 33.98
C THR C 56 -11.34 8.45 34.04
N GLY C 57 -11.97 8.29 32.88
CA GLY C 57 -13.26 7.63 32.79
C GLY C 57 -14.46 8.55 32.88
N VAL C 58 -14.27 9.82 33.21
CA VAL C 58 -15.41 10.74 33.31
C VAL C 58 -15.99 10.98 31.92
N PRO C 59 -17.30 10.91 31.75
CA PRO C 59 -17.90 11.14 30.43
C PRO C 59 -17.51 12.50 29.86
N SER C 60 -17.43 12.56 28.53
CA SER C 60 -17.00 13.77 27.84
C SER C 60 -18.02 14.90 27.95
N ARG C 61 -19.25 14.61 28.37
CA ARG C 61 -20.25 15.67 28.50
C ARG C 61 -19.93 16.62 29.65
N PHE C 62 -19.07 16.21 30.58
CA PHE C 62 -18.64 17.08 31.67
C PHE C 62 -17.40 17.87 31.26
N SER C 63 -17.39 19.16 31.56
CA SER C 63 -16.25 20.00 31.27
C SER C 63 -16.22 21.15 32.28
N GLY C 64 -15.02 21.69 32.48
CA GLY C 64 -14.84 22.79 33.40
C GLY C 64 -13.78 23.74 32.90
N SER C 65 -13.86 24.98 33.37
CA SER C 65 -12.91 26.02 32.98
C SER C 65 -12.84 27.07 34.07
N GLY C 66 -11.92 28.01 33.89
CA GLY C 66 -11.75 29.10 34.84
C GLY C 66 -10.37 29.14 35.46
N SER C 67 -9.94 30.34 35.86
CA SER C 67 -8.65 30.52 36.51
C SER C 67 -8.66 31.85 37.24
N GLY C 68 -8.21 31.85 38.50
CA GLY C 68 -8.22 33.05 39.30
C GLY C 68 -9.21 32.97 40.46
N THR C 69 -10.40 33.55 40.27
CA THR C 69 -11.42 33.53 41.31
C THR C 69 -12.74 32.95 40.85
N ASP C 70 -13.10 33.08 39.57
CA ASP C 70 -14.37 32.60 39.04
C ASP C 70 -14.16 31.36 38.19
N PHE C 71 -14.99 30.35 38.38
CA PHE C 71 -14.85 29.07 37.72
C PHE C 71 -16.20 28.59 37.22
N THR C 72 -16.18 27.76 36.18
CA THR C 72 -17.38 27.32 35.50
C THR C 72 -17.35 25.80 35.29
N PHE C 73 -18.47 25.14 35.58
CA PHE C 73 -18.64 23.71 35.37
C PHE C 73 -19.85 23.51 34.47
N THR C 74 -19.68 22.79 33.36
CA THR C 74 -20.71 22.66 32.34
C THR C 74 -20.95 21.19 32.01
N VAL C 75 -22.23 20.82 31.98
CA VAL C 75 -22.66 19.52 31.47
C VAL C 75 -23.32 19.79 30.12
N SER C 76 -22.67 19.33 29.05
CA SER C 76 -23.10 19.71 27.70
C SER C 76 -24.46 19.10 27.36
N SER C 77 -24.69 17.85 27.73
CA SER C 77 -25.96 17.15 27.44
C SER C 77 -26.36 16.41 28.72
N LEU C 78 -27.20 17.06 29.54
CA LEU C 78 -27.55 16.52 30.85
C LEU C 78 -28.25 15.18 30.70
N GLN C 79 -27.84 14.22 31.52
CA GLN C 79 -28.41 12.88 31.53
C GLN C 79 -29.18 12.64 32.82
N ALA C 80 -30.11 11.69 32.77
CA ALA C 80 -30.97 11.42 33.91
C ALA C 80 -30.17 10.90 35.11
N GLU C 81 -29.08 10.17 34.85
CA GLU C 81 -28.26 9.65 35.95
C GLU C 81 -27.42 10.73 36.62
N ASP C 82 -27.36 11.93 36.06
CA ASP C 82 -26.52 13.00 36.60
C ASP C 82 -27.14 13.72 37.78
N ILE C 83 -28.30 13.27 38.27
CA ILE C 83 -28.91 13.88 39.45
C ILE C 83 -27.96 13.70 40.63
N ALA C 84 -27.46 14.81 41.17
CA ALA C 84 -26.49 14.81 42.25
C ALA C 84 -26.32 16.24 42.74
N THR C 85 -25.47 16.40 43.76
CA THR C 85 -25.02 17.70 44.23
C THR C 85 -23.56 17.88 43.85
N TYR C 86 -23.26 18.98 43.16
CA TYR C 86 -21.93 19.23 42.62
C TYR C 86 -21.21 20.26 43.47
N TYR C 87 -20.04 19.89 43.97
CA TYR C 87 -19.22 20.75 44.82
C TYR C 87 -17.95 21.17 44.10
N CYS C 88 -17.50 22.39 44.39
CA CYS C 88 -16.16 22.82 44.02
C CYS C 88 -15.33 22.98 45.29
N GLN C 89 -14.02 22.75 45.16
CA GLN C 89 -13.13 22.77 46.31
C GLN C 89 -11.78 23.30 45.88
N GLN C 90 -11.21 24.17 46.71
CA GLN C 90 -9.90 24.75 46.44
C GLN C 90 -8.84 24.06 47.29
N TYR C 91 -7.64 23.97 46.72
CA TYR C 91 -6.47 23.45 47.41
C TYR C 91 -5.29 24.40 47.24
N TYR C 92 -5.58 25.69 47.08
CA TYR C 92 -4.52 26.68 46.95
C TYR C 92 -3.89 27.02 48.29
N ASN C 93 -4.70 27.06 49.35
CA ASN C 93 -4.22 27.29 50.70
C ASN C 93 -4.83 26.27 51.64
N LEU C 94 -4.12 25.98 52.72
CA LEU C 94 -4.74 25.18 53.76
C LEU C 94 -5.50 26.08 54.72
N PRO C 95 -6.66 25.63 55.23
CA PRO C 95 -7.30 24.32 55.03
C PRO C 95 -8.01 24.21 53.68
N PHE C 96 -8.13 23.00 53.15
CA PHE C 96 -8.96 22.80 51.97
C PHE C 96 -10.41 23.15 52.31
N THR C 97 -11.06 23.89 51.43
CA THR C 97 -12.43 24.34 51.66
C THR C 97 -13.30 24.01 50.46
N PHE C 98 -14.52 23.57 50.74
CA PHE C 98 -15.51 23.24 49.72
C PHE C 98 -16.50 24.39 49.54
N GLY C 99 -17.24 24.34 48.44
CA GLY C 99 -18.33 25.24 48.21
C GLY C 99 -19.62 24.72 48.80
N PRO C 100 -20.65 25.57 48.84
CA PRO C 100 -21.93 25.13 49.40
C PRO C 100 -22.60 24.04 48.59
N GLY C 101 -22.27 23.89 47.32
CA GLY C 101 -22.83 22.85 46.49
C GLY C 101 -23.99 23.34 45.65
N THR C 102 -24.19 22.70 44.51
CA THR C 102 -25.31 22.98 43.62
C THR C 102 -26.07 21.68 43.35
N LYS C 103 -27.37 21.71 43.59
CA LYS C 103 -28.23 20.54 43.38
C LYS C 103 -28.77 20.58 41.96
N VAL C 104 -28.49 19.53 41.19
CA VAL C 104 -28.92 19.43 39.80
C VAL C 104 -30.05 18.41 39.75
N ASP C 105 -31.25 18.88 39.44
CA ASP C 105 -32.44 18.04 39.33
C ASP C 105 -32.85 17.88 37.88
N ILE C 106 -33.49 16.75 37.59
CA ILE C 106 -33.93 16.42 36.23
C ILE C 106 -35.39 16.83 36.08
N LYS C 107 -35.70 17.52 34.99
CA LYS C 107 -37.07 17.85 34.62
C LYS C 107 -37.58 16.81 33.62
N ARG C 108 -38.75 16.25 33.89
CA ARG C 108 -39.33 15.23 33.02
C ARG C 108 -40.82 15.49 32.89
N THR C 109 -41.52 14.57 32.21
CA THR C 109 -42.96 14.69 32.03
C THR C 109 -43.68 14.36 33.33
N VAL C 110 -44.92 14.84 33.42
CA VAL C 110 -45.72 14.66 34.63
C VAL C 110 -46.17 13.21 34.75
N ALA C 111 -46.03 12.65 35.96
CA ALA C 111 -46.49 11.32 36.28
C ALA C 111 -47.22 11.38 37.61
N ALA C 112 -48.50 11.00 37.59
CA ALA C 112 -49.29 11.02 38.81
C ALA C 112 -48.83 9.93 39.77
N PRO C 113 -48.94 10.16 41.08
CA PRO C 113 -48.53 9.14 42.04
C PRO C 113 -49.54 8.02 42.16
N SER C 114 -49.02 6.82 42.41
CA SER C 114 -49.84 5.67 42.76
C SER C 114 -49.97 5.62 44.28
N VAL C 115 -51.20 5.71 44.78
CA VAL C 115 -51.46 5.86 46.20
C VAL C 115 -51.78 4.50 46.81
N PHE C 116 -51.14 4.19 47.93
CA PHE C 116 -51.40 2.97 48.69
C PHE C 116 -51.50 3.32 50.16
N ILE C 117 -52.33 2.57 50.88
CA ILE C 117 -52.47 2.72 52.32
C ILE C 117 -52.25 1.37 52.99
N PHE C 118 -51.66 1.40 54.18
CA PHE C 118 -51.31 0.18 54.92
C PHE C 118 -51.82 0.31 56.34
N PRO C 119 -52.71 -0.57 56.79
CA PRO C 119 -53.15 -0.55 58.18
C PRO C 119 -52.05 -1.03 59.11
N PRO C 120 -52.16 -0.77 60.41
CA PRO C 120 -51.14 -1.24 61.35
C PRO C 120 -51.09 -2.76 61.40
N SER C 121 -49.87 -3.30 61.46
CA SER C 121 -49.71 -4.73 61.58
C SER C 121 -50.10 -5.20 62.98
N ASP C 122 -50.73 -6.37 63.04
CA ASP C 122 -51.26 -6.89 64.31
C ASP C 122 -50.20 -6.94 65.40
N GLU C 123 -48.93 -7.16 65.02
CA GLU C 123 -47.86 -7.22 66.01
C GLU C 123 -47.66 -5.88 66.71
N GLN C 124 -47.84 -4.77 66.02
CA GLN C 124 -47.55 -3.47 66.60
C GLN C 124 -48.61 -3.05 67.62
N LEU C 125 -49.88 -3.44 67.41
CA LEU C 125 -50.93 -3.07 68.34
C LEU C 125 -50.65 -3.54 69.76
N LYS C 126 -49.89 -4.63 69.89
CA LYS C 126 -49.52 -5.15 71.20
C LYS C 126 -48.56 -4.24 71.95
N SER C 127 -48.04 -3.20 71.29
CA SER C 127 -47.18 -2.22 71.92
C SER C 127 -47.91 -0.96 72.37
N GLY C 128 -49.19 -0.83 72.06
CA GLY C 128 -49.94 0.35 72.42
C GLY C 128 -49.89 1.48 71.41
N THR C 129 -49.31 1.26 70.24
CA THR C 129 -49.20 2.30 69.22
C THR C 129 -49.66 1.73 67.88
N ALA C 130 -50.23 2.60 67.05
CA ALA C 130 -50.71 2.23 65.72
C ALA C 130 -50.11 3.19 64.69
N SER C 131 -49.50 2.63 63.65
CA SER C 131 -48.89 3.41 62.58
C SER C 131 -49.60 3.10 61.27
N VAL C 132 -50.23 4.11 60.69
CA VAL C 132 -50.89 4.00 59.40
C VAL C 132 -50.00 4.67 58.36
N VAL C 133 -49.58 3.90 57.35
CA VAL C 133 -48.62 4.36 56.36
C VAL C 133 -49.35 4.55 55.03
N CYS C 134 -49.17 5.72 54.43
CA CYS C 134 -49.68 6.00 53.09
C CYS C 134 -48.50 6.20 52.15
N LEU C 135 -48.58 5.60 50.96
CA LEU C 135 -47.48 5.60 50.01
C LEU C 135 -47.87 6.32 48.73
N LEU C 136 -47.00 7.24 48.29
CA LEU C 136 -47.11 7.90 46.99
C LEU C 136 -45.91 7.45 46.16
N ASN C 137 -46.16 6.68 45.11
CA ASN C 137 -45.11 5.95 44.41
C ASN C 137 -44.87 6.55 43.03
N ASN C 138 -43.60 6.87 42.76
CA ASN C 138 -43.12 7.28 41.43
C ASN C 138 -43.95 8.38 40.80
N PHE C 139 -43.72 9.63 41.20
CA PHE C 139 -44.46 10.75 40.65
C PHE C 139 -43.52 11.91 40.36
N TYR C 140 -43.98 12.82 39.50
CA TYR C 140 -43.28 14.04 39.16
C TYR C 140 -44.32 15.05 38.69
N PRO C 141 -44.22 16.32 39.08
CA PRO C 141 -43.18 16.96 39.92
C PRO C 141 -43.21 16.55 41.39
N ARG C 142 -42.32 17.14 42.19
CA ARG C 142 -42.15 16.75 43.58
C ARG C 142 -43.31 17.21 44.45
N GLU C 143 -43.99 18.29 44.06
CA GLU C 143 -45.02 18.86 44.92
C GLU C 143 -46.23 17.94 44.99
N ALA C 144 -46.69 17.68 46.20
CA ALA C 144 -47.87 16.86 46.43
C ALA C 144 -48.42 17.17 47.81
N LYS C 145 -49.70 16.90 48.01
CA LYS C 145 -50.36 17.17 49.27
C LYS C 145 -51.01 15.90 49.79
N VAL C 146 -50.84 15.63 51.09
CA VAL C 146 -51.39 14.45 51.73
C VAL C 146 -52.20 14.89 52.94
N GLN C 147 -53.45 14.43 53.02
CA GLN C 147 -54.35 14.75 54.11
C GLN C 147 -54.89 13.46 54.71
N TRP C 148 -54.88 13.36 56.04
CA TRP C 148 -55.43 12.21 56.73
C TRP C 148 -56.83 12.53 57.25
N LYS C 149 -57.76 11.60 57.04
CA LYS C 149 -59.12 11.75 57.55
C LYS C 149 -59.54 10.43 58.18
N VAL C 150 -59.81 10.45 59.48
CA VAL C 150 -60.31 9.30 60.21
C VAL C 150 -61.75 9.60 60.61
N ASP C 151 -62.67 8.73 60.17
CA ASP C 151 -64.10 8.99 60.28
C ASP C 151 -64.46 10.34 59.69
N ASN C 152 -63.83 10.66 58.56
CA ASN C 152 -64.03 11.92 57.84
C ASN C 152 -63.70 13.12 58.73
N ALA C 153 -62.64 13.00 59.52
CA ALA C 153 -62.14 14.10 60.34
C ALA C 153 -60.69 14.38 59.96
N LEU C 154 -60.44 15.58 59.47
CA LEU C 154 -59.11 15.95 59.00
C LEU C 154 -58.13 15.99 60.17
N GLN C 155 -56.97 15.35 59.99
CA GLN C 155 -55.95 15.26 61.02
C GLN C 155 -54.91 16.36 60.85
N SER C 156 -54.23 16.67 61.95
CA SER C 156 -53.20 17.70 61.94
C SER C 156 -52.21 17.43 63.08
N GLY C 157 -50.92 17.58 62.78
CA GLY C 157 -49.89 17.48 63.78
C GLY C 157 -49.63 16.10 64.34
N ASN C 158 -50.15 15.04 63.71
CA ASN C 158 -49.93 13.68 64.18
C ASN C 158 -49.42 12.77 63.06
N SER C 159 -48.77 13.36 62.06
CA SER C 159 -48.22 12.58 60.96
C SER C 159 -46.88 13.16 60.55
N GLN C 160 -46.02 12.31 59.99
CA GLN C 160 -44.71 12.70 59.50
C GLN C 160 -44.52 12.19 58.08
N GLU C 161 -43.82 12.97 57.26
CA GLU C 161 -43.60 12.64 55.87
C GLU C 161 -42.12 12.41 55.60
N SER C 162 -41.85 11.68 54.52
CA SER C 162 -40.49 11.38 54.09
C SER C 162 -40.51 11.22 52.58
N VAL C 163 -39.57 11.88 51.90
CA VAL C 163 -39.48 11.85 50.45
C VAL C 163 -38.12 11.28 50.07
N THR C 164 -38.12 10.40 49.06
CA THR C 164 -36.87 9.85 48.58
C THR C 164 -36.17 10.85 47.66
N GLU C 165 -34.89 10.60 47.40
CA GLU C 165 -34.19 11.37 46.39
C GLU C 165 -34.73 11.02 45.00
N GLN C 166 -34.46 11.91 44.04
CA GLN C 166 -34.91 11.67 42.68
C GLN C 166 -34.24 10.43 42.11
N ASP C 167 -35.02 9.63 41.40
CA ASP C 167 -34.52 8.38 40.85
C ASP C 167 -33.60 8.66 39.66
N SER C 168 -32.51 7.89 39.57
CA SER C 168 -31.53 8.09 38.51
C SER C 168 -31.95 7.48 37.18
N LYS C 169 -33.09 6.81 37.12
CA LYS C 169 -33.55 6.17 35.89
C LYS C 169 -34.80 6.84 35.32
N ASP C 170 -35.91 6.84 36.06
CA ASP C 170 -37.14 7.46 35.59
C ASP C 170 -37.36 8.86 36.14
N SER C 171 -36.44 9.36 36.98
CA SER C 171 -36.45 10.74 37.46
C SER C 171 -37.71 11.07 38.26
N THR C 172 -38.23 10.11 39.02
CA THR C 172 -39.45 10.32 39.80
C THR C 172 -39.13 10.44 41.27
N TYR C 173 -40.16 10.78 42.05
CA TYR C 173 -40.07 10.88 43.50
C TYR C 173 -41.06 9.92 44.14
N SER C 174 -40.82 9.62 45.41
CA SER C 174 -41.73 8.81 46.20
C SER C 174 -41.86 9.41 47.59
N LEU C 175 -43.10 9.47 48.08
CA LEU C 175 -43.41 10.09 49.36
C LEU C 175 -44.17 9.12 50.23
N SER C 176 -43.89 9.14 51.53
CA SER C 176 -44.61 8.35 52.51
C SER C 176 -45.12 9.27 53.61
N SER C 177 -46.29 8.94 54.16
CA SER C 177 -46.89 9.70 55.24
C SER C 177 -47.33 8.72 56.31
N THR C 178 -46.77 8.84 57.51
CA THR C 178 -47.02 7.92 58.61
C THR C 178 -47.87 8.61 59.66
N LEU C 179 -49.11 8.14 59.82
CA LEU C 179 -50.01 8.62 60.86
C LEU C 179 -49.82 7.73 62.09
N THR C 180 -49.28 8.30 63.16
CA THR C 180 -48.99 7.57 64.39
C THR C 180 -50.11 7.83 65.39
N LEU C 181 -50.72 6.75 65.88
CA LEU C 181 -51.85 6.84 66.79
C LEU C 181 -51.65 5.88 67.95
N SER C 182 -52.22 6.24 69.10
CA SER C 182 -52.26 5.31 70.21
C SER C 182 -53.30 4.23 69.94
N LYS C 183 -53.13 3.07 70.56
CA LYS C 183 -54.10 2.01 70.38
C LYS C 183 -55.47 2.42 70.88
N ALA C 184 -55.52 3.18 71.97
CA ALA C 184 -56.78 3.69 72.49
C ALA C 184 -57.53 4.50 71.44
N ASP C 185 -56.87 5.53 70.89
CA ASP C 185 -57.52 6.37 69.89
C ASP C 185 -57.74 5.63 68.58
N TYR C 186 -56.94 4.60 68.31
CA TYR C 186 -57.08 3.88 67.04
C TYR C 186 -58.36 3.05 67.03
N GLU C 187 -58.73 2.46 68.17
CA GLU C 187 -59.90 1.59 68.22
C GLU C 187 -61.21 2.36 68.25
N LYS C 188 -61.17 3.66 68.58
CA LYS C 188 -62.41 4.45 68.65
C LYS C 188 -62.98 4.77 67.29
N HIS C 189 -62.27 4.49 66.20
CA HIS C 189 -62.69 4.88 64.87
C HIS C 189 -62.65 3.69 63.93
N LYS C 190 -63.34 3.83 62.79
CA LYS C 190 -63.53 2.74 61.85
C LYS C 190 -62.79 2.95 60.53
N VAL C 191 -63.09 4.04 59.82
CA VAL C 191 -62.55 4.28 58.48
C VAL C 191 -61.33 5.19 58.59
N TYR C 192 -60.23 4.78 57.96
CA TYR C 192 -58.97 5.52 57.94
C TYR C 192 -58.60 5.80 56.50
N ALA C 193 -58.62 7.07 56.11
CA ALA C 193 -58.46 7.46 54.72
C ALA C 193 -57.23 8.33 54.52
N CYS C 194 -56.65 8.23 53.32
CA CYS C 194 -55.50 9.03 52.91
C CYS C 194 -55.86 9.71 51.59
N GLU C 195 -56.01 11.03 51.63
CA GLU C 195 -56.38 11.80 50.44
C GLU C 195 -55.14 12.47 49.88
N VAL C 196 -54.93 12.32 48.57
CA VAL C 196 -53.72 12.77 47.89
C VAL C 196 -54.11 13.67 46.73
N THR C 197 -53.47 14.84 46.64
CA THR C 197 -53.61 15.72 45.49
C THR C 197 -52.26 15.93 44.83
N HIS C 198 -52.28 16.09 43.51
CA HIS C 198 -51.07 16.27 42.71
C HIS C 198 -51.48 16.94 41.41
N GLN C 199 -50.56 17.72 40.84
CA GLN C 199 -50.90 18.45 39.62
C GLN C 199 -51.24 17.54 38.45
N GLY C 200 -50.78 16.29 38.49
CA GLY C 200 -51.19 15.33 37.48
C GLY C 200 -52.50 14.64 37.75
N LEU C 201 -53.17 14.98 38.85
CA LEU C 201 -54.45 14.40 39.23
C LEU C 201 -55.53 15.45 39.08
N SER C 202 -56.56 15.15 38.29
CA SER C 202 -57.66 16.09 38.11
C SER C 202 -58.49 16.24 39.39
N SER C 203 -58.73 15.14 40.09
CA SER C 203 -59.47 15.13 41.34
C SER C 203 -58.67 14.40 42.40
N PRO C 204 -58.84 14.78 43.67
CA PRO C 204 -58.08 14.11 44.74
C PRO C 204 -58.34 12.61 44.78
N VAL C 205 -57.26 11.84 44.94
CA VAL C 205 -57.32 10.39 45.01
C VAL C 205 -57.36 9.98 46.48
N THR C 206 -58.30 9.11 46.83
CA THR C 206 -58.49 8.67 48.21
C THR C 206 -58.32 7.15 48.31
N LYS C 207 -57.51 6.73 49.28
CA LYS C 207 -57.34 5.34 49.64
C LYS C 207 -57.64 5.17 51.12
N SER C 208 -58.55 4.25 51.44
CA SER C 208 -59.02 4.08 52.80
C SER C 208 -59.21 2.60 53.10
N PHE C 209 -59.39 2.30 54.38
CA PHE C 209 -59.70 0.96 54.83
C PHE C 209 -60.61 1.06 56.05
N ASN C 210 -61.15 -0.07 56.47
CA ASN C 210 -61.96 -0.16 57.68
C ASN C 210 -61.22 -1.04 58.69
N ARG C 211 -61.14 -0.55 59.92
CA ARG C 211 -60.41 -1.28 60.96
C ARG C 211 -61.06 -2.63 61.24
N GLY C 212 -60.37 -3.72 60.88
CA GLY C 212 -60.89 -5.03 61.15
C GLY C 212 -61.50 -5.67 59.92
N GLU C 213 -62.19 -4.86 59.14
CA GLU C 213 -62.95 -5.33 57.99
C GLU C 213 -62.05 -5.50 56.76
N VAL D 4 -65.19 33.73 40.37
CA VAL D 4 -64.16 33.50 39.38
C VAL D 4 -64.64 32.48 38.35
N GLN D 5 -64.46 32.79 37.07
CA GLN D 5 -64.96 31.96 35.99
C GLN D 5 -63.87 31.77 34.95
N LEU D 6 -63.86 30.58 34.34
CA LEU D 6 -62.91 30.22 33.28
C LEU D 6 -63.69 29.90 32.01
N GLN D 7 -63.57 30.77 31.02
CA GLN D 7 -64.23 30.57 29.73
C GLN D 7 -63.21 30.10 28.70
N GLU D 8 -63.51 28.99 28.03
CA GLU D 8 -62.60 28.40 27.05
C GLU D 8 -63.20 28.49 25.65
N SER D 9 -62.33 28.36 24.65
CA SER D 9 -62.73 28.42 23.25
C SER D 9 -61.58 27.92 22.40
N GLY D 10 -61.88 27.64 21.13
CA GLY D 10 -60.87 27.25 20.16
C GLY D 10 -61.01 25.82 19.64
N GLY D 11 -61.90 25.02 20.21
CA GLY D 11 -62.07 23.66 19.75
C GLY D 11 -62.72 23.59 18.38
N GLY D 12 -62.79 22.37 17.86
CA GLY D 12 -63.42 22.14 16.58
C GLY D 12 -63.01 20.80 15.99
N LEU D 13 -63.36 20.63 14.71
CA LEU D 13 -63.08 19.43 13.94
C LEU D 13 -61.84 19.66 13.08
N VAL D 14 -60.93 18.69 13.07
CA VAL D 14 -59.67 18.81 12.34
C VAL D 14 -59.33 17.49 11.67
N GLN D 15 -58.69 17.59 10.52
CA GLN D 15 -58.17 16.40 9.86
C GLN D 15 -57.01 15.85 10.68
N PRO D 16 -56.77 14.54 10.61
CA PRO D 16 -55.61 13.97 11.31
C PRO D 16 -54.32 14.60 10.82
N GLY D 17 -53.55 15.13 11.78
CA GLY D 17 -52.33 15.85 11.48
C GLY D 17 -52.45 17.37 11.52
N GLY D 18 -53.66 17.89 11.72
CA GLY D 18 -53.87 19.33 11.77
C GLY D 18 -53.38 19.94 13.08
N SER D 19 -53.75 21.21 13.27
CA SER D 19 -53.32 21.96 14.44
C SER D 19 -54.47 22.80 14.97
N LEU D 20 -54.45 23.04 16.28
CA LEU D 20 -55.44 23.87 16.96
C LEU D 20 -54.79 24.66 18.08
N ARG D 21 -55.41 25.79 18.41
CA ARG D 21 -54.98 26.65 19.51
C ARG D 21 -56.16 26.91 20.43
N LEU D 22 -56.10 26.37 21.64
CA LEU D 22 -57.12 26.58 22.64
C LEU D 22 -56.78 27.80 23.49
N SER D 23 -57.82 28.44 24.02
CA SER D 23 -57.66 29.62 24.87
C SER D 23 -58.55 29.47 26.10
N CYS D 24 -58.14 30.12 27.19
CA CYS D 24 -58.95 30.12 28.41
C CYS D 24 -58.73 31.44 29.12
N ALA D 25 -59.76 32.29 29.10
CA ALA D 25 -59.72 33.57 29.81
C ALA D 25 -60.33 33.41 31.20
N ALA D 26 -59.80 34.19 32.15
CA ALA D 26 -60.24 34.13 33.53
C ALA D 26 -60.82 35.47 33.96
N SER D 27 -61.83 35.41 34.81
CA SER D 27 -62.51 36.59 35.32
C SER D 27 -62.55 36.55 36.84
N GLY D 28 -62.54 37.73 37.45
CA GLY D 28 -62.65 37.86 38.89
C GLY D 28 -61.37 37.59 39.66
N ARG D 29 -60.40 36.90 39.08
CA ARG D 29 -59.15 36.57 39.75
C ARG D 29 -58.00 36.70 38.77
N THR D 30 -56.83 37.06 39.29
CA THR D 30 -55.63 37.20 38.48
C THR D 30 -54.89 35.88 38.45
N ILE D 31 -54.64 35.35 37.24
CA ILE D 31 -53.98 34.06 37.11
C ILE D 31 -52.47 34.12 37.28
N SER D 32 -51.89 35.33 37.38
CA SER D 32 -50.44 35.46 37.39
C SER D 32 -49.81 34.73 38.57
N ARG D 33 -50.53 34.60 39.68
CA ARG D 33 -49.94 33.99 40.87
C ARG D 33 -50.20 32.50 40.96
N TYR D 34 -51.16 31.96 40.19
CA TYR D 34 -51.51 30.55 40.23
C TYR D 34 -51.07 29.84 38.96
N ALA D 35 -50.86 28.53 39.09
CA ALA D 35 -50.56 27.69 37.94
C ALA D 35 -51.85 27.30 37.22
N MET D 36 -51.73 27.06 35.92
CA MET D 36 -52.85 26.70 35.07
C MET D 36 -52.59 25.36 34.41
N SER D 37 -53.55 24.45 34.52
CA SER D 37 -53.41 23.10 33.98
C SER D 37 -54.47 22.86 32.90
N TRP D 38 -54.13 21.99 31.95
CA TRP D 38 -55.05 21.57 30.91
C TRP D 38 -55.33 20.08 31.07
N PHE D 39 -56.61 19.72 31.06
CA PHE D 39 -57.05 18.33 31.11
C PHE D 39 -57.96 18.05 29.92
N ARG D 40 -58.11 16.76 29.60
CA ARG D 40 -59.01 16.34 28.54
C ARG D 40 -59.72 15.06 28.96
N GLN D 41 -60.94 14.89 28.46
CA GLN D 41 -61.74 13.71 28.76
C GLN D 41 -62.37 13.17 27.49
N ALA D 42 -61.91 12.02 27.03
CA ALA D 42 -62.53 11.29 25.94
C ALA D 42 -63.80 10.60 26.45
N PRO D 43 -64.74 10.28 25.55
CA PRO D 43 -65.98 9.63 26.00
C PRO D 43 -65.70 8.27 26.63
N GLY D 44 -66.25 8.07 27.82
CA GLY D 44 -66.11 6.83 28.56
C GLY D 44 -64.79 6.65 29.27
N LYS D 45 -63.99 7.70 29.42
CA LYS D 45 -62.70 7.65 30.10
C LYS D 45 -62.63 8.70 31.18
N GLU D 46 -61.60 8.59 32.02
CA GLU D 46 -61.35 9.58 33.05
C GLU D 46 -60.66 10.81 32.48
N ARG D 47 -60.73 11.90 33.24
CA ARG D 47 -60.11 13.16 32.83
C ARG D 47 -58.62 13.05 33.08
N GLU D 48 -57.84 13.04 31.99
CA GLU D 48 -56.40 12.85 32.07
C GLU D 48 -55.67 14.17 31.95
N PHE D 49 -54.45 14.20 32.49
CA PHE D 49 -53.64 15.42 32.48
C PHE D 49 -52.96 15.61 31.14
N VAL D 50 -52.84 16.87 30.71
CA VAL D 50 -52.21 17.20 29.45
C VAL D 50 -50.98 18.07 29.69
N ALA D 51 -51.18 19.25 30.27
CA ALA D 51 -50.09 20.19 30.46
C ALA D 51 -50.42 21.14 31.59
N VAL D 52 -49.38 21.64 32.25
CA VAL D 52 -49.50 22.63 33.31
C VAL D 52 -48.56 23.78 33.01
N ALA D 53 -49.01 25.00 33.26
CA ALA D 53 -48.20 26.21 33.09
C ALA D 53 -48.10 26.90 34.45
N ARG D 54 -46.97 26.72 35.12
CA ARG D 54 -46.75 27.36 36.41
C ARG D 54 -46.46 28.84 36.21
N ARG D 55 -46.16 29.53 37.31
CA ARG D 55 -45.87 30.96 37.22
C ARG D 55 -44.68 31.20 36.30
N SER D 56 -44.61 32.41 35.74
CA SER D 56 -43.55 32.76 34.81
C SER D 56 -42.19 32.52 35.45
N GLY D 57 -41.40 31.65 34.85
CA GLY D 57 -40.12 31.26 35.38
C GLY D 57 -40.10 29.89 36.06
N ASP D 58 -41.26 29.36 36.43
CA ASP D 58 -41.34 28.07 37.08
C ASP D 58 -41.54 26.92 36.11
N GLY D 59 -41.61 27.20 34.81
CA GLY D 59 -41.58 26.17 33.80
C GLY D 59 -42.94 25.58 33.48
N ALA D 60 -43.01 24.92 32.33
CA ALA D 60 -44.20 24.21 31.88
C ALA D 60 -43.91 22.72 31.78
N PHE D 61 -44.88 21.91 32.19
CA PHE D 61 -44.72 20.46 32.22
C PHE D 61 -45.83 19.82 31.40
N TYR D 62 -45.52 18.66 30.82
CA TYR D 62 -46.42 17.99 29.89
C TYR D 62 -46.54 16.52 30.25
N ALA D 63 -47.48 15.85 29.60
CA ALA D 63 -47.66 14.42 29.74
C ALA D 63 -46.92 13.69 28.63
N ASP D 64 -46.74 12.38 28.80
CA ASP D 64 -46.03 11.60 27.78
C ASP D 64 -46.76 11.62 26.46
N SER D 65 -48.09 11.48 26.49
CA SER D 65 -48.88 11.38 25.26
C SER D 65 -48.86 12.67 24.43
N VAL D 66 -48.55 13.81 25.04
CA VAL D 66 -48.61 15.09 24.34
C VAL D 66 -47.26 15.79 24.27
N GLN D 67 -46.21 15.22 24.86
CA GLN D 67 -44.91 15.86 24.86
C GLN D 67 -44.37 16.02 23.44
N GLY D 68 -43.90 17.23 23.11
CA GLY D 68 -43.37 17.53 21.81
C GLY D 68 -44.39 17.97 20.79
N ARG D 69 -45.67 17.68 21.00
CA ARG D 69 -46.72 18.11 20.11
C ARG D 69 -47.50 19.30 20.62
N PHE D 70 -47.76 19.36 21.93
CA PHE D 70 -48.49 20.46 22.53
C PHE D 70 -47.54 21.40 23.26
N THR D 71 -47.87 22.69 23.23
CA THR D 71 -47.15 23.72 23.98
C THR D 71 -48.15 24.58 24.73
N VAL D 72 -47.95 24.73 26.03
CA VAL D 72 -48.81 25.55 26.88
C VAL D 72 -48.09 26.86 27.20
N SER D 73 -48.82 27.97 27.10
CA SER D 73 -48.27 29.28 27.37
C SER D 73 -49.31 30.11 28.11
N ARG D 74 -48.89 31.29 28.57
CA ARG D 74 -49.79 32.15 29.33
C ARG D 74 -49.51 33.61 29.02
N ASP D 75 -50.54 34.43 29.20
CA ASP D 75 -50.49 35.89 29.03
C ASP D 75 -51.06 36.49 30.31
N ASP D 76 -50.18 36.72 31.29
CA ASP D 76 -50.64 37.22 32.59
C ASP D 76 -51.32 38.57 32.47
N ALA D 77 -50.90 39.40 31.51
CA ALA D 77 -51.53 40.70 31.34
C ALA D 77 -52.99 40.57 30.93
N LYS D 78 -53.29 39.60 30.07
CA LYS D 78 -54.65 39.38 29.59
C LYS D 78 -55.37 38.27 30.34
N ASN D 79 -54.75 37.70 31.38
CA ASN D 79 -55.37 36.66 32.21
C ASN D 79 -55.87 35.48 31.38
N THR D 80 -55.04 35.03 30.45
CA THR D 80 -55.44 33.98 29.52
C THR D 80 -54.28 33.01 29.33
N VAL D 81 -54.60 31.72 29.32
CA VAL D 81 -53.62 30.67 29.02
C VAL D 81 -54.04 29.97 27.74
N TYR D 82 -53.05 29.41 27.05
CA TYR D 82 -53.25 28.82 25.74
C TYR D 82 -52.69 27.41 25.71
N LEU D 83 -53.10 26.66 24.69
CA LEU D 83 -52.60 25.30 24.48
C LEU D 83 -52.51 25.08 22.97
N GLN D 84 -51.32 25.29 22.41
CA GLN D 84 -51.10 25.01 21.00
C GLN D 84 -51.00 23.49 20.79
N MET D 85 -51.82 22.97 19.87
CA MET D 85 -51.92 21.54 19.63
C MET D 85 -51.54 21.27 18.18
N ASN D 86 -50.38 20.65 17.97
CA ASN D 86 -49.91 20.30 16.64
C ASN D 86 -49.83 18.79 16.49
N SER D 87 -49.73 18.35 15.23
CA SER D 87 -49.64 16.93 14.90
C SER D 87 -50.78 16.15 15.54
N LEU D 88 -51.99 16.65 15.35
CA LEU D 88 -53.15 16.05 16.00
C LEU D 88 -53.46 14.67 15.42
N LYS D 89 -53.88 13.78 16.29
CA LYS D 89 -54.21 12.41 15.96
C LYS D 89 -55.58 12.08 16.55
N PRO D 90 -56.27 11.08 16.00
CA PRO D 90 -57.61 10.75 16.52
C PRO D 90 -57.65 10.43 18.01
N GLU D 91 -56.52 10.02 18.59
CA GLU D 91 -56.48 9.74 20.02
C GLU D 91 -56.61 11.02 20.85
N ASP D 92 -56.42 12.18 20.24
CA ASP D 92 -56.54 13.45 20.94
C ASP D 92 -57.98 13.95 21.03
N THR D 93 -58.94 13.23 20.43
CA THR D 93 -60.33 13.64 20.49
C THR D 93 -60.86 13.54 21.91
N ALA D 94 -61.22 14.67 22.50
CA ALA D 94 -61.70 14.72 23.87
C ALA D 94 -62.28 16.11 24.13
N VAL D 95 -62.81 16.30 25.33
CA VAL D 95 -63.24 17.61 25.81
C VAL D 95 -62.14 18.17 26.70
N TYR D 96 -61.52 19.27 26.27
CA TYR D 96 -60.37 19.83 26.96
C TYR D 96 -60.83 20.87 27.97
N TYR D 97 -60.46 20.68 29.23
CA TYR D 97 -60.76 21.63 30.29
C TYR D 97 -59.49 22.35 30.72
N CYS D 98 -59.69 23.48 31.41
CA CYS D 98 -58.61 24.25 31.99
C CYS D 98 -58.97 24.55 33.44
N ALA D 99 -58.02 24.35 34.35
CA ALA D 99 -58.26 24.50 35.77
C ALA D 99 -57.17 25.34 36.41
N ILE D 100 -57.54 26.03 37.48
CA ILE D 100 -56.60 26.81 38.29
C ILE D 100 -56.16 25.95 39.46
N ASP D 101 -54.85 25.89 39.69
CA ASP D 101 -54.32 25.28 40.91
C ASP D 101 -54.38 26.34 42.00
N SER D 102 -55.36 26.20 42.90
CA SER D 102 -55.56 27.21 43.94
C SER D 102 -54.37 27.30 44.87
N ASP D 103 -53.56 26.25 44.96
CA ASP D 103 -52.37 26.27 45.79
C ASP D 103 -51.21 26.85 45.01
N THR D 104 -50.61 27.93 45.54
CA THR D 104 -49.42 28.50 44.93
C THR D 104 -48.20 27.61 45.10
N PHE D 105 -48.28 26.60 45.97
CA PHE D 105 -47.17 25.66 46.16
C PHE D 105 -47.25 24.47 45.20
N TYR D 106 -48.16 24.53 44.23
CA TYR D 106 -48.19 23.60 43.09
C TYR D 106 -48.54 22.17 43.52
N SER D 107 -49.42 22.04 44.52
CA SER D 107 -49.84 20.72 44.98
C SER D 107 -51.02 20.16 44.19
N GLY D 108 -51.64 20.95 43.32
CA GLY D 108 -52.72 20.44 42.49
C GLY D 108 -54.09 20.55 43.13
N SER D 109 -54.37 21.67 43.80
CA SER D 109 -55.68 21.94 44.38
C SER D 109 -56.57 22.57 43.31
N TYR D 110 -57.10 21.72 42.44
CA TYR D 110 -57.90 22.15 41.30
C TYR D 110 -59.34 22.40 41.77
N ASP D 111 -59.60 23.65 42.17
CA ASP D 111 -60.92 24.03 42.67
C ASP D 111 -61.82 24.57 41.56
N TYR D 112 -61.34 25.54 40.78
CA TYR D 112 -62.13 26.18 39.74
C TYR D 112 -61.77 25.63 38.37
N TRP D 113 -62.77 25.21 37.62
CA TRP D 113 -62.60 24.60 36.31
C TRP D 113 -63.34 25.42 35.26
N GLY D 114 -63.05 25.12 33.99
CA GLY D 114 -63.75 25.70 32.87
C GLY D 114 -64.87 24.80 32.38
N GLN D 115 -65.68 25.33 31.47
CA GLN D 115 -66.79 24.55 30.93
C GLN D 115 -66.31 23.46 30.00
N GLY D 116 -65.09 23.57 29.47
CA GLY D 116 -64.58 22.59 28.53
C GLY D 116 -65.00 22.88 27.11
N THR D 117 -64.10 22.63 26.16
CA THR D 117 -64.39 22.77 24.75
C THR D 117 -64.08 21.47 24.04
N GLN D 118 -64.85 21.18 22.99
CA GLN D 118 -64.76 19.91 22.29
C GLN D 118 -63.69 19.99 21.21
N VAL D 119 -62.81 18.98 21.18
CA VAL D 119 -61.80 18.82 20.14
C VAL D 119 -62.04 17.47 19.50
N THR D 120 -62.28 17.47 18.19
CA THR D 120 -62.58 16.27 17.44
C THR D 120 -61.59 16.13 16.29
N VAL D 121 -60.92 14.98 16.20
CA VAL D 121 -59.94 14.69 15.17
C VAL D 121 -60.42 13.45 14.43
N SER D 122 -60.90 13.64 13.20
CA SER D 122 -61.35 12.53 12.37
C SER D 122 -61.34 12.97 10.92
N SER D 123 -61.34 11.98 10.02
CA SER D 123 -61.33 12.26 8.59
C SER D 123 -62.75 12.30 8.04
N VAL E 15 -18.11 59.70 23.14
CA VAL E 15 -17.11 59.20 22.22
C VAL E 15 -17.72 58.08 21.36
N GLN E 16 -18.70 57.38 21.92
CA GLN E 16 -19.32 56.26 21.23
C GLN E 16 -20.28 56.75 20.16
N ASP E 17 -20.26 56.06 19.01
CA ASP E 17 -21.12 56.38 17.88
C ASP E 17 -22.45 55.67 18.06
N VAL E 18 -23.49 56.43 18.42
CA VAL E 18 -24.81 55.88 18.70
C VAL E 18 -25.78 56.42 17.66
N ASN E 19 -26.28 55.53 16.79
CA ASN E 19 -27.24 55.88 15.75
C ASN E 19 -28.64 55.76 16.34
N VAL E 20 -29.19 56.88 16.82
CA VAL E 20 -30.53 56.85 17.40
C VAL E 20 -31.60 56.62 16.33
N ALA E 21 -31.30 56.92 15.06
CA ALA E 21 -32.30 56.78 14.01
C ALA E 21 -32.74 55.33 13.85
N SER E 22 -31.78 54.39 13.89
CA SER E 22 -32.12 52.98 13.78
C SER E 22 -32.92 52.50 14.99
N ILE E 23 -32.69 53.11 16.16
CA ILE E 23 -33.48 52.76 17.34
C ILE E 23 -34.93 53.22 17.15
N THR E 24 -35.12 54.42 16.61
CA THR E 24 -36.48 54.90 16.36
C THR E 24 -37.17 54.05 15.30
N ALA E 25 -36.45 53.68 14.23
CA ALA E 25 -37.05 52.82 13.22
C ALA E 25 -37.38 51.45 13.79
N PHE E 26 -36.56 50.95 14.71
CA PHE E 26 -36.84 49.67 15.35
C PHE E 26 -38.10 49.75 16.20
N LYS E 27 -38.23 50.82 16.99
CA LYS E 27 -39.40 50.97 17.86
C LYS E 27 -40.68 51.04 17.04
N SER E 28 -40.66 51.77 15.92
CA SER E 28 -41.84 51.84 15.06
C SER E 28 -42.16 50.49 14.45
N MET E 29 -41.13 49.72 14.07
CA MET E 29 -41.37 48.44 13.44
C MET E 29 -42.00 47.44 14.40
N ILE E 30 -41.62 47.49 15.68
CA ILE E 30 -42.22 46.58 16.66
C ILE E 30 -43.69 46.91 16.87
N ASP E 31 -44.02 48.20 16.98
CA ASP E 31 -45.41 48.59 17.18
C ASP E 31 -46.28 48.17 16.00
N GLU E 32 -45.83 48.46 14.78
CA GLU E 32 -46.62 48.14 13.60
C GLU E 32 -46.77 46.64 13.38
N THR E 33 -45.90 45.83 13.98
CA THR E 33 -45.93 44.38 13.77
C THR E 33 -46.21 43.59 15.04
N TRP E 34 -46.49 44.26 16.16
CA TRP E 34 -46.65 43.55 17.43
C TRP E 34 -47.89 42.66 17.43
N ASP E 35 -48.90 42.99 16.62
CA ASP E 35 -50.14 42.22 16.58
C ASP E 35 -50.33 41.45 15.29
N LYS E 36 -49.36 41.49 14.37
CA LYS E 36 -49.48 40.79 13.09
C LYS E 36 -49.21 39.31 13.31
N LYS E 37 -50.24 38.48 13.12
CA LYS E 37 -50.08 37.04 13.31
C LYS E 37 -49.17 36.46 12.24
N ILE E 38 -48.30 35.54 12.67
CA ILE E 38 -47.38 34.87 11.74
C ILE E 38 -48.14 33.74 11.04
N GLU E 39 -48.38 33.90 9.75
CA GLU E 39 -49.10 32.90 8.97
C GLU E 39 -48.11 31.92 8.35
N ALA E 40 -48.60 31.08 7.43
CA ALA E 40 -47.75 30.03 6.86
C ALA E 40 -46.64 30.62 6.00
N ASN E 41 -46.95 31.65 5.21
CA ASN E 41 -45.98 32.25 4.31
C ASN E 41 -45.48 33.61 4.80
N THR E 42 -45.79 33.99 6.04
CA THR E 42 -45.39 35.30 6.53
C THR E 42 -43.88 35.42 6.55
N CYS E 43 -43.38 36.54 6.02
CA CYS E 43 -41.94 36.81 5.99
C CYS E 43 -41.69 38.26 6.37
N ILE E 44 -40.47 38.51 6.81
CA ILE E 44 -40.07 39.85 7.23
C ILE E 44 -39.78 40.69 5.99
N SER E 45 -40.41 41.86 5.90
CA SER E 45 -40.31 42.70 4.72
C SER E 45 -38.89 43.25 4.55
N ARG E 46 -38.64 43.80 3.36
CA ARG E 46 -37.33 44.37 3.07
C ARG E 46 -37.01 45.54 4.00
N LYS E 47 -37.99 46.41 4.24
CA LYS E 47 -37.79 47.53 5.16
C LYS E 47 -37.45 47.02 6.55
N HIS E 48 -38.18 46.02 7.04
CA HIS E 48 -37.92 45.49 8.36
C HIS E 48 -36.58 44.76 8.42
N ARG E 49 -36.22 44.03 7.36
CA ARG E 49 -34.92 43.38 7.33
C ARG E 49 -33.80 44.39 7.41
N ASN E 50 -33.88 45.47 6.62
CA ASN E 50 -32.85 46.50 6.66
C ASN E 50 -32.76 47.18 8.01
N ILE E 51 -33.89 47.31 8.72
CA ILE E 51 -33.85 47.86 10.07
C ILE E 51 -33.14 46.90 11.02
N ILE E 52 -33.59 45.64 11.06
CA ILE E 52 -32.92 44.62 11.86
C ILE E 52 -31.44 44.56 11.50
N HIS E 53 -31.13 44.60 10.21
CA HIS E 53 -29.75 44.58 9.75
C HIS E 53 -28.96 45.75 10.32
N GLU E 54 -29.58 46.93 10.41
CA GLU E 54 -28.87 48.12 10.88
C GLU E 54 -28.78 48.18 12.40
N VAL E 55 -29.80 47.68 13.12
CA VAL E 55 -29.75 47.69 14.58
C VAL E 55 -28.57 46.87 15.08
N ILE E 56 -28.37 45.68 14.51
CA ILE E 56 -27.27 44.83 14.95
C ILE E 56 -25.93 45.46 14.60
N ARG E 57 -25.82 46.02 13.39
CA ARG E 57 -24.57 46.66 12.98
C ARG E 57 -24.28 47.91 13.80
N ASP E 58 -25.32 48.71 14.11
CA ASP E 58 -25.13 49.87 14.97
C ASP E 58 -24.79 49.47 16.40
N PHE E 59 -25.29 48.31 16.85
CA PHE E 59 -24.94 47.82 18.17
C PHE E 59 -23.44 47.51 18.26
N MET E 60 -22.86 47.02 17.17
CA MET E 60 -21.44 46.65 17.20
C MET E 60 -20.53 47.87 17.15
N LYS E 61 -20.89 48.89 16.38
CA LYS E 61 -20.03 50.05 16.22
C LYS E 61 -20.05 50.99 17.41
N ALA E 62 -21.00 50.82 18.35
CA ALA E 62 -21.00 51.65 19.54
C ALA E 62 -19.79 51.35 20.41
N TYR E 63 -19.47 50.07 20.59
CA TYR E 63 -18.27 49.63 21.30
C TYR E 63 -17.55 48.62 20.42
N PRO E 64 -16.76 49.10 19.45
CA PRO E 64 -16.25 48.20 18.40
C PRO E 64 -15.09 47.30 18.83
N LYS E 65 -14.27 47.73 19.79
CA LYS E 65 -13.09 46.99 20.18
C LYS E 65 -13.08 46.74 21.68
N MET E 66 -12.32 45.72 22.09
CA MET E 66 -12.11 45.42 23.49
C MET E 66 -11.08 46.37 24.09
N ASP E 67 -11.17 46.55 25.40
CA ASP E 67 -10.15 47.32 26.10
C ASP E 67 -8.85 46.52 26.17
N GLU E 68 -7.73 47.23 26.05
CA GLU E 68 -6.44 46.55 26.00
C GLU E 68 -6.15 45.79 27.29
N ASN E 69 -6.68 46.24 28.41
CA ASN E 69 -6.45 45.59 29.70
C ASN E 69 -7.49 44.52 30.01
N LYS E 70 -8.36 44.19 29.05
CA LYS E 70 -9.36 43.15 29.22
C LYS E 70 -9.69 42.57 27.85
N LYS E 71 -8.68 41.96 27.22
CA LYS E 71 -8.76 41.44 25.87
C LYS E 71 -8.72 39.91 25.89
N SER E 72 -9.24 39.31 24.81
CA SER E 72 -9.24 37.87 24.68
C SER E 72 -7.96 37.40 24.00
N PRO E 73 -7.14 36.59 24.65
CA PRO E 73 -5.95 36.05 23.96
C PRO E 73 -6.30 35.14 22.80
N LEU E 74 -7.51 34.60 22.78
CA LEU E 74 -7.98 33.78 21.66
C LEU E 74 -8.42 34.63 20.47
N GLY E 75 -8.60 35.92 20.66
CA GLY E 75 -9.10 36.78 19.61
C GLY E 75 -10.60 36.81 19.47
N ALA E 76 -11.34 36.26 20.42
CA ALA E 76 -12.79 36.23 20.32
C ALA E 76 -13.36 37.62 20.60
N PRO E 77 -14.33 38.08 19.80
CA PRO E 77 -14.88 39.42 20.01
C PRO E 77 -15.72 39.52 21.27
N MET E 78 -15.06 39.54 22.43
CA MET E 78 -15.78 39.55 23.69
C MET E 78 -16.59 40.83 23.89
N GLN E 79 -16.30 41.88 23.12
CA GLN E 79 -17.02 43.14 23.28
C GLN E 79 -18.47 43.07 22.80
N TRP E 80 -18.84 42.02 22.08
CA TRP E 80 -20.22 41.83 21.65
C TRP E 80 -20.83 40.55 22.23
N LEU E 81 -20.12 39.89 23.15
CA LEU E 81 -20.58 38.62 23.71
C LEU E 81 -20.73 38.63 25.23
N THR E 82 -20.12 39.58 25.93
CA THR E 82 -20.09 39.58 27.38
C THR E 82 -20.88 40.76 27.93
N GLN E 83 -21.41 40.57 29.15
CA GLN E 83 -22.19 41.63 29.79
C GLN E 83 -21.34 42.84 30.13
N TYR E 84 -20.04 42.64 30.42
CA TYR E 84 -19.19 43.76 30.80
C TYR E 84 -19.14 44.82 29.72
N TYR E 85 -19.08 44.41 28.45
CA TYR E 85 -19.03 45.37 27.35
C TYR E 85 -20.41 45.79 26.87
N ILE E 86 -21.39 44.89 26.91
CA ILE E 86 -22.72 45.22 26.42
C ILE E 86 -23.41 46.21 27.34
N LEU E 87 -23.21 46.08 28.65
CA LEU E 87 -23.87 46.97 29.59
C LEU E 87 -23.37 48.40 29.49
N LYS E 88 -22.10 48.60 29.10
CA LYS E 88 -21.58 49.94 28.87
C LYS E 88 -21.62 50.31 27.39
N ASN E 89 -22.27 49.50 26.56
CA ASN E 89 -22.50 49.85 25.16
C ASN E 89 -23.62 50.89 25.10
N GLU E 90 -23.28 52.10 24.66
CA GLU E 90 -24.24 53.19 24.72
C GLU E 90 -25.44 52.95 23.81
N TYR E 91 -25.26 52.18 22.73
CA TYR E 91 -26.40 51.83 21.87
C TYR E 91 -27.33 50.85 22.59
N HIS E 92 -26.76 49.90 23.32
CA HIS E 92 -27.58 48.96 24.08
C HIS E 92 -28.36 49.67 25.18
N LYS E 93 -27.73 50.64 25.86
CA LYS E 93 -28.41 51.35 26.92
C LYS E 93 -29.54 52.23 26.37
N THR E 94 -29.28 52.94 25.28
CA THR E 94 -30.29 53.77 24.67
C THR E 94 -31.44 52.95 24.12
N MET E 95 -31.13 51.75 23.60
CA MET E 95 -32.16 50.90 23.02
C MET E 95 -33.13 50.39 24.09
N LEU E 96 -32.59 49.87 25.20
CA LEU E 96 -33.44 49.31 26.25
C LEU E 96 -34.17 50.38 27.04
N ALA E 97 -33.75 51.63 26.95
CA ALA E 97 -34.40 52.73 27.64
C ALA E 97 -35.23 53.61 26.72
N TYR E 98 -35.23 53.32 25.41
CA TYR E 98 -35.95 54.15 24.46
C TYR E 98 -37.45 54.09 24.72
N ASP E 99 -38.10 55.26 24.65
CA ASP E 99 -39.54 55.39 24.85
C ASP E 99 -39.96 54.76 26.18
N ASN E 100 -39.39 55.30 27.26
CA ASN E 100 -39.67 54.85 28.62
C ASN E 100 -39.40 53.36 28.79
N GLY E 101 -38.51 52.81 27.98
CA GLY E 101 -38.20 51.39 28.03
C GLY E 101 -39.37 50.49 27.67
N SER E 102 -40.23 50.92 26.75
CA SER E 102 -41.40 50.12 26.39
C SER E 102 -40.99 48.85 25.67
N LEU E 103 -39.99 48.93 24.80
CA LEU E 103 -39.51 47.73 24.11
C LEU E 103 -38.88 46.74 25.07
N ASN E 104 -38.22 47.23 26.13
CA ASN E 104 -37.69 46.32 27.14
C ASN E 104 -38.82 45.67 27.94
N THR E 105 -39.90 46.41 28.17
CA THR E 105 -41.06 45.83 28.85
C THR E 105 -41.69 44.73 28.02
N LYS E 106 -41.87 44.97 26.72
CA LYS E 106 -42.39 43.93 25.84
C LYS E 106 -41.45 42.73 25.79
N PHE E 107 -40.14 43.00 25.77
CA PHE E 107 -39.16 41.91 25.64
C PHE E 107 -39.21 40.98 26.84
N LYS E 108 -39.43 41.52 28.03
CA LYS E 108 -39.44 40.72 29.26
C LYS E 108 -40.61 39.74 29.30
N THR E 109 -41.57 39.83 28.40
CA THR E 109 -42.72 38.93 28.38
C THR E 109 -42.58 37.81 27.36
N LEU E 110 -41.51 37.78 26.58
CA LEU E 110 -41.38 36.87 25.45
C LEU E 110 -40.48 35.68 25.79
N ASN E 111 -40.79 34.55 25.17
CA ASN E 111 -39.89 33.41 25.16
C ASN E 111 -40.14 32.64 23.86
N ILE E 112 -39.29 31.65 23.60
CA ILE E 112 -39.32 30.96 22.31
C ILE E 112 -40.65 30.25 22.09
N TYR E 113 -41.25 29.71 23.15
CA TYR E 113 -42.39 28.83 23.01
C TYR E 113 -43.72 29.56 22.94
N MET E 114 -43.77 30.86 23.19
CA MET E 114 -45.03 31.60 23.16
C MET E 114 -45.14 32.56 21.98
N ILE E 115 -44.08 32.73 21.19
CA ILE E 115 -44.10 33.71 20.10
C ILE E 115 -45.11 33.29 19.05
N THR E 116 -45.98 34.23 18.67
CA THR E 116 -46.94 34.01 17.59
C THR E 116 -47.02 35.16 16.59
N ASN E 117 -46.57 36.36 16.93
CA ASN E 117 -46.69 37.52 16.07
C ASN E 117 -45.33 37.99 15.59
N VAL E 118 -45.35 38.80 14.53
CA VAL E 118 -44.10 39.27 13.90
C VAL E 118 -43.31 40.14 14.87
N GLY E 119 -44.00 41.07 15.55
CA GLY E 119 -43.31 41.94 16.49
C GLY E 119 -42.65 41.18 17.62
N GLN E 120 -43.32 40.14 18.13
CA GLN E 120 -42.72 39.31 19.17
C GLN E 120 -41.51 38.56 18.63
N TYR E 121 -41.64 37.98 17.44
CA TYR E 121 -40.54 37.24 16.81
C TYR E 121 -39.32 38.14 16.65
N ILE E 122 -39.52 39.33 16.08
CA ILE E 122 -38.41 40.23 15.81
C ILE E 122 -37.79 40.73 17.11
N LEU E 123 -38.64 41.19 18.04
CA LEU E 123 -38.12 41.79 19.27
C LEU E 123 -37.34 40.79 20.10
N TYR E 124 -37.85 39.57 20.24
CA TYR E 124 -37.19 38.61 21.11
C TYR E 124 -35.84 38.19 20.55
N ILE E 125 -35.79 37.86 19.25
CA ILE E 125 -34.55 37.38 18.66
C ILE E 125 -33.50 38.48 18.64
N VAL E 126 -33.90 39.70 18.28
CA VAL E 126 -32.92 40.78 18.12
C VAL E 126 -32.42 41.25 19.48
N PHE E 127 -33.33 41.41 20.45
CA PHE E 127 -32.93 41.88 21.76
C PHE E 127 -32.03 40.87 22.48
N CYS E 128 -32.23 39.57 22.22
CA CYS E 128 -31.32 38.58 22.78
C CYS E 128 -29.92 38.74 22.21
N ILE E 129 -29.82 39.06 20.93
CA ILE E 129 -28.49 39.20 20.30
C ILE E 129 -27.79 40.44 20.84
N ILE E 130 -28.46 41.59 20.83
CA ILE E 130 -27.83 42.84 21.28
C ILE E 130 -27.72 42.91 22.79
N SER E 131 -28.19 41.89 23.52
CA SER E 131 -27.95 41.78 24.96
C SER E 131 -26.99 40.66 25.30
N GLY E 132 -26.54 39.89 24.30
CA GLY E 132 -25.63 38.78 24.56
C GLY E 132 -26.22 37.68 25.40
N LYS E 133 -27.51 37.41 25.25
CA LYS E 133 -28.21 36.42 26.06
C LYS E 133 -28.70 35.28 25.18
N ASN E 134 -28.51 34.05 25.65
CA ASN E 134 -29.13 32.90 25.02
C ASN E 134 -30.63 32.88 25.33
N HIS E 135 -31.35 32.02 24.62
CA HIS E 135 -32.78 31.92 24.82
C HIS E 135 -33.15 31.36 26.19
N ASP E 136 -32.23 30.64 26.83
CA ASP E 136 -32.46 30.12 28.17
C ASP E 136 -32.03 31.08 29.26
N GLY E 137 -31.68 32.32 28.90
CA GLY E 137 -31.30 33.33 29.86
C GLY E 137 -29.81 33.43 30.13
N THR E 138 -29.05 32.37 29.84
CA THR E 138 -27.63 32.39 30.11
C THR E 138 -26.91 33.31 29.12
N PRO E 139 -25.84 33.98 29.56
CA PRO E 139 -25.09 34.83 28.64
C PRO E 139 -24.26 34.01 27.67
N TYR E 140 -23.90 34.65 26.56
CA TYR E 140 -23.02 34.00 25.59
C TYR E 140 -21.69 33.62 26.24
N ILE E 141 -21.01 34.60 26.83
CA ILE E 141 -19.75 34.39 27.52
C ILE E 141 -19.82 35.12 28.86
N TYR E 142 -19.37 34.46 29.92
CA TYR E 142 -19.28 35.10 31.22
C TYR E 142 -18.15 36.14 31.22
N ASP E 143 -18.32 37.17 32.06
CA ASP E 143 -17.31 38.22 32.16
C ASP E 143 -15.96 37.67 32.61
N SER E 144 -15.97 36.65 33.46
CA SER E 144 -14.71 36.05 33.91
C SER E 144 -13.98 35.34 32.78
N GLU E 145 -14.65 35.07 31.67
CA GLU E 145 -14.07 34.36 30.55
C GLU E 145 -13.56 35.28 29.46
N ILE E 146 -13.60 36.61 29.68
CA ILE E 146 -13.15 37.55 28.66
C ILE E 146 -11.69 37.29 28.29
N THR E 147 -10.84 37.15 29.29
CA THR E 147 -9.42 36.90 29.10
C THR E 147 -9.06 35.42 29.10
N SER E 148 -10.06 34.54 28.92
CA SER E 148 -9.81 33.11 29.03
C SER E 148 -8.93 32.62 27.88
N ASN E 149 -8.05 31.68 28.19
CA ASN E 149 -7.21 31.01 27.20
C ASN E 149 -7.74 29.63 26.83
N ASP E 150 -8.85 29.20 27.44
CA ASP E 150 -9.43 27.88 27.20
C ASP E 150 -10.15 27.91 25.86
N LYS E 151 -9.41 27.56 24.81
CA LYS E 151 -9.95 27.66 23.45
C LYS E 151 -11.17 26.77 23.25
N ASN E 152 -11.07 25.50 23.65
CA ASN E 152 -12.17 24.56 23.41
C ASN E 152 -13.42 24.95 24.18
N PHE E 153 -13.25 25.41 25.42
CA PHE E 153 -14.40 25.80 26.23
C PHE E 153 -15.09 27.03 25.66
N ILE E 154 -14.31 28.04 25.28
CA ILE E 154 -14.88 29.25 24.69
C ILE E 154 -15.52 28.95 23.34
N ASN E 155 -14.88 28.11 22.54
CA ASN E 155 -15.44 27.77 21.22
C ASN E 155 -16.82 27.13 21.35
N GLU E 156 -16.98 26.22 22.32
CA GLU E 156 -18.27 25.54 22.48
C GLU E 156 -19.37 26.52 22.89
N ARG E 157 -19.04 27.48 23.75
CA ARG E 157 -20.06 28.44 24.18
C ARG E 157 -20.50 29.34 23.03
N ILE E 158 -19.54 29.81 22.23
CA ILE E 158 -19.90 30.63 21.08
C ILE E 158 -20.64 29.80 20.05
N LYS E 159 -20.22 28.54 19.86
CA LYS E 159 -20.94 27.65 18.96
C LYS E 159 -22.35 27.39 19.45
N TYR E 160 -22.53 27.24 20.77
CA TYR E 160 -23.86 27.04 21.32
C TYR E 160 -24.75 28.25 21.06
N ALA E 161 -24.22 29.45 21.30
CA ALA E 161 -25.00 30.66 21.07
C ALA E 161 -25.38 30.81 19.60
N CYS E 162 -24.42 30.54 18.70
CA CYS E 162 -24.68 30.68 17.28
C CYS E 162 -25.75 29.69 16.81
N LYS E 163 -25.71 28.45 17.31
CA LYS E 163 -26.68 27.45 16.90
C LYS E 163 -28.07 27.76 17.42
N GLN E 164 -28.17 28.24 18.66
CA GLN E 164 -29.48 28.40 19.28
C GLN E 164 -30.27 29.54 18.65
N ILE E 165 -29.58 30.55 18.10
CA ILE E 165 -30.26 31.60 17.36
C ILE E 165 -31.02 31.01 16.17
N LEU E 166 -30.35 30.11 15.44
CA LEU E 166 -30.98 29.46 14.29
C LEU E 166 -31.92 28.35 14.74
N HIS E 167 -31.53 27.59 15.76
CA HIS E 167 -32.38 26.49 16.22
C HIS E 167 -33.66 27.01 16.87
N GLY E 168 -33.57 28.11 17.61
CA GLY E 168 -34.77 28.66 18.25
C GLY E 168 -35.80 29.13 17.24
N GLN E 169 -35.35 29.75 16.15
CA GLN E 169 -36.29 30.19 15.13
C GLN E 169 -36.91 29.02 14.39
N LEU E 170 -36.17 27.91 14.24
CA LEU E 170 -36.75 26.72 13.64
C LEU E 170 -37.80 26.09 14.55
N THR E 171 -37.60 26.16 15.87
CA THR E 171 -38.63 25.71 16.80
C THR E 171 -39.90 26.54 16.64
N ILE E 172 -39.75 27.85 16.47
CA ILE E 172 -40.91 28.71 16.23
C ILE E 172 -41.55 28.37 14.90
N ALA E 173 -40.74 28.18 13.86
CA ALA E 173 -41.28 27.89 12.53
C ALA E 173 -41.99 26.54 12.50
N LEU E 174 -41.53 25.58 13.29
CA LEU E 174 -42.17 24.26 13.30
C LEU E 174 -43.49 24.30 14.04
N ARG E 175 -43.58 25.06 15.13
CA ARG E 175 -44.82 25.13 15.88
C ARG E 175 -45.87 25.95 15.15
N ILE E 176 -45.47 27.11 14.61
CA ILE E 176 -46.39 27.97 13.87
C ILE E 176 -46.67 27.41 12.47
N ARG E 177 -45.79 26.56 11.96
CA ARG E 177 -45.83 26.09 10.57
C ARG E 177 -45.65 27.26 9.60
N ASN E 178 -44.63 28.08 9.89
CA ASN E 178 -44.21 29.19 9.05
C ASN E 178 -43.09 28.75 8.12
N LYS E 179 -42.93 29.49 7.01
CA LYS E 179 -42.03 29.08 5.94
C LYS E 179 -40.87 30.03 5.67
N PHE E 180 -41.00 31.34 5.97
CA PHE E 180 -40.00 32.29 5.51
C PHE E 180 -39.53 33.30 6.55
N MET E 181 -39.94 33.18 7.80
CA MET E 181 -39.37 34.04 8.83
C MET E 181 -37.91 33.69 9.04
N PHE E 182 -37.05 34.71 9.03
CA PHE E 182 -35.61 34.46 9.09
C PHE E 182 -34.88 35.66 9.67
N ILE E 183 -34.11 35.42 10.74
CA ILE E 183 -33.11 36.36 11.23
C ILE E 183 -31.83 35.57 11.45
N GLY E 184 -30.74 36.04 10.87
CA GLY E 184 -29.50 35.28 10.91
C GLY E 184 -28.72 35.46 12.19
N SER E 185 -27.69 34.62 12.34
CA SER E 185 -26.70 34.80 13.38
C SER E 185 -25.63 35.74 12.87
N PRO E 186 -25.39 36.87 13.53
CA PRO E 186 -24.40 37.83 13.00
C PRO E 186 -23.02 37.22 12.88
N MET E 187 -22.20 37.82 12.02
CA MET E 187 -20.95 37.21 11.60
C MET E 187 -20.00 37.00 12.77
N TYR E 188 -20.06 37.86 13.79
CA TYR E 188 -19.11 37.75 14.90
C TYR E 188 -19.38 36.54 15.77
N LEU E 189 -20.61 36.02 15.77
CA LEU E 189 -20.96 34.83 16.53
C LEU E 189 -20.53 33.54 15.84
N TRP E 190 -19.81 33.63 14.72
CA TRP E 190 -19.28 32.45 14.05
C TRP E 190 -17.79 32.23 14.35
N PHE E 191 -17.30 32.81 15.45
CA PHE E 191 -15.91 32.68 15.86
C PHE E 191 -15.53 31.23 16.07
N ASN E 192 -14.68 30.70 15.20
CA ASN E 192 -14.24 29.30 15.21
C ASN E 192 -15.39 28.31 15.07
N VAL E 193 -16.56 28.79 14.66
CA VAL E 193 -17.72 27.91 14.52
C VAL E 193 -17.66 27.21 13.17
N ASN E 194 -17.93 25.90 13.17
CA ASN E 194 -17.93 25.10 11.95
C ASN E 194 -19.34 25.10 11.39
N GLY E 195 -19.53 25.78 10.25
CA GLY E 195 -20.85 25.85 9.65
C GLY E 195 -21.38 24.51 9.18
N SER E 196 -20.50 23.64 8.70
CA SER E 196 -20.94 22.29 8.32
C SER E 196 -21.46 21.52 9.52
N GLN E 197 -20.89 21.73 10.71
CA GLN E 197 -21.39 21.06 11.90
C GLN E 197 -22.75 21.63 12.31
N VAL E 198 -22.88 22.96 12.30
CA VAL E 198 -24.16 23.58 12.65
C VAL E 198 -25.27 23.02 11.78
N TYR E 199 -25.00 22.84 10.49
CA TYR E 199 -25.99 22.29 9.58
C TYR E 199 -26.40 20.88 10.01
N HIS E 200 -25.43 20.00 10.24
CA HIS E 200 -25.75 18.63 10.57
C HIS E 200 -26.28 18.49 12.00
N ASP E 201 -25.74 19.29 12.93
CA ASP E 201 -26.17 19.20 14.32
C ASP E 201 -27.65 19.49 14.46
N ILE E 202 -28.14 20.53 13.80
CA ILE E 202 -29.53 20.94 13.97
C ILE E 202 -30.46 19.97 13.25
N TYR E 203 -30.17 19.66 11.98
CA TYR E 203 -31.09 18.86 11.18
C TYR E 203 -31.07 17.38 11.53
N ASP E 204 -30.01 16.87 12.16
CA ASP E 204 -30.02 15.48 12.60
C ASP E 204 -30.95 15.24 13.78
N ARG E 205 -31.42 16.29 14.45
CA ARG E 205 -32.12 16.15 15.73
C ARG E 205 -33.60 16.48 15.64
N ASN E 206 -34.10 16.92 14.49
CA ASN E 206 -35.53 17.20 14.35
C ASN E 206 -35.92 17.04 12.88
N ALA E 207 -36.64 15.96 12.58
CA ALA E 207 -37.07 15.72 11.20
C ALA E 207 -38.06 16.76 10.71
N GLY E 208 -38.75 17.45 11.62
CA GLY E 208 -39.72 18.45 11.20
C GLY E 208 -39.11 19.62 10.45
N PHE E 209 -37.85 19.95 10.76
CA PHE E 209 -37.19 21.07 10.09
C PHE E 209 -36.93 20.78 8.60
N HIS E 210 -36.91 19.50 8.21
CA HIS E 210 -36.62 19.14 6.82
C HIS E 210 -37.78 19.41 5.88
N ASN E 211 -38.98 19.67 6.39
CA ASN E 211 -40.15 19.86 5.54
C ASN E 211 -39.98 21.08 4.64
N LYS E 212 -40.38 20.93 3.37
CA LYS E 212 -40.24 22.02 2.40
C LYS E 212 -41.13 23.22 2.71
N GLU E 213 -42.04 23.13 3.69
CA GLU E 213 -42.87 24.26 4.04
C GLU E 213 -42.50 24.85 5.41
N ILE E 214 -41.36 24.46 5.95
CA ILE E 214 -40.93 24.90 7.27
C ILE E 214 -39.54 25.49 7.17
N GLY E 215 -39.39 26.74 7.60
CA GLY E 215 -38.10 27.40 7.70
C GLY E 215 -37.21 27.29 6.48
N ARG E 216 -37.65 27.86 5.36
CA ARG E 216 -36.89 27.73 4.12
C ARG E 216 -35.71 28.68 4.05
N LEU E 217 -35.91 29.94 4.45
CA LEU E 217 -34.78 30.87 4.47
C LEU E 217 -33.78 30.51 5.55
N LEU E 218 -34.23 29.91 6.65
CA LEU E 218 -33.31 29.37 7.63
C LEU E 218 -32.49 28.23 7.04
N TYR E 219 -33.13 27.40 6.21
CA TYR E 219 -32.40 26.31 5.55
C TYR E 219 -31.43 26.87 4.52
N ALA E 220 -31.89 27.82 3.69
CA ALA E 220 -31.01 28.40 2.67
C ALA E 220 -29.82 29.10 3.30
N PHE E 221 -30.00 29.71 4.47
CA PHE E 221 -28.88 30.36 5.14
C PHE E 221 -27.86 29.35 5.63
N MET E 222 -28.33 28.25 6.23
CA MET E 222 -27.42 27.26 6.79
C MET E 222 -26.83 26.35 5.72
N TYR E 223 -27.57 26.08 4.65
CA TYR E 223 -27.03 25.24 3.59
C TYR E 223 -25.86 25.92 2.88
N TYR E 224 -26.01 27.20 2.56
CA TYR E 224 -24.92 27.95 1.94
C TYR E 224 -23.67 27.92 2.82
N LEU E 225 -23.85 28.19 4.12
CA LEU E 225 -22.70 28.17 5.02
C LEU E 225 -22.17 26.77 5.27
N SER E 226 -22.97 25.73 4.98
CA SER E 226 -22.50 24.37 5.16
C SER E 226 -21.56 23.93 4.04
N ILE E 227 -21.61 24.56 2.88
CA ILE E 227 -20.79 24.19 1.74
C ILE E 227 -19.75 25.25 1.41
N SER E 228 -19.74 26.38 2.10
CA SER E 228 -18.74 27.43 1.89
C SER E 228 -18.25 27.91 3.25
N GLY E 229 -16.99 27.64 3.56
CA GLY E 229 -16.43 28.04 4.82
C GLY E 229 -16.18 29.53 4.92
N ARG E 230 -15.85 29.97 6.13
CA ARG E 230 -15.63 31.40 6.37
C ARG E 230 -14.31 31.86 5.75
N PHE E 231 -13.26 31.06 5.86
CA PHE E 231 -11.93 31.43 5.35
C PHE E 231 -11.52 30.43 4.29
N LEU E 232 -11.56 30.85 3.03
CA LEU E 232 -11.25 30.00 1.90
C LEU E 232 -9.79 30.07 1.47
N ASN E 233 -9.02 31.01 2.02
CA ASN E 233 -7.57 31.14 1.78
C ASN E 233 -7.34 31.33 0.29
N ASP E 234 -6.59 30.46 -0.39
CA ASP E 234 -6.26 30.68 -1.79
C ASP E 234 -7.47 30.57 -2.71
N PHE E 235 -8.54 29.92 -2.27
CA PHE E 235 -9.73 29.74 -3.08
C PHE E 235 -10.72 30.89 -2.94
N ALA E 236 -10.37 31.92 -2.18
CA ALA E 236 -11.28 33.04 -1.94
C ALA E 236 -11.25 34.00 -3.13
N LEU E 237 -12.45 34.40 -3.58
CA LEU E 237 -12.59 35.41 -4.62
C LEU E 237 -13.00 36.77 -4.07
N LEU E 238 -13.78 36.79 -2.99
CA LEU E 238 -14.21 38.03 -2.35
C LEU E 238 -13.88 37.97 -0.87
N LYS E 239 -13.76 39.15 -0.26
CA LYS E 239 -13.49 39.24 1.17
C LYS E 239 -14.21 40.46 1.74
N PHE E 240 -15.18 40.21 2.61
CA PHE E 240 -15.86 41.26 3.35
C PHE E 240 -15.16 41.50 4.68
N THR E 241 -15.16 42.75 5.13
CA THR E 241 -14.61 43.09 6.43
C THR E 241 -15.42 44.21 7.04
N TYR E 242 -15.85 44.02 8.29
CA TYR E 242 -16.61 45.03 9.02
C TYR E 242 -16.20 44.98 10.48
N LEU E 243 -15.63 46.08 10.97
CA LEU E 243 -15.19 46.18 12.37
C LEU E 243 -14.23 45.07 12.74
N GLY E 244 -13.36 44.71 11.80
CA GLY E 244 -12.38 43.66 12.01
C GLY E 244 -12.87 42.26 11.73
N GLU E 245 -14.19 42.05 11.62
CA GLU E 245 -14.74 40.75 11.33
C GLU E 245 -14.72 40.51 9.83
N SER E 246 -13.96 39.51 9.40
CA SER E 246 -13.76 39.24 7.99
C SER E 246 -14.49 37.96 7.58
N TRP E 247 -14.72 37.84 6.27
CA TRP E 247 -15.44 36.70 5.70
C TRP E 247 -15.09 36.64 4.22
N THR E 248 -14.92 35.44 3.69
CA THR E 248 -14.53 35.24 2.30
C THR E 248 -15.58 34.43 1.56
N PHE E 249 -15.64 34.63 0.25
CA PHE E 249 -16.59 33.94 -0.60
C PHE E 249 -15.91 33.56 -1.92
N SER E 250 -16.39 32.46 -2.52
CA SER E 250 -15.94 32.05 -3.84
C SER E 250 -17.09 31.83 -4.81
N LEU E 251 -18.33 31.94 -4.36
CA LEU E 251 -19.51 31.86 -5.20
C LEU E 251 -20.26 33.19 -5.12
N SER E 252 -21.43 33.24 -5.76
CA SER E 252 -22.32 34.37 -5.57
C SER E 252 -22.81 34.40 -4.13
N VAL E 253 -23.05 35.60 -3.62
CA VAL E 253 -23.47 35.77 -2.24
C VAL E 253 -24.92 36.24 -2.23
N PRO E 254 -25.90 35.37 -2.00
CA PRO E 254 -27.29 35.79 -1.98
C PRO E 254 -27.57 36.78 -0.86
N GLU E 255 -28.70 37.47 -0.97
CA GLU E 255 -29.02 38.52 -0.01
C GLU E 255 -29.22 37.94 1.39
N TYR E 256 -29.80 36.75 1.50
CA TYR E 256 -30.02 36.17 2.81
C TYR E 256 -28.72 35.82 3.52
N ILE E 257 -27.60 35.75 2.78
CA ILE E 257 -26.31 35.54 3.41
C ILE E 257 -25.77 36.85 3.98
N LEU E 258 -25.77 37.91 3.18
CA LEU E 258 -25.28 39.20 3.65
C LEU E 258 -26.19 39.77 4.72
N TYR E 259 -27.50 39.58 4.59
CA TYR E 259 -28.43 40.04 5.61
C TYR E 259 -28.30 39.21 6.89
N GLY E 260 -28.18 37.88 6.74
CA GLY E 260 -28.07 37.03 7.92
C GLY E 260 -26.79 37.27 8.69
N LEU E 261 -25.66 37.34 7.98
CA LEU E 261 -24.38 37.56 8.64
C LEU E 261 -24.22 39.00 9.11
N GLY E 262 -24.98 39.94 8.57
CA GLY E 262 -24.89 41.33 8.97
C GLY E 262 -23.90 42.16 8.20
N TYR E 263 -23.54 41.74 6.98
CA TYR E 263 -22.59 42.49 6.17
C TYR E 263 -23.32 43.45 5.23
N SER E 264 -22.64 44.53 4.86
CA SER E 264 -23.15 45.52 3.94
C SER E 264 -22.24 45.60 2.72
N VAL E 265 -22.86 45.89 1.57
CA VAL E 265 -22.09 46.09 0.34
C VAL E 265 -21.24 47.36 0.39
N PHE E 266 -21.42 48.19 1.42
CA PHE E 266 -20.62 49.39 1.62
C PHE E 266 -19.46 49.15 2.58
N ASP E 267 -19.23 47.90 2.99
CA ASP E 267 -18.09 47.60 3.86
C ASP E 267 -16.82 47.46 3.04
N THR E 268 -15.82 46.80 3.60
CA THR E 268 -14.54 46.59 2.91
C THR E 268 -14.65 45.32 2.08
N ILE E 269 -14.90 45.48 0.79
CA ILE E 269 -14.99 44.38 -0.15
C ILE E 269 -13.68 44.32 -0.94
N GLU E 270 -13.03 43.16 -0.92
CA GLU E 270 -11.75 42.97 -1.60
C GLU E 270 -11.87 41.81 -2.59
N LYS E 271 -11.42 42.02 -3.82
CA LYS E 271 -11.45 41.02 -4.86
C LYS E 271 -10.04 40.47 -5.06
N PHE E 272 -9.95 39.16 -5.27
CA PHE E 272 -8.67 38.50 -5.51
C PHE E 272 -8.57 37.90 -6.90
N SER E 273 -9.52 38.24 -7.79
CA SER E 273 -9.50 37.78 -9.17
C SER E 273 -10.05 38.88 -10.06
N ASN E 274 -9.99 38.64 -11.36
CA ASN E 274 -10.54 39.57 -12.34
C ASN E 274 -11.96 39.20 -12.75
N ASP E 275 -12.62 38.31 -12.01
CA ASP E 275 -13.99 37.94 -12.30
C ASP E 275 -14.92 39.14 -12.09
N ALA E 276 -15.96 39.22 -12.92
CA ALA E 276 -16.92 40.29 -12.80
C ALA E 276 -17.96 39.96 -11.74
N ILE E 277 -18.28 40.94 -10.90
CA ILE E 277 -19.30 40.80 -9.87
C ILE E 277 -20.31 41.93 -10.03
N LEU E 278 -21.57 41.61 -9.79
CA LEU E 278 -22.66 42.60 -9.81
C LEU E 278 -23.09 42.83 -8.36
N VAL E 279 -22.87 44.05 -7.88
CA VAL E 279 -23.16 44.41 -6.49
C VAL E 279 -24.47 45.18 -6.47
N TYR E 280 -25.57 44.47 -6.21
CA TYR E 280 -26.88 45.10 -6.07
C TYR E 280 -26.90 45.94 -4.79
N ILE E 281 -27.42 47.17 -4.89
CA ILE E 281 -27.39 48.07 -3.75
C ILE E 281 -28.76 48.64 -3.42
N ARG E 282 -29.63 48.74 -4.42
CA ARG E 282 -30.91 49.41 -4.19
C ARG E 282 -31.94 48.94 -5.21
N THR E 283 -33.21 49.24 -4.90
CA THR E 283 -34.31 49.06 -5.82
C THR E 283 -34.49 50.32 -6.66
N ASN E 284 -35.15 50.17 -7.80
CA ASN E 284 -35.44 51.28 -8.68
C ASN E 284 -36.95 51.40 -8.90
N ASN E 285 -37.35 52.46 -9.62
CA ASN E 285 -38.76 52.72 -9.85
C ASN E 285 -39.41 51.80 -10.86
N ARG E 286 -38.64 50.92 -11.53
CA ARG E 286 -39.22 50.02 -12.51
C ARG E 286 -39.35 48.61 -11.97
N ASN E 287 -39.58 48.46 -10.66
CA ASN E 287 -39.75 47.15 -10.03
C ASN E 287 -38.51 46.28 -10.27
N GLY E 288 -37.34 46.90 -10.25
CA GLY E 288 -36.09 46.22 -10.48
C GLY E 288 -35.04 46.55 -9.45
N TYR E 289 -33.77 46.26 -9.74
CA TYR E 289 -32.69 46.47 -8.80
C TYR E 289 -31.52 47.12 -9.52
N ASP E 290 -31.00 48.19 -8.93
CA ASP E 290 -29.81 48.86 -9.44
C ASP E 290 -28.56 48.22 -8.84
N TYR E 291 -27.56 48.00 -9.67
CA TYR E 291 -26.34 47.34 -9.22
C TYR E 291 -25.13 48.06 -9.77
N VAL E 292 -23.99 47.80 -9.14
CA VAL E 292 -22.69 48.32 -9.55
C VAL E 292 -21.81 47.13 -9.91
N GLU E 293 -21.08 47.25 -11.02
CA GLU E 293 -20.24 46.16 -11.49
C GLU E 293 -18.78 46.47 -11.17
N PHE E 294 -18.07 45.46 -10.69
CA PHE E 294 -16.64 45.55 -10.42
C PHE E 294 -15.94 44.43 -11.17
N ASN E 295 -14.72 44.70 -11.63
CA ASN E 295 -14.02 43.75 -12.48
C ASN E 295 -12.61 43.44 -11.98
N LYS E 296 -11.86 44.48 -11.64
CA LYS E 296 -10.45 44.31 -11.36
C LYS E 296 -10.23 43.84 -9.92
N LYS E 297 -9.02 43.34 -9.65
CA LYS E 297 -8.66 42.98 -8.29
C LYS E 297 -8.53 44.24 -7.43
N GLY E 298 -8.61 44.04 -6.12
CA GLY E 298 -8.44 45.10 -5.17
C GLY E 298 -9.71 45.42 -4.40
N ILE E 299 -9.73 46.61 -3.83
CA ILE E 299 -10.86 47.05 -3.02
C ILE E 299 -11.96 47.54 -3.95
N ALA E 300 -13.14 46.97 -3.82
CA ALA E 300 -14.32 47.37 -4.59
C ALA E 300 -15.14 48.29 -3.71
N LYS E 301 -14.99 49.59 -3.91
CA LYS E 301 -15.64 50.59 -3.09
C LYS E 301 -16.88 51.10 -3.83
N VAL E 302 -18.04 51.02 -3.18
CA VAL E 302 -19.26 51.57 -3.76
C VAL E 302 -19.38 53.02 -3.35
N THR E 303 -19.28 53.93 -4.33
CA THR E 303 -19.31 55.36 -4.09
C THR E 303 -20.72 55.95 -4.07
N GLU E 304 -21.74 55.15 -4.38
CA GLU E 304 -23.10 55.65 -4.42
C GLU E 304 -23.58 56.04 -3.02
N ASP E 305 -24.68 56.80 -2.98
CA ASP E 305 -25.29 57.15 -1.72
C ASP E 305 -25.92 55.91 -1.08
N LYS E 306 -25.87 55.87 0.25
CA LYS E 306 -26.42 54.75 0.99
C LYS E 306 -27.93 54.80 1.01
N PRO E 307 -28.63 53.82 0.45
CA PRO E 307 -30.09 53.90 0.35
C PRO E 307 -30.77 53.77 1.72
N ASP E 308 -32.02 54.18 1.76
CA ASP E 308 -32.84 54.09 2.96
C ASP E 308 -33.33 52.67 3.19
N ASN E 309 -34.04 52.46 4.29
CA ASN E 309 -34.49 51.12 4.66
C ASN E 309 -35.48 50.54 3.66
N ASP E 310 -36.20 51.39 2.92
CA ASP E 310 -37.18 50.89 1.97
C ASP E 310 -36.51 50.28 0.74
N LYS E 311 -35.32 50.76 0.38
CA LYS E 311 -34.70 50.40 -0.88
C LYS E 311 -33.38 49.66 -0.78
N ARG E 312 -32.77 49.60 0.40
CA ARG E 312 -31.41 49.08 0.51
C ARG E 312 -31.36 47.60 0.17
N ILE E 313 -30.30 47.20 -0.53
CA ILE E 313 -30.11 45.81 -0.96
C ILE E 313 -28.65 45.44 -0.73
N HIS E 314 -28.42 44.21 -0.26
CA HIS E 314 -27.08 43.66 -0.10
C HIS E 314 -27.02 42.28 -0.75
N ALA E 315 -26.48 42.22 -1.97
CA ALA E 315 -26.35 40.96 -2.70
C ALA E 315 -25.29 41.12 -3.76
N ILE E 316 -24.64 40.00 -4.10
CA ILE E 316 -23.56 40.00 -5.09
C ILE E 316 -23.72 38.76 -5.97
N ARG E 317 -23.77 38.98 -7.27
CA ARG E 317 -23.76 37.89 -8.25
C ARG E 317 -22.36 37.78 -8.84
N LEU E 318 -21.78 36.59 -8.76
CA LEU E 318 -20.45 36.33 -9.27
C LEU E 318 -20.55 35.69 -10.65
N ILE E 319 -19.75 36.19 -11.59
CA ILE E 319 -19.68 35.64 -12.94
C ILE E 319 -18.32 35.00 -13.12
N ASN E 320 -18.29 33.68 -13.18
CA ASN E 320 -17.07 32.91 -13.38
C ASN E 320 -17.21 32.05 -14.64
N ASP E 321 -16.15 31.30 -14.95
CA ASP E 321 -16.16 30.47 -16.14
C ASP E 321 -15.45 29.14 -16.00
N SER E 322 -14.61 28.95 -14.99
CA SER E 322 -13.82 27.73 -14.84
C SER E 322 -14.70 26.50 -14.59
N HIS E 327 -24.25 25.49 -8.43
CA HIS E 327 -23.71 26.57 -7.61
C HIS E 327 -23.82 27.93 -8.30
N ILE E 328 -24.02 27.91 -9.62
CA ILE E 328 -24.31 29.15 -10.34
C ILE E 328 -25.71 29.64 -10.00
N HIS E 329 -26.59 28.74 -9.56
CA HIS E 329 -27.95 29.12 -9.20
C HIS E 329 -28.00 30.05 -7.99
N PHE E 330 -26.96 30.06 -7.16
CA PHE E 330 -26.93 31.03 -6.06
C PHE E 330 -26.94 32.46 -6.58
N GLY E 331 -26.47 32.67 -7.80
CA GLY E 331 -26.47 33.96 -8.43
C GLY E 331 -27.69 34.28 -9.26
N PHE E 332 -28.64 33.36 -9.37
CA PHE E 332 -29.85 33.63 -10.14
C PHE E 332 -30.61 34.80 -9.53
N ARG E 333 -31.16 35.64 -10.40
CA ARG E 333 -31.68 36.95 -9.99
C ARG E 333 -32.75 36.81 -8.91
N ASN E 334 -33.64 35.84 -9.03
CA ASN E 334 -34.78 35.75 -8.13
C ASN E 334 -34.46 35.04 -6.83
N MET E 335 -33.27 34.48 -6.67
CA MET E 335 -32.84 33.92 -5.40
C MET E 335 -31.69 34.70 -4.76
N VAL E 336 -30.82 35.30 -5.57
CA VAL E 336 -29.76 36.14 -5.01
C VAL E 336 -30.35 37.34 -4.27
N ILE E 337 -31.57 37.74 -4.62
CA ILE E 337 -32.28 38.83 -3.96
C ILE E 337 -33.58 38.28 -3.38
N ILE E 338 -33.83 38.56 -2.11
CA ILE E 338 -35.03 38.08 -1.43
C ILE E 338 -36.25 38.75 -2.06
N ASP E 339 -37.18 37.94 -2.53
CA ASP E 339 -38.39 38.46 -3.18
C ASP E 339 -39.28 39.20 -2.18
N ASN E 340 -39.92 40.27 -2.64
CA ASN E 340 -40.87 40.99 -1.78
C ASN E 340 -42.13 40.17 -1.54
N GLU E 341 -42.60 39.45 -2.56
CA GLU E 341 -43.68 38.48 -2.37
C GLU E 341 -43.17 37.34 -1.50
N CYS E 342 -43.67 37.29 -0.25
CA CYS E 342 -43.20 36.27 0.68
C CYS E 342 -43.40 34.87 0.13
N ALA E 343 -44.55 34.63 -0.51
CA ALA E 343 -44.86 33.30 -1.02
C ALA E 343 -43.98 32.90 -2.21
N ASN E 344 -43.34 33.85 -2.87
CA ASN E 344 -42.51 33.58 -4.04
C ASN E 344 -41.02 33.59 -3.73
N ILE E 345 -40.64 33.55 -2.46
CA ILE E 345 -39.22 33.53 -2.10
C ILE E 345 -38.63 32.18 -2.49
N GLN E 346 -37.47 32.21 -3.15
CA GLN E 346 -36.81 31.00 -3.60
C GLN E 346 -35.71 30.62 -2.63
N SER E 347 -35.64 29.34 -2.27
CA SER E 347 -34.70 28.86 -1.27
C SER E 347 -33.98 27.59 -1.69
N SER E 348 -34.09 27.19 -2.95
CA SER E 348 -33.44 25.96 -3.41
C SER E 348 -33.19 26.07 -4.90
N ALA E 349 -32.34 25.17 -5.41
CA ALA E 349 -31.99 25.19 -6.82
C ALA E 349 -33.13 24.76 -7.76
N GLU E 350 -34.10 23.99 -7.26
CA GLU E 350 -35.18 23.56 -8.15
C GLU E 350 -36.04 24.73 -8.59
N ASN E 351 -36.37 25.64 -7.67
CA ASN E 351 -37.21 26.78 -7.98
C ASN E 351 -36.43 28.08 -8.14
N ALA E 352 -35.12 27.99 -8.38
CA ALA E 352 -34.30 29.17 -8.60
C ALA E 352 -34.46 29.62 -10.04
N THR E 353 -34.87 30.88 -10.24
CA THR E 353 -35.08 31.43 -11.58
C THR E 353 -34.21 32.67 -11.76
N ASP E 354 -33.84 32.92 -13.01
CA ASP E 354 -32.94 34.01 -13.37
C ASP E 354 -33.61 34.96 -14.37
N THR E 355 -34.90 35.22 -14.19
CA THR E 355 -35.69 36.02 -15.11
C THR E 355 -35.90 37.43 -14.57
N GLY E 356 -36.12 38.37 -15.49
CA GLY E 356 -36.45 39.74 -15.14
C GLY E 356 -35.30 40.73 -15.16
N HIS E 357 -34.21 40.43 -15.87
CA HIS E 357 -33.05 41.32 -15.84
C HIS E 357 -33.30 42.67 -16.52
N HIS E 358 -34.28 42.76 -17.42
CA HIS E 358 -34.56 44.05 -18.06
C HIS E 358 -35.13 45.08 -17.09
N GLN E 359 -35.52 44.68 -15.88
CA GLN E 359 -35.97 45.63 -14.89
C GLN E 359 -34.83 46.16 -14.03
N ASP E 360 -33.65 45.56 -14.15
CA ASP E 360 -32.48 46.00 -13.41
C ASP E 360 -31.73 47.06 -14.22
N SER E 361 -30.77 47.70 -13.57
CA SER E 361 -30.03 48.79 -14.21
C SER E 361 -28.60 48.82 -13.69
N LYS E 362 -27.66 49.04 -14.61
CA LYS E 362 -26.27 49.22 -14.24
C LYS E 362 -26.01 50.69 -13.93
N ILE E 363 -25.24 50.93 -12.88
CA ILE E 363 -25.03 52.30 -12.41
C ILE E 363 -23.77 52.93 -13.01
N ASN E 364 -22.73 52.16 -13.24
CA ASN E 364 -21.47 52.67 -13.79
C ASN E 364 -21.68 53.38 -15.13
N GLN F 1 -33.09 12.23 13.98
CA GLN F 1 -32.67 10.85 14.18
C GLN F 1 -32.58 10.12 12.86
N VAL F 2 -31.53 10.40 12.09
CA VAL F 2 -31.35 9.81 10.76
C VAL F 2 -31.10 8.32 10.91
N GLN F 3 -31.92 7.51 10.25
CA GLN F 3 -31.83 6.06 10.30
C GLN F 3 -32.11 5.49 8.92
N LEU F 4 -31.34 4.47 8.54
CA LEU F 4 -31.40 3.90 7.20
C LEU F 4 -31.74 2.43 7.26
N GLN F 5 -32.37 1.92 6.19
CA GLN F 5 -32.73 0.51 6.12
C GLN F 5 -32.65 0.05 4.67
N GLU F 6 -31.78 -0.93 4.40
CA GLU F 6 -31.67 -1.49 3.07
C GLU F 6 -32.81 -2.48 2.81
N SER F 7 -33.10 -2.69 1.53
CA SER F 7 -34.15 -3.62 1.12
C SER F 7 -33.92 -4.01 -0.33
N GLY F 8 -34.25 -5.26 -0.65
CA GLY F 8 -34.12 -5.76 -2.00
C GLY F 8 -34.12 -7.27 -2.07
N PRO F 9 -34.22 -7.81 -3.29
CA PRO F 9 -34.20 -9.28 -3.46
C PRO F 9 -32.83 -9.84 -3.09
N GLY F 10 -32.84 -10.89 -2.27
CA GLY F 10 -31.61 -11.53 -1.86
C GLY F 10 -30.95 -12.41 -2.89
N LEU F 11 -31.61 -12.67 -4.02
CA LEU F 11 -31.08 -13.53 -5.07
C LEU F 11 -31.22 -12.84 -6.41
N VAL F 12 -30.16 -12.85 -7.21
CA VAL F 12 -30.14 -12.26 -8.53
C VAL F 12 -29.38 -13.18 -9.46
N LYS F 13 -29.98 -13.50 -10.61
CA LYS F 13 -29.34 -14.39 -11.57
C LYS F 13 -28.16 -13.68 -12.25
N PRO F 14 -27.17 -14.43 -12.72
CA PRO F 14 -26.04 -13.82 -13.44
C PRO F 14 -26.51 -13.06 -14.67
N SER F 15 -25.76 -12.00 -15.00
CA SER F 15 -25.99 -11.13 -16.15
C SER F 15 -27.24 -10.27 -16.00
N GLU F 16 -28.02 -10.51 -14.93
CA GLU F 16 -29.21 -9.71 -14.69
C GLU F 16 -28.85 -8.51 -13.80
N THR F 17 -29.85 -7.70 -13.49
CA THR F 17 -29.64 -6.43 -12.82
C THR F 17 -30.00 -6.53 -11.34
N LEU F 18 -29.05 -6.17 -10.49
CA LEU F 18 -29.28 -6.08 -9.05
C LEU F 18 -29.93 -4.73 -8.74
N SER F 19 -30.98 -4.75 -7.91
CA SER F 19 -31.72 -3.54 -7.59
C SER F 19 -31.97 -3.47 -6.08
N LEU F 20 -31.50 -2.39 -5.45
CA LEU F 20 -31.64 -2.20 -4.01
C LEU F 20 -32.23 -0.82 -3.72
N THR F 21 -32.83 -0.70 -2.54
CA THR F 21 -33.45 0.54 -2.09
C THR F 21 -33.08 0.79 -0.63
N CYS F 22 -32.77 2.04 -0.33
CA CYS F 22 -32.42 2.48 1.02
C CYS F 22 -33.49 3.45 1.52
N SER F 23 -34.21 3.05 2.56
CA SER F 23 -35.26 3.88 3.14
C SER F 23 -34.69 4.73 4.27
N VAL F 24 -34.92 6.04 4.19
CA VAL F 24 -34.38 7.00 5.14
C VAL F 24 -35.51 7.51 6.02
N SER F 25 -35.29 7.53 7.33
CA SER F 25 -36.23 8.12 8.27
C SER F 25 -35.50 9.14 9.14
N GLY F 26 -36.27 10.08 9.68
CA GLY F 26 -35.71 11.12 10.52
C GLY F 26 -35.11 12.30 9.77
N GLY F 27 -35.30 12.36 8.45
CA GLY F 27 -34.76 13.46 7.66
C GLY F 27 -34.92 13.22 6.17
N SER F 28 -34.85 14.28 5.38
CA SER F 28 -35.02 14.17 3.94
C SER F 28 -33.71 13.81 3.26
N ILE F 29 -33.83 13.05 2.16
CA ILE F 29 -32.66 12.73 1.37
C ILE F 29 -32.06 13.97 0.71
N SER F 30 -32.83 15.04 0.59
CA SER F 30 -32.35 16.29 0.03
C SER F 30 -31.50 17.09 1.01
N THR F 31 -31.32 16.60 2.23
CA THR F 31 -30.60 17.32 3.27
C THR F 31 -29.13 16.93 3.37
N TYR F 32 -28.79 15.70 3.00
CA TYR F 32 -27.45 15.17 3.23
C TYR F 32 -26.90 14.56 1.95
N TYR F 33 -25.65 14.11 2.02
CA TYR F 33 -25.05 13.25 1.00
C TYR F 33 -25.17 11.80 1.46
N TRP F 34 -25.15 10.89 0.50
CA TRP F 34 -25.33 9.48 0.77
C TRP F 34 -24.29 8.66 0.01
N SER F 35 -24.15 7.39 0.40
CA SER F 35 -23.19 6.51 -0.24
C SER F 35 -23.63 5.06 -0.07
N TRP F 36 -23.20 4.22 -1.00
CA TRP F 36 -23.41 2.78 -0.95
C TRP F 36 -22.06 2.09 -0.74
N ILE F 37 -22.01 1.13 0.18
CA ILE F 37 -20.81 0.36 0.46
C ILE F 37 -21.19 -1.11 0.51
N ARG F 38 -20.38 -1.96 -0.10
CA ARG F 38 -20.62 -3.40 -0.09
C ARG F 38 -19.41 -4.12 0.49
N GLN F 39 -19.67 -5.30 1.04
CA GLN F 39 -18.63 -6.09 1.70
C GLN F 39 -18.91 -7.57 1.51
N PRO F 40 -18.12 -8.28 0.70
CA PRO F 40 -18.30 -9.73 0.58
C PRO F 40 -18.01 -10.42 1.90
N ALA F 41 -18.52 -11.64 2.03
CA ALA F 41 -18.39 -12.38 3.28
C ALA F 41 -16.92 -12.62 3.60
N GLY F 42 -16.50 -12.13 4.77
CA GLY F 42 -15.15 -12.31 5.23
C GLY F 42 -14.09 -11.44 4.58
N LYS F 43 -14.49 -10.50 3.73
CA LYS F 43 -13.54 -9.59 3.10
C LYS F 43 -13.75 -8.16 3.60
N GLY F 44 -13.11 -7.22 2.94
CA GLY F 44 -13.13 -5.82 3.34
C GLY F 44 -14.27 -5.04 2.71
N LEU F 45 -14.15 -3.72 2.79
CA LEU F 45 -15.19 -2.80 2.37
C LEU F 45 -14.83 -2.15 1.04
N GLU F 46 -15.82 -2.06 0.14
CA GLU F 46 -15.64 -1.43 -1.16
C GLU F 46 -16.69 -0.33 -1.32
N TRP F 47 -16.23 0.89 -1.53
CA TRP F 47 -17.13 2.03 -1.75
C TRP F 47 -17.70 1.98 -3.16
N ILE F 48 -19.02 1.99 -3.27
CA ILE F 48 -19.69 1.84 -4.56
C ILE F 48 -19.89 3.18 -5.24
N GLY F 49 -20.43 4.16 -4.53
CA GLY F 49 -20.67 5.47 -5.09
C GLY F 49 -21.36 6.34 -4.09
N LEU F 50 -21.39 7.64 -4.39
CA LEU F 50 -22.05 8.61 -3.53
C LEU F 50 -23.15 9.33 -4.30
N MET F 51 -24.01 10.01 -3.55
CA MET F 51 -25.09 10.81 -4.10
C MET F 51 -25.18 12.10 -3.31
N TYR F 52 -25.10 13.23 -4.01
CA TYR F 52 -25.22 14.51 -3.35
C TYR F 52 -26.68 14.82 -3.04
N ASN F 53 -26.90 15.91 -2.31
CA ASN F 53 -28.26 16.28 -1.94
C ASN F 53 -29.11 16.67 -3.14
N SER F 54 -28.47 17.08 -4.24
CA SER F 54 -29.18 17.39 -5.47
C SER F 54 -29.53 16.15 -6.28
N GLY F 55 -29.13 14.96 -5.82
CA GLY F 55 -29.34 13.74 -6.57
C GLY F 55 -28.24 13.40 -7.55
N SER F 56 -27.29 14.29 -7.77
CA SER F 56 -26.20 14.05 -8.71
C SER F 56 -25.32 12.92 -8.19
N PRO F 57 -25.12 11.84 -8.94
CA PRO F 57 -24.33 10.72 -8.43
C PRO F 57 -22.88 10.70 -8.92
N ASN F 58 -22.01 10.07 -8.14
CA ASN F 58 -20.62 9.86 -8.51
C ASN F 58 -20.27 8.42 -8.16
N TYR F 59 -19.83 7.65 -9.16
CA TYR F 59 -19.67 6.21 -9.01
C TYR F 59 -18.20 5.82 -8.93
N ASN F 60 -17.96 4.64 -8.37
CA ASN F 60 -16.61 4.08 -8.33
C ASN F 60 -16.22 3.58 -9.71
N PRO F 61 -15.07 3.99 -10.24
CA PRO F 61 -14.64 3.49 -11.56
C PRO F 61 -14.46 1.99 -11.63
N SER F 62 -14.34 1.30 -10.49
CA SER F 62 -14.15 -0.15 -10.49
C SER F 62 -15.36 -0.87 -11.06
N LEU F 63 -16.56 -0.35 -10.81
CA LEU F 63 -17.79 -0.92 -11.34
C LEU F 63 -18.13 -0.09 -12.57
N LYS F 64 -17.58 -0.51 -13.70
CA LYS F 64 -17.49 0.32 -14.90
C LYS F 64 -18.85 0.44 -15.57
N SER F 65 -19.44 1.65 -15.53
CA SER F 65 -20.72 1.94 -16.20
C SER F 65 -21.91 1.17 -15.62
N ARG F 66 -21.66 0.15 -14.80
CA ARG F 66 -22.70 -0.76 -14.38
C ARG F 66 -23.58 -0.22 -13.26
N VAL F 67 -23.22 0.91 -12.66
CA VAL F 67 -23.92 1.42 -11.49
C VAL F 67 -24.87 2.52 -11.90
N THR F 68 -25.99 2.63 -11.18
CA THR F 68 -26.91 3.75 -11.32
C THR F 68 -27.51 4.03 -9.96
N MET F 69 -27.44 5.29 -9.54
CA MET F 69 -28.01 5.71 -8.26
C MET F 69 -28.98 6.85 -8.52
N SER F 70 -30.16 6.78 -7.91
CA SER F 70 -31.18 7.80 -8.08
C SER F 70 -31.95 7.92 -6.78
N GLY F 71 -32.59 9.08 -6.60
CA GLY F 71 -33.34 9.37 -5.41
C GLY F 71 -34.82 9.56 -5.70
N ASP F 72 -35.65 9.19 -4.72
CA ASP F 72 -37.10 9.36 -4.80
C ASP F 72 -37.50 10.24 -3.62
N THR F 73 -37.78 11.51 -3.89
CA THR F 73 -38.15 12.43 -2.82
C THR F 73 -39.53 12.12 -2.26
N SER F 74 -40.44 11.59 -3.10
CA SER F 74 -41.79 11.31 -2.65
C SER F 74 -41.83 10.19 -1.62
N LYS F 75 -40.92 9.22 -1.72
CA LYS F 75 -40.84 8.12 -0.77
C LYS F 75 -39.68 8.26 0.22
N ASN F 76 -38.86 9.30 0.09
CA ASN F 76 -37.67 9.49 0.91
C ASN F 76 -36.77 8.25 0.86
N GLN F 77 -36.52 7.79 -0.38
CA GLN F 77 -35.64 6.65 -0.62
C GLN F 77 -34.67 7.01 -1.73
N PHE F 78 -33.57 6.26 -1.80
CA PHE F 78 -32.67 6.31 -2.94
C PHE F 78 -32.26 4.88 -3.28
N SER F 79 -31.99 4.66 -4.56
CA SER F 79 -31.86 3.31 -5.09
C SER F 79 -30.44 3.04 -5.57
N LEU F 80 -30.13 1.75 -5.69
CA LEU F 80 -28.87 1.28 -6.25
C LEU F 80 -29.18 0.17 -7.24
N LYS F 81 -28.75 0.34 -8.48
CA LYS F 81 -28.94 -0.66 -9.52
C LYS F 81 -27.59 -1.04 -10.13
N LEU F 82 -27.32 -2.34 -10.15
CA LEU F 82 -26.07 -2.89 -10.63
C LEU F 82 -26.38 -3.93 -11.71
N SER F 83 -25.94 -3.67 -12.94
CA SER F 83 -26.29 -4.50 -14.07
C SER F 83 -25.16 -5.49 -14.40
N SER F 84 -25.55 -6.57 -15.09
CA SER F 84 -24.62 -7.60 -15.55
C SER F 84 -23.80 -8.17 -14.39
N VAL F 85 -24.50 -8.62 -13.35
CA VAL F 85 -23.83 -9.05 -12.14
C VAL F 85 -23.17 -10.41 -12.35
N THR F 86 -22.07 -10.63 -11.61
CA THR F 86 -21.41 -11.92 -11.55
C THR F 86 -21.24 -12.32 -10.09
N ALA F 87 -20.50 -13.42 -9.84
CA ALA F 87 -20.29 -13.86 -8.47
C ALA F 87 -19.52 -12.82 -7.66
N ALA F 88 -18.73 -11.98 -8.31
CA ALA F 88 -17.98 -10.93 -7.62
C ALA F 88 -18.88 -9.88 -6.99
N ASP F 89 -20.17 -9.87 -7.32
CA ASP F 89 -21.11 -8.92 -6.75
C ASP F 89 -21.88 -9.52 -5.58
N THR F 90 -21.69 -10.79 -5.27
CA THR F 90 -22.28 -11.40 -4.08
C THR F 90 -21.61 -10.80 -2.84
N ALA F 91 -22.38 -10.02 -2.08
CA ALA F 91 -21.84 -9.33 -0.91
C ALA F 91 -22.99 -8.82 -0.06
N VAL F 92 -22.64 -8.30 1.11
CA VAL F 92 -23.58 -7.57 1.94
C VAL F 92 -23.49 -6.09 1.56
N TYR F 93 -24.61 -5.49 1.20
CA TYR F 93 -24.64 -4.11 0.73
C TYR F 93 -25.18 -3.20 1.82
N TYR F 94 -24.46 -2.12 2.09
CA TYR F 94 -24.84 -1.13 3.07
C TYR F 94 -25.10 0.20 2.37
N CYS F 95 -26.08 0.94 2.87
CA CYS F 95 -26.22 2.36 2.55
C CYS F 95 -25.88 3.17 3.79
N ALA F 96 -25.27 4.34 3.57
CA ALA F 96 -24.80 5.16 4.66
C ALA F 96 -25.03 6.63 4.36
N ARG F 97 -25.15 7.42 5.42
CA ARG F 97 -25.19 8.87 5.29
C ARG F 97 -23.77 9.41 5.25
N LEU F 98 -23.50 10.27 4.28
CA LEU F 98 -22.16 10.81 4.06
C LEU F 98 -22.13 12.24 4.59
N ARG F 99 -21.80 12.39 5.87
CA ARG F 99 -21.66 13.72 6.45
C ARG F 99 -20.45 14.43 5.86
N TYR F 100 -20.62 15.71 5.54
CA TYR F 100 -19.59 16.47 4.88
C TYR F 100 -19.13 17.64 5.74
N ASP F 101 -17.97 18.19 5.38
CA ASP F 101 -17.37 19.32 6.07
C ASP F 101 -16.60 20.15 5.06
N PHE F 102 -16.94 21.43 4.94
CA PHE F 102 -16.28 22.33 4.00
C PHE F 102 -15.67 23.54 4.71
N TRP F 103 -15.36 23.42 5.99
CA TRP F 103 -14.79 24.51 6.77
C TRP F 103 -13.35 24.23 7.18
N SER F 104 -12.64 23.41 6.40
CA SER F 104 -11.24 23.12 6.65
C SER F 104 -10.54 22.88 5.32
N GLY F 105 -10.81 23.73 4.34
CA GLY F 105 -10.26 23.58 3.01
C GLY F 105 -11.35 23.39 1.97
N SER F 106 -11.06 23.78 0.72
CA SER F 106 -12.06 23.60 -0.34
C SER F 106 -12.28 22.12 -0.64
N LYS F 107 -11.25 21.30 -0.50
CA LYS F 107 -11.43 19.85 -0.63
C LYS F 107 -12.34 19.35 0.48
N GLY F 108 -13.52 18.87 0.12
CA GLY F 108 -14.48 18.45 1.12
C GLY F 108 -14.01 17.24 1.90
N ARG F 109 -14.42 17.18 3.16
CA ARG F 109 -14.17 16.06 4.03
C ARG F 109 -15.47 15.29 4.21
N TYR F 110 -15.41 13.97 4.01
CA TYR F 110 -16.62 13.15 3.96
C TYR F 110 -16.48 11.99 4.94
N TYR F 111 -17.53 11.76 5.72
CA TYR F 111 -17.54 10.69 6.70
C TYR F 111 -18.85 9.93 6.61
N MET F 112 -18.76 8.60 6.66
CA MET F 112 -19.93 7.73 6.68
C MET F 112 -20.19 7.37 8.15
N ASP F 113 -21.07 8.13 8.79
CA ASP F 113 -21.29 7.99 10.23
C ASP F 113 -22.57 7.25 10.58
N VAL F 114 -23.57 7.24 9.70
CA VAL F 114 -24.83 6.56 9.95
C VAL F 114 -24.98 5.47 8.89
N TRP F 115 -24.96 4.21 9.33
CA TRP F 115 -25.03 3.06 8.44
C TRP F 115 -26.36 2.34 8.60
N GLY F 116 -26.79 1.69 7.53
CA GLY F 116 -27.92 0.79 7.63
C GLY F 116 -27.49 -0.55 8.19
N LYS F 117 -28.49 -1.40 8.45
CA LYS F 117 -28.20 -2.73 8.99
C LYS F 117 -27.56 -3.63 7.96
N GLY F 118 -27.73 -3.34 6.68
CA GLY F 118 -27.16 -4.11 5.59
C GLY F 118 -28.10 -5.20 5.11
N THR F 119 -28.04 -5.47 3.81
CA THR F 119 -28.81 -6.53 3.19
C THR F 119 -27.88 -7.44 2.39
N THR F 120 -28.16 -8.73 2.41
CA THR F 120 -27.34 -9.73 1.75
C THR F 120 -27.94 -10.08 0.39
N VAL F 121 -27.12 -9.97 -0.66
CA VAL F 121 -27.53 -10.31 -2.02
C VAL F 121 -26.56 -11.33 -2.58
N THR F 122 -27.09 -12.42 -3.12
CA THR F 122 -26.29 -13.49 -3.68
C THR F 122 -26.57 -13.59 -5.18
N VAL F 123 -25.49 -13.64 -5.98
CA VAL F 123 -25.60 -13.81 -7.41
C VAL F 123 -25.44 -15.29 -7.73
N SER F 124 -26.53 -15.92 -8.14
CA SER F 124 -26.52 -17.35 -8.41
C SER F 124 -27.69 -17.69 -9.33
N SER F 125 -27.52 -18.77 -10.10
CA SER F 125 -28.58 -19.27 -10.96
C SER F 125 -29.50 -20.25 -10.24
N ALA F 126 -29.14 -20.68 -9.04
CA ALA F 126 -29.96 -21.61 -8.29
C ALA F 126 -31.24 -20.93 -7.82
N SER F 127 -32.18 -21.75 -7.34
CA SER F 127 -33.45 -21.27 -6.85
C SER F 127 -33.46 -21.19 -5.33
N THR F 128 -34.34 -20.34 -4.81
CA THR F 128 -34.47 -20.21 -3.37
C THR F 128 -35.10 -21.46 -2.78
N LYS F 129 -34.61 -21.89 -1.63
CA LYS F 129 -35.16 -23.04 -0.94
C LYS F 129 -35.26 -22.76 0.55
N GLY F 130 -36.42 -23.05 1.13
CA GLY F 130 -36.61 -22.87 2.55
C GLY F 130 -35.88 -23.95 3.33
N PRO F 131 -35.53 -23.65 4.57
CA PRO F 131 -34.77 -24.61 5.37
C PRO F 131 -35.66 -25.64 6.03
N SER F 132 -35.04 -26.75 6.42
CA SER F 132 -35.67 -27.77 7.25
C SER F 132 -35.08 -27.67 8.64
N VAL F 133 -35.93 -27.52 9.64
CA VAL F 133 -35.51 -27.32 11.01
C VAL F 133 -35.66 -28.64 11.77
N PHE F 134 -34.59 -29.06 12.43
CA PHE F 134 -34.60 -30.30 13.21
C PHE F 134 -34.14 -29.99 14.62
N PRO F 135 -34.72 -30.64 15.63
CA PRO F 135 -34.33 -30.35 17.01
C PRO F 135 -33.07 -31.09 17.41
N LEU F 136 -32.25 -30.41 18.22
CA LEU F 136 -31.08 -31.00 18.84
C LEU F 136 -31.44 -31.22 20.31
N ALA F 137 -32.00 -32.39 20.59
CA ALA F 137 -32.56 -32.65 21.91
C ALA F 137 -31.46 -32.82 22.95
N PRO F 138 -31.64 -32.30 24.16
CA PRO F 138 -30.66 -32.54 25.23
C PRO F 138 -30.81 -33.93 25.80
N SER F 139 -29.78 -34.35 26.54
CA SER F 139 -29.77 -35.67 27.15
C SER F 139 -29.66 -35.57 28.67
N GLY F 146 -25.90 -30.53 35.74
CA GLY F 146 -25.97 -29.13 36.11
C GLY F 146 -26.42 -28.23 34.97
N THR F 147 -25.70 -28.28 33.86
CA THR F 147 -26.00 -27.48 32.68
C THR F 147 -26.18 -28.40 31.48
N ALA F 148 -27.29 -28.21 30.76
CA ALA F 148 -27.60 -28.98 29.58
C ALA F 148 -27.53 -28.11 28.33
N ALA F 149 -27.37 -28.76 27.18
CA ALA F 149 -27.27 -28.07 25.90
C ALA F 149 -28.34 -28.59 24.96
N LEU F 150 -28.98 -27.66 24.24
CA LEU F 150 -30.00 -28.01 23.25
C LEU F 150 -29.94 -26.98 22.14
N GLY F 151 -30.53 -27.32 21.00
CA GLY F 151 -30.50 -26.40 19.88
C GLY F 151 -31.35 -26.87 18.72
N CYS F 152 -31.18 -26.18 17.60
CA CYS F 152 -31.90 -26.47 16.36
C CYS F 152 -30.92 -26.61 15.21
N LEU F 153 -31.29 -27.44 14.23
CA LEU F 153 -30.49 -27.69 13.05
C LEU F 153 -31.22 -27.13 11.84
N VAL F 154 -30.72 -26.03 11.30
CA VAL F 154 -31.29 -25.38 10.13
C VAL F 154 -30.50 -25.88 8.93
N LYS F 155 -31.06 -26.84 8.20
CA LYS F 155 -30.33 -27.55 7.15
C LYS F 155 -30.99 -27.34 5.80
N ASP F 156 -30.16 -27.26 4.75
CA ASP F 156 -30.60 -27.22 3.36
C ASP F 156 -31.48 -26.01 3.06
N TYR F 157 -30.85 -24.85 2.88
CA TYR F 157 -31.56 -23.65 2.47
C TYR F 157 -30.67 -22.83 1.56
N PHE F 158 -31.29 -21.90 0.83
CA PHE F 158 -30.56 -21.06 -0.11
C PHE F 158 -31.42 -19.87 -0.49
N PRO F 159 -30.87 -18.66 -0.53
CA PRO F 159 -29.50 -18.29 -0.17
C PRO F 159 -29.43 -17.77 1.26
N GLU F 160 -28.35 -17.07 1.62
CA GLU F 160 -28.27 -16.43 2.91
C GLU F 160 -29.23 -15.23 2.96
N PRO F 161 -29.61 -14.80 4.18
CA PRO F 161 -29.26 -15.33 5.50
C PRO F 161 -30.39 -16.05 6.20
N VAL F 162 -30.17 -16.47 7.44
CA VAL F 162 -31.20 -17.07 8.29
C VAL F 162 -31.09 -16.45 9.67
N THR F 163 -32.21 -15.97 10.20
CA THR F 163 -32.26 -15.37 11.53
C THR F 163 -32.89 -16.36 12.50
N VAL F 164 -32.22 -16.60 13.62
CA VAL F 164 -32.68 -17.54 14.63
C VAL F 164 -32.77 -16.83 15.97
N SER F 165 -33.92 -16.92 16.61
CA SER F 165 -34.13 -16.45 17.97
C SER F 165 -34.70 -17.60 18.80
N TRP F 166 -34.65 -17.44 20.12
CA TRP F 166 -35.14 -18.45 21.04
C TRP F 166 -36.23 -17.88 21.93
N ASN F 167 -37.37 -18.58 21.99
CA ASN F 167 -38.51 -18.16 22.80
C ASN F 167 -38.99 -16.76 22.42
N SER F 168 -39.01 -16.48 21.12
CA SER F 168 -39.48 -15.20 20.58
C SER F 168 -38.69 -14.03 21.17
N GLY F 169 -37.39 -14.25 21.38
CA GLY F 169 -36.51 -13.23 21.90
C GLY F 169 -36.38 -13.18 23.40
N ALA F 170 -37.12 -14.02 24.13
CA ALA F 170 -37.02 -14.02 25.59
C ALA F 170 -35.70 -14.61 26.06
N LEU F 171 -35.28 -15.71 25.44
CA LEU F 171 -34.05 -16.39 25.82
C LEU F 171 -32.92 -15.88 24.92
N THR F 172 -31.98 -15.14 25.51
CA THR F 172 -30.87 -14.53 24.77
C THR F 172 -29.51 -14.95 25.27
N SER F 173 -29.30 -14.98 26.59
CA SER F 173 -27.99 -15.30 27.14
C SER F 173 -27.68 -16.78 26.97
N GLY F 174 -26.44 -17.06 26.60
CA GLY F 174 -25.99 -18.43 26.38
C GLY F 174 -26.32 -19.00 25.03
N VAL F 175 -26.79 -18.19 24.09
CA VAL F 175 -27.16 -18.65 22.76
C VAL F 175 -25.98 -18.49 21.83
N HIS F 176 -25.71 -19.53 21.03
CA HIS F 176 -24.66 -19.50 20.02
C HIS F 176 -25.26 -19.95 18.69
N THR F 177 -25.45 -19.00 17.77
CA THR F 177 -25.88 -19.30 16.42
C THR F 177 -24.65 -19.29 15.53
N PHE F 178 -24.24 -20.47 15.06
CA PHE F 178 -23.00 -20.59 14.32
C PHE F 178 -23.16 -20.03 12.91
N PRO F 179 -22.06 -19.55 12.31
CA PRO F 179 -22.12 -19.16 10.90
C PRO F 179 -22.46 -20.36 10.03
N ALA F 180 -23.22 -20.09 8.97
CA ALA F 180 -23.66 -21.15 8.08
C ALA F 180 -22.48 -21.74 7.32
N VAL F 181 -22.62 -23.01 6.95
CA VAL F 181 -21.63 -23.69 6.12
C VAL F 181 -22.27 -24.01 4.78
N LEU F 182 -21.44 -24.03 3.73
CA LEU F 182 -21.91 -24.36 2.39
C LEU F 182 -21.63 -25.85 2.15
N GLN F 183 -22.70 -26.62 2.03
CA GLN F 183 -22.58 -28.05 1.82
C GLN F 183 -22.25 -28.36 0.37
N SER F 184 -21.84 -29.61 0.11
CA SER F 184 -21.51 -30.02 -1.24
C SER F 184 -22.72 -29.99 -2.18
N SER F 185 -23.93 -29.86 -1.65
CA SER F 185 -25.14 -29.76 -2.45
C SER F 185 -25.42 -28.34 -2.92
N GLY F 186 -24.64 -27.36 -2.49
CA GLY F 186 -24.93 -25.97 -2.78
C GLY F 186 -25.95 -25.35 -1.87
N LEU F 187 -26.36 -26.04 -0.81
CA LEU F 187 -27.35 -25.54 0.14
C LEU F 187 -26.66 -25.23 1.46
N TYR F 188 -27.03 -24.11 2.05
CA TYR F 188 -26.44 -23.70 3.33
C TYR F 188 -27.01 -24.52 4.47
N SER F 189 -26.31 -24.48 5.61
CA SER F 189 -26.72 -25.23 6.79
C SER F 189 -26.05 -24.60 8.00
N LEU F 190 -26.81 -24.41 9.07
CA LEU F 190 -26.28 -23.83 10.30
C LEU F 190 -26.95 -24.51 11.49
N SER F 191 -26.40 -24.23 12.68
CA SER F 191 -26.94 -24.74 13.92
C SER F 191 -26.95 -23.62 14.95
N SER F 192 -28.03 -23.57 15.73
CA SER F 192 -28.16 -22.60 16.82
C SER F 192 -28.37 -23.38 18.12
N VAL F 193 -27.48 -23.17 19.09
CA VAL F 193 -27.52 -23.91 20.34
C VAL F 193 -27.65 -22.93 21.50
N VAL F 194 -28.01 -23.47 22.66
CA VAL F 194 -28.16 -22.69 23.88
C VAL F 194 -27.98 -23.62 25.06
N THR F 195 -27.29 -23.13 26.09
CA THR F 195 -27.06 -23.89 27.32
C THR F 195 -28.01 -23.39 28.39
N VAL F 196 -28.72 -24.32 29.03
CA VAL F 196 -29.71 -23.98 30.04
C VAL F 196 -29.44 -24.83 31.29
N PRO F 197 -29.93 -24.40 32.44
CA PRO F 197 -29.82 -25.24 33.64
C PRO F 197 -30.58 -26.55 33.45
N SER F 198 -30.02 -27.62 34.02
CA SER F 198 -30.62 -28.94 33.86
C SER F 198 -31.96 -29.04 34.57
N SER F 199 -32.17 -28.24 35.62
CA SER F 199 -33.41 -28.28 36.37
C SER F 199 -34.58 -27.63 35.63
N SER F 200 -34.32 -26.99 34.49
CA SER F 200 -35.35 -26.30 33.73
C SER F 200 -35.81 -27.10 32.52
N LEU F 201 -35.34 -28.34 32.36
CA LEU F 201 -35.72 -29.15 31.21
C LEU F 201 -37.19 -29.57 31.27
N GLY F 202 -37.76 -29.62 32.47
CA GLY F 202 -39.15 -30.00 32.63
C GLY F 202 -40.03 -28.81 32.97
N THR F 203 -39.41 -27.68 33.31
CA THR F 203 -40.13 -26.47 33.70
C THR F 203 -40.27 -25.45 32.59
N GLN F 204 -39.20 -25.22 31.82
CA GLN F 204 -39.21 -24.21 30.77
C GLN F 204 -39.34 -24.84 29.40
N THR F 205 -40.10 -24.18 28.53
CA THR F 205 -40.25 -24.61 27.15
C THR F 205 -39.32 -23.79 26.28
N TYR F 206 -38.62 -24.47 25.36
CA TYR F 206 -37.62 -23.83 24.52
C TYR F 206 -38.02 -24.00 23.07
N ILE F 207 -38.17 -22.87 22.37
CA ILE F 207 -38.56 -22.85 20.97
C ILE F 207 -37.57 -21.98 20.21
N CYS F 208 -37.06 -22.50 19.10
CA CYS F 208 -36.19 -21.73 18.22
C CYS F 208 -37.04 -21.17 17.08
N ASN F 209 -36.76 -19.94 16.71
CA ASN F 209 -37.56 -19.21 15.72
C ASN F 209 -36.69 -18.99 14.49
N VAL F 210 -36.80 -19.89 13.53
CA VAL F 210 -36.06 -19.80 12.29
C VAL F 210 -36.85 -18.97 11.30
N ASN F 211 -36.16 -18.07 10.61
CA ASN F 211 -36.80 -17.17 9.66
C ASN F 211 -35.89 -17.05 8.44
N HIS F 212 -36.47 -17.30 7.26
CA HIS F 212 -35.73 -17.27 6.00
C HIS F 212 -36.51 -16.37 5.03
N LYS F 213 -36.07 -15.11 4.92
CA LYS F 213 -36.75 -14.15 4.06
C LYS F 213 -36.84 -14.57 2.60
N PRO F 214 -35.76 -15.02 1.94
CA PRO F 214 -35.86 -15.29 0.49
C PRO F 214 -36.90 -16.32 0.09
N SER F 215 -37.34 -17.18 1.01
CA SER F 215 -38.35 -18.18 0.70
C SER F 215 -39.63 -18.00 1.51
N ASN F 216 -39.71 -16.95 2.34
CA ASN F 216 -40.85 -16.70 3.22
C ASN F 216 -41.17 -17.95 4.06
N THR F 217 -40.15 -18.47 4.73
CA THR F 217 -40.26 -19.67 5.55
C THR F 217 -39.94 -19.30 6.99
N LYS F 218 -40.95 -19.33 7.86
CA LYS F 218 -40.76 -19.13 9.29
C LYS F 218 -41.28 -20.36 10.02
N VAL F 219 -40.39 -21.00 10.79
CA VAL F 219 -40.68 -22.24 11.48
C VAL F 219 -40.38 -22.07 12.96
N ASP F 220 -41.32 -22.50 13.81
CA ASP F 220 -41.14 -22.53 15.25
C ASP F 220 -41.06 -23.99 15.68
N LYS F 221 -39.89 -24.40 16.18
CA LYS F 221 -39.63 -25.79 16.56
C LYS F 221 -39.41 -25.90 18.07
N LYS F 222 -40.10 -26.85 18.69
CA LYS F 222 -39.96 -27.11 20.12
C LYS F 222 -38.91 -28.19 20.34
N VAL F 223 -37.89 -27.87 21.13
CA VAL F 223 -36.88 -28.85 21.54
C VAL F 223 -37.29 -29.40 22.89
N GLU F 224 -37.36 -30.73 22.98
CA GLU F 224 -37.77 -31.42 24.21
C GLU F 224 -37.03 -32.75 24.28
N PRO F 225 -36.73 -33.24 25.49
CA PRO F 225 -36.01 -34.50 25.69
C PRO F 225 -36.67 -35.71 25.02
N ASP G 1 -5.99 4.37 -8.35
CA ASP G 1 -6.52 5.05 -7.18
C ASP G 1 -5.58 4.94 -5.99
N ILE G 2 -5.93 5.58 -4.88
CA ILE G 2 -5.09 5.55 -3.70
C ILE G 2 -5.32 4.24 -2.97
N GLN G 3 -4.24 3.49 -2.74
CA GLN G 3 -4.30 2.18 -2.13
C GLN G 3 -3.88 2.29 -0.67
N MET G 4 -4.63 1.65 0.21
CA MET G 4 -4.38 1.73 1.64
C MET G 4 -3.93 0.37 2.17
N THR G 5 -2.92 0.40 3.06
CA THR G 5 -2.43 -0.79 3.73
C THR G 5 -2.52 -0.62 5.23
N GLN G 6 -2.71 -1.74 5.93
CA GLN G 6 -2.80 -1.75 7.39
C GLN G 6 -1.94 -2.85 7.96
N SER G 7 -1.29 -2.55 9.09
CA SER G 7 -0.45 -3.49 9.81
C SER G 7 -0.75 -3.40 11.29
N PRO G 8 -0.85 -4.54 11.99
CA PRO G 8 -0.75 -5.90 11.48
C PRO G 8 -2.07 -6.36 10.85
N SER G 9 -2.08 -7.52 10.18
CA SER G 9 -3.34 -8.05 9.68
C SER G 9 -4.25 -8.48 10.84
N SER G 10 -3.66 -8.88 11.95
CA SER G 10 -4.40 -9.27 13.14
C SER G 10 -3.46 -9.18 14.34
N LEU G 11 -4.04 -9.16 15.53
CA LEU G 11 -3.25 -9.12 16.75
C LEU G 11 -4.11 -9.60 17.91
N SER G 12 -3.44 -10.12 18.93
CA SER G 12 -4.10 -10.57 20.16
C SER G 12 -3.46 -9.84 21.34
N ALA G 13 -4.29 -9.24 22.18
CA ALA G 13 -3.80 -8.51 23.34
C ALA G 13 -4.73 -8.75 24.52
N SER G 14 -4.17 -8.64 25.72
CA SER G 14 -4.93 -8.83 26.94
C SER G 14 -5.67 -7.54 27.31
N VAL G 15 -6.68 -7.69 28.17
CA VAL G 15 -7.44 -6.53 28.62
C VAL G 15 -6.53 -5.60 29.40
N GLY G 16 -6.51 -4.33 28.98
CA GLY G 16 -5.69 -3.31 29.61
C GLY G 16 -4.45 -2.93 28.84
N ASP G 17 -4.02 -3.76 27.89
CA ASP G 17 -2.82 -3.47 27.10
C ASP G 17 -3.07 -2.27 26.20
N ARG G 18 -1.97 -1.59 25.84
CA ARG G 18 -2.02 -0.52 24.86
C ARG G 18 -1.72 -1.11 23.49
N VAL G 19 -2.68 -1.05 22.58
CA VAL G 19 -2.53 -1.56 21.23
C VAL G 19 -2.45 -0.41 20.25
N THR G 20 -1.61 -0.55 19.23
CA THR G 20 -1.47 0.46 18.20
C THR G 20 -1.46 -0.22 16.83
N ILE G 21 -2.32 0.25 15.94
CA ILE G 21 -2.39 -0.25 14.57
C ILE G 21 -2.02 0.88 13.62
N THR G 22 -1.36 0.53 12.52
CA THR G 22 -0.87 1.49 11.55
C THR G 22 -1.62 1.38 10.23
N CYS G 23 -1.77 2.52 9.56
CA CYS G 23 -2.42 2.60 8.26
C CYS G 23 -1.57 3.49 7.34
N GLN G 24 -1.25 2.98 6.16
CA GLN G 24 -0.40 3.67 5.20
C GLN G 24 -1.16 3.91 3.89
N ALA G 25 -0.96 5.09 3.30
CA ALA G 25 -1.58 5.46 2.04
C ALA G 25 -0.54 5.48 0.94
N SER G 26 -0.96 5.08 -0.27
CA SER G 26 -0.05 5.02 -1.41
C SER G 26 0.44 6.39 -1.84
N GLN G 27 -0.22 7.46 -1.43
CA GLN G 27 0.23 8.81 -1.74
C GLN G 27 -0.22 9.74 -0.63
N ASP G 28 0.24 10.98 -0.70
CA ASP G 28 -0.11 11.98 0.31
C ASP G 28 -1.61 12.23 0.31
N ILE G 29 -2.24 12.05 1.47
CA ILE G 29 -3.66 12.31 1.65
C ILE G 29 -3.92 13.32 2.76
N SER G 30 -2.88 14.03 3.20
CA SER G 30 -2.98 15.02 4.29
C SER G 30 -3.53 14.29 5.51
N ASN G 31 -4.61 14.77 6.13
CA ASN G 31 -5.26 14.09 7.24
C ASN G 31 -6.67 13.64 6.89
N TYR G 32 -6.94 13.43 5.60
CA TYR G 32 -8.26 13.01 5.13
C TYR G 32 -8.42 11.50 5.32
N LEU G 33 -8.49 11.09 6.59
CA LEU G 33 -8.55 9.68 6.93
C LEU G 33 -9.61 9.44 8.00
N ASN G 34 -10.34 8.33 7.85
CA ASN G 34 -11.32 7.88 8.83
C ASN G 34 -10.90 6.54 9.41
N TRP G 35 -11.35 6.29 10.64
CA TRP G 35 -11.11 5.02 11.32
C TRP G 35 -12.47 4.41 11.68
N TYR G 36 -12.70 3.18 11.24
CA TYR G 36 -13.95 2.47 11.50
C TYR G 36 -13.69 1.25 12.39
N GLN G 37 -14.69 0.91 13.19
CA GLN G 37 -14.68 -0.28 14.03
C GLN G 37 -15.89 -1.13 13.67
N GLN G 38 -15.63 -2.34 13.16
CA GLN G 38 -16.70 -3.24 12.74
C GLN G 38 -16.71 -4.46 13.65
N LYS G 39 -17.64 -4.45 14.61
CA LYS G 39 -17.84 -5.61 15.46
C LYS G 39 -18.55 -6.71 14.67
N PRO G 40 -18.38 -7.97 15.08
CA PRO G 40 -18.98 -9.08 14.33
C PRO G 40 -20.50 -8.94 14.20
N GLY G 41 -20.99 -9.09 12.98
CA GLY G 41 -22.42 -9.05 12.72
C GLY G 41 -23.02 -7.66 12.62
N GLN G 42 -22.20 -6.61 12.62
CA GLN G 42 -22.69 -5.25 12.56
C GLN G 42 -22.07 -4.51 11.38
N ALA G 43 -22.65 -3.35 11.06
CA ALA G 43 -22.08 -2.46 10.08
C ALA G 43 -20.86 -1.75 10.67
N PRO G 44 -19.97 -1.23 9.83
CA PRO G 44 -18.84 -0.44 10.35
C PRO G 44 -19.31 0.77 11.12
N LYS G 45 -18.65 1.03 12.25
CA LYS G 45 -18.94 2.19 13.09
C LYS G 45 -17.78 3.17 13.00
N LEU G 46 -18.09 4.41 12.63
CA LEU G 46 -17.06 5.45 12.53
C LEU G 46 -16.64 5.90 13.92
N LEU G 47 -15.34 5.80 14.23
CA LEU G 47 -14.81 6.22 15.51
C LEU G 47 -14.04 7.53 15.42
N ILE G 48 -13.17 7.68 14.42
CA ILE G 48 -12.31 8.85 14.29
C ILE G 48 -12.37 9.36 12.86
N HIS G 49 -12.56 10.66 12.71
CA HIS G 49 -12.53 11.33 11.42
C HIS G 49 -11.40 12.35 11.40
N ASP G 50 -10.94 12.68 10.18
CA ASP G 50 -9.84 13.62 9.99
C ASP G 50 -8.61 13.20 10.77
N ALA G 51 -8.34 11.89 10.76
CA ALA G 51 -7.13 11.28 11.30
C ALA G 51 -7.06 11.29 12.82
N SER G 52 -7.62 12.31 13.47
CA SER G 52 -7.43 12.47 14.91
C SER G 52 -8.65 12.96 15.68
N ASN G 53 -9.77 13.25 15.02
CA ASN G 53 -10.94 13.82 15.70
C ASN G 53 -11.92 12.71 16.05
N LEU G 54 -12.21 12.57 17.34
CA LEU G 54 -13.10 11.52 17.81
C LEU G 54 -14.56 11.86 17.46
N GLU G 55 -15.33 10.82 17.14
CA GLU G 55 -16.77 10.99 17.00
C GLU G 55 -17.41 11.20 18.37
N THR G 56 -18.61 11.78 18.35
CA THR G 56 -19.32 12.04 19.59
C THR G 56 -19.69 10.74 20.28
N GLY G 57 -19.31 10.62 21.55
CA GLY G 57 -19.63 9.46 22.35
C GLY G 57 -18.61 8.34 22.33
N VAL G 58 -17.61 8.42 21.45
CA VAL G 58 -16.59 7.36 21.40
C VAL G 58 -15.76 7.40 22.68
N PRO G 59 -15.49 6.27 23.32
CA PRO G 59 -14.68 6.27 24.55
C PRO G 59 -13.32 6.92 24.34
N SER G 60 -12.84 7.57 25.40
CA SER G 60 -11.57 8.30 25.34
C SER G 60 -10.36 7.40 25.18
N ARG G 61 -10.51 6.08 25.38
CA ARG G 61 -9.38 5.18 25.21
C ARG G 61 -8.96 5.07 23.75
N PHE G 62 -9.81 5.48 22.81
CA PHE G 62 -9.48 5.48 21.40
C PHE G 62 -8.85 6.82 21.01
N SER G 63 -7.78 6.74 20.23
CA SER G 63 -7.10 7.93 19.74
C SER G 63 -6.42 7.62 18.42
N GLY G 64 -6.23 8.66 17.62
CA GLY G 64 -5.58 8.52 16.34
C GLY G 64 -4.76 9.74 16.01
N SER G 65 -3.76 9.53 15.15
CA SER G 65 -2.88 10.62 14.75
C SER G 65 -2.28 10.28 13.39
N GLY G 66 -1.55 11.25 12.84
CA GLY G 66 -0.91 11.05 11.55
C GLY G 66 -1.37 12.05 10.50
N SER G 67 -0.49 12.34 9.54
CA SER G 67 -0.80 13.24 8.45
C SER G 67 0.18 12.98 7.32
N GLY G 68 -0.33 12.86 6.10
CA GLY G 68 0.51 12.56 4.97
C GLY G 68 0.26 11.18 4.38
N THR G 69 1.08 10.20 4.77
CA THR G 69 0.92 8.85 4.27
C THR G 69 0.77 7.82 5.38
N ASP G 70 1.38 8.06 6.53
CA ASP G 70 1.40 7.12 7.63
C ASP G 70 0.48 7.61 8.76
N PHE G 71 -0.32 6.69 9.29
CA PHE G 71 -1.32 7.04 10.29
C PHE G 71 -1.33 5.98 11.40
N THR G 72 -1.78 6.39 12.58
CA THR G 72 -1.72 5.56 13.78
C THR G 72 -3.05 5.60 14.52
N PHE G 73 -3.54 4.43 14.92
CA PHE G 73 -4.74 4.29 15.72
C PHE G 73 -4.39 3.50 16.98
N THR G 74 -4.69 4.08 18.14
CA THR G 74 -4.25 3.50 19.41
C THR G 74 -5.43 3.36 20.37
N VAL G 75 -5.54 2.19 20.99
CA VAL G 75 -6.46 1.94 22.09
C VAL G 75 -5.61 1.87 23.35
N SER G 76 -5.76 2.85 24.24
CA SER G 76 -4.86 2.97 25.39
C SER G 76 -5.04 1.80 26.36
N SER G 77 -6.28 1.39 26.62
CA SER G 77 -6.56 0.28 27.53
C SER G 77 -7.63 -0.59 26.87
N LEU G 78 -7.18 -1.62 26.17
CA LEU G 78 -8.09 -2.47 25.40
C LEU G 78 -9.12 -3.13 26.30
N GLN G 79 -10.38 -3.11 25.89
CA GLN G 79 -11.47 -3.71 26.63
C GLN G 79 -12.00 -4.93 25.88
N ALA G 80 -12.69 -5.79 26.62
CA ALA G 80 -13.17 -7.04 26.04
C ALA G 80 -14.20 -6.79 24.94
N GLU G 81 -14.98 -5.71 25.03
CA GLU G 81 -15.95 -5.41 23.99
C GLU G 81 -15.31 -4.86 22.72
N ASP G 82 -14.02 -4.51 22.76
CA ASP G 82 -13.37 -3.88 21.61
C ASP G 82 -12.92 -4.87 20.55
N ILE G 83 -13.23 -6.16 20.71
CA ILE G 83 -12.93 -7.13 19.66
C ILE G 83 -13.73 -6.79 18.41
N ALA G 84 -13.03 -6.49 17.33
CA ALA G 84 -13.64 -6.08 16.06
C ALA G 84 -12.55 -6.05 15.01
N THR G 85 -12.95 -5.70 13.79
CA THR G 85 -12.01 -5.44 12.70
C THR G 85 -11.97 -3.94 12.46
N TYR G 86 -10.79 -3.35 12.50
CA TYR G 86 -10.61 -1.91 12.43
C TYR G 86 -10.10 -1.54 11.04
N TYR G 87 -10.84 -0.68 10.35
CA TYR G 87 -10.51 -0.23 9.01
C TYR G 87 -10.13 1.24 9.01
N CYS G 88 -9.20 1.59 8.13
CA CYS G 88 -8.93 2.98 7.79
C CYS G 88 -9.40 3.25 6.37
N GLN G 89 -9.82 4.49 6.12
CA GLN G 89 -10.40 4.85 4.85
C GLN G 89 -10.02 6.28 4.51
N GLN G 90 -9.62 6.51 3.27
CA GLN G 90 -9.25 7.83 2.80
C GLN G 90 -10.39 8.44 1.98
N TYR G 91 -10.52 9.77 2.07
CA TYR G 91 -11.45 10.53 1.26
C TYR G 91 -10.75 11.71 0.61
N TYR G 92 -9.46 11.56 0.33
CA TYR G 92 -8.69 12.62 -0.31
C TYR G 92 -8.96 12.68 -1.81
N ASN G 93 -9.14 11.52 -2.44
CA ASN G 93 -9.48 11.45 -3.85
C ASN G 93 -10.65 10.49 -4.05
N LEU G 94 -11.42 10.74 -5.11
CA LEU G 94 -12.39 9.71 -5.44
C LEU G 94 -11.74 8.67 -6.35
N PRO G 95 -12.07 7.38 -6.19
CA PRO G 95 -13.05 6.80 -5.26
C PRO G 95 -12.52 6.67 -3.83
N PHE G 96 -13.43 6.71 -2.84
CA PHE G 96 -13.05 6.39 -1.48
C PHE G 96 -12.56 4.96 -1.39
N THR G 97 -11.45 4.75 -0.69
CA THR G 97 -10.87 3.42 -0.57
C THR G 97 -10.61 3.10 0.90
N PHE G 98 -10.87 1.85 1.26
CA PHE G 98 -10.64 1.36 2.62
C PHE G 98 -9.31 0.60 2.68
N GLY G 99 -8.86 0.37 3.90
CA GLY G 99 -7.71 -0.48 4.13
C GLY G 99 -8.13 -1.93 4.25
N PRO G 100 -7.16 -2.84 4.24
CA PRO G 100 -7.50 -4.27 4.36
C PRO G 100 -8.12 -4.62 5.70
N GLY G 101 -7.91 -3.82 6.72
CA GLY G 101 -8.49 -4.06 8.03
C GLY G 101 -7.53 -4.79 8.95
N THR G 102 -7.70 -4.55 10.26
CA THR G 102 -6.93 -5.22 11.29
C THR G 102 -7.89 -5.89 12.26
N LYS G 103 -7.71 -7.19 12.48
CA LYS G 103 -8.56 -7.95 13.38
C LYS G 103 -7.94 -7.90 14.78
N VAL G 104 -8.69 -7.38 15.75
CA VAL G 104 -8.22 -7.25 17.12
C VAL G 104 -8.95 -8.28 17.98
N ASP G 105 -8.20 -9.25 18.49
CA ASP G 105 -8.72 -10.29 19.36
C ASP G 105 -8.24 -10.07 20.79
N ILE G 106 -9.05 -10.52 21.75
CA ILE G 106 -8.74 -10.39 23.17
C ILE G 106 -8.07 -11.66 23.65
N LYS G 107 -6.98 -11.52 24.39
CA LYS G 107 -6.30 -12.63 25.04
C LYS G 107 -6.79 -12.75 26.47
N ARG G 108 -7.16 -13.96 26.87
CA ARG G 108 -7.69 -14.22 28.21
C ARG G 108 -7.10 -15.53 28.70
N THR G 109 -7.55 -15.97 29.87
CA THR G 109 -7.07 -17.20 30.45
C THR G 109 -7.64 -18.41 29.70
N VAL G 110 -6.96 -19.55 29.86
CA VAL G 110 -7.35 -20.77 29.14
C VAL G 110 -8.63 -21.32 29.75
N ALA G 111 -9.57 -21.71 28.90
CA ALA G 111 -10.83 -22.33 29.31
C ALA G 111 -11.06 -23.54 28.44
N ALA G 112 -11.15 -24.72 29.06
CA ALA G 112 -11.40 -25.94 28.31
C ALA G 112 -12.81 -25.94 27.75
N PRO G 113 -13.03 -26.58 26.61
CA PRO G 113 -14.37 -26.60 26.02
C PRO G 113 -15.30 -27.58 26.73
N SER G 114 -16.58 -27.21 26.75
CA SER G 114 -17.64 -28.10 27.19
C SER G 114 -18.17 -28.84 25.97
N VAL G 115 -18.06 -30.17 25.97
CA VAL G 115 -18.36 -30.98 24.80
C VAL G 115 -19.75 -31.58 24.95
N PHE G 116 -20.56 -31.46 23.90
CA PHE G 116 -21.89 -32.06 23.84
C PHE G 116 -22.06 -32.72 22.49
N ILE G 117 -22.84 -33.80 22.47
CA ILE G 117 -23.16 -34.51 21.22
C ILE G 117 -24.67 -34.64 21.10
N PHE G 118 -25.16 -34.59 19.86
CA PHE G 118 -26.58 -34.62 19.58
C PHE G 118 -26.83 -35.67 18.49
N PRO G 119 -27.60 -36.71 18.78
CA PRO G 119 -27.93 -37.70 17.74
C PRO G 119 -28.91 -37.12 16.73
N PRO G 120 -29.05 -37.74 15.57
CA PRO G 120 -30.01 -37.23 14.58
C PRO G 120 -31.44 -37.33 15.10
N SER G 121 -32.23 -36.30 14.81
CA SER G 121 -33.63 -36.29 15.20
C SER G 121 -34.43 -37.24 14.32
N ASP G 122 -35.40 -37.93 14.94
CA ASP G 122 -36.19 -38.92 14.21
C ASP G 122 -36.83 -38.36 12.95
N GLU G 123 -37.18 -37.07 12.97
CA GLU G 123 -37.79 -36.47 11.78
C GLU G 123 -36.81 -36.45 10.60
N GLN G 124 -35.52 -36.26 10.86
CA GLN G 124 -34.57 -36.18 9.77
C GLN G 124 -34.34 -37.55 9.13
N LEU G 125 -34.42 -38.63 9.91
CA LEU G 125 -34.27 -39.96 9.35
C LEU G 125 -35.31 -40.21 8.25
N LYS G 126 -36.46 -39.54 8.33
CA LYS G 126 -37.49 -39.67 7.31
C LYS G 126 -37.06 -39.05 5.98
N SER G 127 -35.95 -38.31 5.94
CA SER G 127 -35.43 -37.73 4.71
C SER G 127 -34.32 -38.54 4.08
N GLY G 128 -33.84 -39.60 4.74
CA GLY G 128 -32.75 -40.37 4.19
C GLY G 128 -31.37 -39.88 4.56
N THR G 129 -31.25 -38.91 5.45
CA THR G 129 -29.97 -38.33 5.85
C THR G 129 -29.90 -38.28 7.37
N ALA G 130 -28.68 -38.41 7.90
CA ALA G 130 -28.44 -38.37 9.33
C ALA G 130 -27.35 -37.34 9.62
N SER G 131 -27.64 -36.42 10.54
CA SER G 131 -26.71 -35.36 10.92
C SER G 131 -26.40 -35.49 12.40
N VAL G 132 -25.14 -35.78 12.72
CA VAL G 132 -24.68 -35.86 14.10
C VAL G 132 -23.87 -34.60 14.39
N VAL G 133 -24.30 -33.83 15.40
CA VAL G 133 -23.71 -32.54 15.73
C VAL G 133 -22.94 -32.68 17.04
N CYS G 134 -21.68 -32.24 17.04
CA CYS G 134 -20.87 -32.15 18.23
C CYS G 134 -20.61 -30.69 18.55
N LEU G 135 -20.73 -30.32 19.82
CA LEU G 135 -20.65 -28.93 20.25
C LEU G 135 -19.46 -28.72 21.18
N LEU G 136 -18.67 -27.69 20.90
CA LEU G 136 -17.61 -27.23 21.79
C LEU G 136 -18.00 -25.83 22.25
N ASN G 137 -18.32 -25.68 23.53
CA ASN G 137 -18.96 -24.47 24.04
C ASN G 137 -18.01 -23.69 24.93
N ASN G 138 -17.86 -22.39 24.63
CA ASN G 138 -17.13 -21.44 25.46
C ASN G 138 -15.74 -21.92 25.84
N PHE G 139 -14.78 -21.78 24.91
CA PHE G 139 -13.41 -22.20 25.16
C PHE G 139 -12.45 -21.15 24.63
N TYR G 140 -11.22 -21.21 25.14
CA TYR G 140 -10.12 -20.35 24.71
C TYR G 140 -8.83 -21.06 25.02
N PRO G 141 -7.81 -21.04 24.14
CA PRO G 141 -7.74 -20.36 22.84
C PRO G 141 -8.62 -20.94 21.74
N ARG G 142 -8.50 -20.39 20.54
CA ARG G 142 -9.40 -20.77 19.44
C ARG G 142 -9.07 -22.14 18.90
N GLU G 143 -7.81 -22.57 19.01
CA GLU G 143 -7.38 -23.81 18.38
C GLU G 143 -7.96 -25.02 19.09
N ALA G 144 -8.53 -25.94 18.32
CA ALA G 144 -9.09 -27.17 18.85
C ALA G 144 -9.16 -28.21 17.74
N LYS G 145 -9.22 -29.47 18.15
CA LYS G 145 -9.29 -30.60 17.24
C LYS G 145 -10.54 -31.42 17.55
N VAL G 146 -11.29 -31.78 16.51
CA VAL G 146 -12.47 -32.61 16.65
C VAL G 146 -12.34 -33.80 15.70
N GLN G 147 -12.53 -34.99 16.23
CA GLN G 147 -12.45 -36.21 15.44
C GLN G 147 -13.71 -37.03 15.64
N TRP G 148 -14.24 -37.54 14.54
CA TRP G 148 -15.44 -38.38 14.57
C TRP G 148 -15.04 -39.85 14.53
N LYS G 149 -15.69 -40.65 15.36
CA LYS G 149 -15.45 -42.08 15.41
C LYS G 149 -16.79 -42.80 15.39
N VAL G 150 -17.00 -43.61 14.35
CA VAL G 150 -18.19 -44.44 14.21
C VAL G 150 -17.74 -45.88 14.39
N ASP G 151 -18.27 -46.54 15.42
CA ASP G 151 -17.78 -47.85 15.85
C ASP G 151 -16.28 -47.81 16.06
N ASN G 152 -15.80 -46.70 16.63
CA ASN G 152 -14.38 -46.47 16.88
C ASN G 152 -13.56 -46.53 15.60
N ALA G 153 -14.11 -45.96 14.53
CA ALA G 153 -13.43 -45.84 13.24
C ALA G 153 -13.36 -44.36 12.87
N LEU G 154 -12.14 -43.85 12.72
CA LEU G 154 -11.96 -42.43 12.45
C LEU G 154 -12.53 -42.06 11.08
N GLN G 155 -13.29 -40.98 11.05
CA GLN G 155 -13.97 -40.50 9.84
C GLN G 155 -13.12 -39.43 9.15
N SER G 156 -13.37 -39.25 7.86
CA SER G 156 -12.65 -38.26 7.06
C SER G 156 -13.53 -37.82 5.90
N GLY G 157 -13.53 -36.51 5.64
CA GLY G 157 -14.24 -35.96 4.50
C GLY G 157 -15.74 -35.99 4.59
N ASN G 158 -16.31 -36.25 5.76
CA ASN G 158 -17.77 -36.29 5.92
C ASN G 158 -18.24 -35.42 7.07
N SER G 159 -17.48 -34.40 7.44
CA SER G 159 -17.86 -33.50 8.52
C SER G 159 -17.45 -32.08 8.17
N GLN G 160 -18.20 -31.12 8.70
CA GLN G 160 -17.93 -29.70 8.53
C GLN G 160 -17.94 -29.00 9.88
N GLU G 161 -17.08 -28.00 10.03
CA GLU G 161 -16.95 -27.26 11.27
C GLU G 161 -17.36 -25.81 11.06
N SER G 162 -17.75 -25.19 12.17
CA SER G 162 -18.14 -23.78 12.18
C SER G 162 -17.80 -23.22 13.55
N VAL G 163 -17.15 -22.07 13.58
CA VAL G 163 -16.73 -21.43 14.81
C VAL G 163 -17.38 -20.05 14.89
N THR G 164 -17.86 -19.70 16.08
CA THR G 164 -18.44 -18.39 16.27
C THR G 164 -17.34 -17.34 16.42
N GLU G 165 -17.73 -16.08 16.28
CA GLU G 165 -16.81 -15.00 16.61
C GLU G 165 -16.57 -14.96 18.10
N GLN G 166 -15.48 -14.30 18.50
CA GLN G 166 -15.15 -14.19 19.91
C GLN G 166 -16.25 -13.40 20.64
N ASP G 167 -16.60 -13.87 21.83
CA ASP G 167 -17.66 -13.25 22.62
C ASP G 167 -17.15 -11.95 23.24
N SER G 168 -18.01 -10.93 23.26
CA SER G 168 -17.63 -9.61 23.75
C SER G 168 -17.62 -9.51 25.28
N LYS G 169 -18.04 -10.55 26.00
CA LYS G 169 -18.08 -10.53 27.45
C LYS G 169 -17.05 -11.46 28.08
N ASP G 170 -17.14 -12.76 27.82
CA ASP G 170 -16.20 -13.72 28.40
C ASP G 170 -15.05 -14.08 27.47
N SER G 171 -15.01 -13.52 26.27
CA SER G 171 -13.87 -13.65 25.35
C SER G 171 -13.61 -15.11 24.96
N THR G 172 -14.67 -15.91 24.84
CA THR G 172 -14.53 -17.32 24.51
C THR G 172 -14.97 -17.56 23.07
N TYR G 173 -14.74 -18.79 22.61
CA TYR G 173 -15.15 -19.26 21.30
C TYR G 173 -16.08 -20.45 21.46
N SER G 174 -16.84 -20.73 20.41
CA SER G 174 -17.69 -21.91 20.37
C SER G 174 -17.58 -22.54 19.00
N LEU G 175 -17.44 -23.87 18.97
CA LEU G 175 -17.25 -24.63 17.74
C LEU G 175 -18.29 -25.71 17.62
N SER G 176 -18.76 -25.95 16.40
CA SER G 176 -19.68 -27.02 16.11
C SER G 176 -19.11 -27.88 14.99
N SER G 177 -19.38 -29.18 15.06
CA SER G 177 -18.93 -30.13 14.05
C SER G 177 -20.11 -31.02 13.68
N THR G 178 -20.51 -30.98 12.42
CA THR G 178 -21.67 -31.71 11.94
C THR G 178 -21.21 -32.87 11.06
N LEU G 179 -21.45 -34.09 11.53
CA LEU G 179 -21.17 -35.29 10.75
C LEU G 179 -22.43 -35.66 9.98
N THR G 180 -22.41 -35.49 8.66
CA THR G 180 -23.55 -35.75 7.81
C THR G 180 -23.35 -37.11 7.14
N LEU G 181 -24.30 -38.02 7.35
CA LEU G 181 -24.21 -39.38 6.81
C LEU G 181 -25.56 -39.77 6.23
N SER G 182 -25.52 -40.67 5.25
CA SER G 182 -26.76 -41.23 4.72
C SER G 182 -27.38 -42.17 5.74
N LYS G 183 -28.71 -42.33 5.63
CA LYS G 183 -29.41 -43.22 6.55
C LYS G 183 -28.94 -44.66 6.41
N ALA G 184 -28.60 -45.08 5.18
CA ALA G 184 -28.07 -46.43 4.98
C ALA G 184 -26.84 -46.68 5.83
N ASP G 185 -25.83 -45.83 5.70
CA ASP G 185 -24.60 -46.01 6.49
C ASP G 185 -24.83 -45.74 7.97
N TYR G 186 -25.84 -44.94 8.32
CA TYR G 186 -26.07 -44.62 9.72
C TYR G 186 -26.59 -45.83 10.49
N GLU G 187 -27.45 -46.63 9.88
CA GLU G 187 -28.05 -47.77 10.56
C GLU G 187 -27.09 -48.96 10.68
N LYS G 188 -26.06 -49.02 9.86
CA LYS G 188 -25.12 -50.14 9.89
C LYS G 188 -24.16 -50.08 11.07
N HIS G 189 -24.15 -48.99 11.83
CA HIS G 189 -23.22 -48.82 12.93
C HIS G 189 -23.98 -48.41 14.18
N LYS G 190 -23.34 -48.59 15.33
CA LYS G 190 -23.98 -48.41 16.63
C LYS G 190 -23.38 -47.25 17.42
N VAL G 191 -22.07 -47.24 17.65
CA VAL G 191 -21.45 -46.27 18.54
C VAL G 191 -20.98 -45.08 17.72
N TYR G 192 -21.38 -43.88 18.14
CA TYR G 192 -21.01 -42.63 17.48
C TYR G 192 -20.35 -41.72 18.52
N ALA G 193 -19.05 -41.46 18.35
CA ALA G 193 -18.27 -40.75 19.35
C ALA G 193 -17.66 -39.49 18.74
N CYS G 194 -17.47 -38.48 19.61
CA CYS G 194 -16.84 -37.23 19.24
C CYS G 194 -15.70 -36.98 20.20
N GLU G 195 -14.46 -37.08 19.70
CA GLU G 195 -13.27 -36.89 20.52
C GLU G 195 -12.71 -35.50 20.29
N VAL G 196 -12.43 -34.79 21.39
CA VAL G 196 -12.05 -33.38 21.34
C VAL G 196 -10.74 -33.21 22.11
N THR G 197 -9.77 -32.56 21.49
CA THR G 197 -8.53 -32.17 22.15
C THR G 197 -8.39 -30.65 22.13
N HIS G 198 -7.76 -30.13 23.18
CA HIS G 198 -7.57 -28.70 23.36
C HIS G 198 -6.40 -28.54 24.32
N GLN G 199 -5.69 -27.42 24.18
CA GLN G 199 -4.51 -27.21 25.02
C GLN G 199 -4.84 -27.14 26.49
N GLY G 200 -6.09 -26.82 26.84
CA GLY G 200 -6.53 -26.85 28.22
C GLY G 200 -7.00 -28.19 28.72
N LEU G 201 -6.95 -29.23 27.88
CA LEU G 201 -7.37 -30.57 28.26
C LEU G 201 -6.15 -31.47 28.34
N SER G 202 -5.96 -32.10 29.51
CA SER G 202 -4.83 -33.00 29.69
C SER G 202 -4.99 -34.25 28.83
N SER G 203 -6.20 -34.78 28.75
CA SER G 203 -6.52 -35.96 27.98
C SER G 203 -7.69 -35.67 27.06
N PRO G 204 -7.76 -36.29 25.89
CA PRO G 204 -8.87 -36.04 24.98
C PRO G 204 -10.21 -36.39 25.62
N VAL G 205 -11.18 -35.50 25.43
CA VAL G 205 -12.53 -35.66 25.97
C VAL G 205 -13.42 -36.28 24.90
N THR G 206 -14.13 -37.35 25.26
CA THR G 206 -14.99 -38.07 24.34
C THR G 206 -16.43 -38.05 24.84
N LYS G 207 -17.35 -37.71 23.96
CA LYS G 207 -18.78 -37.77 24.20
C LYS G 207 -19.42 -38.61 23.10
N SER G 208 -20.18 -39.63 23.50
CA SER G 208 -20.72 -40.60 22.55
C SER G 208 -22.14 -40.99 22.95
N PHE G 209 -22.81 -41.68 22.03
CA PHE G 209 -24.14 -42.23 22.27
C PHE G 209 -24.27 -43.52 21.50
N ASN G 210 -25.36 -44.25 21.76
CA ASN G 210 -25.70 -45.46 21.06
C ASN G 210 -26.98 -45.26 20.25
N ARG G 211 -26.94 -45.65 18.98
CA ARG G 211 -28.09 -45.52 18.11
C ARG G 211 -29.23 -46.40 18.63
N GLY G 212 -30.34 -45.79 19.04
CA GLY G 212 -31.47 -46.55 19.53
C GLY G 212 -31.62 -46.45 21.03
N GLU G 213 -30.51 -46.44 21.75
CA GLU G 213 -30.52 -46.40 23.20
C GLU G 213 -30.76 -44.98 23.70
N VAL H 4 11.74 -39.41 22.53
CA VAL H 4 11.82 -38.10 23.17
C VAL H 4 11.22 -38.15 24.57
N GLN H 5 11.94 -37.63 25.55
CA GLN H 5 11.53 -37.69 26.94
C GLN H 5 11.68 -36.31 27.57
N LEU H 6 10.81 -36.03 28.54
CA LEU H 6 10.79 -34.77 29.28
C LEU H 6 11.14 -35.07 30.72
N GLN H 7 12.31 -34.60 31.15
CA GLN H 7 12.77 -34.76 32.53
C GLN H 7 12.54 -33.49 33.31
N GLU H 8 11.88 -33.60 34.44
CA GLU H 8 11.50 -32.46 35.27
C GLU H 8 12.27 -32.46 36.59
N SER H 9 12.31 -31.29 37.22
CA SER H 9 12.99 -31.09 38.49
C SER H 9 12.56 -29.75 39.06
N GLY H 10 12.86 -29.54 40.34
CA GLY H 10 12.59 -28.28 41.00
C GLY H 10 11.55 -28.32 42.10
N GLY H 11 10.84 -29.44 42.26
CA GLY H 11 9.83 -29.53 43.28
C GLY H 11 10.42 -29.60 44.68
N GLY H 12 9.53 -29.56 45.66
CA GLY H 12 9.92 -29.65 47.05
C GLY H 12 8.84 -29.12 47.97
N LEU H 13 9.22 -28.97 49.23
CA LEU H 13 8.33 -28.47 50.27
C LEU H 13 8.61 -26.99 50.51
N VAL H 14 7.55 -26.17 50.55
CA VAL H 14 7.68 -24.74 50.72
C VAL H 14 6.56 -24.22 51.61
N GLN H 15 6.89 -23.20 52.41
CA GLN H 15 5.91 -22.56 53.28
C GLN H 15 4.86 -21.80 52.46
N PRO H 16 3.64 -21.64 53.00
CA PRO H 16 2.62 -20.84 52.31
C PRO H 16 3.08 -19.41 52.07
N GLY H 17 3.06 -19.00 50.81
CA GLY H 17 3.58 -17.72 50.41
C GLY H 17 4.97 -17.75 49.82
N GLY H 18 5.63 -18.91 49.83
CA GLY H 18 6.96 -19.05 49.27
C GLY H 18 6.94 -19.08 47.76
N SER H 19 8.08 -19.45 47.19
CA SER H 19 8.25 -19.48 45.75
C SER H 19 9.04 -20.71 45.34
N LEU H 20 8.75 -21.19 44.13
CA LEU H 20 9.47 -22.30 43.51
C LEU H 20 9.60 -22.05 42.02
N ARG H 21 10.63 -22.66 41.44
CA ARG H 21 10.86 -22.57 39.99
C ARG H 21 11.04 -23.99 39.48
N LEU H 22 10.08 -24.46 38.68
CA LEU H 22 10.15 -25.78 38.08
C LEU H 22 10.85 -25.72 36.73
N SER H 23 11.48 -26.83 36.35
CA SER H 23 12.20 -26.93 35.09
C SER H 23 11.84 -28.24 34.41
N CYS H 24 11.97 -28.25 33.09
CA CYS H 24 11.71 -29.46 32.32
C CYS H 24 12.62 -29.47 31.09
N ALA H 25 13.62 -30.34 31.09
CA ALA H 25 14.50 -30.51 29.95
C ALA H 25 14.00 -31.63 29.05
N ALA H 26 14.21 -31.47 27.75
CA ALA H 26 13.77 -32.44 26.75
C ALA H 26 14.98 -32.97 25.99
N SER H 27 14.90 -34.24 25.59
CA SER H 27 15.98 -34.90 24.88
C SER H 27 15.45 -35.52 23.60
N GLY H 28 16.33 -35.62 22.61
CA GLY H 28 16.02 -36.24 21.34
C GLY H 28 15.23 -35.40 20.36
N ARG H 29 14.55 -34.36 20.82
CA ARG H 29 13.74 -33.50 19.95
C ARG H 29 13.91 -32.05 20.36
N THR H 30 13.76 -31.15 19.39
CA THR H 30 13.90 -29.72 19.63
C THR H 30 12.53 -29.15 20.00
N ILE H 31 12.46 -28.50 21.16
CA ILE H 31 11.18 -27.96 21.65
C ILE H 31 10.81 -26.64 21.01
N SER H 32 11.70 -26.03 20.23
CA SER H 32 11.46 -24.68 19.71
C SER H 32 10.23 -24.64 18.80
N ARG H 33 9.90 -25.75 18.14
CA ARG H 33 8.80 -25.80 17.19
C ARG H 33 7.47 -26.21 17.81
N TYR H 34 7.48 -26.80 19.01
CA TYR H 34 6.27 -27.26 19.66
C TYR H 34 5.98 -26.42 20.90
N ALA H 35 4.70 -26.37 21.28
CA ALA H 35 4.29 -25.71 22.51
C ALA H 35 4.50 -26.63 23.70
N MET H 36 4.75 -26.01 24.86
CA MET H 36 5.01 -26.73 26.10
C MET H 36 3.97 -26.33 27.13
N SER H 37 3.32 -27.32 27.74
CA SER H 37 2.26 -27.09 28.70
C SER H 37 2.66 -27.63 30.08
N TRP H 38 2.09 -27.01 31.12
CA TRP H 38 2.27 -27.45 32.48
C TRP H 38 0.92 -27.89 33.05
N PHE H 39 0.89 -29.07 33.63
CA PHE H 39 -0.29 -29.60 34.30
C PHE H 39 0.06 -29.98 35.73
N ARG H 40 -0.97 -30.10 36.56
CA ARG H 40 -0.78 -30.56 37.94
C ARG H 40 -1.92 -31.48 38.31
N GLN H 41 -1.63 -32.43 39.20
CA GLN H 41 -2.61 -33.42 39.64
C GLN H 41 -2.52 -33.55 41.15
N ALA H 42 -3.55 -33.06 41.84
CA ALA H 42 -3.65 -33.25 43.27
C ALA H 42 -4.07 -34.70 43.57
N PRO H 43 -3.77 -35.20 44.77
CA PRO H 43 -4.15 -36.57 45.09
C PRO H 43 -5.65 -36.76 45.07
N GLY H 44 -6.10 -37.75 44.30
CA GLY H 44 -7.52 -38.03 44.19
C GLY H 44 -8.30 -37.05 43.34
N LYS H 45 -7.63 -36.20 42.57
CA LYS H 45 -8.29 -35.21 41.74
C LYS H 45 -7.82 -35.37 40.30
N GLU H 46 -8.53 -34.72 39.38
CA GLU H 46 -8.18 -34.86 37.97
C GLU H 46 -6.96 -33.99 37.64
N ARG H 47 -6.32 -34.29 36.51
CA ARG H 47 -5.17 -33.51 36.05
C ARG H 47 -5.66 -32.22 35.40
N GLU H 48 -5.38 -31.08 36.03
CA GLU H 48 -5.85 -29.79 35.58
C GLU H 48 -4.76 -29.02 34.84
N PHE H 49 -5.19 -28.08 33.99
CA PHE H 49 -4.27 -27.27 33.21
C PHE H 49 -3.73 -26.12 34.05
N VAL H 50 -2.47 -25.78 33.84
CA VAL H 50 -1.83 -24.70 34.58
C VAL H 50 -1.39 -23.60 33.63
N ALA H 51 -0.47 -23.92 32.71
CA ALA H 51 0.07 -22.92 31.81
C ALA H 51 0.64 -23.59 30.57
N VAL H 52 0.65 -22.86 29.47
CA VAL H 52 1.23 -23.32 28.21
C VAL H 52 2.18 -22.24 27.69
N ALA H 53 3.30 -22.68 27.13
CA ALA H 53 4.28 -21.78 26.52
C ALA H 53 4.40 -22.16 25.04
N ARG H 54 3.75 -21.40 24.18
CA ARG H 54 3.82 -21.65 22.75
C ARG H 54 5.16 -21.18 22.19
N ARG H 55 5.32 -21.28 20.87
CA ARG H 55 6.57 -20.87 20.23
C ARG H 55 6.85 -19.40 20.51
N SER H 56 8.13 -19.03 20.45
CA SER H 56 8.54 -17.67 20.74
C SER H 56 7.80 -16.70 19.83
N GLY H 57 7.06 -15.78 20.45
CA GLY H 57 6.24 -14.83 19.73
C GLY H 57 4.76 -15.16 19.74
N ASP H 58 4.40 -16.42 20.03
CA ASP H 58 3.00 -16.83 20.06
C ASP H 58 2.39 -16.73 21.45
N GLY H 59 3.14 -16.28 22.44
CA GLY H 59 2.59 -15.93 23.73
C GLY H 59 2.49 -17.11 24.69
N ALA H 60 2.32 -16.78 25.96
CA ALA H 60 2.12 -17.75 27.03
C ALA H 60 0.73 -17.53 27.63
N PHE H 61 0.04 -18.62 27.94
CA PHE H 61 -1.31 -18.58 28.45
C PHE H 61 -1.39 -19.31 29.78
N TYR H 62 -2.29 -18.85 30.65
CA TYR H 62 -2.39 -19.36 32.01
C TYR H 62 -3.84 -19.68 32.34
N ALA H 63 -4.03 -20.33 33.48
CA ALA H 63 -5.35 -20.63 34.01
C ALA H 63 -5.76 -19.57 35.03
N ASP H 64 -7.06 -19.57 35.36
CA ASP H 64 -7.58 -18.59 36.31
C ASP H 64 -6.92 -18.74 37.68
N SER H 65 -6.75 -19.97 38.15
CA SER H 65 -6.23 -20.21 39.49
C SER H 65 -4.77 -19.76 39.64
N VAL H 66 -4.04 -19.64 38.54
CA VAL H 66 -2.63 -19.29 38.57
C VAL H 66 -2.33 -17.97 37.88
N GLN H 67 -3.33 -17.31 37.33
CA GLN H 67 -3.12 -16.05 36.61
C GLN H 67 -2.53 -15.01 37.57
N GLY H 68 -1.44 -14.39 37.15
CA GLY H 68 -0.78 -13.38 37.94
C GLY H 68 0.24 -13.89 38.94
N ARG H 69 0.17 -15.17 39.32
CA ARG H 69 1.10 -15.74 40.28
C ARG H 69 2.20 -16.58 39.61
N PHE H 70 1.87 -17.34 38.59
CA PHE H 70 2.85 -18.17 37.90
C PHE H 70 3.27 -17.53 36.58
N THR H 71 4.52 -17.78 36.20
CA THR H 71 5.07 -17.34 34.92
C THR H 71 5.77 -18.52 34.26
N VAL H 72 5.37 -18.82 33.03
CA VAL H 72 6.00 -19.88 32.25
C VAL H 72 6.89 -19.25 31.18
N SER H 73 8.08 -19.81 31.02
CA SER H 73 9.05 -19.32 30.05
C SER H 73 9.74 -20.52 29.42
N ARG H 74 10.53 -20.26 28.38
CA ARG H 74 11.23 -21.31 27.68
C ARG H 74 12.59 -20.84 27.23
N ASP H 75 13.51 -21.79 27.07
CA ASP H 75 14.87 -21.56 26.59
C ASP H 75 15.09 -22.54 25.45
N ASP H 76 14.77 -22.11 24.22
CA ASP H 76 14.89 -22.99 23.08
C ASP H 76 16.32 -23.48 22.87
N ALA H 77 17.31 -22.65 23.23
CA ALA H 77 18.70 -23.06 23.09
C ALA H 77 19.03 -24.23 23.99
N LYS H 78 18.46 -24.25 25.20
CA LYS H 78 18.72 -25.31 26.16
C LYS H 78 17.65 -26.40 26.13
N ASN H 79 16.66 -26.29 25.22
CA ASN H 79 15.59 -27.27 25.11
C ASN H 79 14.90 -27.50 26.44
N THR H 80 14.63 -26.41 27.15
CA THR H 80 14.10 -26.47 28.52
C THR H 80 13.02 -25.43 28.69
N VAL H 81 11.94 -25.82 29.37
CA VAL H 81 10.85 -24.92 29.72
C VAL H 81 10.80 -24.81 31.25
N TYR H 82 10.33 -23.67 31.74
CA TYR H 82 10.34 -23.37 33.16
C TYR H 82 8.95 -22.93 33.61
N LEU H 83 8.75 -22.96 34.93
CA LEU H 83 7.50 -22.52 35.54
C LEU H 83 7.82 -21.85 36.86
N GLN H 84 7.91 -20.51 36.86
CA GLN H 84 8.08 -19.77 38.10
C GLN H 84 6.77 -19.74 38.86
N MET H 85 6.80 -20.17 40.12
CA MET H 85 5.61 -20.27 40.95
C MET H 85 5.80 -19.40 42.20
N ASN H 86 5.05 -18.32 42.29
CA ASN H 86 5.08 -17.42 43.43
C ASN H 86 3.74 -17.42 44.15
N SER H 87 3.76 -16.89 45.37
CA SER H 87 2.57 -16.78 46.21
C SER H 87 1.86 -18.12 46.38
N LEU H 88 2.63 -19.13 46.77
CA LEU H 88 2.10 -20.48 46.88
C LEU H 88 1.11 -20.59 48.04
N LYS H 89 0.08 -21.39 47.83
CA LYS H 89 -0.98 -21.65 48.79
C LYS H 89 -1.16 -23.16 48.88
N PRO H 90 -1.72 -23.65 50.00
CA PRO H 90 -1.89 -25.10 50.14
C PRO H 90 -2.70 -25.74 49.04
N GLU H 91 -3.56 -24.98 48.36
CA GLU H 91 -4.34 -25.52 47.25
C GLU H 91 -3.47 -25.84 46.03
N ASP H 92 -2.25 -25.32 45.98
CA ASP H 92 -1.34 -25.60 44.88
C ASP H 92 -0.55 -26.89 45.08
N THR H 93 -0.74 -27.58 46.20
CA THR H 93 -0.03 -28.83 46.45
C THR H 93 -0.50 -29.91 45.48
N ALA H 94 0.41 -30.37 44.62
CA ALA H 94 0.10 -31.38 43.62
C ALA H 94 1.40 -31.85 43.00
N VAL H 95 1.29 -32.80 42.08
CA VAL H 95 2.41 -33.25 41.25
C VAL H 95 2.30 -32.56 39.90
N TYR H 96 3.30 -31.74 39.58
CA TYR H 96 3.26 -30.93 38.38
C TYR H 96 3.91 -31.69 37.23
N TYR H 97 3.17 -31.86 36.14
CA TYR H 97 3.65 -32.55 34.94
C TYR H 97 3.87 -31.54 33.82
N CYS H 98 4.65 -31.96 32.83
CA CYS H 98 4.90 -31.16 31.63
C CYS H 98 4.70 -32.04 30.40
N ALA H 99 4.00 -31.49 29.41
CA ALA H 99 3.68 -32.23 28.19
C ALA H 99 4.01 -31.38 26.97
N ILE H 100 4.37 -32.06 25.88
CA ILE H 100 4.62 -31.42 24.60
C ILE H 100 3.37 -31.52 23.75
N ASP H 101 2.97 -30.41 23.15
CA ASP H 101 1.88 -30.42 22.16
C ASP H 101 2.46 -30.84 20.83
N SER H 102 2.19 -32.08 20.42
CA SER H 102 2.74 -32.61 19.18
C SER H 102 2.23 -31.85 17.96
N ASP H 103 1.09 -31.17 18.08
CA ASP H 103 0.55 -30.39 16.97
C ASP H 103 1.17 -29.00 16.97
N THR H 104 1.77 -28.63 15.83
CA THR H 104 2.29 -27.28 15.67
C THR H 104 1.18 -26.25 15.56
N PHE H 105 -0.06 -26.68 15.31
CA PHE H 105 -1.21 -25.79 15.23
C PHE H 105 -1.90 -25.60 16.59
N TYR H 106 -1.29 -26.10 17.68
CA TYR H 106 -1.70 -25.77 19.04
C TYR H 106 -3.07 -26.36 19.40
N SER H 107 -3.38 -27.55 18.89
CA SER H 107 -4.64 -28.20 19.22
C SER H 107 -4.60 -29.00 20.51
N GLY H 108 -3.41 -29.20 21.10
CA GLY H 108 -3.32 -29.90 22.37
C GLY H 108 -3.19 -31.40 22.25
N SER H 109 -2.39 -31.88 21.30
CA SER H 109 -2.13 -33.31 21.13
C SER H 109 -0.96 -33.69 22.05
N TYR H 110 -1.30 -33.88 23.34
CA TYR H 110 -0.31 -34.16 24.37
C TYR H 110 0.02 -35.65 24.36
N ASP H 111 1.05 -36.00 23.58
CA ASP H 111 1.46 -37.40 23.46
C ASP H 111 2.52 -37.78 24.48
N TYR H 112 3.60 -37.00 24.56
CA TYR H 112 4.72 -37.31 25.43
C TYR H 112 4.67 -36.44 26.68
N TRP H 113 4.76 -37.08 27.85
CA TRP H 113 4.68 -36.41 29.14
C TRP H 113 5.96 -36.65 29.94
N GLY H 114 6.10 -35.88 31.02
CA GLY H 114 7.19 -36.05 31.94
C GLY H 114 6.80 -36.90 33.14
N GLN H 115 7.81 -37.24 33.96
CA GLN H 115 7.55 -38.07 35.13
C GLN H 115 6.83 -37.31 36.23
N GLY H 116 6.87 -35.98 36.20
CA GLY H 116 6.23 -35.19 37.24
C GLY H 116 7.13 -34.97 38.45
N THR H 117 7.04 -33.78 39.05
CA THR H 117 7.77 -33.47 40.27
C THR H 117 6.78 -33.03 41.34
N GLN H 118 7.11 -33.34 42.59
CA GLN H 118 6.21 -33.10 43.71
C GLN H 118 6.39 -31.69 44.26
N VAL H 119 5.27 -30.98 44.42
CA VAL H 119 5.26 -29.66 45.03
C VAL H 119 4.29 -29.72 46.21
N THR H 120 4.80 -29.41 47.40
CA THR H 120 4.00 -29.44 48.63
C THR H 120 4.09 -28.08 49.29
N VAL H 121 2.93 -27.47 49.55
CA VAL H 121 2.84 -26.16 50.17
C VAL H 121 2.02 -26.28 51.44
N SER H 122 2.68 -26.17 52.60
CA SER H 122 1.98 -26.25 53.87
C SER H 122 2.84 -25.60 54.93
N SER H 123 2.19 -25.22 56.03
CA SER H 123 2.86 -24.58 57.15
C SER H 123 3.29 -25.60 58.20
N VAL I 15 64.34 -19.57 -8.53
CA VAL I 15 63.62 -18.91 -7.45
C VAL I 15 62.25 -19.54 -7.25
N GLN I 16 61.70 -20.12 -8.32
CA GLN I 16 60.38 -20.72 -8.26
C GLN I 16 60.43 -22.08 -7.56
N ASP I 17 59.44 -22.33 -6.70
CA ASP I 17 59.34 -23.57 -5.95
C ASP I 17 58.60 -24.60 -6.80
N VAL I 18 59.33 -25.59 -7.31
CA VAL I 18 58.77 -26.60 -8.20
C VAL I 18 58.86 -27.94 -7.49
N ASN I 19 57.71 -28.51 -7.15
CA ASN I 19 57.63 -29.81 -6.49
C ASN I 19 57.66 -30.89 -7.56
N VAL I 20 58.85 -31.42 -7.84
CA VAL I 20 59.00 -32.46 -8.85
C VAL I 20 58.36 -33.77 -8.44
N ALA I 21 58.14 -33.98 -7.13
CA ALA I 21 57.60 -35.25 -6.66
C ALA I 21 56.20 -35.51 -7.20
N SER I 22 55.33 -34.49 -7.18
CA SER I 22 53.97 -34.67 -7.68
C SER I 22 53.95 -34.95 -9.18
N ILE I 23 54.93 -34.44 -9.92
CA ILE I 23 55.00 -34.71 -11.35
C ILE I 23 55.29 -36.18 -11.61
N THR I 24 56.22 -36.77 -10.85
CA THR I 24 56.52 -38.19 -11.01
C THR I 24 55.32 -39.05 -10.63
N ALA I 25 54.65 -38.71 -9.53
CA ALA I 25 53.45 -39.45 -9.14
C ALA I 25 52.35 -39.31 -10.18
N PHE I 26 52.28 -38.15 -10.84
CA PHE I 26 51.28 -37.93 -11.88
C PHE I 26 51.49 -38.87 -13.07
N LYS I 27 52.74 -39.00 -13.53
CA LYS I 27 53.03 -39.85 -14.68
C LYS I 27 52.67 -41.30 -14.41
N SER I 28 52.97 -41.80 -13.21
CA SER I 28 52.63 -43.18 -12.87
C SER I 28 51.12 -43.39 -12.86
N MET I 29 50.37 -42.39 -12.40
CA MET I 29 48.92 -42.52 -12.33
C MET I 29 48.30 -42.62 -13.72
N ILE I 30 48.87 -41.92 -14.70
CA ILE I 30 48.35 -41.98 -16.07
C ILE I 30 48.57 -43.36 -16.66
N ASP I 31 49.75 -43.95 -16.44
CA ASP I 31 50.05 -45.27 -16.99
C ASP I 31 49.10 -46.33 -16.46
N GLU I 32 48.89 -46.35 -15.14
CA GLU I 32 48.04 -47.35 -14.52
C GLU I 32 46.59 -47.24 -14.96
N THR I 33 46.17 -46.07 -15.47
CA THR I 33 44.79 -45.84 -15.84
C THR I 33 44.59 -45.52 -17.32
N TRP I 34 45.65 -45.57 -18.15
CA TRP I 34 45.51 -45.14 -19.54
C TRP I 34 44.60 -46.07 -20.33
N ASP I 35 44.51 -47.35 -19.94
CA ASP I 35 43.67 -48.31 -20.63
C ASP I 35 42.50 -48.78 -19.76
N LYS I 36 42.35 -48.21 -18.56
CA LYS I 36 41.27 -48.61 -17.65
C LYS I 36 39.97 -48.01 -18.16
N LYS I 37 39.07 -48.87 -18.62
CA LYS I 37 37.79 -48.41 -19.14
C LYS I 37 36.92 -47.82 -18.03
N ILE I 38 36.26 -46.71 -18.34
CA ILE I 38 35.35 -46.06 -17.40
C ILE I 38 34.01 -46.77 -17.44
N GLU I 39 33.67 -47.46 -16.35
CA GLU I 39 32.41 -48.19 -16.27
C GLU I 39 31.34 -47.29 -15.65
N ALA I 40 30.20 -47.87 -15.29
CA ALA I 40 29.07 -47.08 -14.79
C ALA I 40 29.40 -46.45 -13.44
N ASN I 41 30.07 -47.20 -12.56
CA ASN I 41 30.38 -46.74 -11.22
C ASN I 41 31.85 -46.35 -11.04
N THR I 42 32.61 -46.27 -12.13
CA THR I 42 34.03 -45.97 -12.01
C THR I 42 34.24 -44.60 -11.37
N CYS I 43 35.15 -44.54 -10.40
CA CYS I 43 35.47 -43.29 -9.72
C CYS I 43 36.97 -43.20 -9.54
N ILE I 44 37.44 -41.96 -9.33
CA ILE I 44 38.86 -41.72 -9.12
C ILE I 44 39.22 -42.11 -7.70
N SER I 45 40.24 -42.96 -7.55
CA SER I 45 40.61 -43.49 -6.26
C SER I 45 41.16 -42.40 -5.35
N ARG I 46 41.26 -42.73 -4.05
CA ARG I 46 41.78 -41.77 -3.09
C ARG I 46 43.23 -41.41 -3.39
N LYS I 47 44.04 -42.39 -3.76
CA LYS I 47 45.43 -42.11 -4.13
C LYS I 47 45.50 -41.16 -5.32
N HIS I 48 44.69 -41.42 -6.34
CA HIS I 48 44.69 -40.57 -7.53
C HIS I 48 44.14 -39.18 -7.23
N ARG I 49 43.09 -39.09 -6.41
CA ARG I 49 42.53 -37.79 -6.05
C ARG I 49 43.57 -36.94 -5.32
N ASN I 50 44.25 -37.53 -4.34
CA ASN I 50 45.26 -36.78 -3.60
C ASN I 50 46.41 -36.34 -4.50
N ILE I 51 46.72 -37.12 -5.53
CA ILE I 51 47.73 -36.70 -6.50
C ILE I 51 47.24 -35.51 -7.32
N ILE I 52 46.06 -35.65 -7.94
CA ILE I 52 45.46 -34.55 -8.69
C ILE I 52 45.35 -33.30 -7.81
N HIS I 53 44.94 -33.49 -6.56
CA HIS I 53 44.84 -32.37 -5.62
C HIS I 53 46.19 -31.67 -5.47
N GLU I 54 47.28 -32.43 -5.43
CA GLU I 54 48.59 -31.84 -5.23
C GLU I 54 49.17 -31.26 -6.52
N VAL I 55 48.88 -31.88 -7.66
CA VAL I 55 49.38 -31.36 -8.94
C VAL I 55 48.87 -29.95 -9.19
N ILE I 56 47.58 -29.71 -8.96
CA ILE I 56 47.01 -28.39 -9.20
C ILE I 56 47.56 -27.38 -8.20
N ARG I 57 47.67 -27.76 -6.93
CA ARG I 57 48.16 -26.85 -5.91
C ARG I 57 49.63 -26.50 -6.12
N ASP I 58 50.44 -27.47 -6.53
CA ASP I 58 51.85 -27.19 -6.79
C ASP I 58 52.01 -26.29 -8.02
N PHE I 59 51.09 -26.40 -8.99
CA PHE I 59 51.12 -25.53 -10.15
C PHE I 59 50.90 -24.06 -9.76
N MET I 60 50.07 -23.81 -8.74
CA MET I 60 49.77 -22.43 -8.37
C MET I 60 50.91 -21.78 -7.60
N LYS I 61 51.59 -22.54 -6.72
CA LYS I 61 52.62 -21.95 -5.88
C LYS I 61 53.94 -21.75 -6.60
N ALA I 62 54.11 -22.31 -7.81
CA ALA I 62 55.33 -22.08 -8.56
C ALA I 62 55.45 -20.62 -8.99
N TYR I 63 54.36 -20.04 -9.48
CA TYR I 63 54.30 -18.62 -9.83
C TYR I 63 53.06 -18.07 -9.14
N PRO I 64 53.16 -17.75 -7.84
CA PRO I 64 51.95 -17.47 -7.05
C PRO I 64 51.34 -16.10 -7.30
N LYS I 65 52.15 -15.11 -7.66
CA LYS I 65 51.69 -13.74 -7.82
C LYS I 65 52.08 -13.21 -9.20
N MET I 66 51.34 -12.20 -9.64
CA MET I 66 51.64 -11.54 -10.90
C MET I 66 52.82 -10.57 -10.75
N ASP I 67 53.46 -10.28 -11.87
CA ASP I 67 54.49 -9.25 -11.89
C ASP I 67 53.85 -7.88 -11.70
N GLU I 68 54.55 -7.01 -10.98
CA GLU I 68 53.98 -5.70 -10.63
C GLU I 68 53.72 -4.85 -11.87
N ASN I 69 54.46 -5.06 -12.95
CA ASN I 69 54.31 -4.27 -14.16
C ASN I 69 53.29 -4.85 -15.15
N LYS I 70 52.56 -5.89 -14.77
CA LYS I 70 51.53 -6.48 -15.63
C LYS I 70 50.48 -7.11 -14.70
N LYS I 71 49.78 -6.24 -13.97
CA LYS I 71 48.86 -6.66 -12.93
C LYS I 71 47.43 -6.36 -13.36
N SER I 72 46.49 -7.08 -12.77
CA SER I 72 45.06 -6.89 -13.08
C SER I 72 44.46 -5.82 -12.17
N PRO I 73 43.98 -4.70 -12.70
CA PRO I 73 43.31 -3.71 -11.84
C PRO I 73 42.02 -4.23 -11.23
N LEU I 74 41.42 -5.27 -11.81
CA LEU I 74 40.24 -5.90 -11.24
C LEU I 74 40.57 -6.85 -10.10
N GLY I 75 41.84 -7.21 -9.93
CA GLY I 75 42.22 -8.17 -8.91
C GLY I 75 42.10 -9.62 -9.31
N ALA I 76 41.85 -9.90 -10.59
CA ALA I 76 41.70 -11.29 -11.02
C ALA I 76 43.06 -11.98 -11.07
N PRO I 77 43.15 -13.23 -10.58
CA PRO I 77 44.45 -13.91 -10.54
C PRO I 77 44.96 -14.30 -11.93
N MET I 78 45.43 -13.32 -12.69
CA MET I 78 45.86 -13.57 -14.07
C MET I 78 47.08 -14.49 -14.16
N GLN I 79 47.81 -14.68 -13.06
CA GLN I 79 49.01 -15.52 -13.13
C GLN I 79 48.69 -17.00 -13.32
N TRP I 80 47.44 -17.41 -13.13
CA TRP I 80 47.03 -18.79 -13.37
C TRP I 80 46.01 -18.90 -14.49
N LEU I 81 45.75 -17.81 -15.22
CA LEU I 81 44.73 -17.81 -16.27
C LEU I 81 45.26 -17.45 -17.64
N THR I 82 46.42 -16.82 -17.74
CA THR I 82 46.94 -16.32 -19.00
C THR I 82 48.22 -17.06 -19.39
N GLN I 83 48.47 -17.13 -20.70
CA GLN I 83 49.68 -17.78 -21.19
C GLN I 83 50.93 -17.01 -20.81
N TYR I 84 50.80 -15.69 -20.62
CA TYR I 84 51.96 -14.87 -20.29
C TYR I 84 52.66 -15.37 -19.03
N TYR I 85 51.87 -15.74 -18.01
CA TYR I 85 52.43 -16.27 -16.77
C TYR I 85 52.59 -17.78 -16.77
N ILE I 86 51.67 -18.51 -17.41
CA ILE I 86 51.71 -19.97 -17.37
C ILE I 86 52.89 -20.50 -18.15
N LEU I 87 53.23 -19.86 -19.28
CA LEU I 87 54.33 -20.36 -20.09
C LEU I 87 55.67 -20.24 -19.38
N LYS I 88 55.82 -19.25 -18.50
CA LYS I 88 57.02 -19.11 -17.69
C LYS I 88 56.84 -19.68 -16.29
N ASN I 89 55.75 -20.39 -16.04
CA ASN I 89 55.56 -21.12 -14.79
C ASN I 89 56.44 -22.36 -14.82
N GLU I 90 57.43 -22.40 -13.93
CA GLU I 90 58.43 -23.48 -13.99
C GLU I 90 57.82 -24.84 -13.71
N TYR I 91 56.74 -24.89 -12.95
CA TYR I 91 56.05 -26.17 -12.74
C TYR I 91 55.34 -26.62 -14.01
N HIS I 92 54.73 -25.69 -14.74
CA HIS I 92 54.07 -26.03 -15.99
C HIS I 92 55.07 -26.55 -17.02
N LYS I 93 56.25 -25.93 -17.08
CA LYS I 93 57.25 -26.37 -18.05
C LYS I 93 57.83 -27.74 -17.69
N THR I 94 58.10 -27.98 -16.40
CA THR I 94 58.66 -29.27 -16.00
C THR I 94 57.67 -30.40 -16.24
N MET I 95 56.37 -30.14 -16.02
CA MET I 95 55.36 -31.17 -16.25
C MET I 95 55.20 -31.46 -17.73
N LEU I 96 55.07 -30.42 -18.55
CA LEU I 96 54.79 -30.61 -19.96
C LEU I 96 56.00 -31.15 -20.72
N ALA I 97 57.20 -31.07 -20.14
CA ALA I 97 58.41 -31.60 -20.76
C ALA I 97 58.88 -32.89 -20.11
N TYR I 98 58.21 -33.35 -19.05
CA TYR I 98 58.64 -34.53 -18.33
C TYR I 98 58.55 -35.77 -19.22
N ASP I 99 59.60 -36.59 -19.15
CA ASP I 99 59.69 -37.85 -19.90
C ASP I 99 59.46 -37.60 -21.40
N ASN I 100 60.34 -36.77 -21.98
CA ASN I 100 60.30 -36.43 -23.40
C ASN I 100 58.96 -35.85 -23.81
N GLY I 101 58.24 -35.25 -22.86
CA GLY I 101 56.92 -34.74 -23.14
C GLY I 101 55.91 -35.80 -23.53
N SER I 102 56.03 -37.01 -22.95
CA SER I 102 55.10 -38.08 -23.30
C SER I 102 53.68 -37.74 -22.85
N LEU I 103 53.56 -37.13 -21.67
CA LEU I 103 52.24 -36.69 -21.22
C LEU I 103 51.69 -35.61 -22.13
N ASN I 104 52.56 -34.75 -22.67
CA ASN I 104 52.12 -33.75 -23.63
C ASN I 104 51.74 -34.39 -24.96
N THR I 105 52.44 -35.45 -25.35
CA THR I 105 52.08 -36.18 -26.56
C THR I 105 50.72 -36.82 -26.41
N LYS I 106 50.47 -37.48 -25.28
CA LYS I 106 49.16 -38.06 -25.02
C LYS I 106 48.08 -36.99 -24.98
N PHE I 107 48.39 -35.85 -24.36
CA PHE I 107 47.39 -34.80 -24.18
C PHE I 107 46.96 -34.19 -25.52
N LYS I 108 47.91 -34.02 -26.44
CA LYS I 108 47.59 -33.41 -27.73
C LYS I 108 46.66 -34.26 -28.58
N THR I 109 46.40 -35.51 -28.19
CA THR I 109 45.50 -36.39 -28.91
C THR I 109 44.13 -36.50 -28.26
N LEU I 110 43.92 -35.84 -27.13
CA LEU I 110 42.68 -35.99 -26.37
C LEU I 110 41.76 -34.80 -26.60
N ASN I 111 40.45 -35.08 -26.53
CA ASN I 111 39.43 -34.05 -26.49
C ASN I 111 38.24 -34.59 -25.71
N ILE I 112 37.26 -33.72 -25.47
CA ILE I 112 36.12 -34.07 -24.63
C ILE I 112 35.33 -35.22 -25.24
N TYR I 113 35.23 -35.26 -26.57
CA TYR I 113 34.30 -36.16 -27.23
C TYR I 113 34.85 -37.57 -27.44
N MET I 114 36.15 -37.79 -27.23
CA MET I 114 36.74 -39.10 -27.44
C MET I 114 37.19 -39.79 -26.17
N ILE I 115 37.11 -39.15 -25.02
CA ILE I 115 37.59 -39.75 -23.78
C ILE I 115 36.75 -40.97 -23.44
N THR I 116 37.43 -42.09 -23.18
CA THR I 116 36.78 -43.33 -22.75
C THR I 116 37.45 -44.01 -21.58
N ASN I 117 38.72 -43.70 -21.29
CA ASN I 117 39.48 -44.35 -20.23
C ASN I 117 39.77 -43.35 -19.11
N VAL I 118 40.13 -43.89 -17.95
CA VAL I 118 40.40 -43.05 -16.79
C VAL I 118 41.60 -42.15 -17.04
N GLY I 119 42.67 -42.72 -17.61
CA GLY I 119 43.86 -41.93 -17.89
C GLY I 119 43.60 -40.78 -18.84
N GLN I 120 42.76 -41.01 -19.86
CA GLN I 120 42.38 -39.93 -20.76
C GLN I 120 41.57 -38.87 -20.02
N TYR I 121 40.61 -39.31 -19.20
CA TYR I 121 39.79 -38.39 -18.43
C TYR I 121 40.64 -37.52 -17.52
N ILE I 122 41.52 -38.15 -16.74
CA ILE I 122 42.31 -37.41 -15.77
C ILE I 122 43.28 -36.47 -16.47
N LEU I 123 44.02 -36.98 -17.46
CA LEU I 123 45.07 -36.18 -18.09
C LEU I 123 44.49 -34.97 -18.81
N TYR I 124 43.38 -35.14 -19.53
CA TYR I 124 42.84 -34.04 -20.33
C TYR I 124 42.31 -32.92 -19.43
N ILE I 125 41.57 -33.27 -18.38
CA ILE I 125 40.95 -32.24 -17.54
C ILE I 125 42.02 -31.45 -16.79
N VAL I 126 43.02 -32.14 -16.24
CA VAL I 126 44.02 -31.44 -15.42
C VAL I 126 44.95 -30.60 -16.30
N PHE I 127 45.39 -31.16 -17.44
CA PHE I 127 46.31 -30.43 -18.29
C PHE I 127 45.68 -29.17 -18.86
N CYS I 128 44.37 -29.19 -19.10
CA CYS I 128 43.68 -27.97 -19.51
C CYS I 128 43.70 -26.93 -18.39
N ILE I 129 43.56 -27.38 -17.14
CA ILE I 129 43.53 -26.45 -16.00
C ILE I 129 44.90 -25.82 -15.80
N ILE I 130 45.95 -26.65 -15.71
CA ILE I 130 47.30 -26.14 -15.47
C ILE I 130 47.92 -25.51 -16.71
N SER I 131 47.21 -25.48 -17.84
CA SER I 131 47.65 -24.75 -19.02
C SER I 131 46.77 -23.53 -19.29
N GLY I 132 45.72 -23.32 -18.51
CA GLY I 132 44.82 -22.19 -18.74
C GLY I 132 44.06 -22.28 -20.04
N LYS I 133 43.70 -23.48 -20.46
CA LYS I 133 43.02 -23.71 -21.73
C LYS I 133 41.62 -24.26 -21.50
N ASN I 134 40.66 -23.71 -22.23
CA ASN I 134 39.32 -24.28 -22.26
C ASN I 134 39.31 -25.54 -23.13
N HIS I 135 38.21 -26.29 -23.04
CA HIS I 135 38.10 -27.53 -23.81
C HIS I 135 38.02 -27.29 -25.31
N ASP I 136 37.61 -26.10 -25.74
CA ASP I 136 37.56 -25.77 -27.15
C ASP I 136 38.86 -25.15 -27.66
N GLY I 137 39.92 -25.18 -26.84
CA GLY I 137 41.21 -24.67 -27.22
C GLY I 137 41.48 -23.24 -26.85
N THR I 138 40.45 -22.44 -26.60
CA THR I 138 40.65 -21.04 -26.28
C THR I 138 41.24 -20.90 -24.88
N PRO I 139 42.11 -19.91 -24.65
CA PRO I 139 42.65 -19.69 -23.31
C PRO I 139 41.60 -19.06 -22.40
N TYR I 140 41.83 -19.21 -21.10
CA TYR I 140 40.94 -18.60 -20.12
C TYR I 140 40.87 -17.09 -20.31
N ILE I 141 42.03 -16.43 -20.29
CA ILE I 141 42.12 -15.00 -20.50
C ILE I 141 43.26 -14.74 -21.48
N TYR I 142 43.00 -13.87 -22.46
CA TYR I 142 44.06 -13.48 -23.39
C TYR I 142 45.08 -12.60 -22.69
N ASP I 143 46.33 -12.67 -23.18
CA ASP I 143 47.40 -11.87 -22.59
C ASP I 143 47.10 -10.38 -22.67
N SER I 144 46.43 -9.94 -23.74
CA SER I 144 46.08 -8.54 -23.86
C SER I 144 45.04 -8.10 -22.83
N GLU I 145 44.37 -9.04 -22.18
CA GLU I 145 43.34 -8.74 -21.20
C GLU I 145 43.84 -8.78 -19.76
N ILE I 146 45.16 -8.96 -19.56
CA ILE I 146 45.70 -9.06 -18.20
C ILE I 146 45.41 -7.78 -17.42
N THR I 147 45.70 -6.63 -18.03
CA THR I 147 45.50 -5.33 -17.39
C THR I 147 44.14 -4.73 -17.68
N SER I 148 43.19 -5.54 -18.16
CA SER I 148 41.88 -5.02 -18.55
C SER I 148 41.11 -4.51 -17.35
N ASN I 149 40.36 -3.43 -17.55
CA ASN I 149 39.46 -2.88 -16.55
C ASN I 149 38.02 -3.31 -16.77
N ASP I 150 37.75 -4.06 -17.84
CA ASP I 150 36.40 -4.48 -18.20
C ASP I 150 35.99 -5.62 -17.28
N LYS I 151 35.36 -5.26 -16.17
CA LYS I 151 34.98 -6.25 -15.17
C LYS I 151 34.01 -7.27 -15.74
N ASN I 152 32.98 -6.79 -16.43
CA ASN I 152 31.96 -7.71 -16.95
C ASN I 152 32.53 -8.66 -17.98
N PHE I 153 33.41 -8.18 -18.85
CA PHE I 153 34.00 -9.05 -19.87
C PHE I 153 34.94 -10.07 -19.26
N ILE I 154 35.79 -9.64 -18.33
CA ILE I 154 36.71 -10.57 -17.67
C ILE I 154 35.94 -11.58 -16.83
N ASN I 155 34.91 -11.12 -16.11
CA ASN I 155 34.10 -12.03 -15.31
C ASN I 155 33.42 -13.09 -16.18
N GLU I 156 32.91 -12.70 -17.35
CA GLU I 156 32.25 -13.65 -18.22
C GLU I 156 33.20 -14.74 -18.69
N ARG I 157 34.45 -14.38 -18.99
CA ARG I 157 35.41 -15.36 -19.46
C ARG I 157 35.79 -16.34 -18.34
N ILE I 158 36.00 -15.83 -17.13
CA ILE I 158 36.33 -16.70 -16.01
C ILE I 158 35.15 -17.59 -15.66
N LYS I 159 33.93 -17.05 -15.72
CA LYS I 159 32.74 -17.85 -15.47
C LYS I 159 32.60 -18.96 -16.52
N TYR I 160 32.91 -18.64 -17.78
CA TYR I 160 32.85 -19.65 -18.83
C TYR I 160 33.87 -20.76 -18.58
N ALA I 161 35.09 -20.39 -18.21
CA ALA I 161 36.13 -21.39 -17.95
C ALA I 161 35.76 -22.26 -16.77
N CYS I 162 35.24 -21.66 -15.70
CA CYS I 162 34.87 -22.44 -14.53
C CYS I 162 33.73 -23.40 -14.83
N LYS I 163 32.75 -22.97 -15.62
CA LYS I 163 31.61 -23.83 -15.93
C LYS I 163 32.01 -24.99 -16.84
N GLN I 164 32.89 -24.73 -17.82
CA GLN I 164 33.21 -25.76 -18.81
C GLN I 164 34.01 -26.91 -18.21
N ILE I 165 34.77 -26.65 -17.15
CA ILE I 165 35.45 -27.74 -16.46
C ILE I 165 34.43 -28.73 -15.91
N LEU I 166 33.38 -28.21 -15.28
CA LEU I 166 32.33 -29.06 -14.74
C LEU I 166 31.38 -29.54 -15.82
N HIS I 167 31.04 -28.66 -16.76
CA HIS I 167 30.11 -29.03 -17.83
C HIS I 167 30.72 -30.07 -18.77
N GLY I 168 32.01 -29.94 -19.05
CA GLY I 168 32.67 -30.90 -19.93
C GLY I 168 32.68 -32.29 -19.36
N GLN I 169 32.91 -32.42 -18.05
CA GLN I 169 32.90 -33.72 -17.41
C GLN I 169 31.49 -34.31 -17.38
N LEU I 170 30.46 -33.47 -17.28
CA LEU I 170 29.09 -33.97 -17.35
C LEU I 170 28.76 -34.47 -18.75
N THR I 171 29.28 -33.80 -19.77
CA THR I 171 29.10 -34.28 -21.14
C THR I 171 29.73 -35.65 -21.33
N ILE I 172 30.92 -35.86 -20.75
CA ILE I 172 31.55 -37.17 -20.79
C ILE I 172 30.75 -38.19 -20.00
N ALA I 173 30.28 -37.81 -18.81
CA ALA I 173 29.55 -38.74 -17.96
C ALA I 173 28.22 -39.15 -18.59
N LEU I 174 27.59 -38.26 -19.36
CA LEU I 174 26.32 -38.60 -19.99
C LEU I 174 26.53 -39.56 -21.15
N ARG I 175 27.63 -39.39 -21.89
CA ARG I 175 27.90 -40.27 -23.03
C ARG I 175 28.32 -41.66 -22.56
N ILE I 176 29.23 -41.73 -21.59
CA ILE I 176 29.70 -43.01 -21.07
C ILE I 176 28.68 -43.66 -20.13
N ARG I 177 27.76 -42.86 -19.58
CA ARG I 177 26.85 -43.29 -18.51
C ARG I 177 27.65 -43.64 -17.24
N ASN I 178 28.56 -42.74 -16.88
CA ASN I 178 29.34 -42.83 -15.65
C ASN I 178 28.65 -42.05 -14.53
N LYS I 179 28.97 -42.42 -13.29
CA LYS I 179 28.27 -41.89 -12.13
C LYS I 179 29.15 -41.10 -11.15
N PHE I 180 30.45 -41.39 -11.06
CA PHE I 180 31.25 -40.84 -9.96
C PHE I 180 32.58 -40.24 -10.37
N MET I 181 32.90 -40.16 -11.67
CA MET I 181 34.11 -39.46 -12.07
C MET I 181 33.96 -37.97 -11.78
N PHE I 182 34.96 -37.39 -11.10
CA PHE I 182 34.83 -36.00 -10.66
C PHE I 182 36.20 -35.36 -10.48
N ILE I 183 36.39 -34.23 -11.15
CA ILE I 183 37.50 -33.31 -10.87
C ILE I 183 36.91 -31.90 -10.76
N GLY I 184 37.21 -31.21 -9.67
CA GLY I 184 36.59 -29.93 -9.43
C GLY I 184 37.25 -28.78 -10.16
N SER I 185 36.58 -27.63 -10.12
CA SER I 185 37.16 -26.38 -10.60
C SER I 185 37.92 -25.72 -9.46
N PRO I 186 39.21 -25.44 -9.61
CA PRO I 186 39.98 -24.87 -8.50
C PRO I 186 39.43 -23.52 -8.07
N MET I 187 39.75 -23.15 -6.82
CA MET I 187 39.09 -22.01 -6.18
C MET I 187 39.37 -20.70 -6.90
N TYR I 188 40.53 -20.57 -7.54
CA TYR I 188 40.86 -19.29 -8.16
C TYR I 188 39.99 -19.01 -9.39
N LEU I 189 39.45 -20.06 -10.02
CA LEU I 189 38.58 -19.90 -11.17
C LEU I 189 37.15 -19.51 -10.79
N TRP I 190 36.88 -19.27 -9.50
CA TRP I 190 35.58 -18.81 -9.06
C TRP I 190 35.55 -17.31 -8.80
N PHE I 191 36.49 -16.57 -9.37
CA PHE I 191 36.58 -15.12 -9.22
C PHE I 191 35.31 -14.44 -9.72
N ASN I 192 34.55 -13.86 -8.79
CA ASN I 192 33.27 -13.20 -9.05
C ASN I 192 32.23 -14.14 -9.66
N VAL I 193 32.45 -15.44 -9.61
CA VAL I 193 31.53 -16.41 -10.19
C VAL I 193 30.40 -16.69 -9.21
N ASN I 194 29.17 -16.72 -9.71
CA ASN I 194 27.99 -16.99 -8.89
C ASN I 194 27.72 -18.49 -8.93
N GLY I 195 27.94 -19.15 -7.78
CA GLY I 195 27.75 -20.59 -7.72
C GLY I 195 26.31 -21.01 -7.96
N SER I 196 25.36 -20.21 -7.46
CA SER I 196 23.95 -20.49 -7.71
C SER I 196 23.63 -20.41 -9.20
N GLN I 197 24.29 -19.51 -9.93
CA GLN I 197 24.07 -19.43 -11.37
C GLN I 197 24.66 -20.64 -12.08
N VAL I 198 25.88 -21.03 -11.71
CA VAL I 198 26.51 -22.20 -12.32
C VAL I 198 25.63 -23.42 -12.18
N TYR I 199 25.00 -23.59 -11.01
CA TYR I 199 24.13 -24.73 -10.79
C TYR I 199 22.95 -24.72 -11.76
N HIS I 200 22.25 -23.59 -11.85
CA HIS I 200 21.07 -23.52 -12.70
C HIS I 200 21.44 -23.44 -14.18
N ASP I 201 22.53 -22.74 -14.52
CA ASP I 201 22.90 -22.60 -15.92
C ASP I 201 23.16 -23.95 -16.57
N ILE I 202 23.87 -24.84 -15.89
CA ILE I 202 24.23 -26.12 -16.49
C ILE I 202 23.01 -27.05 -16.54
N TYR I 203 22.31 -27.20 -15.42
CA TYR I 203 21.23 -28.18 -15.35
C TYR I 203 19.97 -27.75 -16.07
N ASP I 204 19.77 -26.45 -16.29
CA ASP I 204 18.63 -26.02 -17.09
C ASP I 204 18.80 -26.33 -18.57
N ARG I 205 20.02 -26.65 -19.01
CA ARG I 205 20.35 -26.75 -20.42
C ARG I 205 20.63 -28.18 -20.88
N ASN I 206 20.59 -29.15 -19.98
CA ASN I 206 20.76 -30.55 -20.36
C ASN I 206 20.03 -31.41 -19.34
N ALA I 207 18.88 -31.97 -19.75
CA ALA I 207 18.09 -32.80 -18.85
C ALA I 207 18.79 -34.11 -18.50
N GLY I 208 19.72 -34.57 -19.32
CA GLY I 208 20.40 -35.83 -19.04
C GLY I 208 21.22 -35.82 -17.77
N PHE I 209 21.74 -34.65 -17.38
CA PHE I 209 22.55 -34.56 -16.18
C PHE I 209 21.76 -34.83 -14.90
N HIS I 210 20.43 -34.69 -14.94
CA HIS I 210 19.60 -34.91 -13.77
C HIS I 210 19.43 -36.38 -13.42
N ASN I 211 19.84 -37.30 -14.30
CA ASN I 211 19.63 -38.72 -14.05
C ASN I 211 20.34 -39.17 -12.79
N LYS I 212 19.67 -40.03 -12.01
CA LYS I 212 20.18 -40.46 -10.71
C LYS I 212 21.45 -41.30 -10.81
N GLU I 213 21.84 -41.73 -12.01
CA GLU I 213 23.03 -42.54 -12.20
C GLU I 213 24.11 -41.84 -13.02
N ILE I 214 24.01 -40.52 -13.20
CA ILE I 214 24.92 -39.77 -14.05
C ILE I 214 25.54 -38.64 -13.24
N GLY I 215 26.87 -38.61 -13.19
CA GLY I 215 27.61 -37.51 -12.58
C GLY I 215 27.14 -37.10 -11.20
N ARG I 216 27.22 -37.99 -10.23
CA ARG I 216 26.69 -37.69 -8.91
C ARG I 216 27.64 -36.82 -8.10
N LEU I 217 28.95 -37.11 -8.14
CA LEU I 217 29.90 -36.26 -7.43
C LEU I 217 29.99 -34.88 -8.06
N LEU I 218 29.76 -34.78 -9.37
CA LEU I 218 29.64 -33.47 -9.99
C LEU I 218 28.42 -32.72 -9.46
N TYR I 219 27.31 -33.43 -9.25
CA TYR I 219 26.12 -32.79 -8.68
C TYR I 219 26.35 -32.38 -7.23
N ALA I 220 26.91 -33.29 -6.42
CA ALA I 220 27.15 -32.97 -5.01
C ALA I 220 28.09 -31.78 -4.86
N PHE I 221 29.06 -31.66 -5.77
CA PHE I 221 29.98 -30.53 -5.71
C PHE I 221 29.27 -29.22 -6.06
N MET I 222 28.45 -29.24 -7.11
CA MET I 222 27.78 -28.02 -7.55
C MET I 222 26.60 -27.66 -6.67
N TYR I 223 25.90 -28.65 -6.10
CA TYR I 223 24.77 -28.35 -5.24
C TYR I 223 25.22 -27.64 -3.96
N TYR I 224 26.29 -28.12 -3.34
CA TYR I 224 26.81 -27.47 -2.15
C TYR I 224 27.16 -26.01 -2.42
N LEU I 225 27.85 -25.75 -3.53
CA LEU I 225 28.23 -24.38 -3.88
C LEU I 225 27.03 -23.54 -4.30
N SER I 226 25.91 -24.17 -4.66
CA SER I 226 24.72 -23.42 -5.03
C SER I 226 23.98 -22.86 -3.82
N ILE I 227 24.19 -23.43 -2.65
CA ILE I 227 23.50 -23.00 -1.43
C ILE I 227 24.44 -22.37 -0.42
N SER I 228 25.75 -22.33 -0.71
CA SER I 228 26.73 -21.72 0.18
C SER I 228 27.67 -20.85 -0.66
N GLY I 229 27.60 -19.54 -0.44
CA GLY I 229 28.43 -18.62 -1.19
C GLY I 229 29.89 -18.65 -0.75
N ARG I 230 30.73 -17.97 -1.53
CA ARG I 230 32.16 -17.95 -1.25
C ARG I 230 32.47 -17.07 -0.04
N PHE I 231 31.82 -15.90 0.06
CA PHE I 231 32.06 -14.96 1.14
C PHE I 231 30.75 -14.78 1.91
N LEU I 232 30.70 -15.37 3.11
CA LEU I 232 29.50 -15.33 3.93
C LEU I 232 29.48 -14.15 4.89
N ASN I 233 30.58 -13.41 4.99
CA ASN I 233 30.68 -12.19 5.79
C ASN I 233 30.37 -12.53 7.25
N ASP I 234 29.35 -11.92 7.87
CA ASP I 234 29.11 -12.12 9.29
C ASP I 234 28.66 -13.54 9.63
N PHE I 235 28.14 -14.28 8.66
CA PHE I 235 27.66 -15.64 8.87
C PHE I 235 28.74 -16.68 8.69
N ALA I 236 29.98 -16.27 8.45
CA ALA I 236 31.06 -17.22 8.23
C ALA I 236 31.55 -17.79 9.56
N LEU I 237 31.67 -19.11 9.62
CA LEU I 237 32.24 -19.78 10.78
C LEU I 237 33.66 -20.25 10.56
N LEU I 238 34.01 -20.61 9.32
CA LEU I 238 35.36 -21.03 8.96
C LEU I 238 35.81 -20.20 7.76
N LYS I 239 37.13 -20.08 7.62
CA LYS I 239 37.70 -19.33 6.49
C LYS I 239 39.01 -19.99 6.08
N PHE I 240 39.03 -20.53 4.86
CA PHE I 240 40.26 -21.06 4.28
C PHE I 240 40.97 -19.99 3.47
N THR I 241 42.30 -20.06 3.47
CA THR I 241 43.13 -19.16 2.69
C THR I 241 44.34 -19.93 2.17
N TYR I 242 44.57 -19.84 0.86
CA TYR I 242 45.72 -20.48 0.24
C TYR I 242 46.22 -19.58 -0.89
N LEU I 243 47.46 -19.10 -0.76
CA LEU I 243 48.07 -18.21 -1.75
C LEU I 243 47.22 -16.98 -2.01
N GLY I 244 46.59 -16.46 -0.96
CA GLY I 244 45.74 -15.30 -1.05
C GLY I 244 44.30 -15.58 -1.44
N GLU I 245 44.01 -16.78 -1.95
CA GLU I 245 42.65 -17.15 -2.34
C GLU I 245 41.88 -17.61 -1.11
N SER I 246 40.83 -16.89 -0.76
CA SER I 246 40.06 -17.14 0.44
C SER I 246 38.70 -17.74 0.12
N TRP I 247 38.11 -18.38 1.13
CA TRP I 247 36.81 -19.03 1.02
C TRP I 247 36.25 -19.22 2.42
N THR I 248 34.94 -19.04 2.57
CA THR I 248 34.29 -19.14 3.87
C THR I 248 33.22 -20.23 3.85
N PHE I 249 32.95 -20.79 5.03
CA PHE I 249 31.96 -21.85 5.17
C PHE I 249 31.15 -21.65 6.44
N SER I 250 29.89 -22.11 6.40
CA SER I 250 29.04 -22.12 7.56
C SER I 250 28.42 -23.48 7.86
N LEU I 251 28.63 -24.47 6.99
CA LEU I 251 28.18 -25.84 7.19
C LEU I 251 29.39 -26.75 7.29
N SER I 252 29.13 -28.05 7.37
CA SER I 252 30.20 -29.03 7.23
C SER I 252 30.78 -28.98 5.82
N VAL I 253 32.08 -29.25 5.72
CA VAL I 253 32.75 -29.18 4.42
C VAL I 253 33.12 -30.60 3.99
N PRO I 254 32.35 -31.23 3.11
CA PRO I 254 32.69 -32.58 2.65
C PRO I 254 34.01 -32.59 1.88
N GLU I 255 34.56 -33.80 1.73
CA GLU I 255 35.86 -33.93 1.08
C GLU I 255 35.82 -33.48 -0.38
N TYR I 256 34.71 -33.76 -1.07
CA TYR I 256 34.61 -33.37 -2.47
C TYR I 256 34.59 -31.87 -2.66
N ILE I 257 34.32 -31.10 -1.60
CA ILE I 257 34.39 -29.64 -1.70
C ILE I 257 35.83 -29.17 -1.59
N LEU I 258 36.54 -29.64 -0.56
CA LEU I 258 37.95 -29.26 -0.40
C LEU I 258 38.80 -29.82 -1.52
N TYR I 259 38.49 -31.05 -1.96
CA TYR I 259 39.21 -31.63 -3.09
C TYR I 259 38.87 -30.91 -4.39
N GLY I 260 37.59 -30.58 -4.60
CA GLY I 260 37.20 -29.91 -5.82
C GLY I 260 37.76 -28.50 -5.91
N LEU I 261 37.66 -27.74 -4.82
CA LEU I 261 38.18 -26.37 -4.82
C LEU I 261 39.70 -26.33 -4.75
N GLY I 262 40.33 -27.40 -4.29
CA GLY I 262 41.78 -27.43 -4.19
C GLY I 262 42.33 -26.94 -2.86
N TYR I 263 41.54 -26.96 -1.80
CA TYR I 263 42.00 -26.51 -0.49
C TYR I 263 42.51 -27.69 0.33
N SER I 264 43.43 -27.39 1.24
CA SER I 264 44.01 -28.38 2.14
C SER I 264 43.73 -27.98 3.57
N VAL I 265 43.56 -29.00 4.44
CA VAL I 265 43.39 -28.76 5.87
C VAL I 265 44.65 -28.22 6.52
N PHE I 266 45.77 -28.18 5.79
CA PHE I 266 47.00 -27.60 6.29
C PHE I 266 47.21 -26.15 5.85
N ASP I 267 46.19 -25.54 5.24
CA ASP I 267 46.28 -24.13 4.84
C ASP I 267 45.96 -23.23 6.03
N THR I 268 45.61 -21.98 5.77
CA THR I 268 45.26 -21.03 6.83
C THR I 268 43.76 -21.12 7.09
N ILE I 269 43.39 -21.86 8.13
CA ILE I 269 42.00 -22.02 8.56
C ILE I 269 41.76 -21.15 9.78
N GLU I 270 40.73 -20.30 9.71
CA GLU I 270 40.38 -19.39 10.79
C GLU I 270 38.94 -19.65 11.21
N LYS I 271 38.72 -19.73 12.52
CA LYS I 271 37.39 -19.95 13.08
C LYS I 271 36.83 -18.66 13.65
N PHE I 272 35.53 -18.43 13.44
CA PHE I 272 34.84 -17.25 13.94
C PHE I 272 33.79 -17.58 14.99
N SER I 273 33.77 -18.82 15.49
CA SER I 273 32.82 -19.20 16.52
C SER I 273 33.48 -20.20 17.45
N ASN I 274 32.75 -20.55 18.52
CA ASN I 274 33.20 -21.54 19.48
C ASN I 274 32.68 -22.94 19.17
N ASP I 275 32.11 -23.14 17.99
CA ASP I 275 31.62 -24.46 17.59
C ASP I 275 32.79 -25.43 17.40
N ALA I 276 32.55 -26.69 17.73
CA ALA I 276 33.57 -27.72 17.57
C ALA I 276 33.56 -28.24 16.13
N ILE I 277 34.74 -28.42 15.57
CA ILE I 277 34.91 -28.96 14.22
C ILE I 277 35.84 -30.16 14.31
N LEU I 278 35.55 -31.18 13.50
CA LEU I 278 36.39 -32.37 13.39
C LEU I 278 37.12 -32.31 12.04
N VAL I 279 38.43 -32.18 12.09
CA VAL I 279 39.24 -32.02 10.88
C VAL I 279 39.87 -33.38 10.58
N TYR I 280 39.22 -34.15 9.72
CA TYR I 280 39.80 -35.41 9.26
C TYR I 280 41.02 -35.14 8.39
N ILE I 281 42.10 -35.88 8.62
CA ILE I 281 43.35 -35.61 7.93
C ILE I 281 43.92 -36.86 7.25
N ARG I 282 43.60 -38.04 7.79
CA ARG I 282 44.19 -39.27 7.26
C ARG I 282 43.31 -40.47 7.57
N THR I 283 43.51 -41.53 6.78
CA THR I 283 42.91 -42.83 7.03
C THR I 283 43.87 -43.70 7.84
N ASN I 284 43.30 -44.71 8.50
CA ASN I 284 44.08 -45.71 9.21
C ASN I 284 43.72 -47.10 8.70
N ASN I 285 44.49 -48.09 9.17
CA ASN I 285 44.32 -49.47 8.76
C ASN I 285 43.12 -50.15 9.43
N ARG I 286 42.43 -49.46 10.34
CA ARG I 286 41.29 -50.01 11.04
C ARG I 286 39.97 -49.53 10.43
N ASN I 287 39.98 -49.27 9.12
CA ASN I 287 38.80 -48.84 8.36
C ASN I 287 38.19 -47.58 8.96
N GLY I 288 39.03 -46.69 9.47
CA GLY I 288 38.55 -45.45 10.04
C GLY I 288 39.32 -44.23 9.60
N TYR I 289 39.12 -43.11 10.29
CA TYR I 289 39.74 -41.84 9.94
C TYR I 289 40.20 -41.13 11.21
N ASP I 290 41.44 -40.64 11.19
CA ASP I 290 41.97 -39.85 12.30
C ASP I 290 41.64 -38.38 12.07
N TYR I 291 41.20 -37.72 13.15
CA TYR I 291 40.77 -36.32 13.05
C TYR I 291 41.30 -35.54 14.25
N VAL I 292 41.33 -34.22 14.08
CA VAL I 292 41.74 -33.28 15.12
C VAL I 292 40.56 -32.34 15.40
N GLU I 293 40.29 -32.08 16.67
CA GLU I 293 39.18 -31.25 17.09
C GLU I 293 39.67 -29.88 17.54
N PHE I 294 38.95 -28.84 17.12
CA PHE I 294 39.21 -27.46 17.53
C PHE I 294 37.93 -26.85 18.08
N ASN I 295 38.08 -25.94 19.05
CA ASN I 295 36.89 -25.39 19.70
C ASN I 295 36.89 -23.87 19.71
N LYS I 296 38.00 -23.24 20.11
CA LYS I 296 38.03 -21.79 20.25
C LYS I 296 38.29 -21.11 18.90
N LYS I 297 38.04 -19.80 18.89
CA LYS I 297 38.28 -18.96 17.73
C LYS I 297 39.77 -18.86 17.43
N GLY I 298 40.08 -18.49 16.19
CA GLY I 298 41.44 -18.26 15.75
C GLY I 298 41.89 -19.25 14.69
N ILE I 299 43.20 -19.34 14.54
CA ILE I 299 43.82 -20.19 13.53
C ILE I 299 43.86 -21.63 14.02
N ALA I 300 43.33 -22.54 13.21
CA ALA I 300 43.33 -23.97 13.52
C ALA I 300 44.47 -24.64 12.74
N LYS I 301 45.60 -24.85 13.41
CA LYS I 301 46.79 -25.46 12.81
C LYS I 301 46.88 -26.93 13.20
N VAL I 302 46.96 -27.79 12.18
CA VAL I 302 47.15 -29.22 12.37
C VAL I 302 48.64 -29.49 12.46
N THR I 303 49.10 -29.95 13.63
CA THR I 303 50.52 -30.16 13.86
C THR I 303 51.00 -31.54 13.44
N GLU I 304 50.10 -32.44 13.05
CA GLU I 304 50.52 -33.76 12.62
C GLU I 304 51.29 -33.69 11.30
N ASP I 305 51.97 -34.78 10.98
CA ASP I 305 52.67 -34.89 9.71
C ASP I 305 51.68 -34.98 8.56
N LYS I 306 52.05 -34.38 7.43
CA LYS I 306 51.19 -34.40 6.26
C LYS I 306 51.22 -35.77 5.62
N PRO I 307 50.08 -36.48 5.55
CA PRO I 307 50.08 -37.86 5.07
C PRO I 307 50.40 -37.97 3.59
N ASP I 308 50.74 -39.19 3.18
CA ASP I 308 51.03 -39.48 1.78
C ASP I 308 49.72 -39.56 0.99
N ASN I 309 49.86 -39.76 -0.32
CA ASN I 309 48.71 -39.77 -1.21
C ASN I 309 47.75 -40.92 -0.91
N ASP I 310 48.23 -42.00 -0.30
CA ASP I 310 47.37 -43.15 -0.06
C ASP I 310 46.35 -42.91 1.05
N LYS I 311 46.68 -42.08 2.05
CA LYS I 311 45.83 -41.93 3.21
C LYS I 311 45.30 -40.52 3.45
N ARG I 312 45.83 -39.52 2.75
CA ARG I 312 45.51 -38.13 3.06
C ARG I 312 44.05 -37.81 2.81
N ILE I 313 43.47 -36.99 3.71
CA ILE I 313 42.07 -36.60 3.67
C ILE I 313 41.97 -35.11 3.93
N HIS I 314 41.05 -34.45 3.23
CA HIS I 314 40.73 -33.04 3.46
C HIS I 314 39.21 -32.94 3.63
N ALA I 315 38.77 -32.87 4.89
CA ALA I 315 37.34 -32.78 5.19
C ALA I 315 37.16 -32.23 6.59
N ILE I 316 36.04 -31.56 6.82
CA ILE I 316 35.72 -30.93 8.10
C ILE I 316 34.27 -31.20 8.45
N ARG I 317 34.02 -31.74 9.64
CA ARG I 317 32.67 -31.90 10.16
C ARG I 317 32.40 -30.82 11.19
N LEU I 318 31.32 -30.06 10.98
CA LEU I 318 30.91 -29.01 11.89
C LEU I 318 29.81 -29.53 12.82
N ILE I 319 29.93 -29.23 14.11
CA ILE I 319 28.94 -29.61 15.10
C ILE I 319 28.23 -28.34 15.54
N ASN I 320 26.98 -28.18 15.13
CA ASN I 320 26.17 -27.00 15.44
C ASN I 320 24.91 -27.43 16.19
N ASP I 321 24.09 -26.43 16.52
CA ASP I 321 22.85 -26.63 17.27
C ASP I 321 21.74 -25.74 16.73
N HIS I 327 20.85 -29.99 6.21
CA HIS I 327 22.18 -29.44 6.00
C HIS I 327 23.19 -30.01 6.99
N ILE I 328 22.68 -30.58 8.08
CA ILE I 328 23.55 -31.29 9.01
C ILE I 328 24.04 -32.60 8.41
N HIS I 329 23.32 -33.15 7.42
CA HIS I 329 23.73 -34.39 6.78
C HIS I 329 25.06 -34.23 6.03
N PHE I 330 25.44 -33.01 5.67
CA PHE I 330 26.75 -32.78 5.05
C PHE I 330 27.89 -33.23 5.97
N GLY I 331 27.66 -33.27 7.27
CA GLY I 331 28.63 -33.71 8.24
C GLY I 331 28.59 -35.19 8.56
N PHE I 332 27.66 -35.93 7.97
CA PHE I 332 27.58 -37.36 8.22
C PHE I 332 28.87 -38.05 7.81
N ARG I 333 29.29 -39.03 8.62
CA ARG I 333 30.64 -39.60 8.47
C ARG I 333 30.89 -40.14 7.08
N ASN I 334 29.90 -40.82 6.49
CA ASN I 334 30.10 -41.52 5.23
C ASN I 334 29.94 -40.63 4.00
N MET I 335 29.53 -39.37 4.18
CA MET I 335 29.48 -38.43 3.08
C MET I 335 30.48 -37.29 3.20
N VAL I 336 30.83 -36.87 4.41
CA VAL I 336 31.87 -35.86 4.59
C VAL I 336 33.21 -36.37 4.08
N ILE I 337 33.38 -37.70 4.02
CA ILE I 337 34.58 -38.34 3.49
C ILE I 337 34.16 -39.22 2.33
N ILE I 338 34.83 -39.07 1.19
CA ILE I 338 34.50 -39.84 0.00
C ILE I 338 34.79 -41.31 0.23
N ASP I 339 33.79 -42.15 -0.02
CA ASP I 339 33.92 -43.59 0.18
C ASP I 339 34.95 -44.16 -0.80
N ASN I 340 35.72 -45.13 -0.32
CA ASN I 340 36.68 -45.81 -1.21
C ASN I 340 35.95 -46.73 -2.19
N GLU I 341 34.89 -47.39 -1.75
CA GLU I 341 34.01 -48.13 -2.65
C GLU I 341 33.30 -47.14 -3.57
N CYS I 342 33.68 -47.15 -4.85
CA CYS I 342 33.11 -46.19 -5.80
C CYS I 342 31.59 -46.31 -5.84
N ALA I 343 31.05 -47.53 -5.80
CA ALA I 343 29.62 -47.71 -5.92
C ALA I 343 28.85 -47.23 -4.70
N ASN I 344 29.51 -47.05 -3.56
CA ASN I 344 28.85 -46.64 -2.34
C ASN I 344 29.05 -45.16 -2.02
N ILE I 345 29.52 -44.36 -2.98
CA ILE I 345 29.72 -42.94 -2.75
C ILE I 345 28.36 -42.26 -2.60
N GLN I 346 28.22 -41.44 -1.58
CA GLN I 346 26.97 -40.74 -1.29
C GLN I 346 27.05 -39.31 -1.81
N SER I 347 25.97 -38.87 -2.47
CA SER I 347 25.91 -37.56 -3.10
C SER I 347 24.61 -36.81 -2.79
N SER I 348 23.81 -37.30 -1.86
CA SER I 348 22.55 -36.63 -1.54
C SER I 348 22.16 -37.00 -0.11
N ALA I 349 21.22 -36.23 0.43
CA ALA I 349 20.72 -36.50 1.78
C ALA I 349 19.89 -37.76 1.83
N GLU I 350 19.40 -38.24 0.69
CA GLU I 350 18.56 -39.43 0.69
C GLU I 350 19.33 -40.67 1.12
N ASN I 351 20.55 -40.85 0.62
CA ASN I 351 21.37 -41.99 0.98
C ASN I 351 22.51 -41.62 1.91
N ALA I 352 22.40 -40.49 2.62
CA ALA I 352 23.43 -40.05 3.54
C ALA I 352 23.31 -40.83 4.86
N THR I 353 24.39 -41.50 5.25
CA THR I 353 24.43 -42.27 6.47
C THR I 353 25.55 -41.78 7.38
N ASP I 354 25.36 -41.96 8.68
CA ASP I 354 26.29 -41.50 9.70
C ASP I 354 26.76 -42.66 10.56
N THR I 355 26.96 -43.81 9.93
CA THR I 355 27.35 -45.04 10.63
C THR I 355 28.83 -45.32 10.46
N GLY I 356 29.38 -46.06 11.42
CA GLY I 356 30.76 -46.50 11.36
C GLY I 356 31.75 -45.67 12.15
N HIS I 357 31.28 -44.87 13.11
CA HIS I 357 32.17 -44.02 13.90
C HIS I 357 33.07 -44.83 14.82
N HIS I 358 32.74 -46.11 15.05
CA HIS I 358 33.50 -46.95 15.96
C HIS I 358 34.92 -47.20 15.48
N GLN I 359 35.20 -46.93 14.21
CA GLN I 359 36.53 -47.11 13.63
C GLN I 359 37.38 -45.85 13.62
N ASP I 360 36.82 -44.69 13.95
CA ASP I 360 37.60 -43.46 13.95
C ASP I 360 38.27 -43.24 15.31
N SER I 361 39.19 -42.27 15.34
CA SER I 361 39.97 -41.97 16.53
C SER I 361 40.33 -40.49 16.55
N LYS I 362 40.25 -39.90 17.73
CA LYS I 362 40.67 -38.52 17.95
C LYS I 362 42.16 -38.47 18.25
N ILE I 363 42.85 -37.48 17.69
CA ILE I 363 44.30 -37.40 17.78
C ILE I 363 44.75 -36.61 19.00
N ASN I 364 44.02 -35.57 19.38
CA ASN I 364 44.39 -34.74 20.52
C ASN I 364 44.49 -35.55 21.82
N GLN J 1 15.96 -27.95 -20.52
CA GLN J 1 14.65 -27.50 -20.98
C GLN J 1 13.57 -27.82 -19.95
N VAL J 2 13.53 -27.04 -18.87
CA VAL J 2 12.53 -27.26 -17.83
C VAL J 2 11.16 -26.79 -18.31
N GLN J 3 10.18 -27.68 -18.25
CA GLN J 3 8.82 -27.37 -18.67
C GLN J 3 7.83 -27.97 -17.69
N LEU J 4 6.79 -27.20 -17.36
CA LEU J 4 5.80 -27.59 -16.38
C LEU J 4 4.42 -27.60 -17.01
N GLN J 5 3.55 -28.46 -16.50
CA GLN J 5 2.18 -28.56 -16.99
C GLN J 5 1.28 -28.95 -15.84
N GLU J 6 0.30 -28.10 -15.52
CA GLU J 6 -0.65 -28.38 -14.47
C GLU J 6 -1.71 -29.37 -14.96
N SER J 7 -2.33 -30.06 -14.01
CA SER J 7 -3.37 -31.03 -14.32
C SER J 7 -4.24 -31.26 -13.09
N GLY J 8 -5.53 -31.49 -13.32
CA GLY J 8 -6.46 -31.78 -12.25
C GLY J 8 -7.90 -31.58 -12.66
N PRO J 9 -8.82 -32.02 -11.81
CA PRO J 9 -10.25 -31.84 -12.12
C PRO J 9 -10.64 -30.37 -12.07
N GLY J 10 -11.34 -29.92 -13.12
CA GLY J 10 -11.76 -28.54 -13.21
C GLY J 10 -12.96 -28.17 -12.35
N LEU J 11 -13.62 -29.14 -11.73
CA LEU J 11 -14.80 -28.90 -10.92
C LEU J 11 -14.66 -29.60 -9.57
N VAL J 12 -14.95 -28.86 -8.50
CA VAL J 12 -14.89 -29.40 -7.15
C VAL J 12 -16.06 -28.85 -6.34
N LYS J 13 -16.79 -29.74 -5.65
CA LYS J 13 -17.93 -29.31 -4.86
C LYS J 13 -17.47 -28.55 -3.61
N PRO J 14 -18.31 -27.67 -3.08
CA PRO J 14 -17.94 -26.94 -1.86
C PRO J 14 -17.63 -27.89 -0.71
N SER J 15 -16.71 -27.44 0.16
CA SER J 15 -16.27 -28.16 1.36
C SER J 15 -15.46 -29.41 1.03
N GLU J 16 -15.37 -29.76 -0.25
CA GLU J 16 -14.58 -30.91 -0.66
C GLU J 16 -13.15 -30.48 -0.96
N THR J 17 -12.31 -31.43 -1.37
CA THR J 17 -10.88 -31.19 -1.49
C THR J 17 -10.48 -31.01 -2.95
N LEU J 18 -9.78 -29.91 -3.22
CA LEU J 18 -9.18 -29.65 -4.52
C LEU J 18 -7.87 -30.42 -4.62
N SER J 19 -7.65 -31.09 -5.75
CA SER J 19 -6.45 -31.89 -5.96
C SER J 19 -5.86 -31.58 -7.32
N LEU J 20 -4.62 -31.12 -7.35
CA LEU J 20 -3.92 -30.76 -8.58
C LEU J 20 -2.56 -31.44 -8.63
N THR J 21 -2.04 -31.60 -9.84
CA THR J 21 -0.75 -32.23 -10.07
C THR J 21 0.04 -31.43 -11.10
N CYS J 22 1.33 -31.28 -10.85
CA CYS J 22 2.24 -30.56 -11.74
C CYS J 22 3.25 -31.55 -12.28
N SER J 23 3.21 -31.80 -13.60
CA SER J 23 4.15 -32.70 -14.25
C SER J 23 5.34 -31.91 -14.77
N VAL J 24 6.54 -32.35 -14.41
CA VAL J 24 7.78 -31.65 -14.76
C VAL J 24 8.53 -32.47 -15.80
N SER J 25 8.99 -31.81 -16.86
CA SER J 25 9.84 -32.42 -17.86
C SER J 25 11.09 -31.58 -18.05
N GLY J 26 12.14 -32.22 -18.55
CA GLY J 26 13.40 -31.56 -18.78
C GLY J 26 14.31 -31.44 -17.57
N GLY J 27 13.97 -32.09 -16.47
CA GLY J 27 14.77 -32.04 -15.26
C GLY J 27 14.07 -32.68 -14.09
N SER J 28 14.82 -33.05 -13.06
CA SER J 28 14.23 -33.69 -11.90
C SER J 28 13.67 -32.67 -10.94
N ILE J 29 12.57 -33.03 -10.27
CA ILE J 29 11.99 -32.16 -9.26
C ILE J 29 12.92 -32.00 -8.06
N SER J 30 13.85 -32.94 -7.89
CA SER J 30 14.83 -32.88 -6.80
C SER J 30 15.96 -31.90 -7.07
N THR J 31 15.96 -31.23 -8.23
CA THR J 31 17.05 -30.34 -8.60
C THR J 31 16.78 -28.88 -8.26
N TYR J 32 15.52 -28.46 -8.21
CA TYR J 32 15.17 -27.05 -8.05
C TYR J 32 14.15 -26.89 -6.94
N TYR J 33 13.80 -25.65 -6.65
CA TYR J 33 12.68 -25.31 -5.80
C TYR J 33 11.46 -25.03 -6.68
N TRP J 34 10.27 -25.21 -6.11
CA TRP J 34 9.03 -25.09 -6.85
C TRP J 34 8.04 -24.27 -6.04
N SER J 35 6.96 -23.83 -6.70
CA SER J 35 5.96 -23.03 -6.03
C SER J 35 4.63 -23.18 -6.76
N TRP J 36 3.55 -22.95 -6.01
CA TRP J 36 2.20 -22.91 -6.56
C TRP J 36 1.66 -21.49 -6.46
N ILE J 37 1.08 -21.01 -7.56
CA ILE J 37 0.50 -19.67 -7.62
C ILE J 37 -0.88 -19.79 -8.27
N ARG J 38 -1.86 -19.09 -7.69
CA ARG J 38 -3.21 -19.10 -8.22
C ARG J 38 -3.67 -17.67 -8.51
N GLN J 39 -4.61 -17.55 -9.44
CA GLN J 39 -5.09 -16.25 -9.87
C GLN J 39 -6.57 -16.33 -10.25
N PRO J 40 -7.45 -15.74 -9.43
CA PRO J 40 -8.87 -15.69 -9.82
C PRO J 40 -9.05 -14.82 -11.06
N ALA J 41 -10.19 -15.01 -11.72
CA ALA J 41 -10.46 -14.34 -12.99
C ALA J 41 -10.43 -12.82 -12.82
N GLY J 42 -9.54 -12.17 -13.57
CA GLY J 42 -9.44 -10.72 -13.54
C GLY J 42 -8.80 -10.13 -12.32
N LYS J 43 -8.24 -10.94 -11.43
CA LYS J 43 -7.62 -10.45 -10.21
C LYS J 43 -6.10 -10.70 -10.26
N GLY J 44 -5.44 -10.48 -9.13
CA GLY J 44 -4.00 -10.59 -9.04
C GLY J 44 -3.54 -12.01 -8.69
N LEU J 45 -2.26 -12.08 -8.31
CA LEU J 45 -1.60 -13.35 -8.05
C LEU J 45 -1.43 -13.57 -6.56
N GLU J 46 -1.70 -14.79 -6.11
CA GLU J 46 -1.55 -15.17 -4.71
C GLU J 46 -0.61 -16.37 -4.63
N TRP J 47 0.48 -16.21 -3.90
CA TRP J 47 1.45 -17.28 -3.71
C TRP J 47 0.89 -18.28 -2.71
N ILE J 48 0.81 -19.54 -3.11
CA ILE J 48 0.20 -20.58 -2.29
C ILE J 48 1.22 -21.23 -1.37
N GLY J 49 2.36 -21.64 -1.91
CA GLY J 49 3.40 -22.27 -1.12
C GLY J 49 4.53 -22.68 -2.01
N LEU J 50 5.66 -23.01 -1.37
CA LEU J 50 6.84 -23.46 -2.09
C LEU J 50 7.22 -24.85 -1.61
N MET J 51 8.08 -25.50 -2.39
CA MET J 51 8.61 -26.82 -2.06
C MET J 51 10.08 -26.82 -2.40
N TYR J 52 10.91 -27.18 -1.41
CA TYR J 52 12.34 -27.25 -1.66
C TYR J 52 12.66 -28.54 -2.40
N ASN J 53 13.92 -28.65 -2.84
CA ASN J 53 14.35 -29.83 -3.59
C ASN J 53 14.30 -31.10 -2.75
N SER J 54 14.34 -30.97 -1.43
CA SER J 54 14.21 -32.11 -0.54
C SER J 54 12.77 -32.55 -0.35
N GLY J 55 11.81 -31.86 -0.95
CA GLY J 55 10.41 -32.14 -0.76
C GLY J 55 9.78 -31.43 0.41
N SER J 56 10.57 -30.77 1.25
CA SER J 56 10.04 -30.05 2.41
C SER J 56 9.19 -28.88 1.95
N PRO J 57 7.93 -28.80 2.35
CA PRO J 57 7.07 -27.71 1.87
C PRO J 57 6.97 -26.55 2.86
N ASN J 58 6.71 -25.35 2.33
CA ASN J 58 6.47 -24.16 3.15
C ASN J 58 5.28 -23.44 2.57
N TYR J 59 4.25 -23.24 3.38
CA TYR J 59 2.95 -22.78 2.91
C TYR J 59 2.69 -21.33 3.28
N ASN J 60 1.73 -20.74 2.56
CA ASN J 60 1.27 -19.40 2.87
C ASN J 60 0.42 -19.46 4.14
N PRO J 61 0.72 -18.63 5.15
CA PRO J 61 -0.08 -18.68 6.39
C PRO J 61 -1.56 -18.41 6.20
N SER J 62 -1.97 -17.79 5.10
CA SER J 62 -3.41 -17.55 4.89
C SER J 62 -4.14 -18.87 4.66
N LEU J 63 -3.55 -19.77 3.89
CA LEU J 63 -4.12 -21.09 3.68
C LEU J 63 -3.34 -22.14 4.44
N LYS J 64 -3.06 -21.92 5.72
CA LYS J 64 -2.03 -22.71 6.39
C LYS J 64 -2.49 -24.12 6.70
N SER J 65 -3.71 -24.29 7.21
CA SER J 65 -4.19 -25.62 7.57
C SER J 65 -4.77 -26.39 6.39
N ARG J 66 -5.18 -25.70 5.33
CA ARG J 66 -5.91 -26.33 4.23
C ARG J 66 -5.02 -26.90 3.14
N VAL J 67 -3.73 -26.62 3.15
CA VAL J 67 -2.84 -26.97 2.05
C VAL J 67 -2.02 -28.21 2.37
N THR J 68 -1.70 -28.96 1.33
CA THR J 68 -0.74 -30.06 1.42
C THR J 68 0.01 -30.13 0.11
N MET J 69 1.34 -30.14 0.17
CA MET J 69 2.19 -30.26 -1.02
C MET J 69 3.16 -31.40 -0.82
N SER J 70 3.27 -32.26 -1.84
CA SER J 70 4.17 -33.40 -1.79
C SER J 70 4.70 -33.66 -3.19
N GLY J 71 5.85 -34.33 -3.26
CA GLY J 71 6.50 -34.63 -4.52
C GLY J 71 6.58 -36.12 -4.75
N ASP J 72 6.53 -36.50 -6.03
CA ASP J 72 6.66 -37.89 -6.46
C ASP J 72 7.87 -37.96 -7.39
N THR J 73 9.00 -38.46 -6.89
CA THR J 73 10.21 -38.53 -7.70
C THR J 73 10.11 -39.58 -8.79
N SER J 74 9.37 -40.66 -8.55
CA SER J 74 9.27 -41.73 -9.55
C SER J 74 8.53 -41.25 -10.80
N LYS J 75 7.57 -40.34 -10.64
CA LYS J 75 6.84 -39.78 -11.77
C LYS J 75 7.30 -38.36 -12.10
N ASN J 76 8.24 -37.82 -11.33
CA ASN J 76 8.74 -36.46 -11.51
C ASN J 76 7.59 -35.45 -11.50
N GLN J 77 6.72 -35.57 -10.50
CA GLN J 77 5.60 -34.66 -10.31
C GLN J 77 5.54 -34.21 -8.87
N PHE J 78 4.84 -33.10 -8.65
CA PHE J 78 4.47 -32.68 -7.30
C PHE J 78 3.03 -32.19 -7.33
N SER J 79 2.35 -32.35 -6.20
CA SER J 79 0.91 -32.17 -6.13
C SER J 79 0.54 -31.00 -5.22
N LEU J 80 -0.69 -30.53 -5.38
CA LEU J 80 -1.27 -29.50 -4.52
C LEU J 80 -2.66 -29.97 -4.12
N LYS J 81 -2.90 -30.03 -2.82
CA LYS J 81 -4.19 -30.46 -2.29
C LYS J 81 -4.75 -29.37 -1.39
N LEU J 82 -5.97 -28.93 -1.67
CA LEU J 82 -6.62 -27.85 -0.94
C LEU J 82 -7.98 -28.33 -0.46
N SER J 83 -8.16 -28.39 0.85
CA SER J 83 -9.36 -28.96 1.45
C SER J 83 -10.34 -27.87 1.86
N SER J 84 -11.61 -28.28 1.97
CA SER J 84 -12.71 -27.40 2.40
C SER J 84 -12.79 -26.16 1.53
N VAL J 85 -12.86 -26.38 0.21
CA VAL J 85 -12.81 -25.27 -0.73
C VAL J 85 -14.13 -24.51 -0.72
N THR J 86 -14.05 -23.22 -1.01
CA THR J 86 -15.23 -22.37 -1.20
C THR J 86 -15.11 -21.65 -2.54
N ALA J 87 -16.02 -20.73 -2.81
CA ALA J 87 -15.95 -19.98 -4.07
C ALA J 87 -14.69 -19.15 -4.17
N ALA J 88 -14.09 -18.78 -3.04
CA ALA J 88 -12.86 -18.02 -3.04
C ALA J 88 -11.68 -18.79 -3.61
N ASP J 89 -11.82 -20.10 -3.81
CA ASP J 89 -10.77 -20.93 -4.38
C ASP J 89 -10.93 -21.14 -5.88
N THR J 90 -12.00 -20.64 -6.48
CA THR J 90 -12.16 -20.68 -7.93
C THR J 90 -11.12 -19.75 -8.56
N ALA J 91 -10.15 -20.32 -9.26
CA ALA J 91 -9.06 -19.54 -9.83
C ALA J 91 -8.32 -20.41 -10.84
N VAL J 92 -7.39 -19.77 -11.55
CA VAL J 92 -6.42 -20.49 -12.38
C VAL J 92 -5.19 -20.75 -11.54
N TYR J 93 -4.78 -22.01 -11.46
CA TYR J 93 -3.66 -22.42 -10.63
C TYR J 93 -2.42 -22.68 -11.49
N TYR J 94 -1.30 -22.09 -11.10
CA TYR J 94 -0.03 -22.27 -11.79
C TYR J 94 0.97 -22.95 -10.86
N CYS J 95 1.79 -23.82 -11.44
CA CYS J 95 3.01 -24.28 -10.79
C CYS J 95 4.21 -23.68 -11.52
N ALA J 96 5.25 -23.36 -10.75
CA ALA J 96 6.40 -22.66 -11.30
C ALA J 96 7.68 -23.19 -10.66
N ARG J 97 8.78 -23.05 -11.39
CA ARG J 97 10.10 -23.34 -10.86
C ARG J 97 10.61 -22.12 -10.11
N LEU J 98 11.12 -22.33 -8.90
CA LEU J 98 11.59 -21.25 -8.04
C LEU J 98 13.12 -21.26 -8.06
N ARG J 99 13.71 -20.54 -9.01
CA ARG J 99 15.16 -20.41 -9.06
C ARG J 99 15.65 -19.63 -7.85
N TYR J 100 16.74 -20.11 -7.25
CA TYR J 100 17.28 -19.52 -6.03
C TYR J 100 18.68 -18.98 -6.26
N ASP J 101 19.11 -18.12 -5.34
CA ASP J 101 20.44 -17.51 -5.39
C ASP J 101 20.89 -17.28 -3.95
N PHE J 102 22.03 -17.85 -3.58
CA PHE J 102 22.56 -17.72 -2.23
C PHE J 102 23.97 -17.12 -2.22
N TRP J 103 24.33 -16.38 -3.27
CA TRP J 103 25.66 -15.76 -3.38
C TRP J 103 25.57 -14.24 -3.30
N SER J 104 24.55 -13.72 -2.65
CA SER J 104 24.39 -12.28 -2.48
C SER J 104 23.70 -12.01 -1.14
N GLY J 105 24.17 -12.69 -0.09
CA GLY J 105 23.57 -12.57 1.22
C GLY J 105 23.01 -13.88 1.74
N SER J 106 22.96 -14.04 3.07
CA SER J 106 22.42 -15.26 3.65
C SER J 106 20.92 -15.39 3.38
N LYS J 107 20.21 -14.26 3.32
CA LYS J 107 18.81 -14.25 2.93
C LYS J 107 18.70 -14.67 1.47
N GLY J 108 18.09 -15.83 1.22
CA GLY J 108 18.01 -16.33 -0.14
C GLY J 108 17.15 -15.45 -1.03
N ARG J 109 17.53 -15.41 -2.30
CA ARG J 109 16.79 -14.69 -3.33
C ARG J 109 16.09 -15.72 -4.22
N TYR J 110 14.79 -15.53 -4.43
CA TYR J 110 13.96 -16.53 -5.10
C TYR J 110 13.19 -15.88 -6.23
N TYR J 111 13.19 -16.55 -7.39
CA TYR J 111 12.50 -16.05 -8.58
C TYR J 111 11.73 -17.18 -9.23
N MET J 112 10.50 -16.89 -9.64
CA MET J 112 9.66 -17.83 -10.39
C MET J 112 9.82 -17.49 -11.86
N ASP J 113 10.75 -18.19 -12.53
CA ASP J 113 11.11 -17.86 -13.90
C ASP J 113 10.51 -18.81 -14.93
N VAL J 114 10.16 -20.04 -14.55
CA VAL J 114 9.57 -21.01 -15.47
C VAL J 114 8.17 -21.33 -14.96
N TRP J 115 7.15 -20.96 -15.73
CA TRP J 115 5.76 -21.14 -15.37
C TRP J 115 5.10 -22.18 -16.27
N GLY J 116 4.10 -22.86 -15.71
CA GLY J 116 3.25 -23.72 -16.51
C GLY J 116 2.16 -22.95 -17.23
N LYS J 117 1.43 -23.66 -18.08
CA LYS J 117 0.35 -23.04 -18.83
C LYS J 117 -0.85 -22.69 -17.95
N GLY J 118 -0.98 -23.33 -16.80
CA GLY J 118 -2.07 -23.06 -15.88
C GLY J 118 -3.28 -23.94 -16.15
N THR J 119 -3.98 -24.27 -15.07
CA THR J 119 -5.22 -25.05 -15.15
C THR J 119 -6.32 -24.32 -14.41
N THR J 120 -7.54 -24.39 -14.93
CA THR J 120 -8.69 -23.70 -14.38
C THR J 120 -9.49 -24.63 -13.48
N VAL J 121 -9.76 -24.20 -12.25
CA VAL J 121 -10.55 -24.95 -11.29
C VAL J 121 -11.71 -24.09 -10.81
N THR J 122 -12.93 -24.63 -10.88
CA THR J 122 -14.13 -23.95 -10.46
C THR J 122 -14.74 -24.70 -9.28
N VAL J 123 -15.07 -23.96 -8.22
CA VAL J 123 -15.71 -24.52 -7.04
C VAL J 123 -17.21 -24.30 -7.20
N SER J 124 -17.96 -25.39 -7.41
CA SER J 124 -19.39 -25.28 -7.64
C SER J 124 -20.05 -26.61 -7.33
N SER J 125 -21.33 -26.56 -6.95
CA SER J 125 -22.12 -27.76 -6.73
C SER J 125 -22.80 -28.25 -7.99
N ALA J 126 -22.78 -27.46 -9.06
CA ALA J 126 -23.41 -27.86 -10.31
C ALA J 126 -22.62 -28.99 -10.97
N SER J 127 -23.23 -29.60 -11.98
CA SER J 127 -22.61 -30.68 -12.73
C SER J 127 -22.04 -30.15 -14.03
N THR J 128 -21.06 -30.89 -14.56
CA THR J 128 -20.45 -30.51 -15.83
C THR J 128 -21.45 -30.71 -16.97
N LYS J 129 -21.43 -29.79 -17.92
CA LYS J 129 -22.28 -29.89 -19.10
C LYS J 129 -21.48 -29.53 -20.34
N GLY J 130 -21.56 -30.37 -21.35
CA GLY J 130 -20.87 -30.15 -22.60
C GLY J 130 -21.51 -29.04 -23.41
N PRO J 131 -20.73 -28.39 -24.25
CA PRO J 131 -21.25 -27.28 -25.03
C PRO J 131 -21.99 -27.75 -26.28
N SER J 132 -22.86 -26.87 -26.78
CA SER J 132 -23.51 -27.03 -28.06
C SER J 132 -22.91 -26.04 -29.05
N VAL J 133 -22.42 -26.55 -30.18
CA VAL J 133 -21.74 -25.73 -31.17
C VAL J 133 -22.69 -25.44 -32.32
N PHE J 134 -22.82 -24.17 -32.67
CA PHE J 134 -23.65 -23.74 -33.78
C PHE J 134 -22.83 -22.87 -34.72
N PRO J 135 -23.05 -22.98 -36.03
CA PRO J 135 -22.25 -22.19 -36.98
C PRO J 135 -22.78 -20.78 -37.14
N LEU J 136 -21.86 -19.85 -37.32
CA LEU J 136 -22.19 -18.46 -37.65
C LEU J 136 -21.89 -18.28 -39.14
N ALA J 137 -22.87 -18.58 -39.97
CA ALA J 137 -22.65 -18.60 -41.41
C ALA J 137 -22.47 -17.19 -41.95
N PRO J 138 -21.55 -16.98 -42.88
CA PRO J 138 -21.41 -15.67 -43.51
C PRO J 138 -22.51 -15.42 -44.54
N SER J 139 -22.66 -14.15 -44.90
CA SER J 139 -23.66 -13.76 -45.88
C SER J 139 -23.02 -13.09 -47.10
N GLY J 146 -15.63 -7.90 -50.20
CA GLY J 146 -14.18 -7.99 -50.05
C GLY J 146 -13.75 -8.91 -48.93
N THR J 147 -14.22 -8.64 -47.72
CA THR J 147 -13.90 -9.43 -46.54
C THR J 147 -15.20 -9.91 -45.89
N ALA J 148 -15.26 -11.21 -45.59
CA ALA J 148 -16.40 -11.82 -44.94
C ALA J 148 -16.02 -12.28 -43.54
N ALA J 149 -17.04 -12.44 -42.69
CA ALA J 149 -16.85 -12.89 -41.32
C ALA J 149 -17.71 -14.13 -41.07
N LEU J 150 -17.12 -15.10 -40.38
CA LEU J 150 -17.82 -16.32 -40.01
C LEU J 150 -17.26 -16.81 -38.69
N GLY J 151 -18.01 -17.70 -38.04
CA GLY J 151 -17.56 -18.18 -36.76
C GLY J 151 -18.43 -19.30 -36.23
N CYS J 152 -18.18 -19.63 -34.96
CA CYS J 152 -18.92 -20.68 -34.26
C CYS J 152 -19.46 -20.14 -32.94
N LEU J 153 -20.60 -20.68 -32.52
CA LEU J 153 -21.26 -20.28 -31.29
C LEU J 153 -21.20 -21.45 -30.30
N VAL J 154 -20.36 -21.32 -29.29
CA VAL J 154 -20.19 -22.34 -28.27
C VAL J 154 -21.08 -21.94 -27.09
N LYS J 155 -22.25 -22.57 -26.99
CA LYS J 155 -23.28 -22.15 -26.05
C LYS J 155 -23.58 -23.27 -25.05
N ASP J 156 -23.91 -22.85 -23.82
CA ASP J 156 -24.40 -23.73 -22.76
C ASP J 156 -23.39 -24.81 -22.39
N TYR J 157 -22.39 -24.43 -21.58
CA TYR J 157 -21.43 -25.40 -21.06
C TYR J 157 -21.02 -24.97 -19.67
N PHE J 158 -20.43 -25.91 -18.92
CA PHE J 158 -20.01 -25.66 -17.56
C PHE J 158 -19.04 -26.73 -17.13
N PRO J 159 -17.92 -26.38 -16.48
CA PRO J 159 -17.43 -25.03 -16.20
C PRO J 159 -16.42 -24.57 -17.25
N GLU J 160 -15.63 -23.54 -16.93
CA GLU J 160 -14.56 -23.13 -17.82
C GLU J 160 -13.44 -24.18 -17.84
N PRO J 161 -12.62 -24.22 -18.89
CA PRO J 161 -12.66 -23.38 -20.10
C PRO J 161 -13.11 -24.13 -21.34
N VAL J 162 -13.07 -23.44 -22.49
CA VAL J 162 -13.32 -24.05 -23.79
C VAL J 162 -12.25 -23.54 -24.74
N THR J 163 -11.60 -24.46 -25.45
CA THR J 163 -10.56 -24.13 -26.41
C THR J 163 -11.12 -24.24 -27.82
N VAL J 164 -10.93 -23.19 -28.62
CA VAL J 164 -11.43 -23.16 -29.99
C VAL J 164 -10.26 -22.88 -30.93
N SER J 165 -10.10 -23.74 -31.93
CA SER J 165 -9.15 -23.53 -33.01
C SER J 165 -9.89 -23.65 -34.33
N TRP J 166 -9.24 -23.18 -35.39
CA TRP J 166 -9.82 -23.19 -36.73
C TRP J 166 -8.93 -23.98 -37.68
N ASN J 167 -9.54 -24.93 -38.39
CA ASN J 167 -8.84 -25.77 -39.36
C ASN J 167 -7.67 -26.51 -38.69
N SER J 168 -7.91 -27.01 -37.48
CA SER J 168 -6.92 -27.78 -36.73
C SER J 168 -5.62 -27.01 -36.53
N GLY J 169 -5.74 -25.70 -36.33
CA GLY J 169 -4.58 -24.85 -36.13
C GLY J 169 -4.01 -24.22 -37.38
N ALA J 170 -4.55 -24.54 -38.56
CA ALA J 170 -4.03 -23.95 -39.78
C ALA J 170 -4.40 -22.48 -39.90
N LEU J 171 -5.64 -22.13 -39.54
CA LEU J 171 -6.13 -20.76 -39.60
C LEU J 171 -5.95 -20.11 -38.24
N THR J 172 -5.03 -19.16 -38.15
CA THR J 172 -4.73 -18.48 -36.89
C THR J 172 -4.90 -16.96 -36.97
N SER J 173 -4.41 -16.33 -38.03
CA SER J 173 -4.47 -14.88 -38.14
C SER J 173 -5.90 -14.43 -38.42
N GLY J 174 -6.32 -13.37 -37.73
CA GLY J 174 -7.66 -12.83 -37.87
C GLY J 174 -8.72 -13.54 -37.06
N VAL J 175 -8.33 -14.44 -36.16
CA VAL J 175 -9.27 -15.19 -35.34
C VAL J 175 -9.47 -14.44 -34.03
N HIS J 176 -10.74 -14.30 -33.62
CA HIS J 176 -11.07 -13.67 -32.35
C HIS J 176 -12.01 -14.60 -31.59
N THR J 177 -11.50 -15.25 -30.55
CA THR J 177 -12.31 -16.05 -29.64
C THR J 177 -12.61 -15.20 -28.41
N PHE J 178 -13.86 -14.79 -28.27
CA PHE J 178 -14.23 -13.86 -27.23
C PHE J 178 -14.23 -14.54 -25.87
N PRO J 179 -13.99 -13.79 -24.78
CA PRO J 179 -14.14 -14.36 -23.45
C PRO J 179 -15.57 -14.80 -23.20
N ALA J 180 -15.71 -15.90 -22.46
CA ALA J 180 -17.03 -16.47 -22.22
C ALA J 180 -17.85 -15.55 -21.31
N VAL J 181 -19.16 -15.62 -21.46
CA VAL J 181 -20.09 -14.90 -20.61
C VAL J 181 -20.89 -15.92 -19.81
N LEU J 182 -21.29 -15.52 -18.60
CA LEU J 182 -22.10 -16.36 -17.73
C LEU J 182 -23.56 -15.97 -17.93
N GLN J 183 -24.34 -16.89 -18.49
CA GLN J 183 -25.75 -16.64 -18.75
C GLN J 183 -26.57 -16.79 -17.46
N SER J 184 -27.81 -16.32 -17.52
CA SER J 184 -28.70 -16.40 -16.36
C SER J 184 -29.03 -17.84 -15.97
N SER J 185 -28.74 -18.81 -16.83
CA SER J 185 -28.97 -20.22 -16.53
C SER J 185 -27.82 -20.85 -15.77
N GLY J 186 -26.74 -20.11 -15.52
CA GLY J 186 -25.55 -20.68 -14.92
C GLY J 186 -24.65 -21.41 -15.87
N LEU J 187 -24.90 -21.33 -17.17
CA LEU J 187 -24.10 -21.98 -18.19
C LEU J 187 -23.32 -20.95 -19.00
N TYR J 188 -22.06 -21.26 -19.27
CA TYR J 188 -21.22 -20.34 -20.04
C TYR J 188 -21.56 -20.40 -21.52
N SER J 189 -21.11 -19.38 -22.25
CA SER J 189 -21.36 -19.27 -23.67
C SER J 189 -20.34 -18.30 -24.26
N LEU J 190 -19.77 -18.67 -25.41
CA LEU J 190 -18.80 -17.82 -26.08
C LEU J 190 -19.01 -17.92 -27.58
N SER J 191 -18.33 -17.04 -28.31
CA SER J 191 -18.34 -17.04 -29.77
C SER J 191 -16.92 -16.82 -30.25
N SER J 192 -16.55 -17.56 -31.30
CA SER J 192 -15.25 -17.43 -31.93
C SER J 192 -15.46 -17.11 -33.40
N VAL J 193 -14.90 -15.99 -33.85
CA VAL J 193 -15.10 -15.50 -35.21
C VAL J 193 -13.75 -15.41 -35.90
N VAL J 194 -13.81 -15.27 -37.22
CA VAL J 194 -12.60 -15.11 -38.05
C VAL J 194 -13.01 -14.40 -39.33
N THR J 195 -12.17 -13.47 -39.76
CA THR J 195 -12.39 -12.73 -40.99
C THR J 195 -11.50 -13.28 -42.09
N VAL J 196 -12.11 -13.63 -43.22
CA VAL J 196 -11.40 -14.17 -44.37
C VAL J 196 -11.87 -13.42 -45.62
N PRO J 197 -11.08 -13.46 -46.69
CA PRO J 197 -11.54 -12.85 -47.94
C PRO J 197 -12.80 -13.51 -48.48
N SER J 198 -13.66 -12.68 -49.08
CA SER J 198 -14.94 -13.16 -49.59
C SER J 198 -14.76 -14.12 -50.75
N SER J 199 -13.65 -14.02 -51.48
CA SER J 199 -13.42 -14.89 -52.63
C SER J 199 -13.06 -16.31 -52.22
N SER J 200 -12.85 -16.57 -50.93
CA SER J 200 -12.48 -17.88 -50.44
C SER J 200 -13.65 -18.62 -49.79
N LEU J 201 -14.86 -18.05 -49.84
CA LEU J 201 -16.01 -18.67 -49.20
C LEU J 201 -16.44 -19.94 -49.91
N GLY J 202 -16.17 -20.06 -51.21
CA GLY J 202 -16.58 -21.24 -51.94
C GLY J 202 -15.47 -22.23 -52.26
N THR J 203 -14.22 -21.79 -52.11
CA THR J 203 -13.05 -22.62 -52.40
C THR J 203 -12.43 -23.20 -51.13
N GLN J 204 -12.35 -22.42 -50.05
CA GLN J 204 -11.72 -22.85 -48.81
C GLN J 204 -12.78 -23.28 -47.80
N THR J 205 -12.50 -24.36 -47.08
CA THR J 205 -13.39 -24.87 -46.05
C THR J 205 -12.89 -24.43 -44.67
N TYR J 206 -13.83 -24.04 -43.82
CA TYR J 206 -13.54 -23.51 -42.50
C TYR J 206 -14.21 -24.38 -41.45
N ILE J 207 -13.42 -24.91 -40.51
CA ILE J 207 -13.90 -25.78 -39.45
C ILE J 207 -13.37 -25.25 -38.12
N CYS J 208 -14.26 -25.09 -37.14
CA CYS J 208 -13.87 -24.72 -35.79
C CYS J 208 -13.78 -25.96 -34.92
N ASN J 209 -12.78 -26.00 -34.05
CA ASN J 209 -12.47 -27.15 -33.21
C ASN J 209 -12.69 -26.78 -31.74
N VAL J 210 -13.88 -27.08 -31.23
CA VAL J 210 -14.23 -26.80 -29.85
C VAL J 210 -13.82 -27.98 -28.97
N ASN J 211 -13.27 -27.67 -27.80
CA ASN J 211 -12.78 -28.68 -26.87
C ASN J 211 -13.14 -28.28 -25.46
N HIS J 212 -13.82 -29.17 -24.73
CA HIS J 212 -14.26 -28.92 -23.36
C HIS J 212 -13.80 -30.09 -22.50
N LYS J 213 -12.70 -29.91 -21.78
CA LYS J 213 -12.12 -30.98 -20.96
C LYS J 213 -13.06 -31.51 -19.89
N PRO J 214 -13.74 -30.70 -19.07
CA PRO J 214 -14.53 -31.27 -17.95
C PRO J 214 -15.59 -32.26 -18.38
N SER J 215 -16.02 -32.25 -19.65
CA SER J 215 -17.02 -33.19 -20.13
C SER J 215 -16.49 -34.11 -21.22
N ASN J 216 -15.20 -34.00 -21.57
CA ASN J 216 -14.60 -34.79 -22.66
C ASN J 216 -15.43 -34.65 -23.94
N THR J 217 -15.66 -33.39 -24.34
CA THR J 217 -16.46 -33.07 -25.50
C THR J 217 -15.57 -32.38 -26.53
N LYS J 218 -15.36 -33.02 -27.66
CA LYS J 218 -14.63 -32.45 -28.79
C LYS J 218 -15.55 -32.40 -29.99
N VAL J 219 -15.82 -31.18 -30.48
CA VAL J 219 -16.76 -30.97 -31.58
C VAL J 219 -16.05 -30.19 -32.67
N ASP J 220 -16.14 -30.69 -33.90
CA ASP J 220 -15.64 -29.99 -35.09
C ASP J 220 -16.85 -29.63 -35.94
N LYS J 221 -17.10 -28.34 -36.10
CA LYS J 221 -18.28 -27.85 -36.81
C LYS J 221 -17.86 -27.12 -38.09
N LYS J 222 -18.55 -27.45 -39.18
CA LYS J 222 -18.29 -26.87 -40.49
C LYS J 222 -19.17 -25.64 -40.68
N VAL J 223 -18.52 -24.50 -40.95
CA VAL J 223 -19.21 -23.26 -41.28
C VAL J 223 -19.27 -23.13 -42.80
N GLU J 224 -20.47 -22.87 -43.32
CA GLU J 224 -20.70 -22.75 -44.75
C GLU J 224 -21.78 -21.70 -44.98
N PRO J 225 -21.71 -20.96 -46.10
CA PRO J 225 -22.68 -19.91 -46.43
C PRO J 225 -24.13 -20.40 -46.46
N ASP K 1 1.69 -9.97 6.80
CA ASP K 1 2.74 -10.09 5.79
C ASP K 1 3.02 -8.74 5.12
N ILE K 2 4.01 -8.73 4.22
CA ILE K 2 4.42 -7.50 3.55
C ILE K 2 3.44 -7.20 2.42
N GLN K 3 2.90 -5.99 2.42
CA GLN K 3 1.88 -5.58 1.47
C GLN K 3 2.48 -4.72 0.35
N MET K 4 2.07 -5.00 -0.88
CA MET K 4 2.57 -4.29 -2.06
C MET K 4 1.47 -3.46 -2.69
N THR K 5 1.84 -2.24 -3.09
CA THR K 5 0.96 -1.35 -3.84
C THR K 5 1.64 -0.94 -5.13
N GLN K 6 0.83 -0.70 -6.17
CA GLN K 6 1.35 -0.29 -7.47
C GLN K 6 0.53 0.89 -7.99
N SER K 7 1.23 1.86 -8.59
CA SER K 7 0.60 3.03 -9.17
C SER K 7 1.24 3.32 -10.52
N PRO K 8 0.44 3.66 -11.53
CA PRO K 8 -1.03 3.74 -11.51
C PRO K 8 -1.65 2.35 -11.64
N SER K 9 -2.97 2.23 -11.43
CA SER K 9 -3.62 0.95 -11.67
C SER K 9 -3.68 0.62 -13.16
N SER K 10 -3.72 1.63 -14.01
CA SER K 10 -3.74 1.41 -15.45
C SER K 10 -3.27 2.70 -16.14
N LEU K 11 -2.87 2.56 -17.40
CA LEU K 11 -2.43 3.70 -18.18
C LEU K 11 -2.48 3.35 -19.66
N SER K 12 -2.59 4.39 -20.48
CA SER K 12 -2.57 4.26 -21.93
C SER K 12 -1.44 5.14 -22.47
N ALA K 13 -0.59 4.57 -23.32
CA ALA K 13 0.52 5.30 -23.90
C ALA K 13 0.70 4.89 -25.36
N SER K 14 1.24 5.80 -26.15
CA SER K 14 1.48 5.54 -27.55
C SER K 14 2.80 4.79 -27.74
N VAL K 15 2.94 4.16 -28.91
CA VAL K 15 4.17 3.47 -29.23
C VAL K 15 5.32 4.47 -29.28
N GLY K 16 6.38 4.18 -28.52
CA GLY K 16 7.54 5.04 -28.44
C GLY K 16 7.61 5.85 -27.16
N ASP K 17 6.49 5.99 -26.44
CA ASP K 17 6.47 6.75 -25.21
C ASP K 17 7.29 6.07 -24.13
N ARG K 18 7.74 6.86 -23.16
CA ARG K 18 8.43 6.34 -21.98
C ARG K 18 7.41 6.11 -20.87
N VAL K 19 7.28 4.86 -20.43
CA VAL K 19 6.36 4.48 -19.39
C VAL K 19 7.14 4.13 -18.13
N THR K 20 6.59 4.51 -16.98
CA THR K 20 7.21 4.21 -15.69
C THR K 20 6.13 3.73 -14.72
N ILE K 21 6.37 2.59 -14.08
CA ILE K 21 5.45 2.01 -13.11
C ILE K 21 6.11 2.08 -11.74
N THR K 22 5.30 2.32 -10.71
CA THR K 22 5.77 2.42 -9.34
C THR K 22 5.25 1.25 -8.52
N CYS K 23 6.10 0.75 -7.61
CA CYS K 23 5.75 -0.33 -6.71
C CYS K 23 6.29 0.04 -5.32
N GLN K 24 5.43 0.00 -4.31
CA GLN K 24 5.82 0.38 -2.96
C GLN K 24 5.61 -0.81 -2.02
N ALA K 25 6.55 -0.97 -1.09
CA ALA K 25 6.50 -2.04 -0.09
C ALA K 25 6.14 -1.46 1.27
N SER K 26 5.34 -2.21 2.03
CA SER K 26 4.91 -1.73 3.34
C SER K 26 6.06 -1.65 4.34
N GLN K 27 7.19 -2.29 4.05
CA GLN K 27 8.37 -2.21 4.89
C GLN K 27 9.60 -2.40 4.01
N ASP K 28 10.77 -2.19 4.62
CA ASP K 28 12.02 -2.31 3.89
C ASP K 28 12.20 -3.75 3.42
N ILE K 29 12.39 -3.93 2.11
CA ILE K 29 12.66 -5.22 1.51
C ILE K 29 13.96 -5.23 0.71
N SER K 30 14.80 -4.21 0.91
CA SER K 30 16.10 -4.07 0.21
C SER K 30 15.81 -4.09 -1.29
N ASN K 31 16.46 -4.96 -2.07
CA ASN K 31 16.18 -5.10 -3.49
C ASN K 31 15.59 -6.46 -3.82
N TYR K 32 14.96 -7.12 -2.85
CA TYR K 32 14.37 -8.44 -3.03
C TYR K 32 13.00 -8.29 -3.71
N LEU K 33 13.04 -7.85 -4.97
CA LEU K 33 11.83 -7.56 -5.72
C LEU K 33 11.93 -8.12 -7.13
N ASN K 34 10.83 -8.68 -7.63
CA ASN K 34 10.74 -9.17 -8.99
C ASN K 34 9.67 -8.39 -9.75
N TRP K 35 9.83 -8.32 -11.07
CA TRP K 35 8.85 -7.69 -11.96
C TRP K 35 8.39 -8.72 -12.98
N TYR K 36 7.07 -8.92 -13.06
CA TYR K 36 6.48 -9.86 -13.99
C TYR K 36 5.65 -9.13 -15.03
N GLN K 37 5.59 -9.71 -16.23
CA GLN K 37 4.76 -9.22 -17.32
C GLN K 37 3.82 -10.33 -17.72
N GLN K 38 2.51 -10.10 -17.58
CA GLN K 38 1.51 -11.11 -17.89
C GLN K 38 0.70 -10.62 -19.09
N LYS K 39 1.03 -11.13 -20.27
CA LYS K 39 0.25 -10.84 -21.45
C LYS K 39 -1.08 -11.61 -21.41
N PRO K 40 -2.10 -11.12 -22.12
CA PRO K 40 -3.41 -11.76 -22.07
C PRO K 40 -3.37 -13.23 -22.46
N GLY K 41 -3.97 -14.07 -21.64
CA GLY K 41 -4.06 -15.49 -21.92
C GLY K 41 -2.81 -16.28 -21.59
N GLN K 42 -1.82 -15.67 -20.97
CA GLN K 42 -0.56 -16.33 -20.67
C GLN K 42 -0.28 -16.26 -19.17
N ALA K 43 0.68 -17.07 -18.74
CA ALA K 43 1.18 -17.00 -17.39
C ALA K 43 2.09 -15.77 -17.24
N PRO K 44 2.31 -15.31 -16.02
CA PRO K 44 3.25 -14.19 -15.82
C PRO K 44 4.64 -14.57 -16.29
N LYS K 45 5.30 -13.61 -16.94
CA LYS K 45 6.66 -13.77 -17.42
C LYS K 45 7.58 -12.89 -16.59
N LEU K 46 8.60 -13.51 -15.98
CA LEU K 46 9.55 -12.77 -15.17
C LEU K 46 10.49 -11.97 -16.06
N LEU K 47 10.54 -10.66 -15.87
CA LEU K 47 11.41 -9.77 -16.63
C LEU K 47 12.62 -9.30 -15.84
N ILE K 48 12.42 -8.89 -14.58
CA ILE K 48 13.48 -8.30 -13.78
C ILE K 48 13.49 -8.98 -12.42
N HIS K 49 14.67 -9.40 -11.97
CA HIS K 49 14.87 -9.94 -10.65
C HIS K 49 15.84 -9.06 -9.87
N ASP K 50 15.74 -9.12 -8.54
CA ASP K 50 16.59 -8.32 -7.66
C ASP K 50 16.49 -6.83 -8.01
N ALA K 51 15.26 -6.39 -8.28
CA ALA K 51 14.88 -5.00 -8.48
C ALA K 51 15.40 -4.39 -9.79
N SER K 52 16.57 -4.81 -10.26
CA SER K 52 17.18 -4.11 -11.38
C SER K 52 17.87 -5.01 -12.40
N ASN K 53 17.94 -6.32 -12.18
CA ASN K 53 18.68 -7.22 -13.07
C ASN K 53 17.71 -7.89 -14.04
N LEU K 54 17.94 -7.66 -15.34
CA LEU K 54 17.08 -8.25 -16.37
C LEU K 54 17.34 -9.74 -16.51
N GLU K 55 16.28 -10.49 -16.81
CA GLU K 55 16.43 -11.88 -17.18
C GLU K 55 17.08 -11.98 -18.56
N THR K 56 17.67 -13.14 -18.84
CA THR K 56 18.33 -13.35 -20.12
C THR K 56 17.33 -13.28 -21.26
N GLY K 57 17.63 -12.45 -22.26
CA GLY K 57 16.79 -12.31 -23.43
C GLY K 57 15.74 -11.22 -23.35
N VAL K 58 15.54 -10.63 -22.18
CA VAL K 58 14.55 -9.56 -22.06
C VAL K 58 15.03 -8.34 -22.84
N PRO K 59 14.18 -7.70 -23.64
CA PRO K 59 14.63 -6.53 -24.40
C PRO K 59 15.20 -5.45 -23.49
N SER K 60 16.17 -4.70 -24.02
CA SER K 60 16.86 -3.69 -23.25
C SER K 60 15.98 -2.49 -22.93
N ARG K 61 14.82 -2.36 -23.56
CA ARG K 61 13.92 -1.24 -23.26
C ARG K 61 13.31 -1.36 -21.87
N PHE K 62 13.33 -2.55 -21.27
CA PHE K 62 12.85 -2.73 -19.92
C PHE K 62 13.97 -2.49 -18.92
N SER K 63 13.67 -1.75 -17.86
CA SER K 63 14.65 -1.47 -16.83
C SER K 63 13.92 -1.25 -15.50
N GLY K 64 14.63 -1.49 -14.42
CA GLY K 64 14.07 -1.29 -13.09
C GLY K 64 15.14 -0.82 -12.14
N SER K 65 14.68 -0.15 -11.08
CA SER K 65 15.59 0.36 -10.06
C SER K 65 14.82 0.51 -8.76
N GLY K 66 15.54 0.85 -7.70
CA GLY K 66 14.92 1.02 -6.40
C GLY K 66 15.48 0.08 -5.35
N SER K 67 15.41 0.50 -4.09
CA SER K 67 15.87 -0.32 -2.98
C SER K 67 15.25 0.21 -1.70
N GLY K 68 14.72 -0.69 -0.88
CA GLY K 68 14.06 -0.29 0.35
C GLY K 68 12.57 -0.52 0.30
N THR K 69 11.81 0.52 -0.01
CA THR K 69 10.35 0.43 -0.10
C THR K 69 9.78 0.86 -1.44
N ASP K 70 10.42 1.79 -2.15
CA ASP K 70 9.91 2.30 -3.41
C ASP K 70 10.73 1.77 -4.58
N PHE K 71 10.03 1.32 -5.62
CA PHE K 71 10.67 0.72 -6.78
C PHE K 71 10.02 1.27 -8.05
N THR K 72 10.78 1.27 -9.13
CA THR K 72 10.35 1.85 -10.39
C THR K 72 10.65 0.89 -11.53
N PHE K 73 9.67 0.74 -12.42
CA PHE K 73 9.79 -0.09 -13.62
C PHE K 73 9.54 0.82 -14.82
N THR K 74 10.49 0.85 -15.75
CA THR K 74 10.42 1.80 -16.85
C THR K 74 10.58 1.08 -18.18
N VAL K 75 9.71 1.39 -19.12
CA VAL K 75 9.82 0.97 -20.51
C VAL K 75 10.23 2.20 -21.32
N SER K 76 11.46 2.20 -21.85
CA SER K 76 12.00 3.40 -22.48
C SER K 76 11.25 3.75 -23.76
N SER K 77 10.91 2.73 -24.56
CA SER K 77 10.19 2.94 -25.83
C SER K 77 9.11 1.86 -25.92
N LEU K 78 7.91 2.21 -25.47
CA LEU K 78 6.81 1.24 -25.40
C LEU K 78 6.47 0.71 -26.79
N GLN K 79 6.30 -0.61 -26.88
CA GLN K 79 5.94 -1.28 -28.12
C GLN K 79 4.54 -1.85 -28.02
N ALA K 80 3.93 -2.10 -29.19
CA ALA K 80 2.56 -2.60 -29.23
C ALA K 80 2.42 -3.98 -28.61
N GLU K 81 3.48 -4.79 -28.68
CA GLU K 81 3.43 -6.13 -28.09
C GLU K 81 3.49 -6.10 -26.58
N ASP K 82 3.81 -4.96 -25.98
CA ASP K 82 3.97 -4.84 -24.54
C ASP K 82 2.65 -4.71 -23.79
N ILE K 83 1.51 -4.81 -24.48
CA ILE K 83 0.23 -4.78 -23.81
C ILE K 83 0.15 -5.95 -22.85
N ALA K 84 0.06 -5.66 -21.56
CA ALA K 84 0.04 -6.69 -20.52
C ALA K 84 -0.27 -6.02 -19.19
N THR K 85 -0.34 -6.84 -18.14
CA THR K 85 -0.42 -6.39 -16.76
C THR K 85 0.89 -6.68 -16.06
N TYR K 86 1.49 -5.65 -15.46
CA TYR K 86 2.82 -5.75 -14.86
C TYR K 86 2.69 -5.83 -13.35
N TYR K 87 3.24 -6.88 -12.76
CA TYR K 87 3.18 -7.12 -11.33
C TYR K 87 4.57 -7.00 -10.71
N CYS K 88 4.62 -6.50 -9.48
CA CYS K 88 5.81 -6.59 -8.66
C CYS K 88 5.57 -7.57 -7.51
N GLN K 89 6.65 -8.21 -7.07
CA GLN K 89 6.55 -9.26 -6.06
C GLN K 89 7.79 -9.24 -5.20
N GLN K 90 7.60 -9.33 -3.88
CA GLN K 90 8.70 -9.35 -2.93
C GLN K 90 8.97 -10.77 -2.46
N TYR K 91 10.24 -11.06 -2.19
CA TYR K 91 10.67 -12.33 -1.61
C TYR K 91 11.60 -12.08 -0.42
N TYR K 92 11.39 -10.96 0.27
CA TYR K 92 12.21 -10.65 1.45
C TYR K 92 11.77 -11.46 2.65
N ASN K 93 10.47 -11.66 2.81
CA ASN K 93 9.91 -12.50 3.86
C ASN K 93 8.86 -13.43 3.27
N LEU K 94 8.67 -14.58 3.92
CA LEU K 94 7.55 -15.44 3.56
C LEU K 94 6.29 -15.00 4.30
N PRO K 95 5.12 -15.07 3.66
CA PRO K 95 4.85 -15.57 2.31
C PRO K 95 5.22 -14.57 1.21
N PHE K 96 5.56 -15.06 0.02
CA PHE K 96 5.74 -14.17 -1.12
C PHE K 96 4.43 -13.46 -1.44
N THR K 97 4.51 -12.16 -1.68
CA THR K 97 3.32 -11.35 -1.94
C THR K 97 3.52 -10.53 -3.20
N PHE K 98 2.46 -10.43 -4.00
CA PHE K 98 2.45 -9.66 -5.24
C PHE K 98 1.78 -8.31 -5.02
N GLY K 99 1.98 -7.41 -5.99
CA GLY K 99 1.25 -6.17 -6.03
C GLY K 99 -0.05 -6.35 -6.77
N PRO K 100 -0.94 -5.35 -6.71
CA PRO K 100 -2.21 -5.46 -7.42
C PRO K 100 -2.06 -5.48 -8.94
N GLY K 101 -0.95 -5.00 -9.46
CA GLY K 101 -0.71 -5.01 -10.89
C GLY K 101 -1.05 -3.69 -11.55
N THR K 102 -0.36 -3.40 -12.65
CA THR K 102 -0.60 -2.22 -13.46
C THR K 102 -0.89 -2.64 -14.90
N LYS K 103 -2.02 -2.19 -15.43
CA LYS K 103 -2.41 -2.51 -16.79
C LYS K 103 -1.88 -1.44 -17.73
N VAL K 104 -1.08 -1.87 -18.71
CA VAL K 104 -0.46 -0.97 -19.67
C VAL K 104 -1.17 -1.18 -21.00
N ASP K 105 -1.89 -0.16 -21.46
CA ASP K 105 -2.61 -0.20 -22.72
C ASP K 105 -1.92 0.66 -23.76
N ILE K 106 -2.08 0.29 -25.02
CA ILE K 106 -1.47 1.00 -26.14
C ILE K 106 -2.46 1.99 -26.71
N LYS K 107 -2.01 3.22 -26.94
CA LYS K 107 -2.78 4.24 -27.62
C LYS K 107 -2.38 4.26 -29.09
N ARG K 108 -3.36 4.22 -29.98
CA ARG K 108 -3.10 4.19 -31.41
C ARG K 108 -4.10 5.10 -32.11
N THR K 109 -4.06 5.10 -33.44
CA THR K 109 -4.98 5.90 -34.23
C THR K 109 -6.37 5.28 -34.22
N VAL K 110 -7.36 6.12 -34.51
CA VAL K 110 -8.76 5.69 -34.46
C VAL K 110 -9.03 4.78 -35.66
N ALA K 111 -9.71 3.66 -35.39
CA ALA K 111 -10.12 2.72 -36.42
C ALA K 111 -11.58 2.36 -36.17
N ALA K 112 -12.43 2.63 -37.15
CA ALA K 112 -13.85 2.32 -37.01
C ALA K 112 -14.05 0.81 -37.04
N PRO K 113 -15.06 0.30 -36.34
CA PRO K 113 -15.30 -1.15 -36.33
C PRO K 113 -15.95 -1.62 -37.61
N SER K 114 -15.60 -2.85 -38.00
CA SER K 114 -16.29 -3.55 -39.08
C SER K 114 -17.42 -4.37 -38.46
N VAL K 115 -18.65 -4.07 -38.85
CA VAL K 115 -19.83 -4.66 -38.23
C VAL K 115 -20.34 -5.81 -39.08
N PHE K 116 -20.63 -6.93 -38.44
CA PHE K 116 -21.22 -8.10 -39.08
C PHE K 116 -22.37 -8.61 -38.22
N ILE K 117 -23.37 -9.19 -38.87
CA ILE K 117 -24.51 -9.77 -38.17
C ILE K 117 -24.68 -11.21 -38.63
N PHE K 118 -25.13 -12.06 -37.71
CA PHE K 118 -25.29 -13.49 -37.97
C PHE K 118 -26.68 -13.92 -37.52
N PRO K 119 -27.50 -14.43 -38.43
CA PRO K 119 -28.82 -14.95 -38.03
C PRO K 119 -28.68 -16.26 -37.29
N PRO K 120 -29.71 -16.70 -36.58
CA PRO K 120 -29.63 -17.99 -35.87
C PRO K 120 -29.48 -19.15 -36.83
N SER K 121 -28.62 -20.10 -36.45
CA SER K 121 -28.45 -21.30 -37.26
C SER K 121 -29.66 -22.20 -37.12
N ASP K 122 -30.06 -22.83 -38.24
CA ASP K 122 -31.25 -23.68 -38.23
C ASP K 122 -31.16 -24.78 -37.18
N GLU K 123 -29.96 -25.26 -36.89
CA GLU K 123 -29.79 -26.30 -35.89
C GLU K 123 -30.16 -25.81 -34.50
N GLN K 124 -29.92 -24.52 -34.20
CA GLN K 124 -30.19 -24.02 -32.86
C GLN K 124 -31.69 -23.90 -32.60
N LEU K 125 -32.48 -23.60 -33.63
CA LEU K 125 -33.93 -23.51 -33.46
C LEU K 125 -34.51 -24.81 -32.94
N LYS K 126 -33.86 -25.95 -33.23
CA LYS K 126 -34.33 -27.23 -32.74
C LYS K 126 -34.21 -27.36 -31.23
N SER K 127 -33.55 -26.42 -30.56
CA SER K 127 -33.46 -26.39 -29.11
C SER K 127 -34.48 -25.47 -28.46
N GLY K 128 -35.22 -24.70 -29.26
CA GLY K 128 -36.20 -23.77 -28.72
C GLY K 128 -35.69 -22.39 -28.39
N THR K 129 -34.43 -22.09 -28.70
CA THR K 129 -33.85 -20.78 -28.41
C THR K 129 -33.14 -20.26 -29.65
N ALA K 130 -33.11 -18.94 -29.77
CA ALA K 130 -32.46 -18.28 -30.90
C ALA K 130 -31.48 -17.23 -30.39
N SER K 131 -30.24 -17.30 -30.88
CA SER K 131 -29.19 -16.37 -30.50
C SER K 131 -28.74 -15.62 -31.76
N VAL K 132 -28.93 -14.30 -31.75
CA VAL K 132 -28.49 -13.45 -32.85
C VAL K 132 -27.22 -12.74 -32.39
N VAL K 133 -26.13 -12.94 -33.13
CA VAL K 133 -24.82 -12.45 -32.75
C VAL K 133 -24.42 -11.30 -33.69
N CYS K 134 -23.98 -10.19 -33.11
CA CYS K 134 -23.46 -9.06 -33.84
C CYS K 134 -21.97 -8.90 -33.52
N LEU K 135 -21.16 -8.65 -34.54
CA LEU K 135 -19.71 -8.61 -34.42
C LEU K 135 -19.19 -7.21 -34.75
N LEU K 136 -18.35 -6.69 -33.86
CA LEU K 136 -17.60 -5.45 -34.09
C LEU K 136 -16.12 -5.81 -34.10
N ASN K 137 -15.49 -5.69 -35.27
CA ASN K 137 -14.17 -6.27 -35.49
C ASN K 137 -13.10 -5.18 -35.61
N ASN K 138 -12.04 -5.30 -34.82
CA ASN K 138 -10.84 -4.48 -34.92
C ASN K 138 -11.14 -2.98 -34.90
N PHE K 139 -11.36 -2.41 -33.73
CA PHE K 139 -11.64 -0.99 -33.61
C PHE K 139 -10.86 -0.39 -32.45
N TYR K 140 -10.71 0.94 -32.49
CA TYR K 140 -10.07 1.71 -31.43
C TYR K 140 -10.59 3.12 -31.50
N PRO K 141 -10.90 3.78 -30.37
CA PRO K 141 -10.77 3.32 -28.97
C PRO K 141 -11.77 2.23 -28.58
N ARG K 142 -11.75 1.79 -27.32
CA ARG K 142 -12.56 0.65 -26.92
C ARG K 142 -14.04 1.01 -26.74
N GLU K 143 -14.35 2.29 -26.49
CA GLU K 143 -15.73 2.67 -26.23
C GLU K 143 -16.58 2.53 -27.48
N ALA K 144 -17.72 1.87 -27.35
CA ALA K 144 -18.67 1.71 -28.45
C ALA K 144 -20.02 1.35 -27.86
N LYS K 145 -21.07 1.62 -28.63
CA LYS K 145 -22.44 1.31 -28.22
C LYS K 145 -23.09 0.43 -29.28
N VAL K 146 -23.78 -0.62 -28.81
CA VAL K 146 -24.47 -1.56 -29.69
C VAL K 146 -25.92 -1.64 -29.24
N GLN K 147 -26.84 -1.46 -30.18
CA GLN K 147 -28.26 -1.49 -29.89
C GLN K 147 -28.96 -2.49 -30.82
N TRP K 148 -29.85 -3.30 -30.24
CA TRP K 148 -30.63 -4.28 -30.99
C TRP K 148 -32.02 -3.72 -31.26
N LYS K 149 -32.48 -3.87 -32.50
CA LYS K 149 -33.82 -3.43 -32.88
C LYS K 149 -34.48 -4.52 -33.72
N VAL K 150 -35.58 -5.05 -33.22
CA VAL K 150 -36.37 -6.05 -33.94
C VAL K 150 -37.68 -5.39 -34.36
N ASP K 151 -37.94 -5.37 -35.67
CA ASP K 151 -39.06 -4.62 -36.22
C ASP K 151 -39.05 -3.17 -35.75
N ASN K 152 -37.84 -2.60 -35.68
CA ASN K 152 -37.62 -1.23 -35.23
C ASN K 152 -38.12 -1.04 -33.80
N ALA K 153 -37.89 -2.03 -32.95
CA ALA K 153 -38.21 -1.96 -31.53
C ALA K 153 -36.93 -2.16 -30.73
N LEU K 154 -36.55 -1.14 -29.96
CA LEU K 154 -35.31 -1.19 -29.19
C LEU K 154 -35.38 -2.25 -28.11
N GLN K 155 -34.33 -3.06 -28.01
CA GLN K 155 -34.27 -4.15 -27.05
C GLN K 155 -33.52 -3.72 -25.79
N SER K 156 -33.82 -4.42 -24.69
CA SER K 156 -33.19 -4.14 -23.40
C SER K 156 -33.21 -5.39 -22.54
N GLY K 157 -32.10 -5.66 -21.86
CA GLY K 157 -32.03 -6.76 -20.92
C GLY K 157 -32.07 -8.15 -21.51
N ASN K 158 -31.89 -8.28 -22.83
CA ASN K 158 -31.91 -9.58 -23.49
C ASN K 158 -30.67 -9.79 -24.36
N SER K 159 -29.57 -9.10 -24.07
CA SER K 159 -28.34 -9.25 -24.83
C SER K 159 -27.15 -9.19 -23.88
N GLN K 160 -26.06 -9.85 -24.29
CA GLN K 160 -24.82 -9.87 -23.54
C GLN K 160 -23.67 -9.52 -24.47
N GLU K 161 -22.68 -8.81 -23.94
CA GLU K 161 -21.53 -8.37 -24.71
C GLU K 161 -20.26 -9.01 -24.18
N SER K 162 -19.25 -9.07 -25.04
CA SER K 162 -17.95 -9.62 -24.70
C SER K 162 -16.90 -8.89 -25.52
N VAL K 163 -15.83 -8.44 -24.86
CA VAL K 163 -14.77 -7.69 -25.51
C VAL K 163 -13.47 -8.47 -25.35
N THR K 164 -12.70 -8.54 -26.43
CA THR K 164 -11.41 -9.20 -26.38
C THR K 164 -10.38 -8.28 -25.73
N GLU K 165 -9.25 -8.86 -25.34
CA GLU K 165 -8.12 -8.05 -24.92
C GLU K 165 -7.55 -7.30 -26.12
N GLN K 166 -6.79 -6.25 -25.83
CA GLN K 166 -6.18 -5.48 -26.90
C GLN K 166 -5.21 -6.35 -27.68
N ASP K 167 -5.24 -6.21 -29.00
CA ASP K 167 -4.40 -7.04 -29.85
C ASP K 167 -2.95 -6.57 -29.79
N SER K 168 -2.02 -7.52 -29.77
CA SER K 168 -0.60 -7.22 -29.64
C SER K 168 0.04 -6.76 -30.94
N LYS K 169 -0.70 -6.72 -32.05
CA LYS K 169 -0.16 -6.34 -33.34
C LYS K 169 -0.70 -4.99 -33.81
N ASP K 170 -2.02 -4.89 -34.02
CA ASP K 170 -2.64 -3.65 -34.47
C ASP K 170 -3.27 -2.86 -33.33
N SER K 171 -3.19 -3.37 -32.09
CA SER K 171 -3.63 -2.63 -30.90
C SER K 171 -5.12 -2.30 -30.93
N THR K 172 -5.93 -3.18 -31.52
CA THR K 172 -7.36 -2.94 -31.66
C THR K 172 -8.14 -3.83 -30.69
N TYR K 173 -9.45 -3.57 -30.63
CA TYR K 173 -10.38 -4.35 -29.83
C TYR K 173 -11.43 -4.96 -30.74
N SER K 174 -12.10 -6.00 -30.23
CA SER K 174 -13.21 -6.62 -30.92
C SER K 174 -14.31 -6.92 -29.92
N LEU K 175 -15.55 -6.60 -30.30
CA LEU K 175 -16.70 -6.75 -29.41
C LEU K 175 -17.77 -7.58 -30.10
N SER K 176 -18.45 -8.41 -29.30
CA SER K 176 -19.57 -9.21 -29.77
C SER K 176 -20.77 -8.95 -28.87
N SER K 177 -21.96 -9.00 -29.46
CA SER K 177 -23.21 -8.82 -28.73
C SER K 177 -24.18 -9.90 -29.17
N THR K 178 -24.62 -10.73 -28.22
CA THR K 178 -25.48 -11.88 -28.49
C THR K 178 -26.88 -11.57 -27.97
N LEU K 179 -27.83 -11.46 -28.90
CA LEU K 179 -29.25 -11.27 -28.56
C LEU K 179 -29.92 -12.63 -28.46
N THR K 180 -30.33 -13.01 -27.25
CA THR K 180 -30.93 -14.31 -26.99
C THR K 180 -32.45 -14.18 -26.89
N LEU K 181 -33.16 -14.94 -27.72
CA LEU K 181 -34.61 -14.94 -27.75
C LEU K 181 -35.11 -16.38 -27.85
N SER K 182 -36.32 -16.60 -27.33
CA SER K 182 -36.97 -17.89 -27.52
C SER K 182 -37.44 -18.01 -28.98
N LYS K 183 -37.60 -19.25 -29.43
CA LYS K 183 -38.07 -19.46 -30.80
C LYS K 183 -39.47 -18.88 -30.99
N ALA K 184 -40.31 -18.94 -29.95
CA ALA K 184 -41.64 -18.34 -30.02
C ALA K 184 -41.55 -16.86 -30.36
N ASP K 185 -40.80 -16.09 -29.56
CA ASP K 185 -40.65 -14.67 -29.82
C ASP K 185 -39.84 -14.39 -31.08
N TYR K 186 -38.98 -15.32 -31.50
CA TYR K 186 -38.16 -15.08 -32.67
C TYR K 186 -38.98 -15.12 -33.95
N GLU K 187 -39.95 -16.03 -34.05
CA GLU K 187 -40.72 -16.18 -35.27
C GLU K 187 -41.79 -15.11 -35.45
N LYS K 188 -42.20 -14.44 -34.37
CA LYS K 188 -43.24 -13.42 -34.48
C LYS K 188 -42.75 -12.11 -35.11
N HIS K 189 -41.46 -11.98 -35.37
CA HIS K 189 -40.90 -10.74 -35.89
C HIS K 189 -40.10 -11.02 -37.16
N LYS K 190 -39.84 -9.96 -37.92
CA LYS K 190 -39.26 -10.06 -39.26
C LYS K 190 -37.85 -9.50 -39.35
N VAL K 191 -37.66 -8.23 -39.02
CA VAL K 191 -36.39 -7.53 -39.23
C VAL K 191 -35.58 -7.58 -37.95
N TYR K 192 -34.32 -8.01 -38.05
CA TYR K 192 -33.40 -8.09 -36.93
C TYR K 192 -32.17 -7.25 -37.26
N ALA K 193 -32.00 -6.13 -36.54
CA ALA K 193 -30.97 -5.15 -36.87
C ALA K 193 -30.02 -4.96 -35.71
N CYS K 194 -28.78 -4.61 -36.05
CA CYS K 194 -27.73 -4.31 -35.08
C CYS K 194 -27.18 -2.93 -35.40
N GLU K 195 -27.44 -1.95 -34.54
CA GLU K 195 -26.99 -0.58 -34.75
C GLU K 195 -25.76 -0.31 -33.91
N VAL K 196 -24.72 0.25 -34.53
CA VAL K 196 -23.42 0.43 -33.92
C VAL K 196 -23.01 1.89 -34.03
N THR K 197 -22.61 2.48 -32.91
CA THR K 197 -22.03 3.82 -32.89
C THR K 197 -20.61 3.74 -32.33
N HIS K 198 -19.76 4.61 -32.84
CA HIS K 198 -18.35 4.67 -32.44
C HIS K 198 -17.83 6.04 -32.81
N GLN K 199 -16.84 6.51 -32.05
CA GLN K 199 -16.33 7.86 -32.28
C GLN K 199 -15.70 8.01 -33.66
N GLY K 200 -15.27 6.91 -34.28
CA GLY K 200 -14.78 6.94 -35.64
C GLY K 200 -15.83 6.85 -36.71
N LEU K 201 -17.11 6.77 -36.33
CA LEU K 201 -18.21 6.70 -37.28
C LEU K 201 -19.01 8.01 -37.19
N SER K 202 -19.17 8.67 -38.34
CA SER K 202 -19.95 9.91 -38.37
C SER K 202 -21.43 9.63 -38.11
N SER K 203 -21.95 8.55 -38.68
CA SER K 203 -23.33 8.14 -38.51
C SER K 203 -23.38 6.69 -38.07
N PRO K 204 -24.41 6.31 -37.31
CA PRO K 204 -24.51 4.92 -36.85
C PRO K 204 -24.55 3.93 -38.00
N VAL K 205 -23.79 2.85 -37.84
CA VAL K 205 -23.74 1.77 -38.83
C VAL K 205 -24.73 0.69 -38.42
N THR K 206 -25.59 0.28 -39.34
CA THR K 206 -26.63 -0.70 -39.07
C THR K 206 -26.45 -1.89 -40.00
N LYS K 207 -26.46 -3.09 -39.43
CA LYS K 207 -26.41 -4.33 -40.19
C LYS K 207 -27.60 -5.18 -39.77
N SER K 208 -28.40 -5.60 -40.75
CA SER K 208 -29.66 -6.28 -40.46
C SER K 208 -29.88 -7.39 -41.47
N PHE K 209 -30.89 -8.23 -41.18
CA PHE K 209 -31.33 -9.26 -42.10
C PHE K 209 -32.83 -9.43 -41.96
N ASN K 210 -33.40 -10.20 -42.88
CA ASN K 210 -34.82 -10.55 -42.85
C ASN K 210 -34.94 -12.04 -42.60
N ARG K 211 -35.79 -12.41 -41.64
CA ARG K 211 -35.95 -13.81 -41.27
C ARG K 211 -36.51 -14.62 -42.43
N GLY K 212 -35.74 -15.62 -42.86
CA GLY K 212 -36.10 -16.53 -43.94
C GLY K 212 -35.29 -16.42 -45.21
N GLU K 213 -35.00 -15.21 -45.69
CA GLU K 213 -34.17 -15.10 -46.89
C GLU K 213 -32.68 -15.11 -46.54
N VAL L 4 -28.90 24.75 -29.48
CA VAL L 4 -27.46 24.54 -29.41
C VAL L 4 -26.90 24.58 -30.83
N GLN L 5 -25.82 25.33 -31.02
CA GLN L 5 -25.28 25.56 -32.35
C GLN L 5 -23.76 25.41 -32.35
N LEU L 6 -23.24 24.89 -33.46
CA LEU L 6 -21.81 24.76 -33.70
C LEU L 6 -21.47 25.58 -34.94
N GLN L 7 -20.79 26.71 -34.75
CA GLN L 7 -20.36 27.56 -35.85
C GLN L 7 -18.87 27.38 -36.09
N GLU L 8 -18.50 27.08 -37.33
CA GLU L 8 -17.12 26.83 -37.70
C GLU L 8 -16.59 27.94 -38.61
N SER L 9 -15.26 28.01 -38.69
CA SER L 9 -14.56 28.99 -39.50
C SER L 9 -13.11 28.57 -39.62
N GLY L 10 -12.40 29.18 -40.56
CA GLY L 10 -10.98 28.96 -40.73
C GLY L 10 -10.58 28.29 -42.03
N GLY L 11 -11.54 27.80 -42.81
CA GLY L 11 -11.20 27.16 -44.08
C GLY L 11 -10.72 28.17 -45.11
N GLY L 12 -10.31 27.63 -46.25
CA GLY L 12 -9.86 28.49 -47.33
C GLY L 12 -9.01 27.71 -48.32
N LEU L 13 -8.36 28.49 -49.19
CA LEU L 13 -7.49 27.96 -50.23
C LEU L 13 -6.05 28.09 -49.79
N VAL L 14 -5.28 27.01 -49.96
CA VAL L 14 -3.87 26.98 -49.57
C VAL L 14 -3.08 26.21 -50.61
N GLN L 15 -1.83 26.62 -50.81
CA GLN L 15 -0.95 25.89 -51.69
C GLN L 15 -0.60 24.54 -51.06
N PRO L 16 -0.28 23.54 -51.87
CA PRO L 16 0.13 22.25 -51.31
C PRO L 16 1.34 22.41 -50.40
N GLY L 17 1.19 21.96 -49.15
CA GLY L 17 2.19 22.17 -48.12
C GLY L 17 1.87 23.31 -47.18
N GLY L 18 0.80 24.06 -47.43
CA GLY L 18 0.41 25.16 -46.58
C GLY L 18 -0.23 24.70 -45.28
N SER L 19 -0.81 25.67 -44.57
CA SER L 19 -1.41 25.40 -43.27
C SER L 19 -2.73 26.15 -43.13
N LEU L 20 -3.62 25.57 -42.34
CA LEU L 20 -4.89 26.18 -41.97
C LEU L 20 -5.19 25.80 -40.53
N ARG L 21 -5.94 26.65 -39.84
CA ARG L 21 -6.36 26.38 -38.47
C ARG L 21 -7.86 26.59 -38.40
N LEU L 22 -8.60 25.51 -38.19
CA LEU L 22 -10.05 25.57 -38.11
C LEU L 22 -10.49 25.81 -36.67
N SER L 23 -11.65 26.43 -36.53
CA SER L 23 -12.23 26.73 -35.23
C SER L 23 -13.70 26.34 -35.24
N CYS L 24 -14.22 26.04 -34.06
CA CYS L 24 -15.65 25.71 -33.92
C CYS L 24 -16.11 26.20 -32.57
N ALA L 25 -16.93 27.24 -32.55
CA ALA L 25 -17.51 27.76 -31.33
C ALA L 25 -18.88 27.11 -31.08
N ALA L 26 -19.20 26.90 -29.81
CA ALA L 26 -20.44 26.25 -29.42
C ALA L 26 -21.28 27.18 -28.56
N SER L 27 -22.59 27.10 -28.73
CA SER L 27 -23.55 27.91 -28.00
C SER L 27 -24.61 27.01 -27.38
N GLY L 28 -25.18 27.47 -26.26
CA GLY L 28 -26.25 26.76 -25.59
C GLY L 28 -25.84 25.59 -24.74
N ARG L 29 -24.65 25.03 -24.95
CA ARG L 29 -24.18 23.87 -24.19
C ARG L 29 -22.71 24.06 -23.86
N THR L 30 -22.31 23.50 -22.72
CA THR L 30 -20.92 23.55 -22.28
C THR L 30 -20.20 22.34 -22.86
N ILE L 31 -19.15 22.60 -23.64
CA ILE L 31 -18.40 21.52 -24.28
C ILE L 31 -17.40 20.84 -23.36
N SER L 32 -17.20 21.37 -22.15
CA SER L 32 -16.16 20.83 -21.28
C SER L 32 -16.40 19.37 -20.93
N ARG L 33 -17.66 18.94 -20.92
CA ARG L 33 -17.97 17.58 -20.52
C ARG L 33 -18.02 16.62 -21.71
N TYR L 34 -18.13 17.12 -22.93
CA TYR L 34 -18.28 16.26 -24.09
C TYR L 34 -17.02 16.28 -24.94
N ALA L 35 -16.79 15.19 -25.65
CA ALA L 35 -15.70 15.13 -26.61
C ALA L 35 -16.12 15.82 -27.90
N MET L 36 -15.15 16.38 -28.60
CA MET L 36 -15.38 17.10 -29.83
C MET L 36 -14.57 16.43 -30.94
N SER L 37 -15.24 16.11 -32.04
CA SER L 37 -14.62 15.41 -33.15
C SER L 37 -14.65 16.28 -34.40
N TRP L 38 -13.68 16.06 -35.28
CA TRP L 38 -13.60 16.72 -36.57
C TRP L 38 -13.75 15.68 -37.67
N PHE L 39 -14.64 15.95 -38.62
CA PHE L 39 -14.86 15.11 -39.78
C PHE L 39 -14.66 15.92 -41.04
N ARG L 40 -14.44 15.24 -42.15
CA ARG L 40 -14.32 15.88 -43.44
C ARG L 40 -15.00 15.00 -44.48
N GLN L 41 -15.56 15.65 -45.52
CA GLN L 41 -16.23 14.93 -46.59
C GLN L 41 -15.78 15.49 -47.92
N ALA L 42 -15.02 14.70 -48.68
CA ALA L 42 -14.67 15.07 -50.03
C ALA L 42 -15.87 14.89 -50.94
N PRO L 43 -15.92 15.58 -52.08
CA PRO L 43 -17.08 15.45 -52.97
C PRO L 43 -17.25 14.03 -53.48
N GLY L 44 -18.45 13.49 -53.31
CA GLY L 44 -18.76 12.15 -53.76
C GLY L 44 -18.28 11.04 -52.86
N LYS L 45 -17.87 11.34 -51.63
CA LYS L 45 -17.39 10.35 -50.68
C LYS L 45 -18.16 10.48 -49.38
N GLU L 46 -17.97 9.50 -48.50
CA GLU L 46 -18.59 9.54 -47.20
C GLU L 46 -17.83 10.51 -46.30
N ARG L 47 -18.50 10.95 -45.23
CA ARG L 47 -17.88 11.85 -44.27
C ARG L 47 -16.98 11.02 -43.35
N GLU L 48 -15.67 11.26 -43.44
CA GLU L 48 -14.66 10.46 -42.74
C GLU L 48 -14.19 11.14 -41.47
N PHE L 49 -13.65 10.34 -40.57
CA PHE L 49 -13.13 10.81 -39.29
C PHE L 49 -11.74 11.43 -39.47
N VAL L 50 -11.47 12.49 -38.72
CA VAL L 50 -10.19 13.18 -38.78
C VAL L 50 -9.51 13.12 -37.41
N ALA L 51 -10.15 13.71 -36.41
CA ALA L 51 -9.55 13.79 -35.08
C ALA L 51 -10.65 13.97 -34.05
N VAL L 52 -10.37 13.51 -32.83
CA VAL L 52 -11.26 13.67 -31.69
C VAL L 52 -10.46 14.23 -30.52
N ALA L 53 -11.07 15.17 -29.79
CA ALA L 53 -10.46 15.75 -28.59
C ALA L 53 -11.41 15.49 -27.43
N ARG L 54 -11.07 14.49 -26.62
CA ARG L 54 -11.89 14.17 -25.45
C ARG L 54 -11.65 15.20 -24.35
N ARG L 55 -12.28 14.98 -23.20
CA ARG L 55 -12.15 15.89 -22.08
C ARG L 55 -10.69 16.02 -21.66
N SER L 56 -10.37 17.15 -21.02
CA SER L 56 -9.01 17.41 -20.59
C SER L 56 -8.49 16.28 -19.72
N GLY L 57 -7.41 15.63 -20.17
CA GLY L 57 -6.85 14.49 -19.51
C GLY L 57 -7.18 13.17 -20.15
N ASP L 58 -8.21 13.11 -20.98
CA ASP L 58 -8.61 11.87 -21.65
C ASP L 58 -7.97 11.72 -23.02
N GLY L 59 -7.16 12.68 -23.45
CA GLY L 59 -6.33 12.52 -24.63
C GLY L 59 -7.05 12.88 -25.93
N ALA L 60 -6.24 13.09 -26.96
CA ALA L 60 -6.72 13.35 -28.31
C ALA L 60 -6.26 12.23 -29.23
N PHE L 61 -7.14 11.81 -30.13
CA PHE L 61 -6.87 10.70 -31.03
C PHE L 61 -7.07 11.15 -32.47
N TYR L 62 -6.30 10.55 -33.38
CA TYR L 62 -6.27 10.97 -34.77
C TYR L 62 -6.44 9.77 -35.68
N ALA L 63 -6.62 10.05 -36.97
CA ALA L 63 -6.69 9.03 -38.01
C ALA L 63 -5.34 8.84 -38.67
N ASP L 64 -5.21 7.73 -39.41
CA ASP L 64 -3.96 7.43 -40.07
C ASP L 64 -3.59 8.49 -41.10
N SER L 65 -4.57 8.95 -41.88
CA SER L 65 -4.29 9.90 -42.95
C SER L 65 -3.82 11.26 -42.43
N VAL L 66 -4.10 11.57 -41.17
CA VAL L 66 -3.78 12.87 -40.59
C VAL L 66 -2.81 12.77 -39.43
N GLN L 67 -2.39 11.56 -39.05
CA GLN L 67 -1.50 11.40 -37.91
C GLN L 67 -0.18 12.12 -38.14
N GLY L 68 0.23 12.94 -37.17
CA GLY L 68 1.45 13.69 -37.24
C GLY L 68 1.35 15.02 -37.95
N ARG L 69 0.32 15.22 -38.76
CA ARG L 69 0.13 16.47 -39.48
C ARG L 69 -0.90 17.38 -38.85
N PHE L 70 -2.00 16.84 -38.35
CA PHE L 70 -3.05 17.64 -37.73
C PHE L 70 -2.97 17.54 -36.21
N THR L 71 -3.35 18.63 -35.55
CA THR L 71 -3.42 18.68 -34.10
C THR L 71 -4.77 19.27 -33.68
N VAL L 72 -5.49 18.55 -32.83
CA VAL L 72 -6.77 19.03 -32.30
C VAL L 72 -6.57 19.48 -30.86
N SER L 73 -7.15 20.63 -30.53
CA SER L 73 -7.07 21.21 -29.20
C SER L 73 -8.42 21.81 -28.85
N ARG L 74 -8.56 22.21 -27.58
CA ARG L 74 -9.82 22.78 -27.13
C ARG L 74 -9.58 23.88 -26.12
N ASP L 75 -10.54 24.81 -26.05
CA ASP L 75 -10.54 25.93 -25.11
C ASP L 75 -11.90 25.89 -24.42
N ASP L 76 -11.99 25.14 -23.31
CA ASP L 76 -13.26 25.01 -22.61
C ASP L 76 -13.78 26.34 -22.11
N ALA L 77 -12.89 27.28 -21.78
CA ALA L 77 -13.32 28.59 -21.30
C ALA L 77 -14.07 29.34 -22.38
N LYS L 78 -13.65 29.21 -23.63
CA LYS L 78 -14.29 29.88 -24.76
C LYS L 78 -15.29 29.00 -25.49
N ASN L 79 -15.51 27.77 -25.01
CA ASN L 79 -16.43 26.83 -25.66
C ASN L 79 -16.07 26.64 -27.12
N THR L 80 -14.76 26.52 -27.39
CA THR L 80 -14.26 26.45 -28.75
C THR L 80 -13.16 25.41 -28.83
N VAL L 81 -13.20 24.60 -29.89
CA VAL L 81 -12.17 23.63 -30.20
C VAL L 81 -11.55 23.99 -31.54
N TYR L 82 -10.31 23.56 -31.74
CA TYR L 82 -9.53 23.95 -32.91
C TYR L 82 -8.96 22.72 -33.60
N LEU L 83 -8.52 22.91 -34.84
CA LEU L 83 -7.88 21.84 -35.61
C LEU L 83 -6.79 22.45 -36.47
N GLN L 84 -5.56 22.39 -35.98
CA GLN L 84 -4.41 22.84 -36.76
C GLN L 84 -4.08 21.83 -37.85
N MET L 85 -4.01 22.29 -39.10
CA MET L 85 -3.74 21.43 -40.25
C MET L 85 -2.48 21.93 -40.93
N ASN L 86 -1.40 21.15 -40.83
CA ASN L 86 -0.12 21.48 -41.45
C ASN L 86 0.22 20.42 -42.49
N SER L 87 1.19 20.76 -43.34
CA SER L 87 1.65 19.89 -44.41
C SER L 87 0.48 19.40 -45.26
N LEU L 88 -0.35 20.35 -45.69
CA LEU L 88 -1.57 20.01 -46.41
C LEU L 88 -1.25 19.50 -47.81
N LYS L 89 -2.03 18.54 -48.25
CA LYS L 89 -1.90 17.89 -49.55
C LYS L 89 -3.25 17.90 -50.25
N PRO L 90 -3.28 17.78 -51.58
CA PRO L 90 -4.56 17.84 -52.30
C PRO L 90 -5.58 16.81 -51.84
N GLU L 91 -5.15 15.68 -51.26
CA GLU L 91 -6.08 14.69 -50.76
C GLU L 91 -6.85 15.16 -49.53
N ASP L 92 -6.40 16.24 -48.89
CA ASP L 92 -7.10 16.81 -47.75
C ASP L 92 -8.23 17.75 -48.16
N THR L 93 -8.42 17.98 -49.46
CA THR L 93 -9.48 18.86 -49.93
C THR L 93 -10.83 18.24 -49.63
N ALA L 94 -11.61 18.89 -48.78
CA ALA L 94 -12.92 18.40 -48.36
C ALA L 94 -13.63 19.51 -47.60
N VAL L 95 -14.84 19.22 -47.16
CA VAL L 95 -15.60 20.10 -46.27
C VAL L 95 -15.47 19.54 -44.86
N TYR L 96 -14.85 20.31 -43.97
CA TYR L 96 -14.55 19.85 -42.62
C TYR L 96 -15.67 20.25 -41.68
N TYR L 97 -16.24 19.27 -41.00
CA TYR L 97 -17.29 19.47 -40.01
C TYR L 97 -16.75 19.19 -38.60
N CYS L 98 -17.47 19.70 -37.60
CA CYS L 98 -17.16 19.43 -36.21
C CYS L 98 -18.45 19.01 -35.52
N ALA L 99 -18.37 17.95 -34.70
CA ALA L 99 -19.54 17.38 -34.06
C ALA L 99 -19.28 17.17 -32.57
N ILE L 100 -20.35 17.23 -31.79
CA ILE L 100 -20.31 16.97 -30.36
C ILE L 100 -20.68 15.52 -30.11
N ASP L 101 -19.88 14.83 -29.30
CA ASP L 101 -20.25 13.50 -28.83
C ASP L 101 -21.16 13.68 -27.62
N SER L 102 -22.46 13.46 -27.82
CA SER L 102 -23.43 13.67 -26.75
C SER L 102 -23.23 12.70 -25.59
N ASP L 103 -22.58 11.56 -25.83
CA ASP L 103 -22.32 10.60 -24.77
C ASP L 103 -21.03 10.97 -24.06
N THR L 104 -21.12 11.16 -22.73
CA THR L 104 -19.93 11.44 -21.94
C THR L 104 -19.03 10.21 -21.80
N PHE L 105 -19.54 9.02 -22.13
CA PHE L 105 -18.75 7.79 -22.10
C PHE L 105 -18.07 7.50 -23.44
N TYR L 106 -18.11 8.45 -24.39
CA TYR L 106 -17.30 8.42 -25.60
C TYR L 106 -17.71 7.31 -26.58
N SER L 107 -19.02 7.06 -26.68
CA SER L 107 -19.50 6.05 -27.62
C SER L 107 -19.73 6.60 -29.02
N GLY L 108 -19.66 7.92 -29.21
CA GLY L 108 -19.80 8.49 -30.53
C GLY L 108 -21.22 8.84 -30.93
N SER L 109 -22.00 9.39 -30.01
CA SER L 109 -23.37 9.84 -30.32
C SER L 109 -23.30 11.26 -30.86
N TYR L 110 -22.97 11.36 -32.15
CA TYR L 110 -22.78 12.64 -32.81
C TYR L 110 -24.15 13.18 -33.23
N ASP L 111 -24.76 13.95 -32.33
CA ASP L 111 -26.09 14.49 -32.59
C ASP L 111 -26.03 15.86 -33.26
N TYR L 112 -25.29 16.79 -32.68
CA TYR L 112 -25.23 18.16 -33.17
C TYR L 112 -23.93 18.37 -33.96
N TRP L 113 -24.07 18.90 -35.17
CA TRP L 113 -22.97 19.12 -36.08
C TRP L 113 -22.85 20.60 -36.40
N GLY L 114 -21.74 20.96 -37.03
CA GLY L 114 -21.54 22.32 -37.48
C GLY L 114 -21.93 22.51 -38.93
N GLN L 115 -21.91 23.77 -39.36
CA GLN L 115 -22.29 24.08 -40.74
C GLN L 115 -21.25 23.60 -41.74
N GLY L 116 -20.04 23.30 -41.29
CA GLY L 116 -18.98 22.86 -42.16
C GLY L 116 -18.21 24.00 -42.79
N THR L 117 -16.90 23.82 -42.95
CA THR L 117 -16.05 24.81 -43.60
C THR L 117 -15.28 24.15 -44.74
N GLN L 118 -15.06 24.91 -45.82
CA GLN L 118 -14.43 24.39 -47.02
C GLN L 118 -12.92 24.54 -46.95
N VAL L 119 -12.21 23.46 -47.24
CA VAL L 119 -10.75 23.47 -47.33
C VAL L 119 -10.36 22.98 -48.73
N THR L 120 -9.63 23.80 -49.46
CA THR L 120 -9.18 23.48 -50.81
C THR L 120 -7.67 23.58 -50.87
N VAL L 121 -7.02 22.51 -51.32
CA VAL L 121 -5.56 22.45 -51.41
C VAL L 121 -5.21 22.16 -52.87
N SER L 122 -4.71 23.18 -53.56
CA SER L 122 -4.31 23.03 -54.95
C SER L 122 -3.36 24.16 -55.31
N SER L 123 -2.61 23.95 -56.39
CA SER L 123 -1.66 24.95 -56.87
C SER L 123 -2.31 25.86 -57.92
N VAL M 15 16.06 32.58 5.56
CA VAL M 15 17.48 32.31 5.31
C VAL M 15 17.73 32.12 3.82
N GLN M 16 16.70 31.68 3.09
CA GLN M 16 16.82 31.45 1.67
C GLN M 16 16.82 32.78 0.91
N ASP M 17 17.67 32.87 -0.10
CA ASP M 17 17.80 34.08 -0.92
C ASP M 17 16.75 34.02 -2.02
N VAL M 18 15.70 34.83 -1.89
CA VAL M 18 14.59 34.86 -2.84
C VAL M 18 14.56 36.24 -3.48
N ASN M 19 14.86 36.29 -4.78
CA ASN M 19 14.81 37.55 -5.53
C ASN M 19 13.39 37.73 -6.04
N VAL M 20 12.59 38.51 -5.29
CA VAL M 20 11.21 38.74 -5.69
C VAL M 20 11.14 39.63 -6.93
N ALA M 21 12.22 40.37 -7.23
CA ALA M 21 12.20 41.27 -8.38
C ALA M 21 12.04 40.49 -9.69
N SER M 22 12.76 39.38 -9.83
CA SER M 22 12.63 38.56 -11.03
C SER M 22 11.24 37.94 -11.11
N ILE M 23 10.62 37.65 -9.96
CA ILE M 23 9.26 37.14 -9.95
C ILE M 23 8.29 38.22 -10.45
N THR M 24 8.47 39.46 -10.00
CA THR M 24 7.63 40.55 -10.49
C THR M 24 7.84 40.78 -11.97
N ALA M 25 9.10 40.77 -12.42
CA ALA M 25 9.39 40.97 -13.84
C ALA M 25 8.82 39.83 -14.68
N PHE M 26 8.87 38.60 -14.15
CA PHE M 26 8.31 37.46 -14.87
C PHE M 26 6.80 37.60 -15.01
N LYS M 27 6.12 37.98 -13.93
CA LYS M 27 4.67 38.13 -13.97
C LYS M 27 4.25 39.20 -14.97
N SER M 28 4.96 40.32 -15.01
CA SER M 28 4.63 41.38 -15.97
C SER M 28 4.85 40.91 -17.39
N MET M 29 5.89 40.10 -17.62
CA MET M 29 6.19 39.65 -18.99
C MET M 29 5.11 38.70 -19.50
N ILE M 30 4.55 37.87 -18.62
CA ILE M 30 3.49 36.96 -19.05
C ILE M 30 2.24 37.74 -19.43
N ASP M 31 1.89 38.76 -18.64
CA ASP M 31 0.70 39.56 -18.94
C ASP M 31 0.82 40.25 -20.30
N GLU M 32 1.97 40.89 -20.55
CA GLU M 32 2.16 41.62 -21.80
C GLU M 32 2.21 40.70 -23.01
N THR M 33 2.48 39.40 -22.82
CA THR M 33 2.62 38.47 -23.93
C THR M 33 1.58 37.36 -23.91
N TRP M 34 0.62 37.39 -22.99
CA TRP M 34 -0.33 36.28 -22.86
C TRP M 34 -1.23 36.18 -24.09
N ASP M 35 -1.43 37.28 -24.81
CA ASP M 35 -2.29 37.29 -25.98
C ASP M 35 -1.52 37.49 -27.28
N LYS M 36 -0.19 37.55 -27.23
CA LYS M 36 0.63 37.77 -28.41
C LYS M 36 0.75 36.47 -29.20
N LYS M 37 0.19 36.44 -30.40
CA LYS M 37 0.26 35.25 -31.25
C LYS M 37 1.70 34.99 -31.70
N ILE M 38 2.08 33.72 -31.70
CA ILE M 38 3.40 33.32 -32.17
C ILE M 38 3.35 33.21 -33.69
N GLU M 39 4.07 34.11 -34.37
CA GLU M 39 4.10 34.12 -35.83
C GLU M 39 5.28 33.27 -36.32
N ALA M 40 5.56 33.36 -37.62
CA ALA M 40 6.61 32.53 -38.21
C ALA M 40 7.99 32.92 -37.70
N ASN M 41 8.24 34.22 -37.55
CA ASN M 41 9.54 34.73 -37.13
C ASN M 41 9.54 35.21 -35.68
N THR M 42 8.49 34.93 -34.92
CA THR M 42 8.41 35.42 -33.55
C THR M 42 9.55 34.87 -32.71
N CYS M 43 10.20 35.75 -31.96
CA CYS M 43 11.30 35.37 -31.08
C CYS M 43 11.15 36.09 -29.75
N ILE M 44 11.77 35.53 -28.72
CA ILE M 44 11.73 36.11 -27.39
C ILE M 44 12.71 37.27 -27.33
N SER M 45 12.22 38.44 -26.91
CA SER M 45 13.03 39.65 -26.91
C SER M 45 14.18 39.54 -25.91
N ARG M 46 15.14 40.45 -26.03
CA ARG M 46 16.29 40.44 -25.14
C ARG M 46 15.88 40.65 -23.70
N LYS M 47 14.97 41.60 -23.45
CA LYS M 47 14.50 41.82 -22.08
C LYS M 47 13.84 40.57 -21.52
N HIS M 48 12.99 39.92 -22.32
CA HIS M 48 12.30 38.72 -21.84
C HIS M 48 13.26 37.56 -21.64
N ARG M 49 14.26 37.42 -22.52
CA ARG M 49 15.25 36.35 -22.34
C ARG M 49 16.01 36.53 -21.04
N ASN M 50 16.46 37.76 -20.76
CA ASN M 50 17.19 38.01 -19.53
C ASN M 50 16.31 37.75 -18.31
N ILE M 51 15.00 37.97 -18.43
CA ILE M 51 14.09 37.63 -17.34
C ILE M 51 14.03 36.12 -17.16
N ILE M 52 13.74 35.39 -18.24
CA ILE M 52 13.74 33.92 -18.19
C ILE M 52 15.07 33.42 -17.65
N HIS M 53 16.17 34.01 -18.14
CA HIS M 53 17.50 33.63 -17.68
C HIS M 53 17.66 33.86 -16.18
N GLU M 54 17.09 34.94 -15.65
CA GLU M 54 17.27 35.26 -14.25
C GLU M 54 16.32 34.46 -13.34
N VAL M 55 15.11 34.17 -13.81
CA VAL M 55 14.16 33.38 -13.01
C VAL M 55 14.75 32.01 -12.71
N ILE M 56 15.33 31.36 -13.72
CA ILE M 56 15.88 30.03 -13.51
C ILE M 56 17.10 30.10 -12.61
N ARG M 57 17.96 31.10 -12.79
CA ARG M 57 19.14 31.24 -11.95
C ARG M 57 18.76 31.58 -10.51
N ASP M 58 17.75 32.44 -10.33
CA ASP M 58 17.30 32.75 -8.98
C ASP M 58 16.60 31.56 -8.34
N PHE M 59 15.97 30.70 -9.15
CA PHE M 59 15.36 29.49 -8.61
C PHE M 59 16.40 28.54 -8.03
N MET M 60 17.59 28.48 -8.63
CA MET M 60 18.61 27.57 -8.12
C MET M 60 19.27 28.10 -6.85
N LYS M 61 19.45 29.42 -6.76
CA LYS M 61 20.15 29.99 -5.61
C LYS M 61 19.30 30.03 -4.35
N ALA M 62 17.98 29.79 -4.46
CA ALA M 62 17.13 29.76 -3.27
C ALA M 62 17.48 28.55 -2.39
N TYR M 63 17.64 27.38 -3.01
CA TYR M 63 18.04 26.15 -2.31
C TYR M 63 19.20 25.56 -3.10
N PRO M 64 20.42 26.07 -2.90
CA PRO M 64 21.53 25.73 -3.80
C PRO M 64 22.14 24.35 -3.60
N LYS M 65 22.09 23.81 -2.38
CA LYS M 65 22.76 22.56 -2.08
C LYS M 65 21.78 21.57 -1.46
N MET M 66 22.13 20.29 -1.56
CA MET M 66 21.34 19.25 -0.93
C MET M 66 21.61 19.18 0.56
N ASP M 67 20.65 18.65 1.30
CA ASP M 67 20.85 18.39 2.72
C ASP M 67 21.80 17.22 2.89
N GLU M 68 22.65 17.30 3.92
CA GLU M 68 23.67 16.27 4.10
C GLU M 68 23.07 14.90 4.36
N ASN M 69 21.87 14.86 4.95
CA ASN M 69 21.20 13.60 5.28
C ASN M 69 20.29 13.10 4.16
N LYS M 70 20.33 13.73 3.00
CA LYS M 70 19.52 13.33 1.85
C LYS M 70 20.24 13.74 0.57
N LYS M 71 21.42 13.16 0.35
CA LYS M 71 22.31 13.53 -0.73
C LYS M 71 22.40 12.41 -1.76
N SER M 72 22.78 12.79 -2.98
CA SER M 72 22.95 11.83 -4.05
C SER M 72 24.37 11.29 -4.05
N PRO M 73 24.58 10.00 -3.84
CA PRO M 73 25.94 9.45 -3.94
C PRO M 73 26.53 9.58 -5.33
N LEU M 74 25.70 9.74 -6.36
CA LEU M 74 26.19 9.97 -7.71
C LEU M 74 26.62 11.41 -7.95
N GLY M 75 26.27 12.33 -7.05
CA GLY M 75 26.59 13.73 -7.26
C GLY M 75 25.60 14.48 -8.12
N ALA M 76 24.45 13.89 -8.43
CA ALA M 76 23.48 14.57 -9.26
C ALA M 76 22.79 15.68 -8.47
N PRO M 77 22.60 16.86 -9.07
CA PRO M 77 22.00 17.98 -8.34
C PRO M 77 20.53 17.75 -8.04
N MET M 78 20.24 16.85 -7.09
CA MET M 78 18.86 16.49 -6.78
C MET M 78 18.06 17.66 -6.21
N GLN M 79 18.74 18.71 -5.73
CA GLN M 79 18.02 19.84 -5.13
C GLN M 79 17.25 20.66 -6.16
N TRP M 80 17.52 20.45 -7.46
CA TRP M 80 16.77 21.12 -8.52
C TRP M 80 16.00 20.14 -9.38
N LEU M 81 15.94 18.86 -9.00
CA LEU M 81 15.31 17.83 -9.81
C LEU M 81 14.17 17.09 -9.13
N THR M 82 14.07 17.14 -7.80
CA THR M 82 13.10 16.36 -7.07
C THR M 82 12.07 17.27 -6.40
N GLN M 83 10.87 16.72 -6.19
CA GLN M 83 9.81 17.48 -5.55
C GLN M 83 10.15 17.82 -4.10
N TYR M 84 10.93 16.97 -3.43
CA TYR M 84 11.25 17.20 -2.02
C TYR M 84 11.95 18.53 -1.81
N TYR M 85 12.89 18.88 -2.70
CA TYR M 85 13.62 20.12 -2.57
C TYR M 85 12.91 21.29 -3.25
N ILE M 86 12.24 21.04 -4.38
CA ILE M 86 11.60 22.13 -5.10
C ILE M 86 10.39 22.65 -4.33
N LEU M 87 9.66 21.76 -3.67
CA LEU M 87 8.46 22.19 -2.95
C LEU M 87 8.82 23.05 -1.74
N LYS M 88 9.97 22.83 -1.12
CA LYS M 88 10.44 23.69 -0.04
C LYS M 88 11.41 24.75 -0.52
N ASN M 89 11.57 24.90 -1.84
CA ASN M 89 12.35 25.98 -2.41
C ASN M 89 11.54 27.26 -2.31
N GLU M 90 12.02 28.21 -1.51
CA GLU M 90 11.22 29.39 -1.21
C GLU M 90 10.96 30.24 -2.45
N TYR M 91 11.86 30.19 -3.43
CA TYR M 91 11.60 30.91 -4.69
C TYR M 91 10.49 30.24 -5.47
N HIS M 92 10.46 28.90 -5.49
CA HIS M 92 9.37 28.20 -6.16
C HIS M 92 8.05 28.47 -5.48
N LYS M 93 8.03 28.53 -4.14
CA LYS M 93 6.79 28.78 -3.42
C LYS M 93 6.28 30.20 -3.67
N THR M 94 7.18 31.18 -3.64
CA THR M 94 6.78 32.57 -3.88
C THR M 94 6.31 32.77 -5.32
N MET M 95 6.91 32.05 -6.26
CA MET M 95 6.54 32.20 -7.67
C MET M 95 5.13 31.71 -7.94
N LEU M 96 4.81 30.50 -7.46
CA LEU M 96 3.50 29.91 -7.74
C LEU M 96 2.37 30.56 -6.95
N ALA M 97 2.69 31.33 -5.90
CA ALA M 97 1.68 32.01 -5.11
C ALA M 97 1.62 33.50 -5.40
N TYR M 98 2.49 34.01 -6.26
CA TYR M 98 2.55 35.44 -6.54
C TYR M 98 1.26 35.90 -7.21
N ASP M 99 0.75 37.05 -6.76
CA ASP M 99 -0.46 37.67 -7.31
C ASP M 99 -1.63 36.68 -7.28
N ASN M 100 -1.97 36.24 -6.08
CA ASN M 100 -3.07 35.30 -5.85
C ASN M 100 -2.89 34.02 -6.65
N GLY M 101 -1.64 33.68 -6.98
CA GLY M 101 -1.36 32.51 -7.79
C GLY M 101 -1.91 32.57 -9.19
N SER M 102 -1.95 33.76 -9.80
CA SER M 102 -2.50 33.89 -11.14
C SER M 102 -1.66 33.16 -12.17
N LEU M 103 -0.32 33.24 -12.03
CA LEU M 103 0.55 32.50 -12.93
C LEU M 103 0.38 30.99 -12.78
N ASN M 104 0.08 30.53 -11.56
CA ASN M 104 -0.20 29.11 -11.36
C ASN M 104 -1.52 28.73 -12.00
N THR M 105 -2.51 29.62 -11.96
CA THR M 105 -3.79 29.37 -12.62
C THR M 105 -3.62 29.28 -14.13
N LYS M 106 -2.88 30.22 -14.72
CA LYS M 106 -2.64 30.18 -16.15
C LYS M 106 -1.86 28.92 -16.54
N PHE M 107 -0.88 28.54 -15.73
CA PHE M 107 -0.03 27.40 -16.07
C PHE M 107 -0.81 26.10 -16.10
N LYS M 108 -1.76 25.93 -15.19
CA LYS M 108 -2.53 24.69 -15.09
C LYS M 108 -3.42 24.45 -16.30
N THR M 109 -3.57 25.42 -17.20
CA THR M 109 -4.38 25.28 -18.39
C THR M 109 -3.56 25.01 -19.64
N LEU M 110 -2.23 24.96 -19.52
CA LEU M 110 -1.36 24.86 -20.69
C LEU M 110 -0.84 23.44 -20.86
N ASN M 111 -0.61 23.08 -22.12
CA ASN M 111 0.12 21.86 -22.46
C ASN M 111 0.83 22.09 -23.79
N ILE M 112 1.66 21.11 -24.17
CA ILE M 112 2.52 21.27 -25.34
C ILE M 112 1.70 21.45 -26.62
N TYR M 113 0.59 20.74 -26.72
CA TYR M 113 -0.14 20.65 -27.99
C TYR M 113 -1.13 21.80 -28.22
N MET M 114 -1.38 22.64 -27.22
CA MET M 114 -2.30 23.76 -27.36
C MET M 114 -1.60 25.11 -27.35
N ILE M 115 -0.27 25.14 -27.17
CA ILE M 115 0.45 26.40 -27.04
C ILE M 115 0.32 27.17 -28.36
N THR M 116 -0.08 28.44 -28.25
CA THR M 116 -0.16 29.32 -29.42
C THR M 116 0.40 30.71 -29.20
N ASN M 117 0.51 31.19 -27.96
CA ASN M 117 0.94 32.54 -27.67
C ASN M 117 2.29 32.54 -26.95
N VAL M 118 2.94 33.70 -26.96
CA VAL M 118 4.26 33.83 -26.35
C VAL M 118 4.17 33.61 -24.84
N GLY M 119 3.18 34.23 -24.20
CA GLY M 119 3.03 34.06 -22.77
C GLY M 119 2.76 32.62 -22.37
N GLN M 120 1.96 31.91 -23.15
CA GLN M 120 1.72 30.50 -22.90
C GLN M 120 3.00 29.69 -23.05
N TYR M 121 3.75 29.95 -24.13
CA TYR M 121 5.01 29.26 -24.37
C TYR M 121 5.99 29.48 -23.24
N ILE M 122 6.18 30.74 -22.83
CA ILE M 122 7.17 31.06 -21.80
C ILE M 122 6.75 30.48 -20.46
N LEU M 123 5.49 30.68 -20.08
CA LEU M 123 5.04 30.26 -18.75
C LEU M 123 5.12 28.74 -18.61
N TYR M 124 4.67 28.00 -19.62
CA TYR M 124 4.64 26.54 -19.51
C TYR M 124 6.04 25.97 -19.43
N ILE M 125 6.94 26.43 -20.31
CA ILE M 125 8.29 25.88 -20.34
C ILE M 125 9.04 26.22 -19.05
N VAL M 126 8.90 27.45 -18.58
CA VAL M 126 9.66 27.87 -17.40
C VAL M 126 9.10 27.23 -16.14
N PHE M 127 7.77 27.21 -16.00
CA PHE M 127 7.18 26.63 -14.80
C PHE M 127 7.44 25.13 -14.69
N CYS M 128 7.52 24.43 -15.82
CA CYS M 128 7.88 23.02 -15.78
C CYS M 128 9.31 22.84 -15.28
N ILE M 129 10.21 23.74 -15.68
CA ILE M 129 11.61 23.63 -15.26
C ILE M 129 11.75 23.90 -13.77
N ILE M 130 11.18 25.02 -13.30
CA ILE M 130 11.32 25.38 -11.89
C ILE M 130 10.43 24.56 -10.98
N SER M 131 9.64 23.64 -11.53
CA SER M 131 8.90 22.66 -10.74
C SER M 131 9.45 21.25 -10.89
N GLY M 132 10.46 21.05 -11.74
CA GLY M 132 11.01 19.72 -11.95
C GLY M 132 10.04 18.74 -12.56
N LYS M 133 9.17 19.20 -13.45
CA LYS M 133 8.15 18.37 -14.06
C LYS M 133 8.41 18.25 -15.55
N ASN M 134 8.31 17.03 -16.07
CA ASN M 134 8.34 16.82 -17.50
C ASN M 134 7.02 17.26 -18.13
N HIS M 135 7.00 17.35 -19.45
CA HIS M 135 5.80 17.81 -20.14
C HIS M 135 4.65 16.80 -20.03
N ASP M 136 4.94 15.54 -19.74
CA ASP M 136 3.92 14.53 -19.54
C ASP M 136 3.46 14.43 -18.10
N GLY M 137 3.87 15.37 -17.24
CA GLY M 137 3.47 15.38 -15.85
C GLY M 137 4.40 14.67 -14.90
N THR M 138 5.23 13.77 -15.40
CA THR M 138 6.13 13.04 -14.53
C THR M 138 7.25 13.94 -14.01
N PRO M 139 7.70 13.73 -12.78
CA PRO M 139 8.82 14.51 -12.26
C PRO M 139 10.13 14.07 -12.89
N TYR M 140 11.12 14.97 -12.83
CA TYR M 140 12.46 14.64 -13.33
C TYR M 140 13.02 13.43 -12.58
N ILE M 141 13.07 13.52 -11.26
CA ILE M 141 13.55 12.45 -10.40
C ILE M 141 12.54 12.26 -9.27
N TYR M 142 12.20 11.01 -8.98
CA TYR M 142 11.34 10.72 -7.85
C TYR M 142 12.10 10.96 -6.54
N ASP M 143 11.35 11.33 -5.50
CA ASP M 143 11.98 11.59 -4.20
C ASP M 143 12.72 10.37 -3.68
N SER M 144 12.22 9.16 -3.95
CA SER M 144 12.88 7.95 -3.50
C SER M 144 14.22 7.73 -4.20
N GLU M 145 14.48 8.43 -5.31
CA GLU M 145 15.70 8.26 -6.07
C GLU M 145 16.77 9.30 -5.73
N ILE M 146 16.51 10.15 -4.73
CA ILE M 146 17.49 11.18 -4.36
C ILE M 146 18.81 10.55 -3.98
N THR M 147 18.76 9.54 -3.10
CA THR M 147 19.94 8.85 -2.62
C THR M 147 20.28 7.62 -3.45
N SER M 148 19.73 7.50 -4.66
CA SER M 148 19.93 6.31 -5.46
C SER M 148 21.39 6.18 -5.89
N ASN M 149 21.87 4.94 -5.93
CA ASN M 149 23.21 4.63 -6.41
C ASN M 149 23.21 4.11 -7.84
N ASP M 150 22.03 3.95 -8.45
CA ASP M 150 21.89 3.40 -9.80
C ASP M 150 22.24 4.48 -10.81
N LYS M 151 23.51 4.53 -11.22
CA LYS M 151 23.98 5.59 -12.11
C LYS M 151 23.25 5.56 -13.44
N ASN M 152 23.14 4.38 -14.06
CA ASN M 152 22.51 4.29 -15.37
C ASN M 152 21.05 4.69 -15.34
N PHE M 153 20.33 4.29 -14.28
CA PHE M 153 18.91 4.62 -14.20
C PHE M 153 18.70 6.11 -13.99
N ILE M 154 19.48 6.72 -13.08
CA ILE M 154 19.35 8.15 -12.84
C ILE M 154 19.78 8.95 -14.07
N ASN M 155 20.85 8.51 -14.74
CA ASN M 155 21.31 9.22 -15.94
C ASN M 155 20.24 9.23 -17.02
N GLU M 156 19.54 8.10 -17.20
CA GLU M 156 18.50 8.04 -18.22
C GLU M 156 17.38 9.02 -17.92
N ARG M 157 17.00 9.16 -16.66
CA ARG M 157 15.91 10.07 -16.30
C ARG M 157 16.33 11.53 -16.50
N ILE M 158 17.55 11.87 -16.10
CA ILE M 158 18.03 13.24 -16.29
C ILE M 158 18.20 13.52 -17.78
N LYS M 159 18.67 12.55 -18.54
CA LYS M 159 18.79 12.71 -19.99
C LYS M 159 17.42 12.91 -20.63
N TYR M 160 16.41 12.18 -20.15
CA TYR M 160 15.06 12.33 -20.68
C TYR M 160 14.53 13.73 -20.42
N ALA M 161 14.69 14.23 -19.19
CA ALA M 161 14.20 15.56 -18.86
C ALA M 161 14.89 16.64 -19.68
N CYS M 162 16.23 16.53 -19.82
CA CYS M 162 16.96 17.51 -20.61
C CYS M 162 16.56 17.45 -22.07
N LYS M 163 16.36 16.25 -22.60
CA LYS M 163 16.00 16.09 -24.00
C LYS M 163 14.59 16.59 -24.27
N GLN M 164 13.66 16.35 -23.34
CA GLN M 164 12.27 16.68 -23.58
C GLN M 164 12.00 18.19 -23.52
N ILE M 165 12.81 18.93 -22.77
CA ILE M 165 12.67 20.39 -22.76
C ILE M 165 12.88 20.94 -24.16
N LEU M 166 13.90 20.45 -24.85
CA LEU M 166 14.18 20.89 -26.22
C LEU M 166 13.22 20.23 -27.22
N HIS M 167 12.92 18.95 -27.01
CA HIS M 167 12.03 18.24 -27.93
C HIS M 167 10.61 18.78 -27.85
N GLY M 168 10.15 19.15 -26.66
CA GLY M 168 8.81 19.70 -26.53
C GLY M 168 8.66 21.02 -27.26
N GLN M 169 9.68 21.88 -27.20
CA GLN M 169 9.63 23.14 -27.92
C GLN M 169 9.70 22.94 -29.42
N LEU M 170 10.39 21.90 -29.89
CA LEU M 170 10.41 21.61 -31.31
C LEU M 170 9.04 21.12 -31.79
N THR M 171 8.32 20.38 -30.94
CA THR M 171 6.96 20.00 -31.27
C THR M 171 6.07 21.23 -31.43
N ILE M 172 6.24 22.22 -30.55
CA ILE M 172 5.48 23.46 -30.67
C ILE M 172 5.89 24.21 -31.94
N ALA M 173 7.19 24.30 -32.21
CA ALA M 173 7.65 25.05 -33.36
C ALA M 173 7.20 24.41 -34.67
N LEU M 174 7.07 23.08 -34.70
CA LEU M 174 6.65 22.41 -35.92
C LEU M 174 5.16 22.62 -36.18
N ARG M 175 4.33 22.64 -35.13
CA ARG M 175 2.90 22.85 -35.30
C ARG M 175 2.59 24.30 -35.67
N ILE M 176 3.20 25.25 -34.95
CA ILE M 176 2.98 26.67 -35.21
C ILE M 176 3.70 27.15 -36.46
N ARG M 177 4.75 26.42 -36.89
CA ARG M 177 5.65 26.85 -37.96
C ARG M 177 6.41 28.12 -37.55
N ASN M 178 6.94 28.09 -36.32
CA ASN M 178 7.79 29.16 -35.80
C ASN M 178 9.26 28.81 -36.04
N LYS M 179 10.09 29.84 -36.04
CA LYS M 179 11.49 29.70 -36.42
C LYS M 179 12.48 30.03 -35.31
N PHE M 180 12.13 30.90 -34.35
CA PHE M 180 13.13 31.42 -33.43
C PHE M 180 12.73 31.42 -31.96
N MET M 181 11.59 30.84 -31.60
CA MET M 181 11.27 30.69 -30.18
C MET M 181 12.23 29.69 -29.54
N PHE M 182 12.86 30.08 -28.43
CA PHE M 182 13.91 29.23 -27.85
C PHE M 182 14.06 29.51 -26.37
N ILE M 183 13.95 28.45 -25.56
CA ILE M 183 14.36 28.44 -24.17
C ILE M 183 15.21 27.19 -23.96
N GLY M 184 16.41 27.37 -23.41
CA GLY M 184 17.33 26.27 -23.29
C GLY M 184 17.06 25.37 -22.10
N SER M 185 17.77 24.24 -22.09
CA SER M 185 17.80 23.37 -20.91
C SER M 185 18.91 23.85 -19.99
N PRO M 186 18.61 24.20 -18.74
CA PRO M 186 19.65 24.75 -17.85
C PRO M 186 20.78 23.76 -17.64
N MET M 187 21.94 24.29 -17.25
CA MET M 187 23.17 23.52 -17.26
C MET M 187 23.13 22.34 -16.30
N TYR M 188 22.37 22.45 -15.21
CA TYR M 188 22.35 21.37 -14.22
C TYR M 188 21.63 20.13 -14.71
N LEU M 189 20.72 20.27 -15.69
CA LEU M 189 20.02 19.14 -16.26
C LEU M 189 20.85 18.38 -17.28
N TRP M 190 22.12 18.73 -17.45
CA TRP M 190 23.02 18.02 -18.35
C TRP M 190 23.93 17.06 -17.60
N PHE M 191 23.54 16.66 -16.38
CA PHE M 191 24.32 15.75 -15.56
C PHE M 191 24.53 14.42 -16.28
N ASN M 192 25.76 14.13 -16.66
CA ASN M 192 26.15 12.93 -17.40
C ASN M 192 25.48 12.83 -18.76
N VAL M 193 24.87 13.92 -19.24
CA VAL M 193 24.15 13.89 -20.51
C VAL M 193 25.15 14.07 -21.66
N ASN M 194 24.99 13.26 -22.70
CA ASN M 194 25.83 13.32 -23.89
C ASN M 194 25.15 14.25 -24.91
N GLY M 195 25.76 15.40 -25.14
CA GLY M 195 25.16 16.36 -26.07
C GLY M 195 25.10 15.83 -27.49
N SER M 196 26.11 15.06 -27.90
CA SER M 196 26.07 14.43 -29.22
C SER M 196 24.92 13.44 -29.31
N GLN M 197 24.59 12.77 -28.21
CA GLN M 197 23.47 11.83 -28.21
C GLN M 197 22.13 12.54 -28.32
N VAL M 198 21.96 13.61 -27.52
CA VAL M 198 20.72 14.38 -27.57
C VAL M 198 20.46 14.91 -28.97
N TYR M 199 21.51 15.36 -29.65
CA TYR M 199 21.37 15.89 -31.01
C TYR M 199 20.82 14.83 -31.96
N HIS M 200 21.42 13.64 -31.96
CA HIS M 200 20.99 12.60 -32.88
C HIS M 200 19.66 11.99 -32.45
N ASP M 201 19.44 11.85 -31.13
CA ASP M 201 18.20 11.25 -30.65
C ASP M 201 16.98 12.05 -31.10
N ILE M 202 17.04 13.37 -30.99
CA ILE M 202 15.88 14.20 -31.29
C ILE M 202 15.65 14.27 -32.80
N TYR M 203 16.70 14.56 -33.56
CA TYR M 203 16.53 14.81 -34.99
C TYR M 203 16.31 13.54 -35.81
N ASP M 204 16.69 12.38 -35.28
CA ASP M 204 16.41 11.14 -36.00
C ASP M 204 14.93 10.76 -36.01
N ARG M 205 14.10 11.38 -35.18
CA ARG M 205 12.71 10.95 -35.03
C ARG M 205 11.69 11.91 -35.62
N ASN M 206 12.10 13.05 -36.17
CA ASN M 206 11.13 13.95 -36.79
C ASN M 206 11.84 14.75 -37.87
N ALA M 207 11.55 14.42 -39.14
CA ALA M 207 12.14 15.14 -40.25
C ALA M 207 11.69 16.59 -40.30
N GLY M 208 10.54 16.90 -39.69
CA GLY M 208 10.06 18.27 -39.69
C GLY M 208 10.98 19.21 -38.94
N PHE M 209 11.69 18.70 -37.93
CA PHE M 209 12.62 19.54 -37.18
C PHE M 209 13.81 19.96 -38.03
N HIS M 210 14.11 19.22 -39.09
CA HIS M 210 15.22 19.56 -39.96
C HIS M 210 14.93 20.73 -40.88
N ASN M 211 13.67 21.17 -40.98
CA ASN M 211 13.31 22.24 -41.88
C ASN M 211 14.04 23.52 -41.46
N LYS M 212 14.59 24.22 -42.45
CA LYS M 212 15.39 25.41 -42.17
C LYS M 212 14.57 26.57 -41.63
N GLU M 213 13.24 26.45 -41.62
CA GLU M 213 12.37 27.49 -41.09
C GLU M 213 11.68 27.08 -39.80
N ILE M 214 12.14 26.00 -39.16
CA ILE M 214 11.53 25.47 -37.95
C ILE M 214 12.61 25.36 -36.87
N GLY M 215 12.37 26.00 -35.72
CA GLY M 215 13.24 25.88 -34.56
C GLY M 215 14.72 26.06 -34.82
N ARG M 216 15.12 27.26 -35.24
CA ARG M 216 16.52 27.47 -35.62
C ARG M 216 17.41 27.70 -34.41
N LEU M 217 16.98 28.50 -33.44
CA LEU M 217 17.79 28.71 -32.25
C LEU M 217 17.87 27.44 -31.39
N LEU M 218 16.82 26.61 -31.43
CA LEU M 218 16.91 25.30 -30.80
C LEU M 218 17.96 24.43 -31.49
N TYR M 219 18.04 24.51 -32.83
CA TYR M 219 19.04 23.74 -33.55
C TYR M 219 20.44 24.26 -33.27
N ALA M 220 20.62 25.59 -33.35
CA ALA M 220 21.93 26.15 -33.08
C ALA M 220 22.41 25.84 -31.67
N PHE M 221 21.47 25.77 -30.72
CA PHE M 221 21.82 25.41 -29.35
C PHE M 221 22.27 23.96 -29.26
N MET M 222 21.56 23.05 -29.92
CA MET M 222 21.88 21.63 -29.82
C MET M 222 23.07 21.24 -30.68
N TYR M 223 23.26 21.88 -31.83
CA TYR M 223 24.40 21.54 -32.68
C TYR M 223 25.72 21.90 -32.01
N TYR M 224 25.79 23.09 -31.40
CA TYR M 224 27.00 23.49 -30.69
C TYR M 224 27.36 22.49 -29.60
N LEU M 225 26.37 22.09 -28.80
CA LEU M 225 26.62 21.14 -27.72
C LEU M 225 26.88 19.74 -28.24
N SER M 226 26.54 19.45 -29.50
CA SER M 226 26.84 18.15 -30.08
C SER M 226 28.30 18.01 -30.48
N ILE M 227 28.99 19.13 -30.72
CA ILE M 227 30.37 19.12 -31.17
C ILE M 227 31.33 19.66 -30.13
N SER M 228 30.84 20.13 -28.98
CA SER M 228 31.68 20.62 -27.89
C SER M 228 31.17 20.03 -26.59
N GLY M 229 31.96 19.16 -25.97
CA GLY M 229 31.56 18.52 -24.74
C GLY M 229 31.60 19.46 -23.56
N ARG M 230 31.04 18.99 -22.44
CA ARG M 230 30.97 19.81 -21.24
C ARG M 230 32.32 19.95 -20.56
N PHE M 231 33.08 18.85 -20.48
CA PHE M 231 34.38 18.86 -19.83
C PHE M 231 35.44 18.48 -20.85
N LEU M 232 36.23 19.47 -21.29
CA LEU M 232 37.25 19.28 -22.30
C LEU M 232 38.62 18.95 -21.72
N ASN M 233 38.76 19.02 -20.39
CA ASN M 233 40.00 18.63 -19.69
C ASN M 233 41.14 19.49 -20.21
N ASP M 234 42.20 18.91 -20.76
CA ASP M 234 43.37 19.69 -21.16
C ASP M 234 43.09 20.63 -22.32
N PHE M 235 42.04 20.38 -23.09
CA PHE M 235 41.68 21.20 -24.24
C PHE M 235 40.77 22.37 -23.86
N ALA M 236 40.51 22.56 -22.58
CA ALA M 236 39.61 23.63 -22.14
C ALA M 236 40.34 24.96 -22.14
N LEU M 237 39.71 25.97 -22.73
CA LEU M 237 40.21 27.34 -22.70
C LEU M 237 39.46 28.24 -21.73
N LEU M 238 38.17 27.98 -21.54
CA LEU M 238 37.34 28.74 -20.62
C LEU M 238 36.63 27.77 -19.68
N LYS M 239 36.24 28.27 -18.51
CA LYS M 239 35.49 27.46 -17.56
C LYS M 239 34.52 28.36 -16.80
N PHE M 240 33.23 28.13 -17.00
CA PHE M 240 32.19 28.80 -16.24
C PHE M 240 31.83 27.95 -15.02
N THR M 241 31.49 28.64 -13.92
CA THR M 241 31.04 27.96 -12.72
C THR M 241 29.99 28.81 -12.03
N TYR M 242 28.84 28.20 -11.72
CA TYR M 242 27.75 28.88 -11.03
C TYR M 242 27.08 27.88 -10.11
N LEU M 243 27.10 28.17 -8.80
CA LEU M 243 26.50 27.29 -7.79
C LEU M 243 27.04 25.87 -7.88
N GLY M 244 28.34 25.75 -8.17
CA GLY M 244 28.99 24.48 -8.28
C GLY M 244 28.88 23.81 -9.63
N GLU M 245 27.97 24.25 -10.49
CA GLU M 245 27.79 23.67 -11.81
C GLU M 245 28.82 24.28 -12.77
N SER M 246 29.73 23.45 -13.27
CA SER M 246 30.81 23.91 -14.11
C SER M 246 30.61 23.48 -15.56
N TRP M 247 31.31 24.17 -16.45
CA TRP M 247 31.22 23.93 -17.89
C TRP M 247 32.46 24.53 -18.53
N THR M 248 33.00 23.85 -19.54
CA THR M 248 34.22 24.30 -20.21
C THR M 248 33.95 24.55 -21.69
N PHE M 249 34.76 25.43 -22.26
CA PHE M 249 34.64 25.80 -23.67
C PHE M 249 36.03 25.94 -24.27
N SER M 250 36.13 25.66 -25.57
CA SER M 250 37.36 25.87 -26.33
C SER M 250 37.14 26.71 -27.57
N LEU M 251 35.90 27.06 -27.90
CA LEU M 251 35.58 27.94 -29.02
C LEU M 251 34.91 29.21 -28.45
N SER M 252 34.46 30.07 -29.36
CA SER M 252 33.63 31.19 -28.96
C SER M 252 32.30 30.67 -28.39
N VAL M 253 31.75 31.41 -27.43
CA VAL M 253 30.50 31.00 -26.79
C VAL M 253 29.40 31.96 -27.19
N PRO M 254 28.56 31.60 -28.16
CA PRO M 254 27.47 32.50 -28.57
C PRO M 254 26.47 32.72 -27.44
N GLU M 255 25.66 33.76 -27.61
CA GLU M 255 24.72 34.14 -26.56
C GLU M 255 23.66 33.05 -26.33
N TYR M 256 23.24 32.36 -27.40
CA TYR M 256 22.23 31.33 -27.22
C TYR M 256 22.74 30.15 -26.42
N ILE M 257 24.07 30.00 -26.28
CA ILE M 257 24.62 28.96 -25.42
C ILE M 257 24.57 29.40 -23.96
N LEU M 258 25.06 30.61 -23.67
CA LEU M 258 25.05 31.11 -22.30
C LEU M 258 23.63 31.35 -21.82
N TYR M 259 22.75 31.83 -22.70
CA TYR M 259 21.35 32.00 -22.31
C TYR M 259 20.67 30.65 -22.13
N GLY M 260 20.94 29.70 -23.03
CA GLY M 260 20.30 28.40 -22.92
C GLY M 260 20.76 27.62 -21.71
N LEU M 261 22.07 27.59 -21.47
CA LEU M 261 22.60 26.84 -20.32
C LEU M 261 22.32 27.54 -18.99
N GLY M 262 22.05 28.85 -19.02
CA GLY M 262 21.78 29.58 -17.79
C GLY M 262 22.99 30.19 -17.12
N TYR M 263 24.08 30.41 -17.86
CA TYR M 263 25.29 31.01 -17.31
C TYR M 263 25.30 32.50 -17.53
N SER M 264 26.01 33.21 -16.65
CA SER M 264 26.18 34.65 -16.75
C SER M 264 27.66 34.98 -16.88
N VAL M 265 27.96 36.05 -17.61
CA VAL M 265 29.33 36.53 -17.73
C VAL M 265 29.85 37.10 -16.42
N PHE M 266 29.00 37.26 -15.42
CA PHE M 266 29.40 37.69 -14.09
C PHE M 266 29.63 36.54 -13.14
N ASP M 267 29.61 35.30 -13.64
CA ASP M 267 29.90 34.14 -12.81
C ASP M 267 31.41 33.97 -12.66
N THR M 268 31.85 32.77 -12.29
CA THR M 268 33.28 32.50 -12.13
C THR M 268 33.82 32.03 -13.47
N ILE M 269 34.46 32.94 -14.20
CA ILE M 269 35.07 32.63 -15.49
C ILE M 269 36.56 32.47 -15.29
N GLU M 270 37.10 31.34 -15.72
CA GLU M 270 38.52 31.04 -15.58
C GLU M 270 39.13 30.76 -16.94
N LYS M 271 40.26 31.39 -17.23
CA LYS M 271 40.97 31.20 -18.49
C LYS M 271 42.19 30.32 -18.25
N PHE M 272 42.45 29.42 -19.21
CA PHE M 272 43.59 28.51 -19.13
C PHE M 272 44.61 28.76 -20.24
N SER M 273 44.48 29.87 -20.97
CA SER M 273 45.42 30.20 -22.03
C SER M 273 45.60 31.71 -22.08
N ASN M 274 46.51 32.16 -22.95
CA ASN M 274 46.74 33.58 -23.15
C ASN M 274 45.94 34.15 -24.32
N ASP M 275 44.97 33.40 -24.83
CA ASP M 275 44.13 33.89 -25.92
C ASP M 275 43.25 35.04 -25.43
N ALA M 276 43.00 35.99 -26.33
CA ALA M 276 42.15 37.12 -26.02
C ALA M 276 40.68 36.76 -26.21
N ILE M 277 39.85 37.16 -25.25
CA ILE M 277 38.42 36.94 -25.33
C ILE M 277 37.71 38.28 -25.17
N LEU M 278 36.61 38.46 -25.89
CA LEU M 278 35.77 39.64 -25.79
C LEU M 278 34.48 39.25 -25.07
N VAL M 279 34.27 39.82 -23.88
CA VAL M 279 33.13 39.47 -23.04
C VAL M 279 32.10 40.57 -23.20
N TYR M 280 31.14 40.35 -24.11
CA TYR M 280 30.03 41.29 -24.27
C TYR M 280 29.13 41.24 -23.05
N ILE M 281 28.74 42.42 -22.55
CA ILE M 281 27.97 42.49 -21.32
C ILE M 281 26.71 43.32 -21.48
N ARG M 282 26.71 44.26 -22.42
CA ARG M 282 25.57 45.17 -22.54
C ARG M 282 25.52 45.75 -23.95
N THR M 283 24.37 46.34 -24.27
CA THR M 283 24.18 47.11 -25.49
C THR M 283 24.56 48.56 -25.25
N ASN M 284 24.84 49.28 -26.33
CA ASN M 284 25.15 50.70 -26.26
C ASN M 284 24.15 51.49 -27.10
N ASN M 285 24.27 52.81 -27.04
CA ASN M 285 23.33 53.71 -27.71
C ASN M 285 23.54 53.79 -29.21
N ARG M 286 24.62 53.23 -29.74
CA ARG M 286 24.94 53.31 -31.16
C ARG M 286 24.69 52.03 -31.92
N ASN M 287 23.67 51.25 -31.54
CA ASN M 287 23.35 49.99 -32.20
C ASN M 287 24.54 49.03 -32.14
N GLY M 288 25.24 49.05 -31.01
CA GLY M 288 26.40 48.18 -30.83
C GLY M 288 26.41 47.49 -29.48
N TYR M 289 27.56 46.95 -29.09
CA TYR M 289 27.70 46.19 -27.85
C TYR M 289 28.99 46.58 -27.15
N ASP M 290 28.90 46.84 -25.85
CA ASP M 290 30.08 47.09 -25.03
C ASP M 290 30.62 45.76 -24.50
N TYR M 291 31.94 45.60 -24.57
CA TYR M 291 32.58 44.35 -24.16
C TYR M 291 33.82 44.66 -23.33
N VAL M 292 34.25 43.65 -22.58
CA VAL M 292 35.48 43.70 -21.80
C VAL M 292 36.42 42.62 -22.32
N GLU M 293 37.70 42.97 -22.48
CA GLU M 293 38.69 42.05 -23.02
C GLU M 293 39.58 41.49 -21.92
N PHE M 294 39.86 40.19 -22.00
CA PHE M 294 40.77 39.52 -21.09
C PHE M 294 41.82 38.78 -21.91
N ASN M 295 43.04 38.70 -21.36
CA ASN M 295 44.15 38.11 -22.10
C ASN M 295 44.88 37.04 -21.29
N LYS M 296 45.19 37.33 -20.04
CA LYS M 296 46.02 36.43 -19.25
C LYS M 296 45.20 35.28 -18.68
N LYS M 297 45.90 34.23 -18.25
CA LYS M 297 45.28 33.11 -17.58
C LYS M 297 44.74 33.52 -16.21
N GLY M 298 43.81 32.74 -15.71
CA GLY M 298 43.25 32.96 -14.39
C GLY M 298 41.79 33.37 -14.42
N ILE M 299 41.35 33.96 -13.32
CA ILE M 299 39.95 34.35 -13.18
C ILE M 299 39.70 35.66 -13.91
N ALA M 300 38.73 35.66 -14.80
CA ALA M 300 38.33 36.86 -15.54
C ALA M 300 37.07 37.42 -14.88
N LYS M 301 37.25 38.43 -14.03
CA LYS M 301 36.15 39.03 -13.30
C LYS M 301 35.72 40.33 -13.99
N VAL M 302 34.44 40.43 -14.33
CA VAL M 302 33.87 41.64 -14.91
C VAL M 302 33.47 42.56 -13.76
N THR M 303 34.14 43.70 -13.64
CA THR M 303 33.90 44.64 -12.57
C THR M 303 32.83 45.68 -12.89
N GLU M 304 32.33 45.69 -14.12
CA GLU M 304 31.32 46.66 -14.51
C GLU M 304 30.01 46.39 -13.78
N ASP M 305 29.11 47.38 -13.83
CA ASP M 305 27.80 47.21 -13.22
C ASP M 305 26.99 46.18 -14.01
N LYS M 306 26.18 45.41 -13.29
CA LYS M 306 25.35 44.40 -13.92
C LYS M 306 24.17 45.08 -14.61
N PRO M 307 24.04 44.97 -15.94
CA PRO M 307 23.00 45.71 -16.64
C PRO M 307 21.61 45.18 -16.32
N ASP M 308 20.61 46.00 -16.64
CA ASP M 308 19.23 45.61 -16.45
C ASP M 308 18.80 44.61 -17.53
N ASN M 309 17.56 44.13 -17.44
CA ASN M 309 17.09 43.12 -18.38
C ASN M 309 17.03 43.64 -19.80
N ASP M 310 16.89 44.96 -19.98
CA ASP M 310 16.76 45.50 -21.33
C ASP M 310 18.08 45.48 -22.09
N LYS M 311 19.21 45.57 -21.39
CA LYS M 311 20.49 45.73 -22.05
C LYS M 311 21.48 44.60 -21.80
N ARG M 312 21.20 43.70 -20.86
CA ARG M 312 22.19 42.70 -20.46
C ARG M 312 22.48 41.74 -21.61
N ILE M 313 23.76 41.36 -21.74
CA ILE M 313 24.24 40.47 -22.79
C ILE M 313 25.18 39.46 -22.17
N HIS M 314 25.10 38.21 -22.64
CA HIS M 314 26.01 37.14 -22.22
C HIS M 314 26.57 36.46 -23.47
N ALA M 315 27.79 36.83 -23.85
CA ALA M 315 28.42 36.24 -25.02
C ALA M 315 29.93 36.45 -24.92
N ILE M 316 30.68 35.54 -25.54
CA ILE M 316 32.14 35.57 -25.51
C ILE M 316 32.66 35.22 -26.90
N ARG M 317 33.49 36.08 -27.46
CA ARG M 317 34.20 35.80 -28.70
C ARG M 317 35.64 35.45 -28.39
N LEU M 318 36.10 34.29 -28.86
CA LEU M 318 37.46 33.84 -28.66
C LEU M 318 38.29 34.13 -29.90
N ILE M 319 39.50 34.66 -29.68
CA ILE M 319 40.45 34.92 -30.76
C ILE M 319 41.59 33.92 -30.60
N ASN M 320 41.61 32.92 -31.46
CA ASN M 320 42.66 31.90 -31.41
C ASN M 320 43.32 31.76 -32.78
N ASP M 321 43.53 30.52 -33.23
CA ASP M 321 44.16 30.28 -34.53
C ASP M 321 43.53 29.09 -35.24
N SER M 322 42.28 28.77 -34.93
CA SER M 322 41.64 27.58 -35.50
C SER M 322 41.40 27.77 -36.99
N THR M 323 41.59 26.70 -37.75
CA THR M 323 41.34 26.69 -39.19
C THR M 323 40.03 26.01 -39.56
N ASP M 324 39.27 25.53 -38.57
CA ASP M 324 37.99 24.90 -38.83
C ASP M 324 36.98 25.94 -39.28
N VAL M 325 36.94 26.22 -40.59
CA VAL M 325 36.08 27.26 -41.16
C VAL M 325 34.62 26.90 -40.87
N GLN M 326 34.24 26.96 -39.60
CA GLN M 326 32.91 26.58 -39.13
C GLN M 326 32.82 26.91 -37.65
N HIS M 327 33.96 26.83 -36.96
CA HIS M 327 34.03 27.16 -35.53
C HIS M 327 34.39 28.62 -35.30
N ILE M 328 35.03 29.28 -36.28
CA ILE M 328 35.26 30.72 -36.14
C ILE M 328 33.96 31.49 -36.35
N HIS M 329 33.01 30.93 -37.10
CA HIS M 329 31.75 31.61 -37.34
C HIS M 329 30.93 31.75 -36.06
N PHE M 330 31.17 30.89 -35.07
CA PHE M 330 30.50 31.03 -33.79
C PHE M 330 30.82 32.36 -33.12
N GLY M 331 31.98 32.93 -33.43
CA GLY M 331 32.39 34.22 -32.91
C GLY M 331 32.03 35.42 -33.75
N PHE M 332 31.44 35.21 -34.92
CA PHE M 332 31.04 36.33 -35.76
C PHE M 332 30.01 37.20 -35.04
N ARG M 333 30.15 38.52 -35.21
CA ARG M 333 29.42 39.47 -34.39
C ARG M 333 27.91 39.25 -34.44
N ASN M 334 27.38 38.96 -35.62
CA ASN M 334 25.94 38.90 -35.79
C ASN M 334 25.32 37.56 -35.40
N MET M 335 26.13 36.56 -35.07
CA MET M 335 25.61 35.31 -34.54
C MET M 335 26.00 35.05 -33.10
N VAL M 336 27.18 35.53 -32.66
CA VAL M 336 27.58 35.37 -31.27
C VAL M 336 26.61 36.07 -30.33
N ILE M 337 25.90 37.08 -30.83
CA ILE M 337 24.88 37.79 -30.06
C ILE M 337 23.56 37.65 -30.78
N ILE M 338 22.52 37.23 -30.05
CA ILE M 338 21.21 37.03 -30.65
C ILE M 338 20.68 38.37 -31.12
N ASP M 339 20.32 38.44 -32.40
CA ASP M 339 19.84 39.68 -32.99
C ASP M 339 18.51 40.09 -32.36
N ASN M 340 18.33 41.40 -32.18
CA ASN M 340 17.05 41.91 -31.69
C ASN M 340 15.99 41.79 -32.78
N GLU M 341 16.38 42.01 -34.04
CA GLU M 341 15.51 41.75 -35.17
C GLU M 341 15.27 40.24 -35.25
N CYS M 342 14.06 39.81 -34.89
CA CYS M 342 13.77 38.38 -34.85
C CYS M 342 14.01 37.72 -36.20
N ALA M 343 13.62 38.38 -37.29
CA ALA M 343 13.75 37.79 -38.61
C ALA M 343 15.20 37.72 -39.07
N ASN M 344 16.10 38.47 -38.45
CA ASN M 344 17.50 38.50 -38.85
C ASN M 344 18.39 37.70 -37.92
N ILE M 345 17.82 36.84 -37.07
CA ILE M 345 18.62 36.01 -36.18
C ILE M 345 19.35 34.97 -37.01
N GLN M 346 20.66 34.83 -36.76
CA GLN M 346 21.50 33.89 -37.47
C GLN M 346 21.70 32.63 -36.63
N SER M 347 21.56 31.47 -37.26
CA SER M 347 21.63 30.20 -36.53
C SER M 347 22.53 29.18 -37.20
N SER M 348 23.34 29.57 -38.18
CA SER M 348 24.22 28.64 -38.87
C SER M 348 25.40 29.39 -39.45
N ALA M 349 26.43 28.63 -39.83
CA ALA M 349 27.63 29.21 -40.42
C ALA M 349 27.39 29.75 -41.83
N GLU M 350 26.32 29.27 -42.50
CA GLU M 350 26.04 29.73 -43.85
C GLU M 350 25.69 31.21 -43.88
N ASN M 351 24.86 31.66 -42.93
CA ASN M 351 24.43 33.05 -42.87
C ASN M 351 25.14 33.82 -41.77
N ALA M 352 26.28 33.34 -41.30
CA ALA M 352 27.03 34.02 -40.25
C ALA M 352 27.79 35.19 -40.85
N THR M 353 27.54 36.38 -40.32
CA THR M 353 28.18 37.60 -40.79
C THR M 353 28.91 38.28 -39.64
N ASP M 354 29.98 38.99 -39.98
CA ASP M 354 30.86 39.64 -39.01
C ASP M 354 30.92 41.14 -39.26
N THR M 355 29.79 41.74 -39.63
CA THR M 355 29.72 43.15 -39.97
C THR M 355 29.15 43.96 -38.82
N GLY M 356 29.52 45.24 -38.78
CA GLY M 356 29.01 46.17 -37.80
C GLY M 356 29.88 46.41 -36.59
N HIS M 357 31.17 46.11 -36.66
CA HIS M 357 32.04 46.27 -35.50
C HIS M 357 32.27 47.72 -35.12
N HIS M 358 32.07 48.66 -36.06
CA HIS M 358 32.29 50.06 -35.76
C HIS M 358 31.29 50.63 -34.76
N GLN M 359 30.20 49.91 -34.48
CA GLN M 359 29.22 50.35 -33.50
C GLN M 359 29.48 49.81 -32.10
N ASP M 360 30.42 48.87 -31.95
CA ASP M 360 30.75 48.33 -30.64
C ASP M 360 31.84 49.17 -29.99
N SER M 361 32.07 48.90 -28.70
CA SER M 361 33.02 49.70 -27.93
C SER M 361 33.68 48.82 -26.88
N LYS M 362 34.99 48.99 -26.74
CA LYS M 362 35.75 48.32 -25.69
C LYS M 362 35.72 49.17 -24.42
N ILE M 363 35.57 48.52 -23.28
CA ILE M 363 35.37 49.23 -22.02
C ILE M 363 36.71 49.50 -21.32
N ASN M 364 37.66 48.57 -21.42
CA ASN M 364 38.96 48.72 -20.78
C ASN M 364 39.69 49.97 -21.26
N GLN N 1 13.13 8.82 -38.49
CA GLN N 1 13.40 7.65 -39.33
C GLN N 1 14.34 8.00 -40.48
N VAL N 2 15.63 8.10 -40.18
CA VAL N 2 16.62 8.41 -41.20
C VAL N 2 16.79 7.20 -42.10
N GLN N 3 16.62 7.40 -43.41
CA GLN N 3 16.72 6.33 -44.38
C GLN N 3 17.47 6.82 -45.61
N LEU N 4 18.32 5.96 -46.15
CA LEU N 4 19.19 6.28 -47.27
C LEU N 4 18.89 5.36 -48.44
N GLN N 5 19.12 5.86 -49.65
CA GLN N 5 18.87 5.10 -50.86
C GLN N 5 19.91 5.48 -51.91
N GLU N 6 20.72 4.50 -52.31
CA GLU N 6 21.69 4.76 -53.37
C GLU N 6 20.99 4.75 -54.72
N SER N 7 21.62 5.42 -55.68
CA SER N 7 21.08 5.50 -57.03
C SER N 7 22.21 5.84 -57.99
N GLY N 8 22.12 5.29 -59.19
CA GLY N 8 23.09 5.56 -60.22
C GLY N 8 23.04 4.50 -61.31
N PRO N 9 23.74 4.75 -62.42
CA PRO N 9 23.75 3.75 -63.49
C PRO N 9 24.49 2.50 -63.03
N GLY N 10 23.87 1.35 -63.25
CA GLY N 10 24.50 0.09 -62.88
C GLY N 10 25.61 -0.32 -63.81
N LEU N 11 25.81 0.42 -64.90
CA LEU N 11 26.81 0.12 -65.91
C LEU N 11 27.59 1.40 -66.19
N VAL N 12 28.91 1.30 -66.23
CA VAL N 12 29.78 2.44 -66.50
C VAL N 12 30.91 1.98 -67.40
N LYS N 13 31.17 2.74 -68.46
CA LYS N 13 32.22 2.37 -69.40
C LYS N 13 33.60 2.57 -68.78
N PRO N 14 34.59 1.79 -69.20
CA PRO N 14 35.94 1.97 -68.68
C PRO N 14 36.49 3.36 -68.97
N SER N 15 37.34 3.84 -68.06
CA SER N 15 38.02 5.13 -68.16
C SER N 15 37.07 6.31 -68.03
N GLU N 16 35.76 6.06 -67.99
CA GLU N 16 34.80 7.12 -67.82
C GLU N 16 34.51 7.35 -66.34
N THR N 17 33.61 8.29 -66.05
CA THR N 17 33.38 8.76 -64.70
C THR N 17 32.12 8.14 -64.11
N LEU N 18 32.27 7.52 -62.95
CA LEU N 18 31.13 7.01 -62.18
C LEU N 18 30.46 8.13 -61.41
N SER N 19 29.13 8.15 -61.43
CA SER N 19 28.34 9.16 -60.74
C SER N 19 27.23 8.46 -59.97
N LEU N 20 27.22 8.64 -58.65
CA LEU N 20 26.22 8.02 -57.79
C LEU N 20 25.55 9.08 -56.94
N THR N 21 24.35 8.77 -56.47
CA THR N 21 23.56 9.68 -55.66
C THR N 21 22.92 8.91 -54.51
N CYS N 22 22.93 9.53 -53.34
CA CYS N 22 22.34 8.96 -52.14
C CYS N 22 21.18 9.86 -51.74
N SER N 23 19.96 9.31 -51.82
CA SER N 23 18.77 10.07 -51.45
C SER N 23 18.44 9.82 -49.99
N VAL N 24 18.28 10.91 -49.23
CA VAL N 24 18.06 10.86 -47.80
C VAL N 24 16.61 11.25 -47.50
N SER N 25 15.96 10.46 -46.67
CA SER N 25 14.63 10.79 -46.16
C SER N 25 14.67 10.76 -44.64
N GLY N 26 13.75 11.49 -44.03
CA GLY N 26 13.70 11.57 -42.58
C GLY N 26 14.65 12.58 -41.97
N GLY N 27 15.30 13.40 -42.79
CA GLY N 27 16.23 14.40 -42.27
C GLY N 27 17.03 15.08 -43.36
N SER N 28 17.59 16.23 -43.05
CA SER N 28 18.39 17.01 -43.99
C SER N 28 19.84 16.54 -44.00
N ILE N 29 20.48 16.64 -45.17
CA ILE N 29 21.89 16.30 -45.26
C ILE N 29 22.75 17.27 -44.47
N SER N 30 22.23 18.46 -44.16
CA SER N 30 22.97 19.45 -43.38
C SER N 30 22.99 19.13 -41.89
N THR N 31 22.35 18.04 -41.47
CA THR N 31 22.22 17.70 -40.06
C THR N 31 23.28 16.70 -39.58
N TYR N 32 23.80 15.87 -40.47
CA TYR N 32 24.68 14.77 -40.07
C TYR N 32 25.94 14.77 -40.93
N TYR N 33 26.85 13.87 -40.58
CA TYR N 33 28.00 13.53 -41.41
C TYR N 33 27.67 12.28 -42.21
N TRP N 34 28.32 12.13 -43.36
CA TRP N 34 28.01 11.03 -44.28
C TRP N 34 29.29 10.38 -44.75
N SER N 35 29.14 9.20 -45.37
CA SER N 35 30.29 8.46 -45.87
C SER N 35 29.85 7.54 -47.00
N TRP N 36 30.79 7.24 -47.90
CA TRP N 36 30.60 6.27 -48.96
C TRP N 36 31.50 5.07 -48.72
N ILE N 37 30.94 3.87 -48.86
CA ILE N 37 31.68 2.62 -48.67
C ILE N 37 31.38 1.70 -49.84
N ARG N 38 32.40 1.05 -50.38
CA ARG N 38 32.23 0.11 -51.47
C ARG N 38 32.81 -1.25 -51.09
N GLN N 39 32.29 -2.29 -51.73
CA GLN N 39 32.70 -3.66 -51.45
C GLN N 39 32.61 -4.50 -52.71
N PRO N 40 33.76 -4.89 -53.30
CA PRO N 40 33.72 -5.79 -54.45
C PRO N 40 33.17 -7.15 -54.07
N ALA N 41 32.73 -7.89 -55.09
CA ALA N 41 32.10 -9.18 -54.87
C ALA N 41 33.06 -10.15 -54.19
N GLY N 42 32.66 -10.65 -53.02
CA GLY N 42 33.45 -11.60 -52.28
C GLY N 42 34.65 -11.04 -51.55
N LYS N 43 34.82 -9.73 -51.52
CA LYS N 43 35.93 -9.10 -50.82
C LYS N 43 35.41 -8.31 -49.62
N GLY N 44 36.29 -7.52 -49.01
CA GLY N 44 35.98 -6.75 -47.83
C GLY N 44 35.45 -5.37 -48.16
N LEU N 45 35.45 -4.52 -47.15
CA LEU N 45 34.88 -3.18 -47.24
C LEU N 45 35.99 -2.15 -47.35
N GLU N 46 35.79 -1.19 -48.25
CA GLU N 46 36.74 -0.10 -48.46
C GLU N 46 36.03 1.22 -48.25
N TRP N 47 36.50 2.00 -47.28
CA TRP N 47 35.92 3.32 -47.00
C TRP N 47 36.41 4.31 -48.06
N ILE N 48 35.47 4.97 -48.72
CA ILE N 48 35.81 5.87 -49.83
C ILE N 48 36.08 7.28 -49.34
N GLY N 49 35.19 7.83 -48.52
CA GLY N 49 35.36 9.17 -48.01
C GLY N 49 34.18 9.58 -47.17
N LEU N 50 34.36 10.67 -46.43
CA LEU N 50 33.31 11.21 -45.59
C LEU N 50 32.98 12.64 -46.03
N MET N 51 31.82 13.11 -45.58
CA MET N 51 31.38 14.48 -45.86
C MET N 51 30.72 15.03 -44.60
N TYR N 52 31.22 16.19 -44.13
CA TYR N 52 30.64 16.83 -42.96
C TYR N 52 29.39 17.59 -43.34
N ASN N 53 28.69 18.10 -42.31
CA ASN N 53 27.47 18.86 -42.54
C ASN N 53 27.72 20.18 -43.25
N SER N 54 28.94 20.70 -43.18
CA SER N 54 29.30 21.92 -43.90
C SER N 54 29.59 21.66 -45.38
N GLY N 55 29.56 20.41 -45.82
CA GLY N 55 29.89 20.05 -47.18
C GLY N 55 31.35 19.81 -47.46
N SER N 56 32.24 20.13 -46.53
CA SER N 56 33.67 19.91 -46.73
C SER N 56 33.96 18.42 -46.79
N PRO N 57 34.55 17.91 -47.87
CA PRO N 57 34.77 16.47 -47.97
C PRO N 57 36.19 16.05 -47.60
N ASN N 58 36.33 14.79 -47.16
CA ASN N 58 37.62 14.20 -46.85
C ASN N 58 37.66 12.80 -47.45
N TYR N 59 38.65 12.55 -48.30
CA TYR N 59 38.67 11.36 -49.13
C TYR N 59 39.73 10.37 -48.66
N ASN N 60 39.55 9.12 -49.06
CA ASN N 60 40.54 8.08 -48.79
C ASN N 60 41.75 8.29 -49.71
N PRO N 61 42.97 8.34 -49.16
CA PRO N 61 44.14 8.53 -50.02
C PRO N 61 44.31 7.46 -51.07
N SER N 62 43.70 6.29 -50.91
CA SER N 62 43.82 5.26 -51.94
C SER N 62 43.08 5.69 -53.20
N LEU N 63 41.88 6.24 -53.06
CA LEU N 63 41.14 6.74 -54.20
C LEU N 63 41.11 8.26 -54.18
N LYS N 64 42.26 8.91 -54.03
CA LYS N 64 42.23 10.32 -53.69
C LYS N 64 41.84 11.17 -54.89
N SER N 65 42.80 11.37 -55.81
CA SER N 65 42.58 12.18 -57.00
C SER N 65 41.30 11.83 -57.78
N ARG N 66 40.81 10.60 -57.67
CA ARG N 66 39.72 10.17 -58.54
C ARG N 66 38.32 10.42 -57.98
N VAL N 67 38.18 10.77 -56.70
CA VAL N 67 36.86 10.87 -56.08
C VAL N 67 36.45 12.33 -55.96
N THR N 68 35.14 12.56 -55.99
CA THR N 68 34.54 13.86 -55.72
C THR N 68 33.22 13.63 -55.00
N MET N 69 33.03 14.30 -53.88
CA MET N 69 31.79 14.21 -53.11
C MET N 69 31.22 15.61 -52.90
N SER N 70 29.93 15.76 -53.16
CA SER N 70 29.26 17.04 -52.99
C SER N 70 27.83 16.79 -52.55
N GLY N 71 27.23 17.81 -51.93
CA GLY N 71 25.88 17.72 -51.42
C GLY N 71 24.95 18.70 -52.13
N ASP N 72 23.68 18.29 -52.26
CA ASP N 72 22.65 19.11 -52.87
C ASP N 72 21.54 19.28 -51.83
N THR N 73 21.50 20.46 -51.19
CA THR N 73 20.48 20.69 -50.18
C THR N 73 19.09 20.84 -50.78
N SER N 74 19.01 21.36 -52.01
CA SER N 74 17.71 21.55 -52.65
C SER N 74 17.03 20.22 -52.95
N LYS N 75 17.81 19.19 -53.25
CA LYS N 75 17.27 17.86 -53.54
C LYS N 75 17.44 16.90 -52.36
N ASN N 76 18.07 17.33 -51.28
CA ASN N 76 18.37 16.49 -50.12
C ASN N 76 19.10 15.21 -50.54
N GLN N 77 20.12 15.39 -51.37
CA GLN N 77 20.96 14.30 -51.83
C GLN N 77 22.42 14.71 -51.72
N PHE N 78 23.30 13.71 -51.74
CA PHE N 78 24.73 13.96 -51.90
C PHE N 78 25.29 12.92 -52.87
N SER N 79 26.32 13.33 -53.59
CA SER N 79 26.80 12.57 -54.74
C SER N 79 28.22 12.05 -54.50
N LEU N 80 28.58 11.05 -55.29
CA LEU N 80 29.92 10.48 -55.32
C LEU N 80 30.33 10.32 -56.78
N LYS N 81 31.48 10.88 -57.15
CA LYS N 81 31.98 10.80 -58.52
C LYS N 81 33.35 10.14 -58.53
N LEU N 82 33.49 9.11 -59.36
CA LEU N 82 34.72 8.33 -59.49
C LEU N 82 35.12 8.31 -60.95
N SER N 83 36.27 8.91 -61.26
CA SER N 83 36.73 9.08 -62.64
C SER N 83 37.76 8.02 -63.00
N SER N 84 37.89 7.80 -64.31
CA SER N 84 38.88 6.88 -64.87
C SER N 84 38.74 5.48 -64.29
N VAL N 85 37.52 4.94 -64.35
CA VAL N 85 37.23 3.66 -63.71
C VAL N 85 37.87 2.52 -64.48
N THR N 86 38.25 1.47 -63.74
CA THR N 86 38.72 0.22 -64.32
C THR N 86 37.93 -0.94 -63.71
N ALA N 87 38.34 -2.17 -64.01
CA ALA N 87 37.65 -3.32 -63.44
C ALA N 87 37.75 -3.36 -61.93
N ALA N 88 38.80 -2.76 -61.36
CA ALA N 88 38.96 -2.73 -59.91
C ALA N 88 37.90 -1.90 -59.21
N ASP N 89 37.11 -1.12 -59.95
CA ASP N 89 36.06 -0.29 -59.36
C ASP N 89 34.69 -0.96 -59.43
N THR N 90 34.59 -2.13 -60.05
CA THR N 90 33.34 -2.89 -60.05
C THR N 90 33.07 -3.39 -58.64
N ALA N 91 32.01 -2.88 -58.01
CA ALA N 91 31.70 -3.22 -56.63
C ALA N 91 30.28 -2.77 -56.32
N VAL N 92 29.81 -3.14 -55.13
CA VAL N 92 28.57 -2.61 -54.58
C VAL N 92 28.93 -1.39 -53.74
N TYR N 93 28.32 -0.26 -54.04
CA TYR N 93 28.62 1.00 -53.36
C TYR N 93 27.53 1.33 -52.38
N TYR N 94 27.91 1.65 -51.14
CA TYR N 94 26.98 2.01 -50.09
C TYR N 94 27.21 3.46 -49.66
N CYS N 95 26.12 4.15 -49.34
CA CYS N 95 26.19 5.39 -48.59
C CYS N 95 25.64 5.14 -47.19
N ALA N 96 26.21 5.84 -46.21
CA ALA N 96 25.85 5.62 -44.83
C ALA N 96 25.84 6.94 -44.08
N ARG N 97 25.04 6.99 -43.02
CA ARG N 97 25.05 8.12 -42.10
C ARG N 97 26.16 7.91 -41.08
N LEU N 98 26.97 8.95 -40.87
CA LEU N 98 28.13 8.87 -39.98
C LEU N 98 27.78 9.61 -38.68
N ARG N 99 27.22 8.87 -37.72
CA ARG N 99 26.91 9.45 -36.42
C ARG N 99 28.21 9.78 -35.69
N TYR N 100 28.24 10.96 -35.06
CA TYR N 100 29.45 11.43 -34.41
C TYR N 100 29.23 11.60 -32.91
N ASP N 101 30.35 11.68 -32.18
CA ASP N 101 30.34 11.85 -30.73
C ASP N 101 31.57 12.65 -30.35
N PHE N 102 31.36 13.80 -29.69
CA PHE N 102 32.44 14.67 -29.27
C PHE N 102 32.44 14.92 -27.76
N TRP N 103 31.85 14.00 -26.98
CA TRP N 103 31.74 14.14 -25.53
C TRP N 103 32.59 13.10 -24.79
N SER N 104 33.66 12.62 -25.43
CA SER N 104 34.57 11.68 -24.80
C SER N 104 35.98 11.91 -25.33
N GLY N 105 36.39 13.18 -25.40
CA GLY N 105 37.68 13.53 -25.93
C GLY N 105 37.56 14.43 -27.15
N SER N 106 38.60 15.23 -27.42
CA SER N 106 38.55 16.10 -28.59
C SER N 106 38.59 15.31 -29.89
N LYS N 107 39.26 14.16 -29.90
CA LYS N 107 39.22 13.28 -31.05
C LYS N 107 37.80 12.74 -31.22
N GLY N 108 37.15 13.14 -32.31
CA GLY N 108 35.77 12.73 -32.52
C GLY N 108 35.65 11.24 -32.75
N ARG N 109 34.52 10.70 -32.31
CA ARG N 109 34.17 9.31 -32.51
C ARG N 109 33.08 9.22 -33.57
N TYR N 110 33.30 8.37 -34.58
CA TYR N 110 32.44 8.32 -35.76
C TYR N 110 31.98 6.90 -36.00
N TYR N 111 30.69 6.72 -36.24
CA TYR N 111 30.09 5.41 -36.46
C TYR N 111 29.14 5.47 -37.65
N MET N 112 29.21 4.45 -38.51
CA MET N 112 28.30 4.30 -39.63
C MET N 112 27.17 3.38 -39.19
N ASP N 113 26.07 3.98 -38.72
CA ASP N 113 24.99 3.20 -38.13
C ASP N 113 23.78 3.04 -39.05
N VAL N 114 23.58 3.94 -40.00
CA VAL N 114 22.45 3.86 -40.93
C VAL N 114 23.01 3.70 -42.33
N TRP N 115 22.78 2.53 -42.94
CA TRP N 115 23.30 2.20 -44.25
C TRP N 115 22.16 2.11 -45.25
N GLY N 116 22.46 2.41 -46.50
CA GLY N 116 21.53 2.15 -47.59
C GLY N 116 21.59 0.71 -48.05
N LYS N 117 20.69 0.37 -48.97
CA LYS N 117 20.67 -0.98 -49.52
C LYS N 117 21.87 -1.25 -50.42
N GLY N 118 22.50 -0.20 -50.94
CA GLY N 118 23.64 -0.41 -51.82
C GLY N 118 23.21 -0.55 -53.26
N THR N 119 24.08 -0.07 -54.15
CA THR N 119 23.84 -0.18 -55.58
C THR N 119 25.04 -0.86 -56.22
N THR N 120 24.77 -1.69 -57.23
CA THR N 120 25.80 -2.47 -57.90
C THR N 120 26.23 -1.71 -59.15
N VAL N 121 27.55 -1.53 -59.29
CA VAL N 121 28.13 -0.84 -60.43
C VAL N 121 29.12 -1.78 -61.10
N THR N 122 28.95 -1.98 -62.40
CA THR N 122 29.81 -2.84 -63.19
C THR N 122 30.51 -1.99 -64.24
N VAL N 123 31.82 -2.16 -64.36
CA VAL N 123 32.60 -1.45 -65.37
C VAL N 123 32.66 -2.35 -66.59
N SER N 124 31.95 -1.96 -67.66
CA SER N 124 31.85 -2.79 -68.84
C SER N 124 31.47 -1.91 -70.03
N SER N 125 31.88 -2.37 -71.22
CA SER N 125 31.49 -1.71 -72.47
C SER N 125 30.19 -2.24 -73.05
N ALA N 126 29.66 -3.34 -72.51
CA ALA N 126 28.42 -3.92 -73.02
C ALA N 126 27.23 -3.03 -72.67
N SER N 127 26.09 -3.35 -73.28
CA SER N 127 24.84 -2.64 -73.05
C SER N 127 23.95 -3.44 -72.11
N THR N 128 23.05 -2.72 -71.44
CA THR N 128 22.10 -3.38 -70.54
C THR N 128 21.07 -4.17 -71.33
N LYS N 129 20.69 -5.33 -70.80
CA LYS N 129 19.68 -6.17 -71.43
C LYS N 129 18.76 -6.73 -70.35
N GLY N 130 17.45 -6.63 -70.58
CA GLY N 130 16.46 -7.15 -69.67
C GLY N 130 16.36 -8.66 -69.68
N PRO N 131 15.92 -9.24 -68.58
CA PRO N 131 15.86 -10.70 -68.47
C PRO N 131 14.60 -11.29 -69.06
N SER N 132 14.69 -12.59 -69.37
CA SER N 132 13.56 -13.41 -69.75
C SER N 132 13.26 -14.39 -68.62
N VAL N 133 12.01 -14.41 -68.16
CA VAL N 133 11.60 -15.23 -67.03
C VAL N 133 10.86 -16.46 -67.54
N PHE N 134 11.28 -17.64 -67.08
CA PHE N 134 10.64 -18.90 -67.43
C PHE N 134 10.26 -19.67 -66.18
N PRO N 135 9.12 -20.36 -66.21
CA PRO N 135 8.67 -21.09 -65.01
C PRO N 135 9.28 -22.48 -64.90
N LEU N 136 9.53 -22.87 -63.65
CA LEU N 136 9.94 -24.22 -63.28
C LEU N 136 8.73 -24.90 -62.66
N ALA N 137 7.95 -25.59 -63.49
CA ALA N 137 6.67 -26.13 -63.03
C ALA N 137 6.90 -27.28 -62.05
N PRO N 138 6.09 -27.37 -61.00
CA PRO N 138 6.24 -28.47 -60.05
C PRO N 138 5.67 -29.77 -60.61
N SER N 139 6.03 -30.86 -59.94
CA SER N 139 5.57 -32.19 -60.33
C SER N 139 4.76 -32.84 -59.20
N GLY N 146 4.06 -35.21 -50.82
CA GLY N 146 4.07 -34.47 -49.57
C GLY N 146 4.58 -33.04 -49.74
N THR N 147 5.80 -32.92 -50.26
CA THR N 147 6.44 -31.63 -50.48
C THR N 147 6.80 -31.48 -51.95
N ALA N 148 6.43 -30.35 -52.54
CA ALA N 148 6.73 -30.05 -53.93
C ALA N 148 7.71 -28.89 -54.02
N ALA N 149 8.40 -28.81 -55.16
CA ALA N 149 9.36 -27.76 -55.44
C ALA N 149 8.99 -27.06 -56.73
N LEU N 150 9.08 -25.73 -56.72
CA LEU N 150 8.78 -24.92 -57.89
C LEU N 150 9.64 -23.67 -57.87
N GLY N 151 9.77 -23.03 -59.02
CA GLY N 151 10.58 -21.83 -59.08
C GLY N 151 10.49 -21.15 -60.43
N CYS N 152 11.37 -20.15 -60.61
CA CYS N 152 11.46 -19.36 -61.82
C CYS N 152 12.90 -19.32 -62.32
N LEU N 153 13.06 -19.23 -63.64
CA LEU N 153 14.37 -19.17 -64.29
C LEU N 153 14.53 -17.81 -64.94
N VAL N 154 15.40 -16.98 -64.37
CA VAL N 154 15.67 -15.64 -64.88
C VAL N 154 16.92 -15.74 -65.75
N LYS N 155 16.74 -15.74 -67.07
CA LYS N 155 17.81 -16.03 -68.00
C LYS N 155 18.10 -14.83 -68.90
N ASP N 156 19.37 -14.67 -69.24
CA ASP N 156 19.84 -13.70 -70.23
C ASP N 156 19.56 -12.25 -69.84
N TYR N 157 20.38 -11.71 -68.93
CA TYR N 157 20.30 -10.30 -68.56
C TYR N 157 21.69 -9.77 -68.28
N PHE N 158 21.81 -8.44 -68.28
CA PHE N 158 23.08 -7.78 -68.02
C PHE N 158 22.80 -6.32 -67.71
N PRO N 159 23.45 -5.74 -66.70
CA PRO N 159 24.39 -6.36 -65.76
C PRO N 159 23.70 -6.82 -64.47
N GLU N 160 24.49 -7.05 -63.43
CA GLU N 160 23.94 -7.37 -62.13
C GLU N 160 23.27 -6.13 -61.53
N PRO N 161 22.35 -6.31 -60.59
CA PRO N 161 21.80 -7.56 -60.07
C PRO N 161 20.36 -7.79 -60.50
N VAL N 162 19.73 -8.86 -60.00
CA VAL N 162 18.32 -9.12 -60.19
C VAL N 162 17.72 -9.53 -58.85
N THR N 163 16.62 -8.88 -58.48
CA THR N 163 15.94 -9.16 -57.22
C THR N 163 14.70 -9.99 -57.51
N VAL N 164 14.54 -11.08 -56.78
CA VAL N 164 13.40 -12.00 -56.95
C VAL N 164 12.68 -12.14 -55.62
N SER N 165 11.38 -11.91 -55.64
CA SER N 165 10.51 -12.15 -54.49
C SER N 165 9.37 -13.05 -54.95
N TRP N 166 8.66 -13.62 -53.97
CA TRP N 166 7.56 -14.54 -54.25
C TRP N 166 6.28 -14.00 -53.62
N ASN N 167 5.22 -13.92 -54.42
CA ASN N 167 3.91 -13.46 -53.97
C ASN N 167 3.99 -12.07 -53.34
N SER N 168 4.79 -11.20 -53.95
CA SER N 168 4.96 -9.81 -53.50
C SER N 168 5.42 -9.76 -52.04
N GLY N 169 6.27 -10.71 -51.66
CA GLY N 169 6.79 -10.77 -50.31
C GLY N 169 5.98 -11.62 -49.35
N ALA N 170 4.84 -12.17 -49.78
CA ALA N 170 4.04 -12.99 -48.89
C ALA N 170 4.70 -14.33 -48.63
N LEU N 171 5.27 -14.95 -49.66
CA LEU N 171 5.92 -16.25 -49.53
C LEU N 171 7.41 -16.02 -49.29
N THR N 172 7.87 -16.33 -48.09
CA THR N 172 9.26 -16.12 -47.68
C THR N 172 9.94 -17.39 -47.21
N SER N 173 9.28 -18.21 -46.40
CA SER N 173 9.91 -19.40 -45.86
C SER N 173 10.10 -20.46 -46.94
N GLY N 174 11.28 -21.06 -46.97
CA GLY N 174 11.59 -22.09 -47.94
C GLY N 174 12.05 -21.60 -49.29
N VAL N 175 12.33 -20.31 -49.44
CA VAL N 175 12.74 -19.74 -50.72
C VAL N 175 14.26 -19.74 -50.82
N HIS N 176 14.78 -20.17 -51.96
CA HIS N 176 16.21 -20.16 -52.24
C HIS N 176 16.43 -19.50 -53.60
N THR N 177 16.97 -18.27 -53.58
CA THR N 177 17.35 -17.57 -54.81
C THR N 177 18.86 -17.73 -55.00
N PHE N 178 19.24 -18.49 -56.01
CA PHE N 178 20.64 -18.82 -56.22
C PHE N 178 21.41 -17.62 -56.79
N PRO N 179 22.71 -17.53 -56.49
CA PRO N 179 23.54 -16.51 -57.14
C PRO N 179 23.61 -16.74 -58.65
N ALA N 180 23.70 -15.65 -59.39
CA ALA N 180 23.70 -15.71 -60.85
C ALA N 180 24.96 -16.38 -61.39
N VAL N 181 24.83 -16.96 -62.58
CA VAL N 181 25.96 -17.55 -63.30
C VAL N 181 26.20 -16.72 -64.56
N LEU N 182 27.46 -16.67 -64.98
CA LEU N 182 27.84 -15.95 -66.18
C LEU N 182 27.91 -16.94 -67.34
N GLN N 183 26.99 -16.80 -68.29
CA GLN N 183 26.93 -17.67 -69.44
C GLN N 183 27.95 -17.25 -70.49
N SER N 184 28.16 -18.13 -71.48
CA SER N 184 29.12 -17.85 -72.55
C SER N 184 28.72 -16.67 -73.41
N SER N 185 27.48 -16.19 -73.31
CA SER N 185 27.02 -15.03 -74.06
C SER N 185 27.35 -13.71 -73.37
N GLY N 186 27.92 -13.75 -72.17
CA GLY N 186 28.12 -12.55 -71.39
C GLY N 186 26.89 -12.07 -70.65
N LEU N 187 25.83 -12.86 -70.63
CA LEU N 187 24.58 -12.51 -69.97
C LEU N 187 24.41 -13.38 -68.73
N TYR N 188 23.99 -12.75 -67.64
CA TYR N 188 23.79 -13.48 -66.39
C TYR N 188 22.49 -14.28 -66.44
N SER N 189 22.37 -15.21 -65.49
CA SER N 189 21.21 -16.08 -65.39
C SER N 189 21.16 -16.64 -63.99
N LEU N 190 19.96 -16.65 -63.41
CA LEU N 190 19.77 -17.19 -62.06
C LEU N 190 18.43 -17.90 -62.00
N SER N 191 18.24 -18.65 -60.92
CA SER N 191 16.99 -19.35 -60.66
C SER N 191 16.64 -19.18 -59.19
N SER N 192 15.34 -18.99 -58.93
CA SER N 192 14.82 -18.87 -57.57
C SER N 192 13.76 -19.93 -57.39
N VAL N 193 13.93 -20.78 -56.38
CA VAL N 193 13.04 -21.91 -56.13
C VAL N 193 12.44 -21.77 -54.73
N VAL N 194 11.39 -22.54 -54.48
CA VAL N 194 10.73 -22.56 -53.18
C VAL N 194 10.02 -23.90 -53.03
N THR N 195 10.11 -24.47 -51.82
CA THR N 195 9.47 -25.74 -51.51
C THR N 195 8.19 -25.50 -50.72
N VAL N 196 7.09 -26.08 -51.18
CA VAL N 196 5.79 -25.94 -50.54
C VAL N 196 5.18 -27.33 -50.40
N PRO N 197 4.22 -27.49 -49.49
CA PRO N 197 3.49 -28.76 -49.42
C PRO N 197 2.75 -29.04 -50.72
N SER N 198 2.69 -30.32 -51.09
CA SER N 198 2.08 -30.70 -52.36
C SER N 198 0.58 -30.45 -52.38
N SER N 199 -0.07 -30.45 -51.21
CA SER N 199 -1.51 -30.26 -51.15
C SER N 199 -1.94 -28.82 -51.44
N SER N 200 -1.00 -27.89 -51.56
CA SER N 200 -1.32 -26.50 -51.81
C SER N 200 -1.10 -26.08 -53.26
N LEU N 201 -0.75 -27.03 -54.13
CA LEU N 201 -0.48 -26.70 -55.53
C LEU N 201 -1.74 -26.31 -56.28
N GLY N 202 -2.90 -26.76 -55.83
CA GLY N 202 -4.15 -26.43 -56.49
C GLY N 202 -4.96 -25.40 -55.72
N THR N 203 -4.56 -25.13 -54.49
CA THR N 203 -5.24 -24.18 -53.62
C THR N 203 -4.56 -22.82 -53.57
N GLN N 204 -3.22 -22.79 -53.54
CA GLN N 204 -2.46 -21.56 -53.43
C GLN N 204 -1.87 -21.19 -54.80
N THR N 205 -1.85 -19.89 -55.08
CA THR N 205 -1.27 -19.36 -56.30
C THR N 205 0.14 -18.84 -56.00
N TYR N 206 1.09 -19.20 -56.88
CA TYR N 206 2.50 -18.84 -56.68
C TYR N 206 2.98 -18.01 -57.87
N ILE N 207 3.46 -16.81 -57.58
CA ILE N 207 3.98 -15.89 -58.60
C ILE N 207 5.34 -15.38 -58.12
N CYS N 208 6.33 -15.43 -59.00
CA CYS N 208 7.65 -14.88 -58.73
C CYS N 208 7.74 -13.47 -59.31
N ASN N 209 8.39 -12.58 -58.57
CA ASN N 209 8.46 -11.17 -58.92
C ASN N 209 9.91 -10.83 -59.26
N VAL N 210 10.24 -10.89 -60.54
CA VAL N 210 11.58 -10.60 -61.03
C VAL N 210 11.71 -9.12 -61.30
N ASN N 211 12.84 -8.54 -60.89
CA ASN N 211 13.09 -7.10 -61.05
C ASN N 211 14.54 -6.89 -61.44
N HIS N 212 14.76 -6.13 -62.51
CA HIS N 212 16.10 -5.83 -63.01
C HIS N 212 16.18 -4.31 -63.16
N LYS N 213 16.77 -3.65 -62.17
CA LYS N 213 16.86 -2.19 -62.17
C LYS N 213 17.60 -1.63 -63.37
N PRO N 214 18.77 -2.15 -63.77
CA PRO N 214 19.51 -1.49 -64.87
C PRO N 214 18.74 -1.36 -66.16
N SER N 215 17.68 -2.16 -66.37
CA SER N 215 16.86 -2.06 -67.57
C SER N 215 15.43 -1.67 -67.28
N ASN N 216 15.08 -1.38 -66.02
CA ASN N 216 13.72 -1.06 -65.61
C ASN N 216 12.74 -2.13 -66.10
N THR N 217 13.05 -3.38 -65.76
CA THR N 217 12.26 -4.53 -66.18
C THR N 217 11.67 -5.20 -64.94
N LYS N 218 10.35 -5.17 -64.83
CA LYS N 218 9.62 -5.86 -63.77
C LYS N 218 8.69 -6.87 -64.42
N VAL N 219 8.90 -8.15 -64.12
CA VAL N 219 8.15 -9.24 -64.71
C VAL N 219 7.55 -10.08 -63.60
N ASP N 220 6.25 -10.37 -63.70
CA ASP N 220 5.55 -11.27 -62.80
C ASP N 220 5.17 -12.51 -63.59
N LYS N 221 5.75 -13.66 -63.23
CA LYS N 221 5.52 -14.90 -63.93
C LYS N 221 4.77 -15.85 -62.99
N LYS N 222 3.67 -16.42 -63.48
CA LYS N 222 2.86 -17.32 -62.69
C LYS N 222 3.30 -18.76 -62.97
N VAL N 223 3.71 -19.48 -61.93
CA VAL N 223 4.07 -20.88 -62.05
C VAL N 223 2.86 -21.73 -61.69
N GLU N 224 2.51 -22.66 -62.58
CA GLU N 224 1.35 -23.52 -62.39
C GLU N 224 1.64 -24.88 -63.00
N PRO N 225 1.09 -25.96 -62.43
CA PRO N 225 1.29 -27.33 -62.94
C PRO N 225 0.87 -27.49 -64.40
N ASP O 1 48.48 4.48 -43.71
CA ASP O 1 47.34 4.43 -42.80
C ASP O 1 47.41 3.21 -41.89
N ILE O 2 46.45 3.11 -40.97
CA ILE O 2 46.42 2.02 -39.99
C ILE O 2 45.77 0.79 -40.63
N GLN O 3 46.48 -0.34 -40.59
CA GLN O 3 45.99 -1.59 -41.15
C GLN O 3 45.46 -2.48 -40.03
N MET O 4 44.31 -3.09 -40.28
CA MET O 4 43.62 -3.91 -39.29
C MET O 4 43.66 -5.37 -39.74
N THR O 5 43.92 -6.27 -38.79
CA THR O 5 43.92 -7.70 -39.05
C THR O 5 42.92 -8.38 -38.14
N GLN O 6 42.35 -9.49 -38.64
CA GLN O 6 41.35 -10.26 -37.90
C GLN O 6 41.69 -11.74 -37.98
N SER O 7 41.50 -12.44 -36.87
CA SER O 7 41.73 -13.88 -36.80
C SER O 7 40.58 -14.53 -36.05
N PRO O 8 40.08 -15.67 -36.51
CA PRO O 8 40.50 -16.39 -37.73
C PRO O 8 39.85 -15.79 -38.98
N SER O 9 40.27 -16.21 -40.17
CA SER O 9 39.58 -15.75 -41.38
C SER O 9 38.18 -16.33 -41.45
N SER O 10 37.97 -17.51 -40.88
CA SER O 10 36.66 -18.14 -40.82
C SER O 10 36.67 -19.17 -39.70
N LEU O 11 35.47 -19.58 -39.27
CA LEU O 11 35.34 -20.59 -38.24
C LEU O 11 33.95 -21.19 -38.31
N SER O 12 33.84 -22.43 -37.82
CA SER O 12 32.57 -23.13 -37.75
C SER O 12 32.33 -23.56 -36.30
N ALA O 13 31.14 -23.26 -35.79
CA ALA O 13 30.77 -23.60 -34.43
C ALA O 13 29.32 -24.05 -34.41
N SER O 14 28.98 -24.88 -33.42
CA SER O 14 27.62 -25.36 -33.28
C SER O 14 26.77 -24.33 -32.55
N VAL O 15 25.45 -24.48 -32.69
CA VAL O 15 24.52 -23.57 -32.01
C VAL O 15 24.70 -23.72 -30.51
N GLY O 16 24.92 -22.60 -29.84
CA GLY O 16 25.15 -22.57 -28.41
C GLY O 16 26.59 -22.38 -28.00
N ASP O 17 27.54 -22.61 -28.91
CA ASP O 17 28.94 -22.44 -28.59
C ASP O 17 29.27 -20.97 -28.37
N ARG O 18 30.35 -20.74 -27.62
CA ARG O 18 30.88 -19.40 -27.41
C ARG O 18 31.94 -19.12 -28.47
N VAL O 19 31.70 -18.11 -29.30
CA VAL O 19 32.60 -17.73 -30.37
C VAL O 19 33.28 -16.43 -29.99
N THR O 20 34.57 -16.33 -30.29
CA THR O 20 35.33 -15.13 -30.01
C THR O 20 36.21 -14.79 -31.21
N ILE O 21 36.14 -13.55 -31.66
CA ILE O 21 36.94 -13.06 -32.79
C ILE O 21 37.92 -12.02 -32.27
N THR O 22 39.10 -12.00 -32.88
CA THR O 22 40.16 -11.08 -32.53
C THR O 22 40.37 -10.09 -33.65
N CYS O 23 40.68 -8.85 -33.27
CA CYS O 23 40.98 -7.78 -34.22
C CYS O 23 42.19 -7.02 -33.69
N GLN O 24 43.20 -6.87 -34.52
CA GLN O 24 44.44 -6.20 -34.12
C GLN O 24 44.67 -4.99 -35.01
N ALA O 25 45.13 -3.91 -34.40
CA ALA O 25 45.46 -2.67 -35.10
C ALA O 25 46.97 -2.53 -35.17
N SER O 26 47.47 -1.98 -36.28
CA SER O 26 48.90 -1.82 -36.45
C SER O 26 49.50 -0.82 -35.48
N GLN O 27 48.68 0.00 -34.84
CA GLN O 27 49.16 0.95 -33.85
C GLN O 27 48.06 1.23 -32.84
N ASP O 28 48.41 1.97 -31.80
CA ASP O 28 47.46 2.30 -30.74
C ASP O 28 46.31 3.14 -31.28
N ILE O 29 45.08 2.65 -31.09
CA ILE O 29 43.88 3.36 -31.50
C ILE O 29 42.93 3.58 -30.33
N SER O 30 43.41 3.40 -29.10
CA SER O 30 42.60 3.55 -27.88
C SER O 30 41.41 2.59 -28.00
N ASN O 31 40.17 3.06 -27.85
CA ASN O 31 38.98 2.23 -28.05
C ASN O 31 38.16 2.72 -29.23
N TYR O 32 38.80 3.40 -30.18
CA TYR O 32 38.12 3.94 -31.35
C TYR O 32 37.93 2.84 -32.38
N LEU O 33 37.07 1.88 -32.02
CA LEU O 33 36.84 0.70 -32.84
C LEU O 33 35.35 0.39 -32.92
N ASN O 34 34.91 -0.03 -34.11
CA ASN O 34 33.54 -0.46 -34.35
C ASN O 34 33.55 -1.93 -34.77
N TRP O 35 32.43 -2.61 -34.49
CA TRP O 35 32.22 -3.99 -34.91
C TRP O 35 30.97 -4.05 -35.77
N TYR O 36 31.10 -4.58 -36.99
CA TYR O 36 30.00 -4.71 -37.92
C TYR O 36 29.67 -6.18 -38.17
N GLN O 37 28.40 -6.45 -38.43
CA GLN O 37 27.92 -7.77 -38.81
C GLN O 37 27.24 -7.66 -40.16
N GLN O 38 27.78 -8.35 -41.17
CA GLN O 38 27.24 -8.32 -42.52
C GLN O 38 26.71 -9.70 -42.88
N LYS O 39 25.39 -9.87 -42.77
CA LYS O 39 24.76 -11.10 -43.19
C LYS O 39 24.74 -11.20 -44.71
N PRO O 40 24.66 -12.41 -45.25
CA PRO O 40 24.72 -12.57 -46.72
C PRO O 40 23.61 -11.78 -47.42
N GLY O 41 24.01 -11.01 -48.43
CA GLY O 41 23.08 -10.25 -49.22
C GLY O 41 22.61 -8.94 -48.62
N GLN O 42 23.18 -8.51 -47.50
CA GLN O 42 22.78 -7.29 -46.83
C GLN O 42 23.97 -6.36 -46.65
N ALA O 43 23.67 -5.11 -46.30
CA ALA O 43 24.69 -4.14 -45.95
C ALA O 43 25.24 -4.45 -44.56
N PRO O 44 26.43 -3.95 -44.24
CA PRO O 44 26.97 -4.13 -42.88
C PRO O 44 26.05 -3.49 -41.84
N LYS O 45 25.86 -4.20 -40.73
CA LYS O 45 25.06 -3.73 -39.61
C LYS O 45 25.99 -3.43 -38.45
N LEU O 46 25.95 -2.20 -37.95
CA LEU O 46 26.79 -1.82 -36.82
C LEU O 46 26.21 -2.42 -35.54
N LEU O 47 27.02 -3.22 -34.84
CA LEU O 47 26.63 -3.84 -33.60
C LEU O 47 27.26 -3.20 -32.38
N ILE O 48 28.56 -2.91 -32.41
CA ILE O 48 29.29 -2.39 -31.27
C ILE O 48 30.10 -1.19 -31.71
N HIS O 49 30.01 -0.10 -30.94
CA HIS O 49 30.82 1.09 -31.15
C HIS O 49 31.69 1.31 -29.92
N ASP O 50 32.80 2.02 -30.13
CA ASP O 50 33.77 2.31 -29.07
C ASP O 50 34.23 1.02 -28.37
N ALA O 51 34.45 -0.01 -29.18
CA ALA O 51 35.06 -1.28 -28.77
C ALA O 51 34.16 -2.14 -27.89
N SER O 52 33.31 -1.52 -27.06
CA SER O 52 32.57 -2.28 -26.07
C SER O 52 31.13 -1.85 -25.86
N ASN O 53 30.66 -0.80 -26.52
CA ASN O 53 29.31 -0.28 -26.31
C ASN O 53 28.38 -0.81 -27.41
N LEU O 54 27.36 -1.55 -26.99
CA LEU O 54 26.40 -2.12 -27.93
C LEU O 54 25.47 -1.04 -28.49
N GLU O 55 25.09 -1.20 -29.75
CA GLU O 55 24.06 -0.36 -30.33
C GLU O 55 22.70 -0.73 -29.74
N THR O 56 21.76 0.20 -29.85
CA THR O 56 20.42 -0.03 -29.32
C THR O 56 19.73 -1.16 -30.07
N GLY O 57 19.22 -2.14 -29.32
CA GLY O 57 18.50 -3.26 -29.88
C GLY O 57 19.34 -4.47 -30.18
N VAL O 58 20.66 -4.38 -30.10
CA VAL O 58 21.52 -5.55 -30.35
C VAL O 58 21.33 -6.56 -29.24
N PRO O 59 21.16 -7.84 -29.55
CA PRO O 59 21.01 -8.86 -28.50
C PRO O 59 22.18 -8.85 -27.53
N SER O 60 21.89 -9.18 -26.27
CA SER O 60 22.91 -9.13 -25.23
C SER O 60 23.98 -10.20 -25.38
N ARG O 61 23.77 -11.21 -26.23
CA ARG O 61 24.79 -12.24 -26.42
C ARG O 61 26.02 -11.70 -27.15
N PHE O 62 25.92 -10.54 -27.79
CA PHE O 62 27.05 -9.91 -28.43
C PHE O 62 27.77 -9.01 -27.44
N SER O 63 29.09 -9.09 -27.43
CA SER O 63 29.91 -8.27 -26.55
C SER O 63 31.26 -8.03 -27.19
N GLY O 64 31.89 -6.94 -26.77
CA GLY O 64 33.22 -6.61 -27.27
C GLY O 64 34.03 -5.94 -26.17
N SER O 65 35.34 -6.05 -26.29
CA SER O 65 36.25 -5.45 -25.33
C SER O 65 37.60 -5.21 -26.00
N GLY O 66 38.49 -4.55 -25.26
CA GLY O 66 39.81 -4.27 -25.78
C GLY O 66 40.12 -2.79 -25.87
N SER O 67 41.41 -2.46 -25.76
CA SER O 67 41.85 -1.07 -25.86
C SER O 67 43.33 -1.06 -26.18
N GLY O 68 43.73 -0.24 -27.16
CA GLY O 68 45.11 -0.19 -27.57
C GLY O 68 45.32 -0.73 -28.97
N THR O 69 45.72 -2.00 -29.07
CA THR O 69 45.94 -2.64 -30.34
C THR O 69 45.15 -3.93 -30.54
N ASP O 70 44.86 -4.67 -29.47
CA ASP O 70 44.16 -5.94 -29.56
C ASP O 70 42.72 -5.78 -29.07
N PHE O 71 41.77 -6.32 -29.83
CA PHE O 71 40.36 -6.19 -29.52
C PHE O 71 39.68 -7.53 -29.73
N THR O 72 38.59 -7.75 -29.00
CA THR O 72 37.91 -9.04 -28.99
C THR O 72 36.40 -8.86 -29.13
N PHE O 73 35.80 -9.68 -29.97
CA PHE O 73 34.36 -9.71 -30.18
C PHE O 73 33.86 -11.12 -29.89
N THR O 74 32.89 -11.23 -28.99
CA THR O 74 32.45 -12.52 -28.47
C THR O 74 30.94 -12.68 -28.63
N VAL O 75 30.52 -13.84 -29.14
CA VAL O 75 29.12 -14.24 -29.16
C VAL O 75 28.96 -15.33 -28.09
N SER O 76 28.22 -15.02 -27.03
CA SER O 76 28.17 -15.91 -25.88
C SER O 76 27.46 -17.23 -26.21
N SER O 77 26.36 -17.15 -26.95
CA SER O 77 25.60 -18.35 -27.34
C SER O 77 25.22 -18.17 -28.81
N LEU O 78 26.06 -18.71 -29.69
CA LEU O 78 25.87 -18.52 -31.13
C LEU O 78 24.55 -19.11 -31.60
N GLN O 79 23.82 -18.35 -32.41
CA GLN O 79 22.54 -18.77 -32.96
C GLN O 79 22.68 -18.98 -34.46
N ALA O 80 21.75 -19.75 -35.03
CA ALA O 80 21.82 -20.08 -36.45
C ALA O 80 21.67 -18.83 -37.31
N GLU O 81 20.91 -17.84 -36.83
CA GLU O 81 20.72 -16.59 -37.56
C GLU O 81 21.96 -15.69 -37.54
N ASP O 82 22.94 -15.99 -36.69
CA ASP O 82 24.12 -15.14 -36.56
C ASP O 82 25.18 -15.38 -37.64
N ILE O 83 24.92 -16.26 -38.61
CA ILE O 83 25.87 -16.50 -39.68
C ILE O 83 26.06 -15.21 -40.48
N ALA O 84 27.29 -14.72 -40.51
CA ALA O 84 27.60 -13.47 -41.21
C ALA O 84 29.11 -13.34 -41.27
N THR O 85 29.57 -12.26 -41.89
CA THR O 85 30.97 -11.88 -41.88
C THR O 85 31.10 -10.67 -40.96
N TYR O 86 31.97 -10.78 -39.97
CA TYR O 86 32.12 -9.77 -38.94
C TYR O 86 33.37 -8.96 -39.21
N TYR O 87 33.22 -7.65 -39.33
CA TYR O 87 34.32 -6.74 -39.61
C TYR O 87 34.56 -5.84 -38.40
N CYS O 88 35.83 -5.50 -38.19
CA CYS O 88 36.20 -4.43 -37.28
C CYS O 88 36.73 -3.25 -38.07
N GLN O 89 36.53 -2.05 -37.54
CA GLN O 89 36.88 -0.83 -38.25
C GLN O 89 37.35 0.21 -37.24
N GLN O 90 38.44 0.89 -37.57
CA GLN O 90 38.99 1.93 -36.72
C GLN O 90 38.61 3.31 -37.25
N TYR O 91 38.43 4.26 -36.33
CA TYR O 91 38.19 5.65 -36.66
C TYR O 91 39.11 6.55 -35.85
N TYR O 92 40.29 6.04 -35.50
CA TYR O 92 41.27 6.82 -34.75
C TYR O 92 41.99 7.81 -35.64
N ASN O 93 42.31 7.40 -36.87
CA ASN O 93 42.93 8.26 -37.86
C ASN O 93 42.20 8.11 -39.19
N LEU O 94 42.25 9.18 -39.99
CA LEU O 94 41.78 9.05 -41.37
C LEU O 94 42.91 8.53 -42.25
N PRO O 95 42.61 7.68 -43.24
CA PRO O 95 41.28 7.18 -43.64
C PRO O 95 40.74 6.09 -42.73
N PHE O 96 39.43 5.96 -42.63
CA PHE O 96 38.83 4.83 -41.94
C PHE O 96 39.21 3.53 -42.66
N THR O 97 39.61 2.53 -41.89
CA THR O 97 40.03 1.25 -42.44
C THR O 97 39.30 0.12 -41.74
N PHE O 98 38.92 -0.89 -42.53
CA PHE O 98 38.27 -2.08 -42.02
C PHE O 98 39.27 -3.23 -41.88
N GLY O 99 38.86 -4.26 -41.16
CA GLY O 99 39.61 -5.49 -41.10
C GLY O 99 39.22 -6.40 -42.25
N PRO O 100 39.97 -7.48 -42.45
CA PRO O 100 39.64 -8.41 -43.55
C PRO O 100 38.32 -9.13 -43.35
N GLY O 101 37.83 -9.22 -42.12
CA GLY O 101 36.56 -9.87 -41.86
C GLY O 101 36.73 -11.32 -41.43
N THR O 102 35.77 -11.79 -40.64
CA THR O 102 35.73 -13.18 -40.20
C THR O 102 34.39 -13.79 -40.57
N LYS O 103 34.42 -14.89 -41.30
CA LYS O 103 33.21 -15.58 -41.73
C LYS O 103 32.84 -16.62 -40.67
N VAL O 104 31.64 -16.49 -40.11
CA VAL O 104 31.18 -17.39 -39.05
C VAL O 104 30.13 -18.31 -39.65
N ASP O 105 30.46 -19.60 -39.72
CA ASP O 105 29.56 -20.63 -40.22
C ASP O 105 29.08 -21.51 -39.07
N ILE O 106 27.89 -22.07 -39.22
CA ILE O 106 27.30 -22.94 -38.21
C ILE O 106 27.58 -24.39 -38.59
N LYS O 107 28.04 -25.18 -37.64
CA LYS O 107 28.22 -26.62 -37.82
C LYS O 107 27.00 -27.34 -37.27
N ARG O 108 26.44 -28.25 -38.08
CA ARG O 108 25.25 -29.00 -37.70
C ARG O 108 25.42 -30.44 -38.14
N THR O 109 24.37 -31.23 -37.95
CA THR O 109 24.40 -32.63 -38.34
C THR O 109 24.27 -32.77 -39.85
N VAL O 110 24.68 -33.95 -40.35
CA VAL O 110 24.66 -34.19 -41.79
C VAL O 110 23.23 -34.34 -42.26
N ALA O 111 22.91 -33.70 -43.38
CA ALA O 111 21.58 -33.79 -43.99
C ALA O 111 21.76 -34.04 -45.48
N ALA O 112 21.20 -35.16 -45.96
CA ALA O 112 21.28 -35.48 -47.38
C ALA O 112 20.42 -34.52 -48.19
N PRO O 113 20.81 -34.24 -49.42
CA PRO O 113 20.03 -33.31 -50.25
C PRO O 113 18.76 -33.94 -50.80
N SER O 114 17.73 -33.10 -50.92
CA SER O 114 16.50 -33.46 -51.62
C SER O 114 16.64 -33.02 -53.07
N VAL O 115 16.56 -33.98 -53.99
CA VAL O 115 16.84 -33.74 -55.40
C VAL O 115 15.53 -33.55 -56.16
N PHE O 116 15.48 -32.49 -56.98
CA PHE O 116 14.35 -32.22 -57.85
C PHE O 116 14.87 -31.86 -59.24
N ILE O 117 14.10 -32.23 -60.26
CA ILE O 117 14.45 -31.90 -61.64
C ILE O 117 13.26 -31.22 -62.30
N PHE O 118 13.55 -30.29 -63.21
CA PHE O 118 12.53 -29.49 -63.88
C PHE O 118 12.78 -29.52 -65.38
N PRO O 119 11.83 -30.01 -66.18
CA PRO O 119 12.00 -29.96 -67.64
C PRO O 119 11.84 -28.54 -68.14
N PRO O 120 12.26 -28.26 -69.38
CA PRO O 120 12.11 -26.90 -69.92
C PRO O 120 10.65 -26.50 -70.04
N SER O 121 10.37 -25.24 -69.73
CA SER O 121 9.02 -24.71 -69.83
C SER O 121 8.60 -24.54 -71.28
N ASP O 122 7.32 -24.83 -71.58
CA ASP O 122 6.82 -24.81 -72.94
C ASP O 122 7.08 -23.49 -73.65
N GLU O 123 7.08 -22.39 -72.91
CA GLU O 123 7.35 -21.08 -73.51
C GLU O 123 8.78 -20.99 -74.04
N GLN O 124 9.73 -21.63 -73.36
CA GLN O 124 11.13 -21.49 -73.71
C GLN O 124 11.51 -22.24 -74.99
N LEU O 125 10.84 -23.37 -75.30
CA LEU O 125 11.26 -24.16 -76.45
C LEU O 125 11.25 -23.37 -77.76
N LYS O 126 10.30 -22.44 -77.92
CA LYS O 126 10.33 -21.60 -79.12
C LYS O 126 11.42 -20.54 -79.10
N SER O 127 12.23 -20.45 -78.04
CA SER O 127 13.34 -19.52 -78.03
C SER O 127 14.61 -20.12 -78.60
N GLY O 128 14.58 -21.41 -78.96
CA GLY O 128 15.71 -22.10 -79.53
C GLY O 128 16.67 -22.71 -78.55
N THR O 129 16.37 -22.61 -77.25
CA THR O 129 17.23 -23.18 -76.22
C THR O 129 16.37 -23.91 -75.20
N ALA O 130 16.94 -24.96 -74.61
CA ALA O 130 16.27 -25.73 -73.58
C ALA O 130 17.19 -25.82 -72.38
N SER O 131 16.68 -25.42 -71.22
CA SER O 131 17.45 -25.44 -69.98
C SER O 131 16.76 -26.37 -68.98
N VAL O 132 17.44 -27.44 -68.60
CA VAL O 132 16.95 -28.39 -67.61
C VAL O 132 17.65 -28.09 -66.29
N VAL O 133 16.86 -27.82 -65.25
CA VAL O 133 17.38 -27.40 -63.96
C VAL O 133 17.22 -28.54 -62.96
N CYS O 134 18.31 -28.86 -62.26
CA CYS O 134 18.29 -29.83 -61.17
C CYS O 134 18.55 -29.11 -59.86
N LEU O 135 17.79 -29.45 -58.83
CA LEU O 135 17.82 -28.76 -57.55
C LEU O 135 18.28 -29.72 -56.46
N LEU O 136 19.23 -29.27 -55.64
CA LEU O 136 19.67 -29.97 -54.44
C LEU O 136 19.29 -29.08 -53.26
N ASN O 137 18.32 -29.54 -52.46
CA ASN O 137 17.66 -28.70 -51.48
C ASN O 137 18.04 -29.10 -50.07
N ASN O 138 18.46 -28.11 -49.28
CA ASN O 138 18.70 -28.26 -47.84
C ASN O 138 19.61 -29.43 -47.49
N PHE O 139 20.91 -29.26 -47.64
CA PHE O 139 21.87 -30.32 -47.32
C PHE O 139 23.05 -29.72 -46.57
N TYR O 140 23.77 -30.59 -45.86
CA TYR O 140 24.96 -30.21 -45.13
C TYR O 140 25.85 -31.43 -44.98
N PRO O 141 27.18 -31.31 -45.17
CA PRO O 141 27.95 -30.10 -45.52
C PRO O 141 27.71 -29.60 -46.95
N ARG O 142 28.41 -28.55 -47.36
CA ARG O 142 28.14 -27.90 -48.64
C ARG O 142 28.66 -28.68 -49.84
N GLU O 143 29.67 -29.54 -49.67
CA GLU O 143 30.29 -30.22 -50.80
C GLU O 143 29.33 -31.26 -51.39
N ALA O 144 29.19 -31.24 -52.72
CA ALA O 144 28.34 -32.18 -53.42
C ALA O 144 28.77 -32.24 -54.88
N LYS O 145 28.40 -33.34 -55.55
CA LYS O 145 28.71 -33.55 -56.96
C LYS O 145 27.42 -33.79 -57.72
N VAL O 146 27.29 -33.14 -58.89
CA VAL O 146 26.14 -33.29 -59.75
C VAL O 146 26.63 -33.63 -61.15
N GLN O 147 26.10 -34.70 -61.73
CA GLN O 147 26.46 -35.12 -63.08
C GLN O 147 25.20 -35.32 -63.92
N TRP O 148 25.25 -34.84 -65.15
CA TRP O 148 24.14 -34.95 -66.09
C TRP O 148 24.35 -36.13 -67.03
N LYS O 149 23.27 -36.89 -67.25
CA LYS O 149 23.26 -38.02 -68.16
C LYS O 149 22.03 -37.92 -69.03
N VAL O 150 22.21 -37.75 -70.34
CA VAL O 150 21.11 -37.76 -71.30
C VAL O 150 21.25 -39.01 -72.16
N ASP O 151 20.22 -39.85 -72.14
CA ASP O 151 20.26 -41.16 -72.79
C ASP O 151 21.48 -41.96 -72.33
N ASN O 152 21.78 -41.87 -71.03
CA ASN O 152 22.93 -42.55 -70.41
C ASN O 152 24.24 -42.11 -71.05
N ALA O 153 24.34 -40.81 -71.36
CA ALA O 153 25.57 -40.22 -71.87
C ALA O 153 26.01 -39.12 -70.93
N LEU O 154 27.19 -39.29 -70.32
CA LEU O 154 27.69 -38.30 -69.37
C LEU O 154 27.98 -36.99 -70.09
N GLN O 155 27.51 -35.89 -69.52
CA GLN O 155 27.66 -34.58 -70.12
C GLN O 155 28.88 -33.87 -69.57
N SER O 156 29.41 -32.93 -70.35
CA SER O 156 30.57 -32.15 -69.96
C SER O 156 30.55 -30.83 -70.69
N GLY O 157 30.84 -29.75 -69.98
CA GLY O 157 30.96 -28.44 -70.58
C GLY O 157 29.67 -27.83 -71.07
N ASN O 158 28.51 -28.36 -70.68
CA ASN O 158 27.23 -27.81 -71.11
C ASN O 158 26.31 -27.53 -69.92
N SER O 159 26.85 -27.36 -68.73
CA SER O 159 26.06 -27.05 -67.56
C SER O 159 26.82 -26.07 -66.66
N GLN O 160 26.07 -25.27 -65.92
CA GLN O 160 26.64 -24.35 -64.95
C GLN O 160 25.91 -24.57 -63.63
N GLU O 161 26.64 -24.54 -62.53
CA GLU O 161 26.07 -24.82 -61.22
C GLU O 161 26.22 -23.62 -60.31
N SER O 162 25.34 -23.55 -59.30
CA SER O 162 25.32 -22.44 -58.36
C SER O 162 24.83 -22.92 -57.00
N VAL O 163 25.52 -22.51 -55.94
CA VAL O 163 25.21 -22.89 -54.59
C VAL O 163 24.90 -21.64 -53.78
N THR O 164 23.86 -21.72 -52.94
CA THR O 164 23.46 -20.60 -52.10
C THR O 164 24.36 -20.48 -50.87
N GLU O 165 24.23 -19.33 -50.21
CA GLU O 165 24.86 -19.13 -48.91
C GLU O 165 24.17 -20.03 -47.88
N GLN O 166 24.83 -20.21 -46.74
CA GLN O 166 24.24 -21.02 -45.68
C GLN O 166 22.93 -20.41 -45.23
N ASP O 167 21.93 -21.27 -45.00
CA ASP O 167 20.62 -20.78 -44.59
C ASP O 167 20.67 -20.33 -43.13
N SER O 168 20.02 -19.21 -42.85
CA SER O 168 20.05 -18.63 -41.51
C SER O 168 19.08 -19.30 -40.54
N LYS O 169 18.31 -20.28 -41.01
CA LYS O 169 17.32 -20.95 -40.17
C LYS O 169 17.69 -22.39 -39.88
N ASP O 170 17.81 -23.25 -40.89
CA ASP O 170 18.17 -24.65 -40.70
C ASP O 170 19.64 -24.93 -40.95
N SER O 171 20.43 -23.90 -41.28
CA SER O 171 21.88 -24.00 -41.42
C SER O 171 22.29 -24.96 -42.53
N THR O 172 21.48 -25.03 -43.59
CA THR O 172 21.73 -25.92 -44.72
C THR O 172 22.18 -25.13 -45.94
N TYR O 173 22.56 -25.87 -46.97
CA TYR O 173 22.93 -25.30 -48.26
C TYR O 173 22.00 -25.82 -49.34
N SER O 174 21.96 -25.09 -50.46
CA SER O 174 21.18 -25.50 -51.62
C SER O 174 21.98 -25.26 -52.88
N LEU O 175 21.92 -26.22 -53.80
CA LEU O 175 22.69 -26.19 -55.03
C LEU O 175 21.76 -26.36 -56.22
N SER O 176 22.04 -25.65 -57.30
CA SER O 176 21.28 -25.77 -58.53
C SER O 176 22.21 -26.05 -59.69
N SER O 177 21.72 -26.83 -60.66
CA SER O 177 22.47 -27.19 -61.86
C SER O 177 21.59 -26.99 -63.07
N THR O 178 21.99 -26.11 -63.97
CA THR O 178 21.23 -25.78 -65.17
C THR O 178 21.94 -26.36 -66.38
N LEU O 179 21.32 -27.36 -67.00
CA LEU O 179 21.83 -27.93 -68.25
C LEU O 179 21.15 -27.19 -69.41
N THR O 180 21.92 -26.38 -70.12
CA THR O 180 21.40 -25.56 -71.21
C THR O 180 21.78 -26.21 -72.54
N LEU O 181 20.76 -26.51 -73.35
CA LEU O 181 20.95 -27.16 -74.64
C LEU O 181 20.07 -26.46 -75.68
N SER O 182 20.49 -26.52 -76.94
CA SER O 182 19.66 -26.02 -78.01
C SER O 182 18.47 -26.95 -78.23
N LYS O 183 17.40 -26.39 -78.80
CA LYS O 183 16.20 -27.18 -79.07
C LYS O 183 16.49 -28.30 -80.06
N ALA O 184 17.35 -28.04 -81.04
CA ALA O 184 17.72 -29.07 -82.01
C ALA O 184 18.29 -30.29 -81.31
N ASP O 185 19.33 -30.10 -80.50
CA ASP O 185 19.93 -31.21 -79.78
C ASP O 185 19.02 -31.74 -78.68
N TYR O 186 18.09 -30.93 -78.17
CA TYR O 186 17.23 -31.37 -77.09
C TYR O 186 16.22 -32.41 -77.56
N GLU O 187 15.69 -32.24 -78.78
CA GLU O 187 14.67 -33.16 -79.27
C GLU O 187 15.25 -34.49 -79.73
N LYS O 188 16.55 -34.56 -79.98
CA LYS O 188 17.18 -35.79 -80.44
C LYS O 188 17.34 -36.82 -79.34
N HIS O 189 17.05 -36.48 -78.10
CA HIS O 189 17.25 -37.38 -76.97
C HIS O 189 15.98 -37.46 -76.14
N LYS O 190 15.88 -38.53 -75.34
CA LYS O 190 14.65 -38.84 -74.62
C LYS O 190 14.81 -38.74 -73.10
N VAL O 191 15.75 -39.46 -72.52
CA VAL O 191 15.86 -39.55 -71.06
C VAL O 191 16.87 -38.52 -70.58
N TYR O 192 16.46 -37.72 -69.59
CA TYR O 192 17.28 -36.67 -69.00
C TYR O 192 17.38 -36.91 -67.51
N ALA O 193 18.58 -37.24 -67.03
CA ALA O 193 18.80 -37.67 -65.66
C ALA O 193 19.77 -36.73 -64.94
N CYS O 194 19.58 -36.63 -63.62
CA CYS O 194 20.43 -35.83 -62.75
C CYS O 194 20.94 -36.72 -61.62
N GLU O 195 22.24 -37.01 -61.63
CA GLU O 195 22.86 -37.88 -60.64
C GLU O 195 23.58 -37.04 -59.59
N VAL O 196 23.30 -37.34 -58.31
CA VAL O 196 23.76 -36.54 -57.18
C VAL O 196 24.49 -37.44 -56.19
N THR O 197 25.69 -37.01 -55.77
CA THR O 197 26.43 -37.66 -54.70
C THR O 197 26.66 -36.68 -53.56
N HIS O 198 26.68 -37.22 -52.35
CA HIS O 198 26.88 -36.42 -51.14
C HIS O 198 27.37 -37.35 -50.03
N GLN O 199 28.14 -36.80 -49.10
CA GLN O 199 28.73 -37.62 -48.04
C GLN O 199 27.66 -38.26 -47.15
N GLY O 200 26.46 -37.69 -47.11
CA GLY O 200 25.35 -38.26 -46.39
C GLY O 200 24.54 -39.28 -47.16
N LEU O 201 24.90 -39.58 -48.40
CA LEU O 201 24.20 -40.54 -49.24
C LEU O 201 25.05 -41.79 -49.42
N SER O 202 24.48 -42.96 -49.09
CA SER O 202 25.19 -44.21 -49.28
C SER O 202 25.38 -44.52 -50.75
N SER O 203 24.36 -44.27 -51.57
CA SER O 203 24.40 -44.49 -53.01
C SER O 203 23.95 -43.22 -53.71
N PRO O 204 24.49 -42.96 -54.92
CA PRO O 204 24.07 -41.76 -55.65
C PRO O 204 22.58 -41.75 -55.93
N VAL O 205 21.96 -40.60 -55.72
CA VAL O 205 20.53 -40.40 -55.95
C VAL O 205 20.33 -39.82 -57.34
N THR O 206 19.46 -40.44 -58.12
CA THR O 206 19.18 -40.02 -59.49
C THR O 206 17.71 -39.64 -59.62
N LYS O 207 17.44 -38.48 -60.20
CA LYS O 207 16.09 -38.03 -60.48
C LYS O 207 16.02 -37.66 -61.96
N SER O 208 15.05 -38.24 -62.69
CA SER O 208 15.02 -38.12 -64.13
C SER O 208 13.59 -37.96 -64.62
N PHE O 209 13.46 -37.62 -65.91
CA PHE O 209 12.19 -37.55 -66.59
C PHE O 209 12.38 -37.98 -68.03
N ASN O 210 11.26 -38.13 -68.73
CA ASN O 210 11.26 -38.46 -70.16
C ASN O 210 10.69 -37.30 -70.94
N ARG O 211 11.39 -36.91 -72.02
CA ARG O 211 10.96 -35.77 -72.82
C ARG O 211 9.61 -36.05 -73.48
N GLY O 212 8.59 -35.29 -73.09
CA GLY O 212 7.27 -35.47 -73.67
C GLY O 212 6.31 -36.18 -72.74
N GLU O 213 6.82 -37.18 -72.04
CA GLU O 213 6.00 -37.99 -71.15
C GLU O 213 5.80 -37.31 -69.79
N VAL P 4 43.31 -52.51 -52.54
CA VAL P 4 42.93 -51.82 -51.32
C VAL P 4 41.79 -52.58 -50.63
N GLN P 5 41.94 -52.82 -49.33
CA GLN P 5 40.99 -53.61 -48.56
C GLN P 5 40.66 -52.88 -47.26
N LEU P 6 39.41 -53.00 -46.82
CA LEU P 6 38.94 -52.43 -45.57
C LEU P 6 38.44 -53.55 -44.67
N GLN P 7 39.17 -53.84 -43.60
CA GLN P 7 38.75 -54.84 -42.63
C GLN P 7 38.20 -54.18 -41.38
N GLU P 8 36.99 -54.59 -40.98
CA GLU P 8 36.31 -54.05 -39.83
C GLU P 8 36.24 -55.10 -38.73
N SER P 9 36.05 -54.62 -37.50
CA SER P 9 35.95 -55.48 -36.32
C SER P 9 35.43 -54.64 -35.18
N GLY P 10 35.03 -55.31 -34.11
CA GLY P 10 34.60 -54.65 -32.89
C GLY P 10 33.14 -54.85 -32.53
N GLY P 11 32.34 -55.46 -33.40
CA GLY P 11 30.95 -55.68 -33.09
C GLY P 11 30.75 -56.76 -32.03
N GLY P 12 29.50 -56.91 -31.63
CA GLY P 12 29.15 -57.91 -30.64
C GLY P 12 27.80 -57.62 -30.02
N LEU P 13 27.50 -58.36 -28.97
CA LEU P 13 26.24 -58.23 -28.24
C LEU P 13 26.48 -57.41 -26.97
N VAL P 14 25.61 -56.42 -26.74
CA VAL P 14 25.73 -55.54 -25.58
C VAL P 14 24.34 -55.23 -25.05
N GLN P 15 24.26 -55.03 -23.74
CA GLN P 15 23.02 -54.61 -23.11
C GLN P 15 22.69 -53.17 -23.52
N PRO P 16 21.41 -52.80 -23.53
CA PRO P 16 21.05 -51.40 -23.82
C PRO P 16 21.72 -50.44 -22.85
N GLY P 17 22.47 -49.49 -23.41
CA GLY P 17 23.28 -48.57 -22.62
C GLY P 17 24.75 -48.92 -22.58
N GLY P 18 25.14 -50.06 -23.15
CA GLY P 18 26.53 -50.46 -23.16
C GLY P 18 27.34 -49.65 -24.16
N SER P 19 28.56 -50.12 -24.39
CA SER P 19 29.48 -49.43 -25.28
C SER P 19 30.22 -50.42 -26.16
N LEU P 20 30.57 -49.97 -27.36
CA LEU P 20 31.34 -50.74 -28.32
C LEU P 20 32.28 -49.81 -29.06
N ARG P 21 33.38 -50.36 -29.55
CA ARG P 21 34.33 -49.62 -30.38
C ARG P 21 34.59 -50.41 -31.65
N LEU P 22 34.16 -49.87 -32.79
CA LEU P 22 34.41 -50.49 -34.07
C LEU P 22 35.73 -49.97 -34.63
N SER P 23 36.38 -50.79 -35.44
CA SER P 23 37.65 -50.43 -36.05
C SER P 23 37.60 -50.78 -37.53
N CYS P 24 38.39 -50.07 -38.32
CA CYS P 24 38.49 -50.35 -39.75
C CYS P 24 39.91 -50.00 -40.18
N ALA P 25 40.71 -51.03 -40.43
CA ALA P 25 42.08 -50.87 -40.92
C ALA P 25 42.12 -50.98 -42.43
N ALA P 26 43.03 -50.23 -43.05
CA ALA P 26 43.19 -50.21 -44.48
C ALA P 26 44.61 -50.68 -44.83
N SER P 27 44.73 -51.39 -45.94
CA SER P 27 46.01 -51.92 -46.40
C SER P 27 46.25 -51.50 -47.83
N GLY P 28 47.53 -51.34 -48.17
CA GLY P 28 47.94 -51.00 -49.52
C GLY P 28 47.81 -49.54 -49.89
N ARG P 29 46.98 -48.77 -49.18
CA ARG P 29 46.77 -47.36 -49.49
C ARG P 29 46.68 -46.57 -48.19
N THR P 30 47.09 -45.31 -48.27
CA THR P 30 47.09 -44.40 -47.13
C THR P 30 45.75 -43.67 -47.02
N ILE P 31 45.08 -43.81 -45.88
CA ILE P 31 43.80 -43.15 -45.67
C ILE P 31 43.92 -41.68 -45.29
N SER P 32 45.15 -41.20 -45.06
CA SER P 32 45.33 -39.85 -44.53
C SER P 32 44.76 -38.79 -45.47
N ARG P 33 44.69 -39.09 -46.77
CA ARG P 33 44.22 -38.11 -47.74
C ARG P 33 42.73 -38.19 -48.01
N TYR P 34 42.06 -39.27 -47.61
CA TYR P 34 40.65 -39.46 -47.89
C TYR P 34 39.82 -39.36 -46.61
N ALA P 35 38.57 -38.97 -46.77
CA ALA P 35 37.63 -38.99 -45.66
C ALA P 35 37.07 -40.40 -45.48
N MET P 36 36.73 -40.75 -44.25
CA MET P 36 36.21 -42.07 -43.92
C MET P 36 34.84 -41.93 -43.26
N SER P 37 33.86 -42.66 -43.77
CA SER P 37 32.49 -42.59 -43.29
C SER P 37 32.06 -43.94 -42.73
N TRP P 38 31.12 -43.90 -41.79
CA TRP P 38 30.52 -45.09 -41.21
C TRP P 38 29.04 -45.14 -41.57
N PHE P 39 28.58 -46.28 -42.07
CA PHE P 39 27.18 -46.51 -42.37
C PHE P 39 26.68 -47.73 -41.61
N ARG P 40 25.36 -47.82 -41.47
CA ARG P 40 24.72 -48.98 -40.86
C ARG P 40 23.45 -49.31 -41.62
N GLN P 41 23.10 -50.59 -41.64
CA GLN P 41 21.91 -51.05 -42.34
C GLN P 41 21.17 -52.02 -41.42
N ALA P 42 20.00 -51.61 -40.95
CA ALA P 42 19.14 -52.50 -40.19
C ALA P 42 18.47 -53.50 -41.13
N PRO P 43 18.04 -54.65 -40.60
CA PRO P 43 17.40 -55.64 -41.48
C PRO P 43 16.11 -55.10 -42.09
N GLY P 44 16.02 -55.21 -43.41
CA GLY P 44 14.86 -54.74 -44.13
C GLY P 44 14.76 -53.25 -44.34
N LYS P 45 15.84 -52.50 -44.08
CA LYS P 45 15.85 -51.06 -44.27
C LYS P 45 17.03 -50.67 -45.15
N GLU P 46 17.02 -49.41 -45.57
CA GLU P 46 18.10 -48.88 -46.39
C GLU P 46 19.32 -48.57 -45.53
N ARG P 47 20.47 -48.44 -46.20
CA ARG P 47 21.74 -48.15 -45.54
C ARG P 47 21.78 -46.67 -45.18
N GLU P 48 21.78 -46.36 -43.89
CA GLU P 48 21.74 -44.98 -43.41
C GLU P 48 23.13 -44.50 -43.00
N PHE P 49 23.29 -43.18 -43.02
CA PHE P 49 24.56 -42.55 -42.66
C PHE P 49 24.69 -42.46 -41.15
N VAL P 50 25.91 -42.64 -40.65
CA VAL P 50 26.15 -42.58 -39.21
C VAL P 50 27.11 -41.42 -38.89
N ALA P 51 28.32 -41.49 -39.42
CA ALA P 51 29.33 -40.49 -39.10
C ALA P 51 30.38 -40.45 -40.20
N VAL P 52 31.00 -39.29 -40.35
CA VAL P 52 32.08 -39.09 -41.30
C VAL P 52 33.25 -38.44 -40.57
N ALA P 53 34.46 -38.90 -40.87
CA ALA P 53 35.69 -38.35 -40.32
C ALA P 53 36.55 -37.88 -41.50
N ARG P 54 36.56 -36.58 -41.75
CA ARG P 54 37.37 -36.03 -42.82
C ARG P 54 38.83 -36.02 -42.37
N ARG P 55 39.71 -35.46 -43.22
CA ARG P 55 41.12 -35.41 -42.88
C ARG P 55 41.33 -34.64 -41.58
N SER P 56 42.44 -34.94 -40.91
CA SER P 56 42.75 -34.33 -39.62
C SER P 56 42.74 -32.81 -39.75
N GLY P 57 41.87 -32.16 -38.99
CA GLY P 57 41.68 -30.73 -39.05
C GLY P 57 40.43 -30.29 -39.78
N ASP P 58 39.85 -31.17 -40.60
CA ASP P 58 38.63 -30.85 -41.34
C ASP P 58 37.36 -31.26 -40.62
N GLY P 59 37.47 -31.84 -39.42
CA GLY P 59 36.33 -32.06 -38.55
C GLY P 59 35.60 -33.37 -38.84
N ALA P 60 34.81 -33.78 -37.86
CA ALA P 60 33.95 -34.96 -37.96
C ALA P 60 32.49 -34.55 -37.83
N PHE P 61 31.64 -35.17 -38.65
CA PHE P 61 30.22 -34.83 -38.70
C PHE P 61 29.39 -36.09 -38.47
N TYR P 62 28.21 -35.91 -37.86
CA TYR P 62 27.38 -37.02 -37.42
C TYR P 62 25.95 -36.82 -37.90
N ALA P 63 25.15 -37.87 -37.71
CA ALA P 63 23.73 -37.85 -38.02
C ALA P 63 22.91 -37.53 -36.77
N ASP P 64 21.62 -37.22 -36.98
CA ASP P 64 20.75 -36.86 -35.87
C ASP P 64 20.62 -38.00 -34.87
N SER P 65 20.44 -39.23 -35.37
CA SER P 65 20.21 -40.37 -34.48
C SER P 65 21.41 -40.72 -33.62
N VAL P 66 22.62 -40.29 -34.00
CA VAL P 66 23.83 -40.67 -33.31
C VAL P 66 24.56 -39.49 -32.69
N GLN P 67 24.05 -38.26 -32.85
CA GLN P 67 24.74 -37.08 -32.33
C GLN P 67 24.85 -37.15 -30.81
N GLY P 68 26.06 -36.94 -30.31
CA GLY P 68 26.34 -36.94 -28.89
C GLY P 68 26.62 -38.30 -28.29
N ARG P 69 26.23 -39.39 -28.96
CA ARG P 69 26.45 -40.74 -28.45
C ARG P 69 27.62 -41.44 -29.12
N PHE P 70 27.79 -41.27 -30.43
CA PHE P 70 28.88 -41.87 -31.16
C PHE P 70 29.95 -40.84 -31.46
N THR P 71 31.20 -41.30 -31.47
CA THR P 71 32.34 -40.46 -31.82
C THR P 71 33.21 -41.21 -32.83
N VAL P 72 33.48 -40.58 -33.96
CA VAL P 72 34.35 -41.15 -34.99
C VAL P 72 35.70 -40.45 -34.90
N SER P 73 36.77 -41.23 -34.96
CA SER P 73 38.12 -40.71 -34.90
C SER P 73 38.98 -41.48 -35.90
N ARG P 74 40.22 -41.02 -36.08
CA ARG P 74 41.09 -41.66 -37.05
C ARG P 74 42.52 -41.60 -36.53
N ASP P 75 43.33 -42.58 -36.97
CA ASP P 75 44.74 -42.69 -36.61
C ASP P 75 45.50 -42.83 -37.92
N ASP P 76 45.88 -41.70 -38.51
CA ASP P 76 46.57 -41.72 -39.80
C ASP P 76 47.89 -42.48 -39.72
N ALA P 77 48.53 -42.48 -38.55
CA ALA P 77 49.79 -43.21 -38.40
C ALA P 77 49.59 -44.71 -38.59
N LYS P 78 48.47 -45.24 -38.09
CA LYS P 78 48.16 -46.66 -38.21
C LYS P 78 47.26 -46.98 -39.38
N ASN P 79 46.89 -45.98 -40.19
CA ASN P 79 46.01 -46.19 -41.35
C ASN P 79 44.70 -46.87 -40.93
N THR P 80 44.15 -46.41 -39.80
CA THR P 80 42.97 -47.03 -39.20
C THR P 80 42.04 -45.96 -38.68
N VAL P 81 40.74 -46.13 -38.91
CA VAL P 81 39.72 -45.25 -38.35
C VAL P 81 38.86 -46.05 -37.39
N TYR P 82 38.28 -45.34 -36.42
CA TYR P 82 37.54 -45.97 -35.34
C TYR P 82 36.18 -45.30 -35.22
N LEU P 83 35.28 -45.98 -34.49
CA LEU P 83 33.94 -45.45 -34.22
C LEU P 83 33.58 -45.89 -32.81
N GLN P 84 33.81 -45.00 -31.84
CA GLN P 84 33.41 -45.27 -30.47
C GLN P 84 31.90 -45.10 -30.34
N MET P 85 31.24 -46.13 -29.81
CA MET P 85 29.78 -46.16 -29.72
C MET P 85 29.39 -46.28 -28.26
N ASN P 86 28.84 -45.20 -27.70
CA ASN P 86 28.39 -45.15 -26.32
C ASN P 86 26.88 -44.90 -26.29
N SER P 87 26.30 -45.13 -25.11
CA SER P 87 24.86 -44.94 -24.89
C SER P 87 24.05 -45.72 -25.92
N LEU P 88 24.38 -47.00 -26.06
CA LEU P 88 23.76 -47.82 -27.08
C LEU P 88 22.30 -48.11 -26.76
N LYS P 89 21.47 -48.13 -27.80
CA LYS P 89 20.05 -48.38 -27.70
C LYS P 89 19.65 -49.45 -28.71
N PRO P 90 18.54 -50.14 -28.48
CA PRO P 90 18.12 -51.19 -29.43
C PRO P 90 17.92 -50.70 -30.85
N GLU P 91 17.63 -49.41 -31.05
CA GLU P 91 17.49 -48.87 -32.39
C GLU P 91 18.81 -48.84 -33.14
N ASP P 92 19.94 -48.96 -32.44
CA ASP P 92 21.25 -48.97 -33.07
C ASP P 92 21.64 -50.35 -33.60
N THR P 93 20.82 -51.36 -33.40
CA THR P 93 21.12 -52.69 -33.90
C THR P 93 21.05 -52.71 -35.42
N ALA P 94 22.18 -52.96 -36.06
CA ALA P 94 22.28 -52.97 -37.53
C ALA P 94 23.64 -53.56 -37.89
N VAL P 95 23.89 -53.65 -39.19
CA VAL P 95 25.19 -54.05 -39.72
C VAL P 95 25.94 -52.79 -40.11
N TYR P 96 27.05 -52.51 -39.43
CA TYR P 96 27.79 -51.27 -39.62
C TYR P 96 28.88 -51.46 -40.67
N TYR P 97 28.84 -50.63 -41.72
CA TYR P 97 29.85 -50.64 -42.77
C TYR P 97 30.70 -49.39 -42.69
N CYS P 98 31.87 -49.44 -43.32
CA CYS P 98 32.77 -48.31 -43.42
C CYS P 98 33.19 -48.15 -44.87
N ALA P 99 33.17 -46.90 -45.35
CA ALA P 99 33.46 -46.61 -46.75
C ALA P 99 34.47 -45.47 -46.86
N ILE P 100 35.25 -45.50 -47.93
CA ILE P 100 36.22 -44.46 -48.25
C ILE P 100 35.58 -43.48 -49.21
N ASP P 101 35.71 -42.19 -48.92
CA ASP P 101 35.30 -41.15 -49.86
C ASP P 101 36.47 -40.94 -50.82
N SER P 102 36.32 -41.47 -52.04
CA SER P 102 37.41 -41.38 -53.03
C SER P 102 37.70 -39.95 -53.44
N ASP P 103 36.75 -39.04 -53.28
CA ASP P 103 36.97 -37.64 -53.62
C ASP P 103 37.61 -36.93 -52.44
N THR P 104 38.77 -36.32 -52.68
CA THR P 104 39.42 -35.52 -51.65
C THR P 104 38.68 -34.22 -51.38
N PHE P 105 37.75 -33.83 -52.25
CA PHE P 105 36.94 -32.63 -52.07
C PHE P 105 35.64 -32.92 -51.32
N TYR P 106 35.48 -34.13 -50.77
CA TYR P 106 34.43 -34.45 -49.81
C TYR P 106 33.04 -34.45 -50.45
N SER P 107 32.94 -34.88 -51.71
CA SER P 107 31.64 -34.96 -52.36
C SER P 107 30.90 -36.25 -52.09
N GLY P 108 31.55 -37.23 -51.47
CA GLY P 108 30.90 -38.47 -51.10
C GLY P 108 30.92 -39.54 -52.17
N SER P 109 32.04 -39.66 -52.87
CA SER P 109 32.22 -40.71 -53.89
C SER P 109 32.72 -41.97 -53.19
N TYR P 110 31.77 -42.69 -52.59
CA TYR P 110 32.07 -43.88 -51.80
C TYR P 110 32.26 -45.07 -52.74
N ASP P 111 33.52 -45.28 -53.14
CA ASP P 111 33.87 -46.36 -54.06
C ASP P 111 34.21 -47.65 -53.33
N TYR P 112 35.09 -47.58 -52.33
CA TYR P 112 35.56 -48.76 -51.62
C TYR P 112 34.82 -48.88 -50.29
N TRP P 113 34.24 -50.04 -50.04
CA TRP P 113 33.48 -50.30 -48.82
C TRP P 113 34.08 -51.48 -48.07
N GLY P 114 33.66 -51.64 -46.82
CA GLY P 114 34.03 -52.78 -46.01
C GLY P 114 32.96 -53.86 -46.02
N GLN P 115 33.32 -55.01 -45.46
CA GLN P 115 32.40 -56.13 -45.41
C GLN P 115 31.28 -55.93 -44.39
N GLY P 116 31.48 -55.03 -43.43
CA GLY P 116 30.50 -54.81 -42.39
C GLY P 116 30.65 -55.74 -41.21
N THR P 117 30.39 -55.22 -40.00
CA THR P 117 30.40 -56.00 -38.79
C THR P 117 29.05 -55.85 -38.08
N GLN P 118 28.64 -56.92 -37.40
CA GLN P 118 27.31 -56.95 -36.79
C GLN P 118 27.37 -56.36 -35.39
N VAL P 119 26.43 -55.46 -35.10
CA VAL P 119 26.27 -54.86 -33.78
C VAL P 119 24.84 -55.13 -33.33
N THR P 120 24.70 -55.81 -32.19
CA THR P 120 23.39 -56.17 -31.64
C THR P 120 23.27 -55.62 -30.23
N VAL P 121 22.20 -54.85 -30.00
CA VAL P 121 21.93 -54.23 -28.70
C VAL P 121 20.56 -54.72 -28.25
N SER P 122 20.54 -55.62 -27.27
CA SER P 122 19.28 -56.15 -26.75
C SER P 122 19.53 -56.74 -25.37
N SER P 123 18.45 -56.90 -24.61
CA SER P 123 18.52 -57.47 -23.27
C SER P 123 18.29 -58.97 -23.32
#